data_6FQV
#
_entry.id   6FQV
#
_cell.length_a   93.280
_cell.length_b   124.640
_cell.length_c   155.240
_cell.angle_alpha   90.00
_cell.angle_beta   95.65
_cell.angle_gamma   90.00
#
_symmetry.space_group_name_H-M   'P 1 21 1'
#
loop_
_entity.id
_entity.type
_entity.pdbx_description
1 polymer 'DNA gyrase subunit A'
2 polymer 'DNA gyrase subunit B,DNA gyrase subunit B'
3 polymer "DNA (5'-D(*GP*AP*GP*CP*GP*TP*AP*CP*GP*GP*CP*CP*GP*TP*AP*CP*GP*CP*TP*T)-3')"
4 non-polymer GLYCEROL
5 non-polymer 'SULFATE ION'
6 non-polymer 'SODIUM ION'
7 water water
#
loop_
_entity_poly.entity_id
_entity_poly.type
_entity_poly.pdbx_seq_one_letter_code
_entity_poly.pdbx_strand_id
1 'polypeptide(L)'
;AELPQSRINERNITSEMRESFLDYAMSVIVARALPDVRDGLKPVHRRILYGLNEQGMTPDKSYKKSARIVGDVMGKYHPH
GDSSIYEAMVRMAQDFSYRYPLVDGQGNFGSMDGDGAAAMRYTEARMTKITLELLRDINKDTIDFIDNYDGNEREPSVLP
ARFPNLLANGASGIAVGMATNIPPHNLTELINGVLSLSKNPDISIAELMEDIEGPDFPTAGLILGKSGIRRAYETGRGSI
QMRSRAVIEERGGGRQRIVVTEIPFQVNKARMIEKIAELVRDKKIDGITDLRDETSLRTGVRVVIDVRKDANASVILNNL
YKQTPLQTSFGVNMIALVNGRPKLINLKEALVHYLEHQKTVVRRRTQYNLRKAKDRAHILEGLRIALDHIDEIISTIRES
DTDKVAMESLQQRFKLSEKQAQAILDMRLRRLTGLERDKIEAEYNELLNYISELETILADEEVLLQLVRDELTEIRDRFG
DDRRTEIQLG
;
A,C,R,T
2 'polypeptide(L)'
;MDVASLPGKLADCSSKSPEECEIFLVEGDSAGGSTKSGRDSRTQAILPLRGKILNVEKARLDRILNNNEIRQMITAFGTG
IGGDFDLAKARYHKIVIMTDADVDGAHIRTLLLTFFYRFMRPLIEAGYVYIAQPPTGYKGLGEMNADQLWETTMNPEHRA
LLQVKLEDAIEADQTFEMLMGDVVENRRQFIEDNAVYANLDF
;
B,D,S,U
3 'polydeoxyribonucleotide' (DG)(DA)(DG)(DC)(DG)(DT)(DA)(DC)(DG)(DG)(DC)(DC)(DG)(DT)(DA)(DC)(DG)(DC)(DT)(DT) E,F,V,W
#
loop_
_chem_comp.id
_chem_comp.type
_chem_comp.name
_chem_comp.formula
DA DNA linking 2'-DEOXYADENOSINE-5'-MONOPHOSPHATE 'C10 H14 N5 O6 P'
DC DNA linking 2'-DEOXYCYTIDINE-5'-MONOPHOSPHATE 'C9 H14 N3 O7 P'
DG DNA linking 2'-DEOXYGUANOSINE-5'-MONOPHOSPHATE 'C10 H14 N5 O7 P'
DT DNA linking THYMIDINE-5'-MONOPHOSPHATE 'C10 H15 N2 O8 P'
GOL non-polymer GLYCEROL 'C3 H8 O3'
NA non-polymer 'SODIUM ION' 'Na 1'
SO4 non-polymer 'SULFATE ION' 'O4 S -2'
#
# COMPACT_ATOMS: atom_id res chain seq x y z
N ASN A 9 -26.98 -30.03 55.47
CA ASN A 9 -26.58 -31.44 55.39
C ASN A 9 -25.21 -31.69 56.05
N GLU A 10 -25.07 -32.85 56.70
CA GLU A 10 -23.86 -33.29 57.40
C GLU A 10 -23.48 -34.75 57.04
N ARG A 11 -22.19 -35.09 57.20
CA ARG A 11 -21.65 -36.43 56.91
C ARG A 11 -20.57 -36.80 57.92
N ASN A 12 -20.63 -38.06 58.42
CA ASN A 12 -19.65 -38.58 59.38
C ASN A 12 -18.32 -38.82 58.64
N ILE A 13 -17.21 -38.30 59.19
CA ILE A 13 -15.86 -38.42 58.62
C ILE A 13 -15.48 -39.89 58.32
N THR A 14 -15.84 -40.82 59.24
CA THR A 14 -15.62 -42.27 59.15
C THR A 14 -16.39 -42.87 57.96
N SER A 15 -17.70 -42.56 57.85
CA SER A 15 -18.58 -43.01 56.77
C SER A 15 -18.04 -42.53 55.43
N GLU A 16 -17.65 -41.23 55.34
CA GLU A 16 -17.11 -40.64 54.12
C GLU A 16 -15.79 -41.29 53.71
N MET A 17 -14.85 -41.46 54.67
CA MET A 17 -13.54 -42.07 54.43
C MET A 17 -13.70 -43.47 53.86
N ARG A 18 -14.53 -44.32 54.50
CA ARG A 18 -14.80 -45.70 54.11
C ARG A 18 -15.44 -45.76 52.72
N GLU A 19 -16.45 -44.90 52.46
CA GLU A 19 -17.14 -44.83 51.17
C GLU A 19 -16.22 -44.38 50.02
N SER A 20 -15.44 -43.31 50.24
CA SER A 20 -14.54 -42.76 49.22
C SER A 20 -13.35 -43.65 48.95
N PHE A 21 -12.78 -44.28 50.01
CA PHE A 21 -11.64 -45.18 49.84
C PHE A 21 -12.04 -46.43 49.10
N LEU A 22 -13.26 -46.93 49.35
CA LEU A 22 -13.80 -48.12 48.70
C LEU A 22 -14.03 -47.87 47.22
N ASP A 23 -14.63 -46.71 46.87
CA ASP A 23 -14.92 -46.31 45.48
C ASP A 23 -13.64 -46.24 44.66
N TYR A 24 -12.57 -45.62 45.23
CA TYR A 24 -11.25 -45.48 44.63
C TYR A 24 -10.58 -46.86 44.47
N ALA A 25 -10.48 -47.63 45.59
CA ALA A 25 -9.85 -48.95 45.61
C ALA A 25 -10.44 -49.93 44.61
N MET A 26 -11.79 -50.04 44.57
N MET A 26 -11.79 -50.05 44.57
CA MET A 26 -12.49 -50.93 43.65
CA MET A 26 -12.55 -50.93 43.67
C MET A 26 -12.21 -50.61 42.20
C MET A 26 -12.24 -50.61 42.22
N SER A 27 -12.24 -49.31 41.87
CA SER A 27 -12.01 -48.77 40.53
C SER A 27 -10.60 -49.08 40.02
N VAL A 28 -9.58 -48.95 40.88
CA VAL A 28 -8.18 -49.26 40.52
C VAL A 28 -8.06 -50.79 40.28
N ILE A 29 -8.71 -51.58 41.16
CA ILE A 29 -8.71 -53.04 41.09
C ILE A 29 -9.39 -53.58 39.83
N VAL A 30 -10.68 -53.28 39.62
CA VAL A 30 -11.51 -53.81 38.51
C VAL A 30 -11.35 -53.04 37.18
N ALA A 31 -11.01 -51.73 37.23
CA ALA A 31 -10.95 -50.94 36.01
C ALA A 31 -9.64 -50.18 35.76
N ARG A 32 -8.47 -50.74 36.17
CA ARG A 32 -7.19 -50.07 35.92
C ARG A 32 -5.94 -50.95 35.98
N ALA A 33 -5.57 -51.40 37.21
CA ALA A 33 -4.31 -52.07 37.57
C ALA A 33 -4.22 -53.57 37.37
N LEU A 34 -5.34 -54.28 37.40
CA LEU A 34 -5.28 -55.75 37.30
C LEU A 34 -5.83 -56.33 36.00
N PRO A 35 -5.26 -57.46 35.53
CA PRO A 35 -5.78 -58.09 34.31
C PRO A 35 -6.93 -59.07 34.57
N ASP A 36 -7.74 -59.33 33.53
CA ASP A 36 -8.82 -60.30 33.59
C ASP A 36 -8.18 -61.68 33.34
N VAL A 37 -8.58 -62.74 34.09
CA VAL A 37 -8.05 -64.10 33.94
C VAL A 37 -8.23 -64.68 32.51
N ARG A 38 -9.38 -64.38 31.86
CA ARG A 38 -9.78 -64.91 30.55
C ARG A 38 -8.89 -64.46 29.38
N ASP A 39 -8.64 -63.12 29.23
CA ASP A 39 -7.82 -62.57 28.14
C ASP A 39 -6.45 -62.02 28.58
N GLY A 40 -6.24 -61.86 29.89
CA GLY A 40 -5.00 -61.39 30.46
C GLY A 40 -4.72 -59.92 30.26
N LEU A 41 -5.77 -59.14 29.96
CA LEU A 41 -5.69 -57.72 29.67
C LEU A 41 -6.27 -56.81 30.72
N LYS A 42 -5.63 -55.65 30.86
CA LYS A 42 -6.08 -54.55 31.70
C LYS A 42 -7.00 -53.71 30.77
N PRO A 43 -7.90 -52.84 31.29
CA PRO A 43 -8.77 -52.05 30.38
C PRO A 43 -8.06 -51.30 29.24
N VAL A 44 -6.94 -50.62 29.53
CA VAL A 44 -6.21 -49.81 28.54
C VAL A 44 -5.68 -50.67 27.39
N HIS A 45 -5.16 -51.87 27.69
CA HIS A 45 -4.61 -52.79 26.69
C HIS A 45 -5.70 -53.36 25.80
N ARG A 46 -6.85 -53.71 26.40
CA ARG A 46 -7.98 -54.25 25.68
C ARG A 46 -8.50 -53.23 24.67
N ARG A 47 -8.52 -51.95 25.09
CA ARG A 47 -8.98 -50.83 24.28
C ARG A 47 -8.08 -50.57 23.10
N ILE A 48 -6.75 -50.62 23.30
CA ILE A 48 -5.77 -50.43 22.24
C ILE A 48 -6.02 -51.50 21.15
N LEU A 49 -6.08 -52.78 21.56
CA LEU A 49 -6.30 -53.91 20.66
C LEU A 49 -7.68 -53.88 19.97
N TYR A 50 -8.74 -53.49 20.69
CA TYR A 50 -10.06 -53.34 20.09
C TYR A 50 -10.04 -52.19 19.06
N GLY A 51 -9.36 -51.11 19.41
CA GLY A 51 -9.18 -49.94 18.56
C GLY A 51 -8.51 -50.31 17.27
N LEU A 52 -7.44 -51.14 17.35
CA LEU A 52 -6.70 -51.60 16.18
C LEU A 52 -7.58 -52.46 15.29
N ASN A 53 -8.47 -53.25 15.91
CA ASN A 53 -9.40 -54.12 15.21
C ASN A 53 -10.44 -53.32 14.44
N GLU A 54 -11.13 -52.38 15.12
N GLU A 54 -11.12 -52.39 15.14
CA GLU A 54 -12.16 -51.56 14.50
CA GLU A 54 -12.15 -51.51 14.60
C GLU A 54 -11.61 -50.60 13.44
C GLU A 54 -11.61 -50.60 13.47
N GLN A 55 -10.35 -50.16 13.58
CA GLN A 55 -9.68 -49.29 12.58
C GLN A 55 -9.03 -50.09 11.44
N GLY A 56 -9.25 -51.40 11.44
CA GLY A 56 -8.74 -52.33 10.45
C GLY A 56 -7.23 -52.34 10.31
N MET A 57 -6.52 -52.13 11.42
CA MET A 57 -5.05 -52.11 11.44
C MET A 57 -4.49 -53.53 11.63
N THR A 58 -4.92 -54.43 10.75
CA THR A 58 -4.60 -55.85 10.76
C THR A 58 -3.20 -56.11 10.17
N PRO A 59 -2.58 -57.29 10.42
CA PRO A 59 -1.23 -57.54 9.85
C PRO A 59 -1.09 -57.41 8.33
N ASP A 60 -2.14 -57.72 7.57
CA ASP A 60 -2.18 -57.73 6.09
C ASP A 60 -2.30 -56.32 5.43
N LYS A 61 -2.67 -55.30 6.21
CA LYS A 61 -2.80 -53.92 5.73
C LYS A 61 -1.56 -53.11 6.17
N SER A 62 -1.33 -51.95 5.54
CA SER A 62 -0.15 -51.12 5.84
C SER A 62 -0.17 -50.51 7.23
N TYR A 63 1.03 -50.15 7.77
CA TYR A 63 1.14 -49.49 9.07
C TYR A 63 0.47 -48.11 8.98
N LYS A 64 -0.09 -47.62 10.09
CA LYS A 64 -0.64 -46.28 10.18
C LYS A 64 0.12 -45.63 11.34
N LYS A 65 0.14 -44.30 11.44
CA LYS A 65 0.85 -43.62 12.54
C LYS A 65 0.22 -43.99 13.88
N SER A 66 1.06 -44.08 14.94
CA SER A 66 0.63 -44.39 16.30
C SER A 66 -0.43 -43.39 16.81
N ALA A 67 -0.31 -42.12 16.37
CA ALA A 67 -1.23 -41.02 16.68
C ALA A 67 -2.65 -41.30 16.21
N ARG A 68 -2.83 -42.04 15.10
N ARG A 68 -2.82 -42.04 15.09
CA ARG A 68 -4.15 -42.40 14.59
CA ARG A 68 -4.14 -42.41 14.56
C ARG A 68 -4.84 -43.37 15.56
C ARG A 68 -4.84 -43.38 15.53
N ILE A 69 -4.11 -44.41 16.00
CA ILE A 69 -4.64 -45.38 16.96
C ILE A 69 -4.82 -44.73 18.33
N VAL A 70 -3.79 -44.03 18.88
CA VAL A 70 -3.88 -43.35 20.19
C VAL A 70 -5.09 -42.40 20.24
N GLY A 71 -5.18 -41.52 19.24
CA GLY A 71 -6.26 -40.57 19.08
C GLY A 71 -7.63 -41.21 19.01
N ASP A 72 -7.73 -42.39 18.34
CA ASP A 72 -8.99 -43.12 18.23
C ASP A 72 -9.41 -43.69 19.59
N VAL A 73 -8.45 -44.21 20.33
CA VAL A 73 -8.72 -44.80 21.64
C VAL A 73 -9.07 -43.73 22.72
N MET A 74 -8.39 -42.57 22.68
N MET A 74 -8.38 -42.57 22.72
CA MET A 74 -8.44 -41.44 23.60
CA MET A 74 -8.48 -41.55 23.77
C MET A 74 -9.86 -40.90 24.05
C MET A 74 -9.88 -40.87 24.10
N GLY A 75 -10.85 -40.67 23.20
CA GLY A 75 -11.01 -41.03 21.81
C GLY A 75 -12.41 -41.57 21.85
N LYS A 76 -12.52 -42.89 21.73
CA LYS A 76 -13.80 -43.56 21.79
C LYS A 76 -13.84 -44.42 23.06
N TYR A 77 -12.67 -44.70 23.68
CA TYR A 77 -12.70 -45.64 24.79
C TYR A 77 -11.98 -45.25 26.08
N HIS A 78 -10.85 -44.56 26.02
CA HIS A 78 -10.01 -44.30 27.20
C HIS A 78 -9.84 -42.81 27.49
N PRO A 79 -10.78 -42.18 28.24
CA PRO A 79 -10.66 -40.74 28.50
C PRO A 79 -9.67 -40.39 29.61
N HIS A 80 -8.38 -40.60 29.30
CA HIS A 80 -7.23 -40.34 30.14
C HIS A 80 -6.14 -39.77 29.22
N GLY A 81 -4.99 -39.40 29.79
CA GLY A 81 -3.90 -38.84 29.02
C GLY A 81 -3.45 -39.77 27.91
N ASP A 82 -3.27 -39.21 26.69
CA ASP A 82 -2.81 -39.90 25.47
C ASP A 82 -1.47 -40.62 25.65
N SER A 83 -0.65 -40.18 26.62
CA SER A 83 0.65 -40.79 26.94
C SER A 83 0.46 -42.18 27.57
N SER A 84 -0.57 -42.33 28.43
CA SER A 84 -0.88 -43.59 29.06
C SER A 84 -1.18 -44.64 27.99
N ILE A 85 -1.93 -44.27 26.94
CA ILE A 85 -2.28 -45.15 25.82
C ILE A 85 -1.04 -45.48 24.98
N TYR A 86 -0.29 -44.46 24.60
CA TYR A 86 0.89 -44.64 23.79
C TYR A 86 1.94 -45.50 24.49
N GLU A 87 2.26 -45.20 25.76
CA GLU A 87 3.22 -45.95 26.57
C GLU A 87 2.88 -47.44 26.68
N ALA A 88 1.59 -47.76 26.91
CA ALA A 88 1.10 -49.13 27.01
C ALA A 88 1.20 -49.86 25.68
N MET A 89 0.96 -49.12 24.57
CA MET A 89 1.04 -49.63 23.20
C MET A 89 2.49 -49.91 22.79
N VAL A 90 3.43 -49.08 23.26
CA VAL A 90 4.85 -49.20 23.01
C VAL A 90 5.38 -50.51 23.59
N ARG A 91 5.05 -50.78 24.87
CA ARG A 91 5.47 -51.99 25.58
C ARG A 91 5.00 -53.25 24.88
N MET A 92 3.75 -53.25 24.39
CA MET A 92 3.14 -54.35 23.63
C MET A 92 3.90 -54.71 22.35
N ALA A 93 4.69 -53.76 21.82
CA ALA A 93 5.51 -53.88 20.61
C ALA A 93 6.97 -54.24 20.91
N GLN A 94 7.36 -54.28 22.21
CA GLN A 94 8.73 -54.61 22.63
C GLN A 94 8.96 -56.11 22.82
N ASP A 95 9.89 -56.68 22.03
CA ASP A 95 10.21 -58.11 22.06
C ASP A 95 11.00 -58.52 23.33
N PHE A 96 11.48 -57.54 24.10
CA PHE A 96 12.18 -57.77 25.37
C PHE A 96 11.22 -57.62 26.56
N SER A 97 9.96 -57.14 26.30
CA SER A 97 8.92 -56.96 27.33
C SER A 97 7.83 -58.01 27.18
N TYR A 98 7.41 -58.28 25.93
CA TYR A 98 6.36 -59.22 25.61
C TYR A 98 6.91 -60.48 25.01
N ARG A 99 6.64 -61.62 25.67
CA ARG A 99 7.04 -62.95 25.23
C ARG A 99 6.45 -63.25 23.84
N TYR A 100 5.21 -62.78 23.59
CA TYR A 100 4.49 -62.86 22.32
C TYR A 100 3.95 -61.45 22.05
N PRO A 101 4.78 -60.57 21.42
CA PRO A 101 4.35 -59.18 21.21
C PRO A 101 3.01 -59.03 20.51
N LEU A 102 2.19 -58.10 21.04
CA LEU A 102 0.82 -57.87 20.59
C LEU A 102 0.72 -56.74 19.56
N VAL A 103 1.73 -55.85 19.53
CA VAL A 103 1.78 -54.75 18.60
C VAL A 103 2.97 -54.91 17.66
N ASP A 104 2.74 -54.71 16.36
CA ASP A 104 3.74 -54.74 15.31
C ASP A 104 4.10 -53.28 15.02
N GLY A 105 5.21 -52.84 15.60
CA GLY A 105 5.68 -51.48 15.47
C GLY A 105 6.76 -51.26 14.44
N GLN A 106 6.71 -50.11 13.78
CA GLN A 106 7.72 -49.68 12.81
C GLN A 106 8.27 -48.36 13.33
N GLY A 107 9.57 -48.34 13.55
CA GLY A 107 10.25 -47.16 14.06
C GLY A 107 10.84 -47.40 15.42
N ASN A 108 11.21 -46.32 16.12
CA ASN A 108 11.82 -46.45 17.45
C ASN A 108 10.77 -46.72 18.51
N PHE A 109 10.75 -47.97 19.02
CA PHE A 109 9.81 -48.41 20.05
C PHE A 109 10.50 -48.64 21.40
N GLY A 110 11.62 -47.97 21.61
CA GLY A 110 12.38 -48.07 22.85
C GLY A 110 13.39 -49.20 22.87
N SER A 111 14.27 -49.20 23.91
CA SER A 111 15.34 -50.19 24.07
C SER A 111 15.41 -50.81 25.48
N MET A 112 16.23 -51.89 25.61
CA MET A 112 16.52 -52.60 26.85
C MET A 112 17.22 -51.70 27.89
N ASP A 113 17.80 -50.57 27.45
CA ASP A 113 18.50 -49.60 28.31
C ASP A 113 17.57 -48.47 28.81
N GLY A 114 16.27 -48.69 28.67
CA GLY A 114 15.22 -47.77 29.10
C GLY A 114 15.09 -46.51 28.29
N ASP A 115 15.57 -46.53 27.02
CA ASP A 115 15.44 -45.39 26.12
C ASP A 115 14.00 -45.41 25.65
N GLY A 116 13.36 -44.23 25.63
CA GLY A 116 11.96 -44.15 25.25
C GLY A 116 11.70 -44.34 23.78
N ALA A 117 10.42 -44.56 23.42
CA ALA A 117 10.00 -44.68 22.02
C ALA A 117 9.94 -43.26 21.44
N ALA A 118 10.03 -43.13 20.10
CA ALA A 118 9.93 -41.83 19.44
C ALA A 118 8.48 -41.28 19.61
N ALA A 119 8.25 -39.97 19.33
CA ALA A 119 6.91 -39.36 19.43
C ALA A 119 5.91 -40.12 18.55
N MET A 120 4.67 -40.25 19.02
CA MET A 120 3.60 -41.02 18.36
C MET A 120 3.30 -40.57 16.91
N ARG A 121 3.71 -39.35 16.54
CA ARG A 121 3.52 -38.83 15.18
C ARG A 121 4.53 -39.42 14.22
N TYR A 122 5.66 -39.96 14.73
CA TYR A 122 6.71 -40.58 13.90
C TYR A 122 6.56 -42.10 13.83
N THR A 123 6.21 -42.74 14.94
CA THR A 123 6.09 -44.20 14.95
C THR A 123 4.83 -44.69 14.24
N GLU A 124 4.88 -45.95 13.82
CA GLU A 124 3.80 -46.61 13.12
C GLU A 124 3.52 -47.96 13.80
N ALA A 125 2.25 -48.38 13.78
CA ALA A 125 1.81 -49.61 14.44
C ALA A 125 0.71 -50.33 13.66
N ARG A 126 0.45 -51.59 14.05
CA ARG A 126 -0.62 -52.47 13.60
C ARG A 126 -0.60 -53.72 14.52
N MET A 127 -1.58 -54.62 14.34
CA MET A 127 -1.62 -55.85 15.12
C MET A 127 -0.52 -56.80 14.66
N THR A 128 -0.14 -57.70 15.55
CA THR A 128 0.74 -58.80 15.20
C THR A 128 -0.22 -59.90 14.76
N LYS A 129 0.31 -60.95 14.10
CA LYS A 129 -0.50 -62.09 13.65
C LYS A 129 -1.15 -62.80 14.83
N ILE A 130 -0.44 -62.87 15.97
CA ILE A 130 -0.94 -63.50 17.20
C ILE A 130 -2.11 -62.69 17.83
N THR A 131 -2.20 -61.37 17.56
CA THR A 131 -3.24 -60.51 18.09
C THR A 131 -4.55 -60.74 17.35
N LEU A 132 -4.46 -61.23 16.08
CA LEU A 132 -5.64 -61.62 15.31
C LEU A 132 -6.36 -62.68 16.11
N GLU A 133 -5.61 -63.61 16.75
CA GLU A 133 -6.12 -64.70 17.61
C GLU A 133 -6.77 -64.19 18.89
N LEU A 134 -6.39 -63.00 19.39
CA LEU A 134 -6.98 -62.46 20.62
C LEU A 134 -8.37 -61.93 20.30
N LEU A 135 -8.51 -61.41 19.10
CA LEU A 135 -9.72 -60.77 18.60
C LEU A 135 -10.59 -61.69 17.74
N ARG A 136 -10.07 -62.87 17.36
CA ARG A 136 -10.77 -63.84 16.52
CA ARG A 136 -10.80 -63.79 16.51
C ARG A 136 -12.17 -64.13 17.08
N ASP A 137 -13.20 -63.98 16.22
CA ASP A 137 -14.63 -64.26 16.49
C ASP A 137 -15.32 -63.21 17.40
N ILE A 138 -14.71 -62.01 17.59
CA ILE A 138 -15.29 -60.96 18.44
C ILE A 138 -16.66 -60.45 17.91
N ASN A 139 -16.91 -60.52 16.60
CA ASN A 139 -18.18 -60.06 16.00
C ASN A 139 -19.09 -61.24 15.64
N LYS A 140 -19.01 -62.31 16.44
CA LYS A 140 -19.79 -63.53 16.29
C LYS A 140 -20.44 -63.85 17.62
N ASP A 141 -20.83 -62.78 18.37
CA ASP A 141 -21.50 -62.85 19.68
C ASP A 141 -20.81 -63.83 20.64
N THR A 142 -19.48 -63.77 20.69
CA THR A 142 -18.69 -64.64 21.56
C THR A 142 -18.52 -64.02 22.92
N ILE A 143 -18.35 -62.69 22.96
CA ILE A 143 -18.13 -61.94 24.19
C ILE A 143 -19.19 -60.85 24.39
N ASP A 144 -19.36 -60.41 25.66
CA ASP A 144 -20.32 -59.35 25.99
C ASP A 144 -19.76 -57.96 25.75
N PHE A 145 -20.51 -57.15 25.01
CA PHE A 145 -20.16 -55.76 24.75
C PHE A 145 -20.84 -54.89 25.80
N ILE A 146 -20.16 -53.81 26.19
CA ILE A 146 -20.67 -52.83 27.16
C ILE A 146 -20.59 -51.44 26.54
N ASP A 147 -21.37 -50.48 27.05
CA ASP A 147 -21.32 -49.11 26.55
C ASP A 147 -19.99 -48.49 26.92
N ASN A 148 -19.48 -47.59 26.08
CA ASN A 148 -18.25 -46.87 26.37
C ASN A 148 -18.55 -45.80 27.45
N TYR A 149 -17.53 -45.06 27.89
CA TYR A 149 -17.63 -44.03 28.95
C TYR A 149 -18.69 -42.93 28.73
N ASP A 150 -19.05 -42.63 27.47
CA ASP A 150 -20.03 -41.58 27.15
C ASP A 150 -21.34 -42.10 26.51
N GLY A 151 -21.41 -43.41 26.27
CA GLY A 151 -22.58 -44.06 25.68
C GLY A 151 -22.70 -43.93 24.18
N ASN A 152 -21.69 -43.35 23.54
CA ASN A 152 -21.67 -43.17 22.08
C ASN A 152 -21.06 -44.37 21.36
N GLU A 153 -20.27 -45.18 22.07
CA GLU A 153 -19.63 -46.37 21.51
C GLU A 153 -19.91 -47.63 22.32
N ARG A 154 -19.56 -48.80 21.77
CA ARG A 154 -19.68 -50.11 22.39
C ARG A 154 -18.28 -50.68 22.43
N GLU A 155 -17.91 -51.22 23.58
CA GLU A 155 -16.58 -51.80 23.74
C GLU A 155 -16.65 -53.20 24.39
N PRO A 156 -15.70 -54.11 24.06
CA PRO A 156 -15.74 -55.43 24.67
C PRO A 156 -15.41 -55.43 26.16
N SER A 157 -16.09 -56.30 26.92
CA SER A 157 -15.84 -56.47 28.35
C SER A 157 -14.59 -57.36 28.55
N VAL A 158 -14.33 -58.25 27.58
CA VAL A 158 -13.24 -59.23 27.50
C VAL A 158 -13.05 -59.58 26.01
N LEU A 159 -11.87 -60.07 25.62
CA LEU A 159 -11.63 -60.48 24.26
C LEU A 159 -11.79 -61.99 24.17
N PRO A 160 -12.17 -62.54 22.96
CA PRO A 160 -12.27 -64.02 22.83
C PRO A 160 -11.02 -64.77 23.27
N ALA A 161 -9.82 -64.19 23.02
CA ALA A 161 -8.49 -64.67 23.42
C ALA A 161 -8.25 -66.14 23.15
N ARG A 162 -8.11 -66.49 21.87
CA ARG A 162 -7.96 -67.88 21.43
C ARG A 162 -6.60 -68.52 21.80
N PHE A 163 -5.80 -67.82 22.62
CA PHE A 163 -4.55 -68.32 23.20
C PHE A 163 -4.46 -67.81 24.65
N PRO A 164 -3.90 -68.61 25.59
CA PRO A 164 -3.88 -68.17 27.02
C PRO A 164 -2.88 -67.03 27.31
N ASN A 165 -3.26 -65.82 26.92
CA ASN A 165 -2.46 -64.60 27.02
C ASN A 165 -1.99 -64.22 28.43
N LEU A 166 -2.85 -64.38 29.47
CA LEU A 166 -2.50 -64.03 30.85
C LEU A 166 -1.17 -64.65 31.26
N LEU A 167 -1.06 -65.97 31.06
CA LEU A 167 0.13 -66.70 31.40
C LEU A 167 1.20 -66.53 30.35
N ALA A 168 0.81 -66.49 29.06
CA ALA A 168 1.78 -66.34 27.95
C ALA A 168 2.62 -65.06 28.06
N ASN A 169 1.96 -63.89 28.21
CA ASN A 169 2.69 -62.63 28.25
C ASN A 169 2.94 -62.09 29.67
N GLY A 170 2.32 -62.73 30.64
CA GLY A 170 2.42 -62.35 32.05
C GLY A 170 1.72 -61.04 32.33
N ALA A 171 1.89 -60.52 33.54
CA ALA A 171 1.30 -59.27 33.97
C ALA A 171 1.98 -58.76 35.23
N SER A 172 1.83 -57.46 35.49
CA SER A 172 2.32 -56.78 36.68
C SER A 172 1.45 -55.55 36.86
N GLY A 173 1.05 -55.28 38.09
CA GLY A 173 0.21 -54.14 38.38
C GLY A 173 0.12 -53.86 39.85
N ILE A 174 0.19 -52.58 40.21
CA ILE A 174 0.10 -52.15 41.60
C ILE A 174 -1.33 -51.61 41.74
N ALA A 175 -2.13 -52.25 42.58
CA ALA A 175 -3.51 -51.81 42.82
C ALA A 175 -3.61 -51.25 44.23
N VAL A 176 -4.77 -51.40 44.89
CA VAL A 176 -5.02 -50.94 46.25
C VAL A 176 -5.32 -52.21 47.07
N GLY A 177 -4.58 -52.39 48.16
CA GLY A 177 -4.69 -53.57 49.01
C GLY A 177 -4.03 -54.81 48.43
N MET A 178 -3.58 -54.75 47.16
CA MET A 178 -2.99 -55.89 46.46
C MET A 178 -2.18 -55.45 45.25
N ALA A 179 -1.40 -56.38 44.72
CA ALA A 179 -0.59 -56.17 43.52
C ALA A 179 -0.54 -57.49 42.76
N THR A 180 -0.17 -57.45 41.47
CA THR A 180 -0.03 -58.67 40.66
C THR A 180 1.37 -58.74 40.04
N ASN A 181 1.89 -59.95 39.86
CA ASN A 181 3.19 -60.21 39.24
C ASN A 181 3.21 -61.64 38.70
N ILE A 182 2.70 -61.79 37.47
CA ILE A 182 2.62 -63.07 36.76
C ILE A 182 3.76 -63.10 35.76
N PRO A 183 4.62 -64.14 35.79
CA PRO A 183 5.70 -64.22 34.79
C PRO A 183 5.19 -64.69 33.43
N PRO A 184 5.91 -64.36 32.32
CA PRO A 184 5.50 -64.90 31.01
C PRO A 184 5.87 -66.38 30.92
N HIS A 185 5.23 -67.11 29.99
CA HIS A 185 5.46 -68.54 29.75
C HIS A 185 5.60 -68.87 28.27
N ASN A 186 5.95 -70.14 27.97
CA ASN A 186 6.07 -70.65 26.62
C ASN A 186 4.68 -71.12 26.14
N LEU A 187 4.26 -70.64 24.97
CA LEU A 187 2.94 -70.92 24.37
C LEU A 187 2.69 -72.37 24.08
N THR A 188 3.73 -73.10 23.61
CA THR A 188 3.63 -74.53 23.31
C THR A 188 3.30 -75.31 24.59
N GLU A 189 4.07 -75.06 25.66
CA GLU A 189 3.93 -75.65 26.99
C GLU A 189 2.54 -75.37 27.58
N LEU A 190 2.06 -74.12 27.45
CA LEU A 190 0.76 -73.68 27.96
C LEU A 190 -0.39 -74.39 27.26
N ILE A 191 -0.42 -74.40 25.91
CA ILE A 191 -1.49 -75.04 25.16
C ILE A 191 -1.50 -76.54 25.47
N ASN A 192 -0.31 -77.15 25.61
CA ASN A 192 -0.16 -78.56 25.98
C ASN A 192 -0.77 -78.82 27.36
N GLY A 193 -0.59 -77.87 28.28
CA GLY A 193 -1.14 -77.88 29.63
C GLY A 193 -2.66 -77.82 29.61
N VAL A 194 -3.21 -76.91 28.79
CA VAL A 194 -4.67 -76.74 28.59
C VAL A 194 -5.25 -78.03 28.01
N LEU A 195 -4.57 -78.62 27.00
CA LEU A 195 -4.99 -79.87 26.37
C LEU A 195 -4.97 -81.06 27.35
N SER A 196 -4.01 -81.07 28.27
CA SER A 196 -3.91 -82.12 29.28
C SER A 196 -5.04 -81.97 30.31
N LEU A 197 -5.35 -80.71 30.68
CA LEU A 197 -6.43 -80.34 31.59
C LEU A 197 -7.81 -80.67 30.97
N SER A 198 -7.96 -80.44 29.64
CA SER A 198 -9.20 -80.70 28.90
C SER A 198 -9.57 -82.17 28.89
N LYS A 199 -8.55 -83.05 28.99
CA LYS A 199 -8.71 -84.51 29.00
C LYS A 199 -8.93 -85.06 30.41
N ASN A 200 -8.44 -84.36 31.45
CA ASN A 200 -8.56 -84.74 32.85
C ASN A 200 -8.82 -83.52 33.78
N PRO A 201 -10.10 -83.23 34.12
CA PRO A 201 -10.41 -82.10 35.02
C PRO A 201 -9.76 -82.19 36.41
N ASP A 202 -9.44 -83.43 36.86
CA ASP A 202 -8.84 -83.69 38.17
C ASP A 202 -7.30 -83.72 38.13
N ILE A 203 -6.68 -83.14 37.07
CA ILE A 203 -5.23 -83.07 36.89
C ILE A 203 -4.55 -82.32 38.04
N SER A 204 -3.39 -82.82 38.49
CA SER A 204 -2.63 -82.18 39.56
C SER A 204 -1.67 -81.15 38.97
N ILE A 205 -1.18 -80.22 39.81
CA ILE A 205 -0.21 -79.18 39.43
C ILE A 205 1.10 -79.86 38.98
N ALA A 206 1.51 -80.90 39.71
CA ALA A 206 2.71 -81.70 39.44
C ALA A 206 2.64 -82.31 38.02
N GLU A 207 1.43 -82.81 37.62
CA GLU A 207 1.16 -83.36 36.30
C GLU A 207 1.22 -82.26 35.25
N LEU A 208 0.63 -81.08 35.55
CA LEU A 208 0.60 -79.93 34.65
C LEU A 208 2.03 -79.44 34.36
N MET A 209 2.92 -79.52 35.38
CA MET A 209 4.33 -79.13 35.32
C MET A 209 5.16 -79.99 34.37
N GLU A 210 4.58 -81.10 33.89
CA GLU A 210 5.21 -82.00 32.90
C GLU A 210 5.07 -81.33 31.54
N ASP A 211 4.08 -80.43 31.38
CA ASP A 211 3.85 -79.65 30.17
C ASP A 211 4.50 -78.26 30.36
N ILE A 212 4.05 -77.51 31.40
CA ILE A 212 4.52 -76.19 31.78
C ILE A 212 5.67 -76.33 32.79
N GLU A 213 6.91 -76.42 32.27
CA GLU A 213 8.15 -76.55 33.05
C GLU A 213 8.36 -75.39 34.06
N GLY A 214 8.03 -74.18 33.63
CA GLY A 214 8.17 -72.97 34.41
C GLY A 214 8.05 -71.72 33.55
N PRO A 215 8.31 -70.52 34.12
CA PRO A 215 8.25 -69.29 33.28
C PRO A 215 9.23 -69.32 32.10
N ASP A 216 8.95 -68.49 31.08
CA ASP A 216 9.78 -68.39 29.87
C ASP A 216 9.87 -66.93 29.51
N PHE A 217 10.98 -66.32 29.87
CA PHE A 217 11.22 -64.90 29.66
C PHE A 217 11.66 -64.56 28.25
N PRO A 218 11.12 -63.46 27.66
CA PRO A 218 11.57 -63.06 26.31
C PRO A 218 13.07 -62.80 26.23
N THR A 219 13.66 -62.35 27.36
CA THR A 219 15.07 -62.02 27.59
C THR A 219 15.94 -63.25 27.89
N ALA A 220 15.36 -64.46 27.78
CA ALA A 220 15.99 -65.78 28.02
C ALA A 220 16.57 -65.90 29.44
N GLY A 221 17.88 -66.04 29.56
CA GLY A 221 18.56 -66.22 30.85
C GLY A 221 18.29 -67.57 31.49
N LEU A 222 18.60 -67.69 32.78
CA LEU A 222 18.41 -68.94 33.53
C LEU A 222 17.49 -68.80 34.74
N ILE A 223 17.01 -69.94 35.27
CA ILE A 223 16.21 -70.08 36.48
C ILE A 223 16.90 -71.11 37.35
N LEU A 224 17.21 -70.73 38.60
CA LEU A 224 17.90 -71.60 39.54
C LEU A 224 16.93 -72.50 40.31
N GLY A 225 16.77 -73.73 39.83
CA GLY A 225 15.90 -74.70 40.46
C GLY A 225 14.42 -74.65 40.11
N LYS A 226 13.67 -75.66 40.60
CA LYS A 226 12.22 -75.80 40.38
C LYS A 226 11.38 -75.62 41.67
N SER A 227 12.07 -75.38 42.81
CA SER A 227 11.42 -75.19 44.12
C SER A 227 10.52 -73.95 44.16
N GLY A 228 11.05 -72.83 43.67
CA GLY A 228 10.35 -71.57 43.58
C GLY A 228 9.20 -71.64 42.61
N ILE A 229 9.44 -72.27 41.43
CA ILE A 229 8.46 -72.51 40.37
C ILE A 229 7.26 -73.26 40.94
N ARG A 230 7.53 -74.45 41.58
CA ARG A 230 6.54 -75.33 42.18
C ARG A 230 5.67 -74.59 43.19
N ARG A 231 6.30 -73.88 44.14
CA ARG A 231 5.65 -73.08 45.18
C ARG A 231 4.67 -72.05 44.57
N ALA A 232 5.11 -71.36 43.50
CA ALA A 232 4.32 -70.36 42.78
C ALA A 232 3.13 -70.99 42.03
N TYR A 233 3.33 -72.16 41.44
CA TYR A 233 2.27 -72.86 40.72
C TYR A 233 1.27 -73.51 41.67
N GLU A 234 1.73 -73.94 42.85
CA GLU A 234 0.88 -74.58 43.86
C GLU A 234 0.01 -73.57 44.60
N THR A 235 0.59 -72.43 44.99
CA THR A 235 -0.06 -71.42 45.84
C THR A 235 -0.43 -70.11 45.16
N GLY A 236 0.26 -69.77 44.08
CA GLY A 236 0.09 -68.50 43.39
C GLY A 236 1.16 -67.49 43.78
N ARG A 237 1.98 -67.80 44.80
CA ARG A 237 3.09 -66.98 45.30
C ARG A 237 4.37 -67.82 45.43
N GLY A 238 5.50 -67.21 45.18
CA GLY A 238 6.80 -67.86 45.26
C GLY A 238 7.91 -67.06 44.60
N SER A 239 9.10 -67.10 45.18
CA SER A 239 10.25 -66.39 44.64
C SER A 239 10.98 -67.28 43.62
N ILE A 240 11.21 -66.75 42.40
CA ILE A 240 11.92 -67.46 41.34
C ILE A 240 13.25 -66.72 41.08
N GLN A 241 14.39 -67.41 41.26
CA GLN A 241 15.70 -66.78 41.05
C GLN A 241 16.09 -66.81 39.59
N MET A 242 16.28 -65.62 39.00
CA MET A 242 16.68 -65.41 37.60
C MET A 242 18.16 -65.07 37.58
N ARG A 243 18.94 -65.83 36.81
CA ARG A 243 20.37 -65.63 36.68
C ARG A 243 20.73 -65.32 35.23
N SER A 244 21.68 -64.38 35.04
CA SER A 244 22.23 -63.99 33.74
C SER A 244 23.03 -65.14 33.16
N ARG A 245 23.15 -65.21 31.81
CA ARG A 245 23.98 -66.24 31.18
C ARG A 245 25.40 -65.65 31.01
N ALA A 246 26.32 -66.12 31.85
CA ALA A 246 27.70 -65.64 31.85
C ALA A 246 28.71 -66.78 31.78
N VAL A 247 29.72 -66.64 30.91
CA VAL A 247 30.80 -67.61 30.72
C VAL A 247 32.16 -66.95 30.95
N ILE A 248 33.14 -67.72 31.45
CA ILE A 248 34.49 -67.21 31.69
C ILE A 248 35.37 -67.57 30.49
N GLU A 249 35.78 -66.55 29.70
CA GLU A 249 36.62 -66.64 28.49
C GLU A 249 38.09 -66.22 28.74
N GLU A 250 39.03 -66.70 27.89
CA GLU A 250 40.46 -66.34 27.93
C GLU A 250 40.72 -65.12 27.02
N ARG A 251 41.37 -64.06 27.56
CA ARG A 251 41.71 -62.82 26.85
C ARG A 251 43.01 -62.97 26.06
N GLY A 252 43.93 -63.75 26.64
CA GLY A 252 45.29 -63.95 26.18
C GLY A 252 46.23 -63.43 27.25
N GLY A 253 47.45 -63.98 27.27
CA GLY A 253 48.49 -63.65 28.24
C GLY A 253 48.16 -64.09 29.66
N GLY A 254 47.46 -65.22 29.78
CA GLY A 254 47.02 -65.82 31.04
C GLY A 254 45.81 -65.16 31.68
N ARG A 255 45.37 -64.03 31.10
CA ARG A 255 44.23 -63.22 31.58
C ARG A 255 42.87 -63.83 31.21
N GLN A 256 41.84 -63.53 32.02
CA GLN A 256 40.46 -64.01 31.83
C GLN A 256 39.45 -62.86 31.75
N ARG A 257 38.27 -63.12 31.16
CA ARG A 257 37.16 -62.16 31.05
C ARG A 257 35.82 -62.86 31.19
N ILE A 258 34.85 -62.21 31.85
CA ILE A 258 33.49 -62.74 32.00
C ILE A 258 32.66 -62.13 30.85
N VAL A 259 31.92 -62.97 30.12
CA VAL A 259 31.07 -62.50 29.02
C VAL A 259 29.60 -62.83 29.32
N VAL A 260 28.78 -61.77 29.49
CA VAL A 260 27.34 -61.85 29.79
C VAL A 260 26.57 -61.76 28.46
N THR A 261 25.78 -62.78 28.12
CA THR A 261 25.04 -62.82 26.84
C THR A 261 23.52 -62.75 27.00
N GLU A 262 23.01 -62.97 28.22
CA GLU A 262 21.58 -62.94 28.56
C GLU A 262 21.48 -62.36 29.96
N ILE A 263 20.56 -61.43 30.16
CA ILE A 263 20.33 -60.78 31.47
C ILE A 263 18.91 -61.13 31.99
N PRO A 264 18.60 -60.99 33.31
CA PRO A 264 17.24 -61.32 33.78
C PRO A 264 16.16 -60.39 33.20
N PHE A 265 14.90 -60.85 33.24
CA PHE A 265 13.72 -60.13 32.75
C PHE A 265 13.49 -58.84 33.52
N GLN A 266 13.17 -57.74 32.78
CA GLN A 266 12.87 -56.39 33.27
C GLN A 266 14.07 -55.69 33.93
N VAL A 267 15.27 -56.21 33.70
CA VAL A 267 16.51 -55.63 34.24
C VAL A 267 17.05 -54.69 33.16
N ASN A 268 17.32 -53.42 33.55
CA ASN A 268 17.88 -52.41 32.67
C ASN A 268 19.38 -52.69 32.59
N LYS A 269 19.84 -53.10 31.39
CA LYS A 269 21.25 -53.43 31.09
C LYS A 269 22.21 -52.29 31.44
N ALA A 270 21.87 -51.04 31.06
CA ALA A 270 22.66 -49.85 31.32
C ALA A 270 22.81 -49.58 32.83
N ARG A 271 21.70 -49.72 33.57
CA ARG A 271 21.66 -49.54 35.03
C ARG A 271 22.42 -50.68 35.74
N MET A 272 22.36 -51.91 35.19
CA MET A 272 23.08 -53.07 35.74
C MET A 272 24.59 -52.84 35.62
N ILE A 273 25.04 -52.38 34.44
CA ILE A 273 26.44 -52.07 34.16
C ILE A 273 26.91 -50.90 35.06
N GLU A 274 26.07 -49.85 35.23
CA GLU A 274 26.36 -48.71 36.11
C GLU A 274 26.51 -49.18 37.58
N LYS A 275 25.75 -50.22 37.99
CA LYS A 275 25.84 -50.79 39.33
C LYS A 275 27.16 -51.52 39.52
N ILE A 276 27.60 -52.29 38.50
CA ILE A 276 28.88 -53.01 38.51
C ILE A 276 30.01 -51.96 38.61
N ALA A 277 29.92 -50.90 37.78
CA ALA A 277 30.88 -49.78 37.74
C ALA A 277 30.99 -49.06 39.08
N GLU A 278 29.85 -48.84 39.77
CA GLU A 278 29.76 -48.17 41.07
C GLU A 278 30.49 -48.98 42.13
N LEU A 279 30.33 -50.32 42.09
CA LEU A 279 30.96 -51.23 43.05
C LEU A 279 32.49 -51.30 42.90
N VAL A 280 33.00 -51.30 41.64
CA VAL A 280 34.45 -51.31 41.36
C VAL A 280 35.07 -49.97 41.81
N ARG A 281 34.32 -48.86 41.61
CA ARG A 281 34.70 -47.50 41.99
C ARG A 281 34.79 -47.36 43.52
N ASP A 282 33.73 -47.80 44.24
CA ASP A 282 33.65 -47.73 45.70
C ASP A 282 34.46 -48.83 46.41
N LYS A 283 35.18 -49.67 45.62
CA LYS A 283 36.05 -50.78 46.05
C LYS A 283 35.27 -51.90 46.79
N LYS A 284 33.95 -51.98 46.57
CA LYS A 284 33.06 -52.99 47.17
C LYS A 284 33.21 -54.39 46.52
N ILE A 285 33.83 -54.44 45.32
CA ILE A 285 34.15 -55.65 44.56
C ILE A 285 35.56 -55.49 43.94
N ASP A 286 36.37 -56.54 43.99
CA ASP A 286 37.74 -56.47 43.47
C ASP A 286 38.04 -57.51 42.39
N GLY A 287 39.08 -57.21 41.59
CA GLY A 287 39.55 -58.07 40.51
C GLY A 287 39.04 -57.72 39.13
N ILE A 288 38.36 -56.57 38.97
CA ILE A 288 37.81 -56.11 37.69
C ILE A 288 38.65 -54.94 37.14
N THR A 289 39.28 -55.15 35.96
CA THR A 289 40.11 -54.14 35.31
C THR A 289 39.31 -53.23 34.37
N ASP A 290 38.36 -53.81 33.61
CA ASP A 290 37.51 -53.08 32.67
C ASP A 290 36.10 -53.69 32.60
N LEU A 291 35.15 -52.89 32.10
CA LEU A 291 33.74 -53.25 31.98
C LEU A 291 33.19 -52.51 30.76
N ARG A 292 32.74 -53.26 29.75
CA ARG A 292 32.23 -52.63 28.53
C ARG A 292 31.03 -53.35 27.92
N ASP A 293 30.10 -52.56 27.39
CA ASP A 293 28.88 -53.04 26.74
C ASP A 293 29.14 -53.20 25.24
N GLU A 294 29.42 -54.44 24.84
CA GLU A 294 29.70 -54.80 23.46
C GLU A 294 28.43 -55.29 22.73
N THR A 295 27.24 -54.90 23.25
CA THR A 295 25.95 -55.24 22.68
C THR A 295 25.83 -54.62 21.28
N SER A 296 25.27 -55.40 20.32
CA SER A 296 24.98 -54.98 18.95
C SER A 296 23.72 -55.71 18.48
N LEU A 297 23.10 -55.27 17.37
CA LEU A 297 21.90 -55.93 16.83
C LEU A 297 22.28 -57.29 16.27
N ARG A 298 23.37 -57.30 15.51
CA ARG A 298 23.93 -58.49 14.87
C ARG A 298 24.41 -59.55 15.87
N THR A 299 25.15 -59.14 16.93
CA THR A 299 25.71 -60.07 17.93
C THR A 299 24.85 -60.28 19.19
N GLY A 300 23.80 -59.48 19.40
CA GLY A 300 22.96 -59.58 20.59
C GLY A 300 23.64 -58.99 21.81
N VAL A 301 23.05 -59.22 22.99
CA VAL A 301 23.57 -58.75 24.29
C VAL A 301 24.96 -59.34 24.54
N ARG A 302 25.93 -58.47 24.86
CA ARG A 302 27.30 -58.85 25.17
C ARG A 302 27.91 -57.84 26.13
N VAL A 303 28.05 -58.21 27.40
CA VAL A 303 28.68 -57.36 28.41
C VAL A 303 29.95 -58.05 28.84
N VAL A 304 31.08 -57.38 28.61
CA VAL A 304 32.41 -57.91 28.92
C VAL A 304 32.98 -57.30 30.19
N ILE A 305 33.35 -58.16 31.14
CA ILE A 305 33.95 -57.78 32.42
C ILE A 305 35.38 -58.36 32.43
N ASP A 306 36.38 -57.47 32.25
CA ASP A 306 37.79 -57.85 32.26
C ASP A 306 38.23 -58.13 33.68
N VAL A 307 38.84 -59.30 33.89
CA VAL A 307 39.32 -59.79 35.19
C VAL A 307 40.85 -59.65 35.30
N ARG A 308 41.33 -59.07 36.43
CA ARG A 308 42.74 -58.87 36.77
C ARG A 308 43.48 -60.21 36.77
N LYS A 309 44.73 -60.21 36.26
CA LYS A 309 45.59 -61.40 36.20
C LYS A 309 45.77 -62.02 37.59
N ASP A 310 45.66 -63.38 37.65
CA ASP A 310 45.81 -64.26 38.83
C ASP A 310 44.60 -64.25 39.79
N ALA A 311 43.58 -63.40 39.50
CA ALA A 311 42.34 -63.35 40.30
C ALA A 311 41.34 -64.37 39.74
N ASN A 312 40.61 -65.04 40.64
CA ASN A 312 39.61 -66.07 40.29
C ASN A 312 38.33 -65.45 39.75
N ALA A 313 38.06 -65.70 38.45
CA ALA A 313 36.85 -65.18 37.79
C ALA A 313 35.57 -65.82 38.32
N SER A 314 35.62 -67.10 38.78
CA SER A 314 34.49 -67.84 39.34
C SER A 314 33.98 -67.16 40.62
N VAL A 315 34.91 -66.71 41.48
CA VAL A 315 34.66 -66.00 42.74
C VAL A 315 34.07 -64.62 42.45
N ILE A 316 34.66 -63.88 41.48
CA ILE A 316 34.21 -62.56 41.03
C ILE A 316 32.78 -62.65 40.48
N LEU A 317 32.51 -63.66 39.64
CA LEU A 317 31.19 -63.90 39.04
C LEU A 317 30.13 -64.22 40.10
N ASN A 318 30.47 -65.06 41.10
CA ASN A 318 29.56 -65.40 42.19
C ASN A 318 29.22 -64.17 43.05
N ASN A 319 30.20 -63.27 43.24
CA ASN A 319 30.01 -62.03 43.98
C ASN A 319 29.09 -61.08 43.19
N LEU A 320 29.24 -61.03 41.85
CA LEU A 320 28.41 -60.21 40.96
C LEU A 320 26.94 -60.63 41.03
N TYR A 321 26.67 -61.96 41.16
CA TYR A 321 25.31 -62.50 41.27
C TYR A 321 24.68 -62.01 42.56
N LYS A 322 25.47 -62.00 43.66
CA LYS A 322 25.05 -61.58 44.99
C LYS A 322 24.85 -60.07 45.13
N GLN A 323 25.81 -59.28 44.61
CA GLN A 323 25.87 -57.83 44.79
C GLN A 323 25.22 -56.97 43.70
N THR A 324 24.91 -57.53 42.52
CA THR A 324 24.34 -56.75 41.42
C THR A 324 23.04 -57.38 40.87
N PRO A 325 22.28 -56.68 39.99
CA PRO A 325 21.08 -57.30 39.38
C PRO A 325 21.41 -58.39 38.34
N LEU A 326 22.68 -58.87 38.30
CA LEU A 326 23.11 -59.95 37.41
C LEU A 326 22.33 -61.24 37.77
N GLN A 327 21.87 -61.33 39.02
CA GLN A 327 20.97 -62.35 39.54
C GLN A 327 19.84 -61.58 40.26
N THR A 328 18.61 -61.71 39.75
CA THR A 328 17.42 -61.00 40.24
C THR A 328 16.29 -61.97 40.55
N SER A 329 15.49 -61.67 41.56
CA SER A 329 14.35 -62.49 41.93
C SER A 329 13.10 -62.02 41.22
N PHE A 330 12.23 -62.97 40.85
CA PHE A 330 10.92 -62.69 40.29
C PHE A 330 9.95 -63.15 41.38
N GLY A 331 9.34 -62.19 42.06
CA GLY A 331 8.39 -62.46 43.13
C GLY A 331 7.03 -62.72 42.53
N VAL A 332 6.66 -64.01 42.42
CA VAL A 332 5.39 -64.39 41.81
C VAL A 332 4.27 -64.11 42.78
N ASN A 333 3.22 -63.47 42.28
CA ASN A 333 2.02 -63.10 43.02
C ASN A 333 0.91 -63.06 41.99
N MET A 334 0.34 -64.23 41.69
CA MET A 334 -0.62 -64.35 40.60
C MET A 334 -2.03 -63.93 40.97
N ILE A 335 -2.30 -62.63 40.83
CA ILE A 335 -3.62 -62.03 41.08
C ILE A 335 -4.24 -61.60 39.75
N ALA A 336 -5.48 -61.97 39.53
CA ALA A 336 -6.24 -61.67 38.31
C ALA A 336 -7.70 -61.55 38.64
N LEU A 337 -8.44 -60.93 37.74
CA LEU A 337 -9.86 -60.73 37.90
C LEU A 337 -10.61 -61.97 37.46
N VAL A 338 -11.31 -62.59 38.41
CA VAL A 338 -12.14 -63.76 38.18
C VAL A 338 -13.53 -63.25 38.51
N ASN A 339 -14.49 -63.41 37.56
CA ASN A 339 -15.88 -62.94 37.69
C ASN A 339 -15.88 -61.49 38.23
N GLY A 340 -15.01 -60.66 37.64
CA GLY A 340 -14.82 -59.26 37.98
C GLY A 340 -14.33 -58.95 39.39
N ARG A 341 -13.79 -59.96 40.11
CA ARG A 341 -13.26 -59.85 41.47
C ARG A 341 -11.79 -60.25 41.50
N PRO A 342 -10.93 -59.56 42.30
CA PRO A 342 -9.51 -59.96 42.38
C PRO A 342 -9.37 -61.28 43.12
N LYS A 343 -8.51 -62.16 42.62
CA LYS A 343 -8.31 -63.45 43.25
C LYS A 343 -6.88 -63.91 43.11
N LEU A 344 -6.32 -64.50 44.18
CA LEU A 344 -4.99 -65.10 44.14
C LEU A 344 -5.24 -66.49 43.55
N ILE A 345 -4.66 -66.76 42.39
CA ILE A 345 -4.89 -68.01 41.68
C ILE A 345 -3.61 -68.82 41.48
N ASN A 346 -3.71 -70.15 41.57
CA ASN A 346 -2.57 -71.04 41.32
C ASN A 346 -2.54 -71.38 39.82
N LEU A 347 -1.57 -72.19 39.35
CA LEU A 347 -1.46 -72.54 37.93
C LEU A 347 -2.71 -73.26 37.38
N LYS A 348 -3.28 -74.23 38.13
CA LYS A 348 -4.48 -74.96 37.69
C LYS A 348 -5.69 -74.04 37.52
N GLU A 349 -5.96 -73.16 38.52
CA GLU A 349 -7.07 -72.20 38.51
C GLU A 349 -7.01 -71.30 37.27
N ALA A 350 -5.79 -70.78 36.96
CA ALA A 350 -5.55 -69.93 35.80
C ALA A 350 -5.97 -70.63 34.48
N LEU A 351 -5.58 -71.91 34.34
CA LEU A 351 -5.87 -72.69 33.14
C LEU A 351 -7.34 -73.11 33.06
N VAL A 352 -7.97 -73.37 34.22
CA VAL A 352 -9.38 -73.78 34.30
C VAL A 352 -10.28 -72.63 33.81
N HIS A 353 -10.07 -71.42 34.36
CA HIS A 353 -10.82 -70.22 33.96
C HIS A 353 -10.61 -69.92 32.47
N TYR A 354 -9.37 -70.12 31.97
CA TYR A 354 -9.09 -69.91 30.56
C TYR A 354 -9.82 -70.91 29.68
N LEU A 355 -9.77 -72.21 30.03
CA LEU A 355 -10.42 -73.27 29.26
C LEU A 355 -11.94 -73.10 29.24
N GLU A 356 -12.51 -72.72 30.40
CA GLU A 356 -13.93 -72.44 30.55
C GLU A 356 -14.36 -71.31 29.60
N HIS A 357 -13.51 -70.25 29.50
CA HIS A 357 -13.70 -69.07 28.63
C HIS A 357 -13.71 -69.47 27.16
N GLN A 358 -12.81 -70.41 26.79
CA GLN A 358 -12.69 -70.92 25.43
C GLN A 358 -13.90 -71.75 25.01
N LYS A 359 -14.42 -72.58 25.93
CA LYS A 359 -15.59 -73.41 25.71
C LYS A 359 -16.81 -72.53 25.41
N THR A 360 -16.96 -71.42 26.17
CA THR A 360 -18.05 -70.44 26.04
C THR A 360 -17.97 -69.70 24.70
N VAL A 361 -16.77 -69.23 24.36
CA VAL A 361 -16.47 -68.51 23.12
C VAL A 361 -16.89 -69.35 21.90
N VAL A 362 -16.44 -70.61 21.83
CA VAL A 362 -16.76 -71.49 20.72
C VAL A 362 -18.26 -71.88 20.70
N ARG A 363 -18.86 -72.16 21.88
CA ARG A 363 -20.30 -72.49 21.99
C ARG A 363 -21.14 -71.32 21.46
N ARG A 364 -20.81 -70.10 21.90
CA ARG A 364 -21.50 -68.87 21.49
C ARG A 364 -21.31 -68.55 20.01
N ARG A 365 -20.11 -68.85 19.46
CA ARG A 365 -19.79 -68.63 18.04
C ARG A 365 -20.68 -69.55 17.18
N THR A 366 -20.78 -70.83 17.60
CA THR A 366 -21.56 -71.88 16.92
C THR A 366 -23.05 -71.53 16.96
N GLN A 367 -23.55 -71.07 18.12
CA GLN A 367 -24.93 -70.63 18.34
C GLN A 367 -25.26 -69.43 17.45
N TYR A 368 -24.31 -68.47 17.33
CA TYR A 368 -24.45 -67.26 16.50
C TYR A 368 -24.54 -67.67 15.03
N ASN A 369 -23.56 -68.48 14.57
CA ASN A 369 -23.46 -68.99 13.21
C ASN A 369 -24.73 -69.74 12.81
N LEU A 370 -25.33 -70.49 13.74
CA LEU A 370 -26.56 -71.22 13.52
C LEU A 370 -27.76 -70.28 13.33
N ARG A 371 -27.89 -69.24 14.18
CA ARG A 371 -28.96 -68.22 14.07
C ARG A 371 -28.84 -67.54 12.71
N LYS A 372 -27.61 -67.09 12.38
CA LYS A 372 -27.25 -66.42 11.13
C LYS A 372 -27.61 -67.27 9.92
N ALA A 373 -27.26 -68.57 9.96
CA ALA A 373 -27.52 -69.51 8.87
C ALA A 373 -29.01 -69.80 8.72
N LYS A 374 -29.71 -70.09 9.84
CA LYS A 374 -31.15 -70.37 9.85
C LYS A 374 -31.93 -69.19 9.30
N ASP A 375 -31.53 -67.94 9.66
CA ASP A 375 -32.15 -66.70 9.18
C ASP A 375 -31.98 -66.55 7.66
N ARG A 376 -30.75 -66.81 7.15
CA ARG A 376 -30.44 -66.71 5.72
C ARG A 376 -31.19 -67.77 4.90
N ALA A 377 -31.29 -69.01 5.44
CA ALA A 377 -31.99 -70.13 4.81
C ALA A 377 -33.47 -69.79 4.62
N HIS A 378 -34.06 -69.09 5.61
CA HIS A 378 -35.45 -68.64 5.62
C HIS A 378 -35.65 -67.61 4.49
N ILE A 379 -34.71 -66.65 4.33
CA ILE A 379 -34.73 -65.64 3.27
C ILE A 379 -34.65 -66.31 1.88
N LEU A 380 -33.69 -67.22 1.71
CA LEU A 380 -33.51 -67.94 0.46
C LEU A 380 -34.75 -68.77 0.08
N GLU A 381 -35.47 -69.31 1.09
CA GLU A 381 -36.71 -70.07 0.87
C GLU A 381 -37.75 -69.17 0.21
N GLY A 382 -37.88 -67.94 0.71
CA GLY A 382 -38.78 -66.92 0.18
C GLY A 382 -38.42 -66.49 -1.22
N LEU A 383 -37.11 -66.33 -1.49
CA LEU A 383 -36.58 -65.94 -2.80
C LEU A 383 -36.80 -67.06 -3.82
N ARG A 384 -36.72 -68.34 -3.36
CA ARG A 384 -36.94 -69.52 -4.18
C ARG A 384 -38.41 -69.63 -4.61
N ILE A 385 -39.34 -69.29 -3.68
CA ILE A 385 -40.78 -69.25 -3.93
C ILE A 385 -41.05 -68.13 -4.94
N ALA A 386 -40.43 -66.95 -4.69
CA ALA A 386 -40.55 -65.77 -5.56
C ALA A 386 -40.09 -66.07 -6.98
N LEU A 387 -38.92 -66.72 -7.15
CA LEU A 387 -38.37 -67.05 -8.47
C LEU A 387 -39.17 -68.14 -9.22
N ASP A 388 -39.82 -69.04 -8.46
CA ASP A 388 -40.63 -70.11 -9.02
C ASP A 388 -41.97 -69.56 -9.54
N HIS A 389 -42.45 -68.45 -8.95
CA HIS A 389 -43.72 -67.81 -9.28
C HIS A 389 -43.52 -66.31 -9.54
N ILE A 390 -42.44 -65.94 -10.25
CA ILE A 390 -42.06 -64.53 -10.46
C ILE A 390 -43.12 -63.70 -11.21
N ASP A 391 -43.80 -64.27 -12.22
CA ASP A 391 -44.85 -63.56 -12.97
C ASP A 391 -46.01 -63.19 -12.06
N GLU A 392 -46.31 -64.05 -11.09
CA GLU A 392 -47.33 -63.86 -10.08
C GLU A 392 -46.89 -62.77 -9.10
N ILE A 393 -45.62 -62.85 -8.63
CA ILE A 393 -44.99 -61.94 -7.67
C ILE A 393 -45.08 -60.49 -8.18
N ILE A 394 -44.68 -60.27 -9.46
CA ILE A 394 -44.66 -58.97 -10.13
C ILE A 394 -46.08 -58.38 -10.22
N SER A 395 -47.06 -59.20 -10.65
CA SER A 395 -48.48 -58.82 -10.74
C SER A 395 -48.99 -58.28 -9.39
N THR A 396 -48.68 -59.00 -8.29
CA THR A 396 -49.05 -58.66 -6.91
C THR A 396 -48.52 -57.28 -6.50
N ILE A 397 -47.24 -57.00 -6.81
CA ILE A 397 -46.55 -55.73 -6.52
C ILE A 397 -47.15 -54.59 -7.36
N ARG A 398 -47.33 -54.82 -8.69
CA ARG A 398 -47.88 -53.85 -9.65
C ARG A 398 -49.29 -53.40 -9.28
N GLU A 399 -50.13 -54.36 -8.81
CA GLU A 399 -51.52 -54.14 -8.37
C GLU A 399 -51.61 -53.34 -7.07
N SER A 400 -50.55 -53.39 -6.24
CA SER A 400 -50.48 -52.70 -4.95
C SER A 400 -50.13 -51.22 -5.10
N ASP A 401 -50.78 -50.38 -4.28
CA ASP A 401 -50.54 -48.94 -4.28
C ASP A 401 -49.36 -48.53 -3.41
N THR A 402 -49.21 -49.13 -2.22
CA THR A 402 -48.10 -48.87 -1.30
C THR A 402 -47.26 -50.13 -1.08
N ASP A 403 -46.08 -50.01 -0.41
CA ASP A 403 -45.21 -51.15 -0.10
C ASP A 403 -45.87 -52.04 0.98
N LYS A 404 -46.59 -51.41 1.93
CA LYS A 404 -47.32 -52.07 3.02
C LYS A 404 -48.37 -53.03 2.44
N VAL A 405 -49.13 -52.57 1.42
CA VAL A 405 -50.15 -53.36 0.72
C VAL A 405 -49.45 -54.51 -0.02
N ALA A 406 -48.37 -54.21 -0.77
CA ALA A 406 -47.56 -55.18 -1.51
C ALA A 406 -47.05 -56.30 -0.61
N MET A 407 -46.58 -55.94 0.59
CA MET A 407 -46.07 -56.89 1.56
C MET A 407 -47.17 -57.78 2.13
N GLU A 408 -48.28 -57.18 2.60
CA GLU A 408 -49.44 -57.89 3.16
C GLU A 408 -50.03 -58.88 2.13
N SER A 409 -50.15 -58.46 0.86
CA SER A 409 -50.65 -59.27 -0.25
C SER A 409 -49.70 -60.42 -0.59
N LEU A 410 -48.37 -60.21 -0.49
CA LEU A 410 -47.38 -61.26 -0.76
C LEU A 410 -47.39 -62.33 0.33
N GLN A 411 -47.52 -61.90 1.60
CA GLN A 411 -47.60 -62.79 2.76
C GLN A 411 -48.87 -63.65 2.72
N GLN A 412 -50.01 -63.04 2.35
CA GLN A 412 -51.31 -63.71 2.31
C GLN A 412 -51.42 -64.69 1.15
N ARG A 413 -50.95 -64.29 -0.05
CA ARG A 413 -51.02 -65.09 -1.25
C ARG A 413 -50.03 -66.25 -1.29
N PHE A 414 -48.76 -66.04 -0.89
CA PHE A 414 -47.71 -67.06 -1.02
C PHE A 414 -47.22 -67.65 0.30
N LYS A 415 -47.97 -67.38 1.40
CA LYS A 415 -47.72 -67.91 2.75
C LYS A 415 -46.32 -67.55 3.26
N LEU A 416 -45.82 -66.37 2.87
CA LEU A 416 -44.51 -65.86 3.22
C LEU A 416 -44.53 -65.11 4.54
N SER A 417 -43.38 -65.02 5.21
CA SER A 417 -43.24 -64.28 6.46
C SER A 417 -43.03 -62.81 6.11
N GLU A 418 -43.08 -61.91 7.13
CA GLU A 418 -42.83 -60.47 6.92
C GLU A 418 -41.41 -60.28 6.37
N LYS A 419 -40.43 -61.00 6.96
CA LYS A 419 -39.02 -61.00 6.56
C LYS A 419 -38.81 -61.47 5.12
N GLN A 420 -39.49 -62.57 4.72
CA GLN A 420 -39.39 -63.14 3.38
C GLN A 420 -39.94 -62.19 2.31
N ALA A 421 -41.14 -61.61 2.59
CA ALA A 421 -41.83 -60.65 1.72
C ALA A 421 -41.00 -59.38 1.52
N GLN A 422 -40.33 -58.92 2.60
CA GLN A 422 -39.45 -57.74 2.61
C GLN A 422 -38.26 -57.95 1.68
N ALA A 423 -37.65 -59.15 1.74
CA ALA A 423 -36.50 -59.55 0.93
C ALA A 423 -36.85 -59.60 -0.56
N ILE A 424 -38.09 -59.98 -0.89
CA ILE A 424 -38.60 -60.02 -2.27
C ILE A 424 -38.81 -58.60 -2.80
N LEU A 425 -39.41 -57.71 -1.99
CA LEU A 425 -39.59 -56.30 -2.38
C LEU A 425 -38.24 -55.60 -2.56
N ASP A 426 -37.20 -56.02 -1.81
CA ASP A 426 -35.84 -55.48 -1.89
C ASP A 426 -34.99 -56.14 -2.98
N MET A 427 -35.54 -57.16 -3.65
CA MET A 427 -34.85 -57.90 -4.70
C MET A 427 -34.69 -57.05 -5.95
N ARG A 428 -33.44 -56.95 -6.46
CA ARG A 428 -33.10 -56.21 -7.68
C ARG A 428 -33.48 -57.04 -8.91
N LEU A 429 -33.84 -56.36 -10.01
CA LEU A 429 -34.22 -57.01 -11.28
C LEU A 429 -33.10 -57.89 -11.84
N ARG A 430 -31.86 -57.53 -11.53
CA ARG A 430 -30.60 -58.19 -11.88
C ARG A 430 -30.59 -59.66 -11.41
N ARG A 431 -31.30 -59.95 -10.30
CA ARG A 431 -31.35 -61.26 -9.66
C ARG A 431 -32.20 -62.28 -10.40
N LEU A 432 -32.96 -61.83 -11.43
CA LEU A 432 -33.81 -62.68 -12.26
C LEU A 432 -33.00 -63.34 -13.39
N THR A 433 -31.70 -62.97 -13.54
CA THR A 433 -30.84 -63.55 -14.58
C THR A 433 -30.50 -65.00 -14.23
N GLY A 434 -30.18 -65.77 -15.27
CA GLY A 434 -29.84 -67.18 -15.17
C GLY A 434 -28.79 -67.53 -14.14
N LEU A 435 -27.67 -66.77 -14.11
CA LEU A 435 -26.59 -67.02 -13.13
C LEU A 435 -26.99 -66.69 -11.70
N GLU A 436 -27.77 -65.60 -11.51
CA GLU A 436 -28.25 -65.15 -10.20
C GLU A 436 -29.27 -66.10 -9.56
N ARG A 437 -30.07 -66.75 -10.42
CA ARG A 437 -31.11 -67.72 -10.07
C ARG A 437 -30.44 -69.00 -9.52
N ASP A 438 -29.36 -69.47 -10.17
CA ASP A 438 -28.59 -70.65 -9.82
C ASP A 438 -27.79 -70.43 -8.54
N LYS A 439 -27.27 -69.20 -8.35
CA LYS A 439 -26.49 -68.77 -7.18
C LYS A 439 -27.30 -68.92 -5.91
N ILE A 440 -28.63 -68.60 -5.96
CA ILE A 440 -29.54 -68.67 -4.82
C ILE A 440 -29.76 -70.13 -4.36
N GLU A 441 -30.02 -71.04 -5.33
CA GLU A 441 -30.21 -72.48 -5.08
C GLU A 441 -28.92 -73.09 -4.48
N ALA A 442 -27.76 -72.79 -5.10
CA ALA A 442 -26.43 -73.26 -4.66
C ALA A 442 -26.12 -72.80 -3.23
N GLU A 443 -26.46 -71.54 -2.91
CA GLU A 443 -26.25 -70.99 -1.56
C GLU A 443 -27.11 -71.71 -0.54
N TYR A 444 -28.39 -71.97 -0.89
CA TYR A 444 -29.36 -72.64 -0.04
C TYR A 444 -28.94 -74.07 0.32
N ASN A 445 -28.52 -74.85 -0.69
CA ASN A 445 -28.09 -76.24 -0.50
C ASN A 445 -26.85 -76.34 0.35
N GLU A 446 -25.89 -75.40 0.16
CA GLU A 446 -24.64 -75.34 0.92
C GLU A 446 -24.94 -75.00 2.39
N LEU A 447 -25.91 -74.07 2.58
CA LEU A 447 -26.37 -73.60 3.88
C LEU A 447 -27.04 -74.70 4.69
N LEU A 448 -27.87 -75.53 4.03
CA LEU A 448 -28.57 -76.67 4.63
C LEU A 448 -27.55 -77.62 5.28
N ASN A 449 -26.44 -77.89 4.57
N ASN A 449 -26.45 -77.88 4.56
CA ASN A 449 -25.33 -78.74 5.03
CA ASN A 449 -25.30 -78.72 4.95
C ASN A 449 -24.57 -78.09 6.18
C ASN A 449 -24.53 -78.09 6.13
N TYR A 450 -24.35 -76.76 6.12
CA TYR A 450 -23.65 -75.97 7.15
C TYR A 450 -24.44 -76.01 8.47
N ILE A 451 -25.77 -75.82 8.41
CA ILE A 451 -26.70 -75.86 9.54
C ILE A 451 -26.59 -77.23 10.23
N SER A 452 -26.60 -78.33 9.44
CA SER A 452 -26.49 -79.70 9.95
C SER A 452 -25.18 -79.88 10.76
N GLU A 453 -24.04 -79.39 10.21
CA GLU A 453 -22.71 -79.43 10.81
C GLU A 453 -22.68 -78.68 12.15
N LEU A 454 -23.32 -77.49 12.20
CA LEU A 454 -23.42 -76.64 13.39
C LEU A 454 -24.23 -77.30 14.50
N GLU A 455 -25.36 -77.93 14.11
CA GLU A 455 -26.28 -78.63 15.01
C GLU A 455 -25.63 -79.85 15.65
N THR A 456 -24.71 -80.52 14.91
CA THR A 456 -23.94 -81.69 15.37
C THR A 456 -23.01 -81.25 16.50
N ILE A 457 -22.39 -80.05 16.37
CA ILE A 457 -21.48 -79.49 17.37
C ILE A 457 -22.24 -79.18 18.68
N LEU A 458 -23.44 -78.58 18.56
CA LEU A 458 -24.27 -78.20 19.70
C LEU A 458 -25.01 -79.36 20.39
N ALA A 459 -25.22 -80.47 19.66
CA ALA A 459 -25.91 -81.66 20.20
C ALA A 459 -25.00 -82.49 21.14
N ASP A 460 -23.66 -82.48 20.91
CA ASP A 460 -22.69 -83.23 21.70
C ASP A 460 -21.65 -82.29 22.32
N GLU A 461 -21.57 -82.28 23.68
CA GLU A 461 -20.61 -81.46 24.43
C GLU A 461 -19.16 -81.91 24.21
N GLU A 462 -18.96 -83.20 23.85
CA GLU A 462 -17.65 -83.77 23.57
C GLU A 462 -17.12 -83.30 22.21
N VAL A 463 -18.03 -83.16 21.22
CA VAL A 463 -17.67 -82.67 19.88
C VAL A 463 -17.23 -81.20 19.97
N LEU A 464 -17.94 -80.40 20.80
CA LEU A 464 -17.63 -79.01 21.09
C LEU A 464 -16.26 -78.90 21.78
N LEU A 465 -16.03 -79.74 22.82
CA LEU A 465 -14.78 -79.77 23.57
C LEU A 465 -13.60 -80.13 22.68
N GLN A 466 -13.80 -81.07 21.74
CA GLN A 466 -12.76 -81.48 20.78
C GLN A 466 -12.45 -80.34 19.80
N LEU A 467 -13.47 -79.53 19.44
CA LEU A 467 -13.32 -78.39 18.54
C LEU A 467 -12.40 -77.33 19.19
N VAL A 468 -12.54 -77.16 20.53
CA VAL A 468 -11.70 -76.25 21.34
C VAL A 468 -10.26 -76.77 21.27
N ARG A 469 -10.08 -78.07 21.50
CA ARG A 469 -8.77 -78.74 21.45
C ARG A 469 -8.10 -78.58 20.08
N ASP A 470 -8.85 -78.84 18.99
CA ASP A 470 -8.39 -78.72 17.60
C ASP A 470 -8.00 -77.29 17.26
N GLU A 471 -8.80 -76.30 17.70
CA GLU A 471 -8.53 -74.89 17.44
C GLU A 471 -7.31 -74.40 18.18
N LEU A 472 -7.09 -74.89 19.43
CA LEU A 472 -5.92 -74.59 20.26
C LEU A 472 -4.64 -75.23 19.68
N THR A 473 -4.75 -76.47 19.17
CA THR A 473 -3.63 -77.22 18.57
C THR A 473 -3.11 -76.46 17.36
N GLU A 474 -4.05 -75.92 16.54
CA GLU A 474 -3.73 -75.11 15.36
C GLU A 474 -2.91 -73.87 15.75
N ILE A 475 -3.30 -73.17 16.84
CA ILE A 475 -2.60 -71.98 17.37
C ILE A 475 -1.18 -72.39 17.78
N ARG A 476 -1.07 -73.49 18.54
CA ARG A 476 0.19 -74.02 19.05
C ARG A 476 1.17 -74.32 17.92
N ASP A 477 0.70 -74.99 16.85
CA ASP A 477 1.51 -75.34 15.69
C ASP A 477 1.93 -74.12 14.87
N ARG A 478 1.13 -73.05 14.95
CA ARG A 478 1.32 -71.80 14.21
C ARG A 478 2.20 -70.78 14.91
N PHE A 479 2.01 -70.58 16.22
CA PHE A 479 2.70 -69.57 16.99
C PHE A 479 3.64 -70.10 18.07
N GLY A 480 3.50 -71.38 18.39
CA GLY A 480 4.35 -72.03 19.39
C GLY A 480 5.80 -71.99 18.98
N ASP A 481 6.66 -71.59 19.91
CA ASP A 481 8.09 -71.45 19.68
C ASP A 481 8.91 -72.18 20.76
N ASP A 482 10.23 -72.14 20.62
CA ASP A 482 11.18 -72.74 21.53
C ASP A 482 11.27 -72.02 22.85
N ARG A 483 11.58 -72.78 23.90
CA ARG A 483 11.84 -72.26 25.24
C ARG A 483 13.14 -71.45 25.17
N ARG A 484 13.20 -70.32 25.87
CA ARG A 484 14.38 -69.47 25.88
C ARG A 484 15.15 -69.54 27.20
N THR A 485 14.42 -69.57 28.32
CA THR A 485 14.97 -69.61 29.67
C THR A 485 15.30 -71.04 30.05
N GLU A 486 16.54 -71.29 30.47
CA GLU A 486 16.98 -72.60 30.92
C GLU A 486 16.66 -72.73 32.39
N ILE A 487 15.97 -73.82 32.76
CA ILE A 487 15.66 -74.12 34.14
C ILE A 487 16.71 -75.10 34.62
N GLN A 488 17.71 -74.58 35.33
CA GLN A 488 18.81 -75.38 35.87
C GLN A 488 18.33 -76.18 37.07
N LEU A 489 18.94 -77.36 37.29
CA LEU A 489 18.54 -78.27 38.36
C LEU A 489 19.60 -78.43 39.48
N GLY A 490 19.30 -77.97 40.71
CA GLY A 490 18.10 -77.21 41.10
C GLY A 490 16.80 -78.01 41.44
N LYS B 9 -0.33 -19.12 44.31
CA LYS B 9 -1.38 -19.83 43.58
C LYS B 9 -2.80 -19.52 44.09
N LEU B 10 -2.92 -19.15 45.39
CA LEU B 10 -4.20 -18.83 46.03
C LEU B 10 -4.81 -17.53 45.47
N ALA B 11 -6.10 -17.61 45.05
CA ALA B 11 -6.88 -16.47 44.59
C ALA B 11 -7.80 -16.07 45.75
N ASP B 12 -7.30 -15.21 46.64
CA ASP B 12 -7.98 -14.75 47.85
C ASP B 12 -9.23 -13.90 47.60
N CYS B 13 -10.11 -13.81 48.62
CA CYS B 13 -11.33 -12.98 48.61
C CYS B 13 -11.04 -11.58 49.18
N SER B 14 -11.88 -10.58 48.86
CA SER B 14 -11.68 -9.22 49.33
C SER B 14 -11.91 -9.06 50.84
N SER B 15 -12.97 -9.72 51.39
CA SER B 15 -13.31 -9.67 52.83
C SER B 15 -12.22 -10.30 53.70
N LYS B 16 -12.04 -9.75 54.90
CA LYS B 16 -11.05 -10.21 55.87
C LYS B 16 -11.75 -10.70 57.16
N SER B 17 -13.09 -10.88 57.11
CA SER B 17 -13.93 -11.37 58.22
C SER B 17 -14.07 -12.89 58.03
N PRO B 18 -13.34 -13.71 58.83
CA PRO B 18 -13.35 -15.17 58.60
C PRO B 18 -14.71 -15.88 58.68
N GLU B 19 -15.62 -15.42 59.55
CA GLU B 19 -16.96 -16.02 59.71
C GLU B 19 -17.75 -16.08 58.40
N GLU B 20 -17.61 -15.04 57.53
CA GLU B 20 -18.29 -14.95 56.24
C GLU B 20 -17.43 -15.45 55.05
N CYS B 21 -16.13 -15.68 55.29
CA CYS B 21 -15.18 -16.11 54.27
C CYS B 21 -15.09 -17.62 54.13
N GLU B 22 -15.02 -18.06 52.85
CA GLU B 22 -14.97 -19.46 52.45
C GLU B 22 -13.83 -19.72 51.46
N ILE B 23 -13.19 -20.87 51.57
CA ILE B 23 -12.09 -21.25 50.66
C ILE B 23 -12.42 -22.56 49.98
N PHE B 24 -12.32 -22.62 48.65
CA PHE B 24 -12.61 -23.85 47.91
C PHE B 24 -11.31 -24.51 47.40
N LEU B 25 -10.92 -25.66 47.97
CA LEU B 25 -9.71 -26.40 47.56
C LEU B 25 -10.14 -27.23 46.36
N VAL B 26 -9.66 -26.81 45.18
CA VAL B 26 -10.02 -27.43 43.90
C VAL B 26 -8.83 -28.24 43.35
N GLU B 27 -9.12 -29.38 42.69
CA GLU B 27 -8.08 -30.25 42.14
C GLU B 27 -7.64 -29.81 40.74
N GLY B 28 -6.52 -29.09 40.69
CA GLY B 28 -5.89 -28.54 39.50
C GLY B 28 -6.28 -27.12 39.12
N ASP B 29 -5.55 -26.56 38.15
CA ASP B 29 -5.80 -25.25 37.56
C ASP B 29 -7.01 -25.41 36.60
N SER B 30 -7.44 -26.69 36.34
CA SER B 30 -8.56 -27.18 35.51
C SER B 30 -9.95 -26.86 36.07
N ALA B 31 -10.02 -26.62 37.37
CA ALA B 31 -11.19 -26.26 38.15
C ALA B 31 -10.94 -24.88 38.79
N GLY B 32 -9.67 -24.49 38.89
CA GLY B 32 -9.22 -23.21 39.43
C GLY B 32 -9.77 -22.04 38.65
N GLY B 33 -9.51 -22.04 37.34
CA GLY B 33 -9.94 -20.99 36.43
C GLY B 33 -11.42 -20.73 36.39
N SER B 34 -12.23 -21.81 36.31
CA SER B 34 -13.70 -21.69 36.26
C SER B 34 -14.30 -21.24 37.59
N THR B 35 -13.76 -21.73 38.73
CA THR B 35 -14.23 -21.34 40.06
C THR B 35 -13.80 -19.92 40.35
N LYS B 36 -12.59 -19.50 39.89
CA LYS B 36 -12.12 -18.13 40.05
C LYS B 36 -13.06 -17.18 39.28
N SER B 37 -13.58 -17.63 38.12
CA SER B 37 -14.53 -16.86 37.29
C SER B 37 -15.93 -16.83 37.88
N GLY B 38 -16.40 -17.96 38.41
CA GLY B 38 -17.74 -18.15 38.93
C GLY B 38 -18.02 -17.70 40.34
N ARG B 39 -16.99 -17.59 41.19
CA ARG B 39 -17.12 -17.20 42.60
C ARG B 39 -17.62 -15.78 42.86
N ASP B 40 -17.96 -15.54 44.12
CA ASP B 40 -18.29 -14.22 44.65
C ASP B 40 -16.94 -13.88 45.30
N SER B 41 -16.09 -13.13 44.56
CA SER B 41 -14.73 -12.75 44.96
C SER B 41 -14.65 -11.94 46.25
N ARG B 42 -15.82 -11.54 46.79
N ARG B 42 -15.82 -11.54 46.79
CA ARG B 42 -15.96 -10.79 48.03
CA ARG B 42 -15.95 -10.80 48.03
C ARG B 42 -15.66 -11.70 49.23
C ARG B 42 -15.66 -11.70 49.24
N THR B 43 -16.28 -12.89 49.28
CA THR B 43 -16.19 -13.84 50.39
C THR B 43 -15.70 -15.25 50.04
N GLN B 44 -15.35 -15.49 48.76
CA GLN B 44 -14.91 -16.80 48.31
C GLN B 44 -13.50 -16.75 47.75
N ALA B 45 -12.61 -17.59 48.32
CA ALA B 45 -11.22 -17.74 47.92
C ALA B 45 -11.06 -19.09 47.23
N ILE B 46 -10.07 -19.21 46.33
CA ILE B 46 -9.81 -20.47 45.63
C ILE B 46 -8.36 -20.88 45.79
N LEU B 47 -8.14 -22.12 46.22
CA LEU B 47 -6.80 -22.70 46.34
C LEU B 47 -6.66 -23.90 45.39
N PRO B 48 -6.13 -23.69 44.16
CA PRO B 48 -5.96 -24.81 43.22
C PRO B 48 -4.78 -25.67 43.66
N LEU B 49 -5.00 -26.98 43.77
CA LEU B 49 -3.96 -27.93 44.19
C LEU B 49 -3.42 -28.75 43.02
N ARG B 50 -2.10 -29.00 42.98
CA ARG B 50 -1.41 -29.73 41.91
C ARG B 50 -1.55 -31.28 42.04
N GLY B 51 -2.78 -31.77 41.90
CA GLY B 51 -3.12 -33.19 41.96
C GLY B 51 -3.13 -33.80 43.35
N LYS B 52 -2.77 -35.11 43.43
CA LYS B 52 -2.71 -35.88 44.68
C LYS B 52 -1.64 -35.31 45.61
N ILE B 53 -2.01 -35.06 46.86
CA ILE B 53 -1.07 -34.61 47.88
C ILE B 53 -0.45 -35.85 48.52
N LEU B 54 0.55 -35.62 49.38
CA LEU B 54 1.27 -36.61 50.14
C LEU B 54 0.29 -37.34 51.11
N ASN B 55 0.45 -38.66 51.29
CA ASN B 55 -0.36 -39.39 52.27
C ASN B 55 0.40 -39.19 53.58
N VAL B 56 -0.14 -38.32 54.45
CA VAL B 56 0.48 -37.92 55.72
C VAL B 56 0.47 -39.05 56.78
N GLU B 57 -0.32 -40.13 56.60
CA GLU B 57 -0.32 -41.29 57.49
C GLU B 57 0.86 -42.24 57.17
N LYS B 58 1.46 -42.09 55.97
CA LYS B 58 2.63 -42.86 55.51
C LYS B 58 3.92 -42.02 55.56
N ALA B 59 3.87 -40.77 55.08
CA ALA B 59 5.01 -39.85 55.03
C ALA B 59 5.48 -39.38 56.41
N ARG B 60 6.79 -39.07 56.51
CA ARG B 60 7.44 -38.56 57.71
C ARG B 60 7.34 -37.02 57.70
N LEU B 61 7.34 -36.39 58.89
CA LEU B 61 7.17 -34.94 59.09
C LEU B 61 8.05 -34.04 58.20
N ASP B 62 9.36 -34.36 58.07
CA ASP B 62 10.29 -33.55 57.25
C ASP B 62 9.83 -33.45 55.79
N ARG B 63 9.36 -34.57 55.19
CA ARG B 63 8.84 -34.66 53.83
C ARG B 63 7.53 -33.87 53.69
N ILE B 64 6.65 -33.95 54.71
CA ILE B 64 5.34 -33.26 54.79
C ILE B 64 5.52 -31.72 54.84
N LEU B 65 6.40 -31.24 55.73
CA LEU B 65 6.67 -29.80 55.92
C LEU B 65 7.37 -29.14 54.72
N ASN B 66 8.12 -29.92 53.92
CA ASN B 66 8.80 -29.43 52.72
C ASN B 66 7.90 -29.47 51.47
N ASN B 67 6.70 -30.06 51.57
CA ASN B 67 5.76 -30.14 50.46
C ASN B 67 5.09 -28.80 50.27
N ASN B 68 5.25 -28.22 49.07
CA ASN B 68 4.75 -26.91 48.71
C ASN B 68 3.21 -26.81 48.74
N GLU B 69 2.47 -27.91 48.44
CA GLU B 69 0.98 -27.90 48.49
C GLU B 69 0.50 -27.89 49.94
N ILE B 70 1.16 -28.69 50.80
CA ILE B 70 0.88 -28.79 52.24
C ILE B 70 1.15 -27.39 52.83
N ARG B 71 2.30 -26.78 52.49
CA ARG B 71 2.73 -25.44 52.92
C ARG B 71 1.70 -24.37 52.53
N GLN B 72 1.24 -24.40 51.24
CA GLN B 72 0.25 -23.50 50.66
C GLN B 72 -1.03 -23.47 51.49
N MET B 73 -1.53 -24.67 51.88
CA MET B 73 -2.73 -24.86 52.69
C MET B 73 -2.57 -24.28 54.08
N ILE B 74 -1.44 -24.62 54.78
CA ILE B 74 -1.12 -24.12 56.12
C ILE B 74 -1.10 -22.58 56.13
N THR B 75 -0.40 -21.98 55.14
CA THR B 75 -0.29 -20.53 54.93
C THR B 75 -1.68 -19.89 54.71
N ALA B 76 -2.49 -20.47 53.80
CA ALA B 76 -3.82 -19.99 53.46
C ALA B 76 -4.80 -20.00 54.65
N PHE B 77 -4.79 -21.10 55.44
CA PHE B 77 -5.68 -21.25 56.59
C PHE B 77 -5.29 -20.32 57.76
N GLY B 78 -3.98 -20.04 57.90
CA GLY B 78 -3.43 -19.15 58.92
C GLY B 78 -3.56 -19.60 60.36
N THR B 79 -3.91 -20.88 60.56
CA THR B 79 -4.07 -21.51 61.88
C THR B 79 -2.71 -21.91 62.45
N GLY B 80 -1.86 -22.48 61.59
CA GLY B 80 -0.54 -22.98 61.94
C GLY B 80 -0.58 -24.50 62.12
N ILE B 81 0.53 -25.08 62.55
CA ILE B 81 0.65 -26.51 62.76
C ILE B 81 0.77 -26.86 64.24
N GLY B 82 0.05 -27.91 64.66
CA GLY B 82 -0.01 -28.49 66.00
C GLY B 82 0.46 -27.67 67.19
N GLY B 83 1.78 -27.55 67.33
CA GLY B 83 2.44 -26.80 68.40
C GLY B 83 2.11 -25.32 68.44
N ASP B 84 1.87 -24.72 67.26
CA ASP B 84 1.53 -23.31 67.07
C ASP B 84 0.09 -23.11 66.53
N PHE B 85 -0.71 -24.21 66.46
CA PHE B 85 -2.10 -24.16 65.99
C PHE B 85 -2.96 -23.20 66.83
N ASP B 86 -3.87 -22.49 66.16
CA ASP B 86 -4.82 -21.55 66.76
C ASP B 86 -6.08 -21.40 65.88
N LEU B 87 -7.21 -21.95 66.35
CA LEU B 87 -8.51 -21.92 65.68
C LEU B 87 -9.06 -20.48 65.52
N ALA B 88 -8.70 -19.59 66.47
CA ALA B 88 -9.09 -18.17 66.46
C ALA B 88 -8.40 -17.37 65.34
N LYS B 89 -7.29 -17.92 64.78
CA LYS B 89 -6.49 -17.33 63.71
C LYS B 89 -6.89 -17.85 62.32
N ALA B 90 -7.91 -18.75 62.24
CA ALA B 90 -8.45 -19.31 60.99
C ALA B 90 -8.99 -18.20 60.10
N ARG B 91 -8.47 -18.12 58.88
CA ARG B 91 -8.80 -17.08 57.91
C ARG B 91 -10.15 -17.31 57.18
N TYR B 92 -10.71 -18.54 57.28
CA TYR B 92 -11.97 -18.96 56.65
C TYR B 92 -12.69 -19.90 57.60
N HIS B 93 -14.02 -19.76 57.70
CA HIS B 93 -14.86 -20.62 58.53
C HIS B 93 -15.52 -21.74 57.71
N LYS B 94 -15.18 -21.80 56.40
CA LYS B 94 -15.60 -22.84 55.48
C LYS B 94 -14.43 -23.21 54.56
N ILE B 95 -13.92 -24.43 54.69
CA ILE B 95 -12.86 -24.99 53.85
C ILE B 95 -13.57 -26.08 53.08
N VAL B 96 -13.87 -25.82 51.80
CA VAL B 96 -14.64 -26.72 50.94
C VAL B 96 -13.74 -27.59 50.06
N ILE B 97 -13.72 -28.94 50.30
CA ILE B 97 -12.95 -29.90 49.49
C ILE B 97 -13.80 -30.16 48.22
N MET B 98 -13.37 -29.58 47.10
CA MET B 98 -14.08 -29.71 45.83
C MET B 98 -13.38 -30.71 44.93
N THR B 99 -14.00 -31.87 44.72
CA THR B 99 -13.45 -32.95 43.89
C THR B 99 -14.49 -33.41 42.85
N ASP B 100 -14.05 -34.26 41.90
CA ASP B 100 -14.94 -34.82 40.89
C ASP B 100 -15.53 -36.12 41.44
N ALA B 101 -16.66 -36.55 40.86
CA ALA B 101 -17.32 -37.79 41.23
C ALA B 101 -16.72 -38.95 40.43
N ASP B 102 -15.42 -39.24 40.67
CA ASP B 102 -14.65 -40.28 39.99
C ASP B 102 -13.56 -40.90 40.87
N VAL B 103 -12.82 -41.87 40.32
CA VAL B 103 -11.74 -42.60 40.98
C VAL B 103 -10.69 -41.68 41.62
N ASP B 104 -10.19 -40.71 40.85
CA ASP B 104 -9.15 -39.77 41.28
C ASP B 104 -9.68 -38.73 42.28
N GLY B 105 -10.92 -38.28 42.07
CA GLY B 105 -11.61 -37.34 42.96
C GLY B 105 -11.78 -37.93 44.34
N ALA B 106 -12.21 -39.21 44.41
CA ALA B 106 -12.40 -40.00 45.62
C ALA B 106 -11.09 -40.11 46.42
N HIS B 107 -9.97 -40.45 45.73
CA HIS B 107 -8.66 -40.55 46.37
C HIS B 107 -8.19 -39.20 46.93
N ILE B 108 -8.39 -38.10 46.17
CA ILE B 108 -8.02 -36.74 46.59
C ILE B 108 -8.76 -36.36 47.86
N ARG B 109 -10.06 -36.73 47.94
CA ARG B 109 -10.94 -36.52 49.09
C ARG B 109 -10.34 -37.21 50.32
N THR B 110 -9.91 -38.50 50.18
CA THR B 110 -9.34 -39.28 51.28
C THR B 110 -7.99 -38.73 51.75
N LEU B 111 -7.12 -38.31 50.81
CA LEU B 111 -5.80 -37.75 51.15
C LEU B 111 -5.94 -36.41 51.88
N LEU B 112 -6.88 -35.56 51.42
CA LEU B 112 -7.13 -34.26 52.05
C LEU B 112 -7.71 -34.40 53.45
N LEU B 113 -8.69 -35.28 53.63
CA LEU B 113 -9.30 -35.54 54.94
C LEU B 113 -8.28 -36.11 55.93
N THR B 114 -7.30 -36.88 55.43
CA THR B 114 -6.20 -37.47 56.19
C THR B 114 -5.27 -36.37 56.72
N PHE B 115 -4.98 -35.37 55.87
CA PHE B 115 -4.15 -34.22 56.24
C PHE B 115 -4.85 -33.41 57.35
N PHE B 116 -6.14 -33.09 57.16
CA PHE B 116 -6.93 -32.35 58.14
C PHE B 116 -7.12 -33.13 59.42
N TYR B 117 -7.22 -34.46 59.35
CA TYR B 117 -7.40 -35.24 60.57
C TYR B 117 -6.13 -35.32 61.42
N ARG B 118 -4.98 -35.50 60.77
CA ARG B 118 -3.70 -35.64 61.46
C ARG B 118 -3.03 -34.32 61.85
N PHE B 119 -3.24 -33.24 61.07
CA PHE B 119 -2.56 -31.97 61.32
C PHE B 119 -3.45 -30.79 61.71
N MET B 120 -4.76 -30.81 61.35
CA MET B 120 -5.69 -29.73 61.67
C MET B 120 -7.06 -30.23 62.20
N ARG B 121 -7.05 -31.25 63.11
CA ARG B 121 -8.28 -31.83 63.68
C ARG B 121 -9.28 -30.80 64.25
N PRO B 122 -8.89 -29.77 65.07
CA PRO B 122 -9.93 -28.84 65.58
C PRO B 122 -10.74 -28.13 64.51
N LEU B 123 -10.20 -28.04 63.28
CA LEU B 123 -10.87 -27.44 62.11
C LEU B 123 -12.11 -28.27 61.73
N ILE B 124 -12.01 -29.62 61.84
CA ILE B 124 -13.12 -30.53 61.56
C ILE B 124 -14.09 -30.40 62.72
N GLU B 125 -13.56 -30.43 63.97
CA GLU B 125 -14.31 -30.32 65.23
C GLU B 125 -15.16 -29.05 65.28
N ALA B 126 -14.66 -27.93 64.69
CA ALA B 126 -15.36 -26.64 64.63
C ALA B 126 -16.41 -26.59 63.50
N GLY B 127 -16.48 -27.65 62.70
CA GLY B 127 -17.41 -27.75 61.58
C GLY B 127 -17.06 -26.85 60.42
N TYR B 128 -15.76 -26.54 60.26
CA TYR B 128 -15.26 -25.68 59.18
C TYR B 128 -15.00 -26.46 57.89
N VAL B 129 -14.79 -27.79 57.96
CA VAL B 129 -14.47 -28.58 56.76
C VAL B 129 -15.74 -29.12 56.11
N TYR B 130 -15.88 -28.85 54.80
CA TYR B 130 -17.03 -29.22 53.96
C TYR B 130 -16.57 -30.02 52.73
N ILE B 131 -17.51 -30.76 52.12
CA ILE B 131 -17.28 -31.55 50.93
C ILE B 131 -18.29 -31.17 49.85
N ALA B 132 -17.80 -30.90 48.63
CA ALA B 132 -18.60 -30.57 47.46
C ALA B 132 -18.09 -31.36 46.24
N GLN B 133 -19.03 -31.74 45.39
CA GLN B 133 -18.75 -32.46 44.14
C GLN B 133 -19.75 -32.02 43.05
N PRO B 134 -19.53 -32.35 41.75
CA PRO B 134 -20.50 -31.90 40.74
C PRO B 134 -21.92 -32.42 40.99
N PRO B 135 -22.98 -31.68 40.61
CA PRO B 135 -24.34 -32.22 40.75
C PRO B 135 -24.60 -33.31 39.70
N THR B 136 -25.67 -34.09 39.87
CA THR B 136 -26.02 -35.15 38.92
C THR B 136 -26.28 -34.54 37.55
N GLY B 137 -25.64 -35.11 36.54
CA GLY B 137 -25.70 -34.64 35.16
C GLY B 137 -24.31 -34.38 34.65
N TYR B 138 -23.34 -34.23 35.58
CA TYR B 138 -21.90 -34.08 35.36
C TYR B 138 -21.13 -35.13 36.19
N LYS B 139 -19.90 -35.44 35.79
CA LYS B 139 -19.00 -36.35 36.51
C LYS B 139 -17.82 -35.53 37.09
N GLY B 140 -17.36 -34.55 36.32
CA GLY B 140 -16.26 -33.66 36.67
C GLY B 140 -16.59 -32.18 36.68
N LEU B 141 -15.89 -31.44 37.55
CA LEU B 141 -16.04 -29.99 37.68
C LEU B 141 -15.62 -29.22 36.41
N GLY B 142 -14.71 -29.81 35.64
CA GLY B 142 -14.24 -29.25 34.38
C GLY B 142 -15.26 -29.30 33.27
N GLU B 143 -16.33 -30.12 33.44
CA GLU B 143 -17.44 -30.27 32.46
C GLU B 143 -18.38 -29.08 32.52
N MET B 144 -18.41 -28.39 33.67
CA MET B 144 -19.33 -27.30 33.99
C MET B 144 -18.91 -25.92 33.52
N ASN B 145 -19.90 -25.08 33.12
CA ASN B 145 -19.65 -23.68 32.79
C ASN B 145 -19.62 -22.96 34.12
N ALA B 146 -18.84 -21.87 34.23
CA ALA B 146 -18.69 -21.09 35.45
C ALA B 146 -20.02 -20.64 36.10
N ASP B 147 -21.03 -20.30 35.28
CA ASP B 147 -22.36 -19.91 35.75
C ASP B 147 -23.07 -21.07 36.46
N GLN B 148 -22.96 -22.30 35.93
CA GLN B 148 -23.55 -23.49 36.55
C GLN B 148 -22.76 -23.90 37.77
N LEU B 149 -21.43 -23.72 37.72
CA LEU B 149 -20.52 -23.96 38.83
C LEU B 149 -20.92 -23.04 39.99
N TRP B 150 -21.26 -21.78 39.67
CA TRP B 150 -21.74 -20.83 40.67
C TRP B 150 -23.13 -21.25 41.20
N GLU B 151 -24.15 -21.29 40.33
CA GLU B 151 -25.55 -21.56 40.65
C GLU B 151 -25.82 -22.87 41.38
N THR B 152 -25.01 -23.92 41.17
CA THR B 152 -25.24 -25.22 41.79
C THR B 152 -24.25 -25.60 42.90
N THR B 153 -23.01 -25.05 42.84
CA THR B 153 -21.97 -25.49 43.75
C THR B 153 -21.42 -24.41 44.68
N MET B 154 -21.51 -23.15 44.26
CA MET B 154 -20.91 -22.06 45.04
C MET B 154 -21.91 -21.07 45.63
N ASN B 155 -23.07 -20.86 44.98
CA ASN B 155 -24.09 -19.93 45.43
C ASN B 155 -24.69 -20.36 46.77
N PRO B 156 -24.39 -19.63 47.89
CA PRO B 156 -24.98 -20.02 49.20
C PRO B 156 -26.50 -20.10 49.23
N GLU B 157 -27.16 -19.44 48.26
CA GLU B 157 -28.60 -19.39 48.07
C GLU B 157 -29.21 -20.76 47.81
N HIS B 158 -28.50 -21.60 47.03
CA HIS B 158 -28.90 -22.94 46.62
C HIS B 158 -27.70 -23.82 46.19
N ARG B 159 -26.99 -24.39 47.18
CA ARG B 159 -25.84 -25.26 46.90
C ARG B 159 -25.95 -26.59 47.64
N ALA B 160 -24.97 -27.47 47.48
CA ALA B 160 -25.01 -28.78 48.14
C ALA B 160 -23.71 -29.09 48.87
N LEU B 161 -23.45 -28.45 50.02
CA LEU B 161 -22.22 -28.71 50.78
C LEU B 161 -22.51 -29.69 51.89
N LEU B 162 -21.60 -30.65 52.11
CA LEU B 162 -21.70 -31.63 53.18
C LEU B 162 -20.69 -31.27 54.26
N GLN B 163 -21.16 -30.97 55.47
CA GLN B 163 -20.29 -30.63 56.59
C GLN B 163 -19.67 -31.91 57.15
N VAL B 164 -18.34 -31.94 57.25
CA VAL B 164 -17.63 -33.10 57.77
C VAL B 164 -17.73 -33.06 59.30
N LYS B 165 -18.26 -34.13 59.88
CA LYS B 165 -18.44 -34.26 61.33
C LYS B 165 -17.60 -35.39 61.93
N LEU B 166 -16.97 -35.11 63.09
CA LEU B 166 -16.18 -36.07 63.86
C LEU B 166 -17.07 -36.55 65.00
N GLU B 167 -17.63 -37.77 64.85
CA GLU B 167 -18.59 -38.37 65.78
C GLU B 167 -17.97 -39.28 66.84
N ASP B 168 -16.99 -40.10 66.46
CA ASP B 168 -16.27 -41.01 67.35
C ASP B 168 -14.78 -40.92 67.02
N ALA B 169 -13.99 -40.38 67.96
CA ALA B 169 -12.53 -40.19 67.83
C ALA B 169 -11.77 -41.52 67.70
N ILE B 170 -12.15 -42.56 68.48
CA ILE B 170 -11.53 -43.88 68.45
C ILE B 170 -11.77 -44.55 67.08
N GLU B 171 -13.03 -44.54 66.60
CA GLU B 171 -13.44 -45.12 65.31
C GLU B 171 -12.72 -44.45 64.13
N ALA B 172 -12.57 -43.10 64.20
CA ALA B 172 -11.90 -42.31 63.18
C ALA B 172 -10.41 -42.63 63.13
N ASP B 173 -9.73 -42.67 64.30
CA ASP B 173 -8.31 -43.02 64.42
C ASP B 173 -8.03 -44.39 63.79
N GLN B 174 -8.95 -45.36 64.02
CA GLN B 174 -8.88 -46.72 63.51
C GLN B 174 -9.07 -46.75 62.00
N THR B 175 -10.07 -45.98 61.48
CA THR B 175 -10.41 -45.86 60.07
C THR B 175 -9.23 -45.29 59.25
N PHE B 176 -8.63 -44.18 59.73
CA PHE B 176 -7.50 -43.53 59.07
C PHE B 176 -6.24 -44.41 59.08
N GLU B 177 -6.01 -45.18 60.16
CA GLU B 177 -4.86 -46.08 60.26
C GLU B 177 -5.03 -47.29 59.34
N MET B 178 -6.26 -47.85 59.28
CA MET B 178 -6.58 -49.01 58.44
C MET B 178 -6.51 -48.67 56.95
N LEU B 179 -7.15 -47.57 56.54
CA LEU B 179 -7.23 -47.15 55.14
C LEU B 179 -5.97 -46.48 54.59
N MET B 180 -5.34 -45.59 55.37
CA MET B 180 -4.21 -44.78 54.91
C MET B 180 -2.83 -45.16 55.47
N GLY B 181 -2.77 -46.05 56.46
CA GLY B 181 -1.54 -46.49 57.11
C GLY B 181 -0.66 -47.43 56.31
N ASP B 182 0.48 -47.81 56.91
CA ASP B 182 1.51 -48.68 56.30
C ASP B 182 1.13 -50.17 56.14
N VAL B 183 0.18 -50.70 56.95
CA VAL B 183 -0.20 -52.11 56.89
C VAL B 183 -1.26 -52.39 55.80
N VAL B 184 -0.80 -52.90 54.64
CA VAL B 184 -1.60 -53.23 53.47
C VAL B 184 -2.73 -54.24 53.78
N GLU B 185 -2.43 -55.29 54.59
CA GLU B 185 -3.38 -56.35 54.94
C GLU B 185 -4.72 -55.86 55.54
N ASN B 186 -4.68 -54.84 56.42
CA ASN B 186 -5.91 -54.29 57.05
C ASN B 186 -6.81 -53.66 56.00
N ARG B 187 -6.19 -52.97 55.04
CA ARG B 187 -6.85 -52.34 53.90
C ARG B 187 -7.40 -53.44 52.97
N ARG B 188 -6.58 -54.47 52.64
CA ARG B 188 -6.98 -55.59 51.79
C ARG B 188 -8.21 -56.29 52.38
N GLN B 189 -8.21 -56.52 53.71
CA GLN B 189 -9.31 -57.16 54.42
C GLN B 189 -10.56 -56.29 54.37
N PHE B 190 -10.41 -54.97 54.56
CA PHE B 190 -11.52 -54.03 54.48
C PHE B 190 -12.18 -54.10 53.09
N ILE B 191 -11.35 -54.12 52.02
CA ILE B 191 -11.80 -54.19 50.62
C ILE B 191 -12.56 -55.50 50.40
N GLU B 192 -11.95 -56.64 50.85
CA GLU B 192 -12.52 -57.99 50.76
C GLU B 192 -13.87 -58.07 51.47
N ASP B 193 -13.96 -57.52 52.70
CA ASP B 193 -15.17 -57.51 53.54
C ASP B 193 -16.29 -56.60 53.04
N ASN B 194 -15.95 -55.47 52.38
CA ASN B 194 -16.95 -54.49 51.95
C ASN B 194 -17.14 -54.35 50.44
N ALA B 195 -16.56 -55.27 49.64
CA ALA B 195 -16.63 -55.28 48.16
C ALA B 195 -18.05 -55.49 47.60
N VAL B 196 -18.51 -54.57 46.72
CA VAL B 196 -19.83 -54.66 46.07
C VAL B 196 -19.72 -54.60 44.55
N ASN C 9 29.66 -38.33 -2.02
CA ASN C 9 28.95 -37.14 -2.48
C ASN C 9 29.24 -35.94 -1.58
N GLU C 10 29.25 -34.73 -2.17
CA GLU C 10 29.52 -33.47 -1.50
C GLU C 10 28.43 -32.41 -1.76
N ARG C 11 28.34 -31.40 -0.86
CA ARG C 11 27.37 -30.31 -0.94
C ARG C 11 27.98 -29.00 -0.46
N ASN C 12 27.76 -27.91 -1.22
CA ASN C 12 28.20 -26.57 -0.88
C ASN C 12 27.36 -26.06 0.31
N ILE C 13 28.03 -25.55 1.36
CA ILE C 13 27.39 -25.04 2.59
C ILE C 13 26.31 -23.99 2.28
N THR C 14 26.60 -23.08 1.31
CA THR C 14 25.73 -22.01 0.84
C THR C 14 24.46 -22.59 0.18
N SER C 15 24.63 -23.56 -0.75
CA SER C 15 23.54 -24.23 -1.45
C SER C 15 22.64 -24.94 -0.46
N GLU C 16 23.24 -25.67 0.50
CA GLU C 16 22.49 -26.38 1.53
C GLU C 16 21.71 -25.45 2.43
N MET C 17 22.36 -24.38 2.93
CA MET C 17 21.73 -23.38 3.80
C MET C 17 20.51 -22.75 3.15
N ARG C 18 20.66 -22.28 1.90
CA ARG C 18 19.61 -21.67 1.10
C ARG C 18 18.44 -22.63 0.87
N GLU C 19 18.74 -23.88 0.47
CA GLU C 19 17.75 -24.92 0.22
C GLU C 19 16.97 -25.31 1.47
N SER C 20 17.67 -25.55 2.59
CA SER C 20 17.04 -25.96 3.84
C SER C 20 16.24 -24.84 4.49
N PHE C 21 16.76 -23.60 4.44
CA PHE C 21 16.06 -22.46 5.03
C PHE C 21 14.79 -22.13 4.27
N LEU C 22 14.82 -22.29 2.94
CA LEU C 22 13.69 -22.04 2.07
C LEU C 22 12.58 -23.07 2.31
N ASP C 23 12.95 -24.36 2.44
CA ASP C 23 12.02 -25.48 2.70
C ASP C 23 11.25 -25.27 4.01
N TYR C 24 11.98 -24.88 5.06
CA TYR C 24 11.46 -24.57 6.40
C TYR C 24 10.54 -23.34 6.35
N ALA C 25 11.06 -22.20 5.82
CA ALA C 25 10.35 -20.93 5.73
C ALA C 25 9.03 -21.02 4.98
N MET C 26 9.02 -21.64 3.79
CA MET C 26 7.81 -21.74 2.97
C MET C 26 6.76 -22.65 3.59
N SER C 27 7.19 -23.69 4.33
CA SER C 27 6.31 -24.61 5.05
C SER C 27 5.59 -23.92 6.22
N VAL C 28 6.31 -23.07 6.99
CA VAL C 28 5.72 -22.30 8.09
C VAL C 28 4.72 -21.27 7.50
N ILE C 29 5.10 -20.63 6.38
CA ILE C 29 4.29 -19.63 5.69
C ILE C 29 2.98 -20.19 5.13
N VAL C 30 3.05 -21.18 4.22
CA VAL C 30 1.93 -21.76 3.49
C VAL C 30 1.17 -22.84 4.27
N ALA C 31 1.86 -23.56 5.20
CA ALA C 31 1.22 -24.69 5.88
C ALA C 31 1.29 -24.66 7.42
N ARG C 32 1.25 -23.46 8.05
CA ARG C 32 1.29 -23.39 9.52
C ARG C 32 0.78 -22.07 10.13
N ALA C 33 1.58 -20.99 9.97
CA ALA C 33 1.44 -19.68 10.65
C ALA C 33 0.48 -18.67 10.05
N LEU C 34 0.24 -18.71 8.73
CA LEU C 34 -0.61 -17.69 8.09
C LEU C 34 -1.97 -18.18 7.62
N PRO C 35 -3.00 -17.31 7.66
CA PRO C 35 -4.34 -17.73 7.19
C PRO C 35 -4.52 -17.52 5.68
N ASP C 36 -5.48 -18.27 5.09
CA ASP C 36 -5.86 -18.13 3.68
C ASP C 36 -6.83 -16.94 3.63
N VAL C 37 -6.71 -16.06 2.61
CA VAL C 37 -7.57 -14.89 2.46
C VAL C 37 -9.09 -15.23 2.33
N ARG C 38 -9.40 -16.35 1.66
CA ARG C 38 -10.75 -16.82 1.34
C ARG C 38 -11.57 -17.22 2.55
N ASP C 39 -11.03 -18.11 3.43
CA ASP C 39 -11.75 -18.59 4.63
C ASP C 39 -11.21 -18.06 5.97
N GLY C 40 -10.03 -17.44 5.94
CA GLY C 40 -9.39 -16.84 7.10
C GLY C 40 -8.81 -17.83 8.10
N LEU C 41 -8.58 -19.06 7.63
CA LEU C 41 -8.09 -20.15 8.46
C LEU C 41 -6.67 -20.60 8.16
N LYS C 42 -5.97 -20.96 9.24
CA LYS C 42 -4.65 -21.56 9.24
C LYS C 42 -4.92 -23.09 9.14
N PRO C 43 -4.00 -23.95 8.63
CA PRO C 43 -4.30 -25.41 8.49
C PRO C 43 -4.93 -26.10 9.71
N VAL C 44 -4.41 -25.86 10.94
CA VAL C 44 -4.90 -26.50 12.15
C VAL C 44 -6.38 -26.17 12.44
N HIS C 45 -6.77 -24.92 12.23
CA HIS C 45 -8.14 -24.44 12.46
C HIS C 45 -9.12 -25.04 11.44
N ARG C 46 -8.69 -25.12 10.16
CA ARG C 46 -9.49 -25.69 9.09
C ARG C 46 -9.78 -27.15 9.38
N ARG C 47 -8.77 -27.86 9.91
CA ARG C 47 -8.84 -29.28 10.27
C ARG C 47 -9.79 -29.55 11.42
N ILE C 48 -9.78 -28.68 12.44
CA ILE C 48 -10.68 -28.79 13.58
C ILE C 48 -12.12 -28.70 13.09
N LEU C 49 -12.43 -27.68 12.29
CA LEU C 49 -13.75 -27.42 11.73
C LEU C 49 -14.23 -28.49 10.77
N TYR C 50 -13.32 -29.00 9.93
CA TYR C 50 -13.63 -30.09 9.01
C TYR C 50 -13.92 -31.36 9.81
N GLY C 51 -13.10 -31.59 10.85
CA GLY C 51 -13.23 -32.72 11.77
C GLY C 51 -14.59 -32.71 12.44
N LEU C 52 -15.05 -31.53 12.91
CA LEU C 52 -16.36 -31.37 13.55
C LEU C 52 -17.48 -31.65 12.56
N ASN C 53 -17.27 -31.33 11.28
CA ASN C 53 -18.24 -31.54 10.22
C ASN C 53 -18.40 -33.04 9.93
N GLU C 54 -17.28 -33.75 9.72
CA GLU C 54 -17.25 -35.18 9.42
C GLU C 54 -17.75 -36.04 10.57
N GLN C 55 -17.52 -35.59 11.82
CA GLN C 55 -17.98 -36.30 13.01
C GLN C 55 -19.43 -35.92 13.40
N GLY C 56 -20.08 -35.11 12.56
CA GLY C 56 -21.45 -34.64 12.73
C GLY C 56 -21.72 -33.90 14.02
N MET C 57 -20.72 -33.14 14.49
CA MET C 57 -20.80 -32.38 15.73
C MET C 57 -21.41 -30.99 15.50
N THR C 58 -22.60 -31.01 14.90
CA THR C 58 -23.38 -29.85 14.50
C THR C 58 -24.10 -29.21 15.70
N PRO C 59 -24.56 -27.93 15.59
CA PRO C 59 -25.26 -27.30 16.74
C PRO C 59 -26.48 -28.04 17.29
N ASP C 60 -27.23 -28.77 16.44
CA ASP C 60 -28.47 -29.49 16.78
C ASP C 60 -28.27 -30.84 17.53
N LYS C 61 -27.04 -31.36 17.55
CA LYS C 61 -26.71 -32.62 18.23
C LYS C 61 -26.01 -32.29 19.57
N SER C 62 -25.99 -33.26 20.49
CA SER C 62 -25.43 -33.08 21.83
C SER C 62 -23.91 -32.96 21.82
N TYR C 63 -23.33 -32.32 22.87
CA TYR C 63 -21.90 -32.11 22.99
C TYR C 63 -21.13 -33.43 23.04
N LYS C 64 -19.90 -33.41 22.59
CA LYS C 64 -19.03 -34.57 22.67
C LYS C 64 -17.78 -34.07 23.35
N LYS C 65 -17.07 -34.93 24.05
CA LYS C 65 -15.84 -34.56 24.73
C LYS C 65 -14.79 -34.03 23.73
N SER C 66 -13.94 -33.12 24.19
CA SER C 66 -12.89 -32.54 23.35
C SER C 66 -11.87 -33.57 22.87
N ALA C 67 -11.60 -34.59 23.71
CA ALA C 67 -10.70 -35.70 23.42
C ALA C 67 -11.17 -36.44 22.18
N ARG C 68 -12.49 -36.63 22.03
CA ARG C 68 -13.09 -37.30 20.86
C ARG C 68 -12.83 -36.51 19.57
N ILE C 69 -12.85 -35.17 19.67
CA ILE C 69 -12.56 -34.30 18.52
C ILE C 69 -11.05 -34.28 18.23
N VAL C 70 -10.24 -33.88 19.23
CA VAL C 70 -8.78 -33.77 19.13
C VAL C 70 -8.16 -35.04 18.53
N GLY C 71 -8.48 -36.19 19.11
CA GLY C 71 -7.99 -37.50 18.66
C GLY C 71 -8.27 -37.78 17.20
N ASP C 72 -9.49 -37.43 16.73
CA ASP C 72 -9.91 -37.60 15.33
C ASP C 72 -9.10 -36.72 14.40
N VAL C 73 -8.95 -35.44 14.77
CA VAL C 73 -8.22 -34.43 14.00
C VAL C 73 -6.73 -34.82 13.94
N MET C 74 -6.17 -35.28 15.07
CA MET C 74 -4.77 -35.65 15.21
C MET C 74 -4.39 -36.83 14.31
N GLY C 75 -5.21 -37.87 14.37
CA GLY C 75 -5.01 -39.09 13.61
C GLY C 75 -5.33 -38.99 12.14
N LYS C 76 -6.40 -38.27 11.80
CA LYS C 76 -6.81 -38.13 10.41
C LYS C 76 -6.17 -36.99 9.63
N TYR C 77 -5.89 -35.84 10.27
CA TYR C 77 -5.42 -34.65 9.53
C TYR C 77 -4.16 -33.95 10.06
N HIS C 78 -3.97 -33.88 11.38
CA HIS C 78 -2.90 -33.08 11.98
C HIS C 78 -1.94 -33.93 12.84
N PRO C 79 -0.92 -34.56 12.22
CA PRO C 79 0.00 -35.40 13.00
C PRO C 79 1.07 -34.60 13.76
N HIS C 80 0.60 -33.83 14.76
CA HIS C 80 1.42 -33.00 15.63
C HIS C 80 0.89 -33.18 17.04
N GLY C 81 1.49 -32.52 18.04
CA GLY C 81 1.04 -32.65 19.42
C GLY C 81 -0.43 -32.32 19.58
N ASP C 82 -1.18 -33.21 20.26
CA ASP C 82 -2.61 -33.06 20.55
C ASP C 82 -2.95 -31.74 21.30
N SER C 83 -1.96 -31.14 21.99
CA SER C 83 -2.15 -29.89 22.70
C SER C 83 -2.28 -28.72 21.72
N SER C 84 -1.54 -28.76 20.60
CA SER C 84 -1.63 -27.74 19.56
C SER C 84 -3.07 -27.65 19.02
N ILE C 85 -3.73 -28.83 18.81
CA ILE C 85 -5.11 -28.94 18.32
C ILE C 85 -6.08 -28.44 19.38
N TYR C 86 -5.92 -28.94 20.61
CA TYR C 86 -6.81 -28.56 21.70
C TYR C 86 -6.73 -27.06 22.01
N GLU C 87 -5.51 -26.51 22.11
CA GLU C 87 -5.29 -25.08 22.37
C GLU C 87 -5.95 -24.18 21.32
N ALA C 88 -5.84 -24.54 20.05
CA ALA C 88 -6.46 -23.81 18.94
C ALA C 88 -7.99 -23.89 18.97
N MET C 89 -8.56 -25.04 19.38
CA MET C 89 -10.00 -25.25 19.50
C MET C 89 -10.61 -24.47 20.67
N VAL C 90 -9.87 -24.41 21.80
CA VAL C 90 -10.24 -23.70 23.03
C VAL C 90 -10.43 -22.22 22.69
N ARG C 91 -9.46 -21.62 21.98
CA ARG C 91 -9.51 -20.22 21.59
C ARG C 91 -10.73 -19.92 20.74
N MET C 92 -11.07 -20.84 19.80
CA MET C 92 -12.25 -20.74 18.92
C MET C 92 -13.58 -20.70 19.68
N ALA C 93 -13.59 -21.20 20.93
CA ALA C 93 -14.74 -21.27 21.82
C ALA C 93 -14.77 -20.11 22.82
N GLN C 94 -13.71 -19.26 22.85
CA GLN C 94 -13.63 -18.11 23.75
C GLN C 94 -14.28 -16.85 23.17
N ASP C 95 -15.32 -16.34 23.85
CA ASP C 95 -16.06 -15.17 23.43
C ASP C 95 -15.26 -13.86 23.61
N PHE C 96 -14.12 -13.92 24.31
CA PHE C 96 -13.24 -12.77 24.51
C PHE C 96 -12.08 -12.82 23.51
N SER C 97 -11.95 -13.92 22.75
CA SER C 97 -10.90 -14.12 21.73
C SER C 97 -11.48 -14.02 20.32
N TYR C 98 -12.65 -14.66 20.11
CA TYR C 98 -13.34 -14.71 18.83
C TYR C 98 -14.56 -13.82 18.82
N ARG C 99 -14.60 -12.86 17.87
CA ARG C 99 -15.68 -11.90 17.67
C ARG C 99 -16.96 -12.67 17.33
N TYR C 100 -16.81 -13.77 16.56
CA TYR C 100 -17.87 -14.69 16.18
C TYR C 100 -17.32 -16.09 16.49
N PRO C 101 -17.49 -16.58 17.75
CA PRO C 101 -16.91 -17.89 18.12
C PRO C 101 -17.31 -19.02 17.19
N LEU C 102 -16.33 -19.86 16.85
CA LEU C 102 -16.48 -20.96 15.92
C LEU C 102 -16.77 -22.30 16.61
N VAL C 103 -16.43 -22.39 17.90
CA VAL C 103 -16.65 -23.60 18.71
C VAL C 103 -17.61 -23.27 19.85
N ASP C 104 -18.58 -24.16 20.06
CA ASP C 104 -19.56 -24.08 21.13
C ASP C 104 -19.06 -25.07 22.22
N GLY C 105 -18.40 -24.52 23.23
CA GLY C 105 -17.81 -25.29 24.32
C GLY C 105 -18.63 -25.31 25.58
N GLN C 106 -18.61 -26.44 26.27
CA GLN C 106 -19.24 -26.64 27.56
C GLN C 106 -18.16 -27.02 28.54
N GLY C 107 -18.02 -26.23 29.59
CA GLY C 107 -17.01 -26.49 30.60
C GLY C 107 -16.01 -25.37 30.68
N ASN C 108 -14.88 -25.64 31.33
CA ASN C 108 -13.83 -24.64 31.51
C ASN C 108 -13.01 -24.50 30.25
N PHE C 109 -13.23 -23.40 29.50
CA PHE C 109 -12.52 -23.08 28.27
C PHE C 109 -11.57 -21.91 28.44
N GLY C 110 -11.13 -21.69 29.68
CA GLY C 110 -10.20 -20.60 29.99
C GLY C 110 -10.88 -19.27 30.30
N SER C 111 -10.09 -18.31 30.81
CA SER C 111 -10.57 -16.99 31.20
C SER C 111 -9.73 -15.83 30.64
N MET C 112 -10.26 -14.60 30.77
CA MET C 112 -9.62 -13.32 30.41
C MET C 112 -8.33 -13.06 31.23
N ASP C 113 -8.15 -13.76 32.38
CA ASP C 113 -6.97 -13.64 33.25
C ASP C 113 -5.87 -14.66 32.90
N GLY C 114 -5.99 -15.27 31.72
CA GLY C 114 -5.02 -16.23 31.20
C GLY C 114 -5.03 -17.59 31.85
N ASP C 115 -6.14 -17.95 32.52
CA ASP C 115 -6.28 -19.26 33.15
C ASP C 115 -6.56 -20.22 32.01
N GLY C 116 -5.91 -21.38 32.04
CA GLY C 116 -6.06 -22.38 30.97
C GLY C 116 -7.38 -23.11 31.01
N ALA C 117 -7.69 -23.82 29.91
CA ALA C 117 -8.89 -24.64 29.81
C ALA C 117 -8.65 -25.94 30.58
N ALA C 118 -9.73 -26.63 31.01
CA ALA C 118 -9.60 -27.92 31.70
C ALA C 118 -9.05 -28.98 30.72
N ALA C 119 -8.57 -30.15 31.21
CA ALA C 119 -8.06 -31.23 30.34
C ALA C 119 -9.15 -31.63 29.34
N MET C 120 -8.74 -31.93 28.12
CA MET C 120 -9.63 -32.23 26.99
C MET C 120 -10.62 -33.37 27.25
N ARG C 121 -10.34 -34.24 28.25
CA ARG C 121 -11.22 -35.34 28.68
C ARG C 121 -12.40 -34.82 29.56
N TYR C 122 -12.29 -33.57 30.07
CA TYR C 122 -13.32 -32.94 30.89
C TYR C 122 -14.23 -32.05 30.05
N THR C 123 -13.66 -31.29 29.14
CA THR C 123 -14.46 -30.38 28.35
C THR C 123 -15.18 -31.06 27.17
N GLU C 124 -16.35 -30.51 26.82
CA GLU C 124 -17.20 -30.93 25.70
C GLU C 124 -17.25 -29.78 24.65
N ALA C 125 -17.48 -30.13 23.39
CA ALA C 125 -17.59 -29.17 22.29
C ALA C 125 -18.50 -29.64 21.16
N ARG C 126 -18.84 -28.68 20.29
CA ARG C 126 -19.60 -28.81 19.05
C ARG C 126 -19.47 -27.50 18.29
N MET C 127 -19.90 -27.51 17.03
CA MET C 127 -19.89 -26.34 16.17
C MET C 127 -20.88 -25.31 16.67
N THR C 128 -20.61 -24.01 16.32
CA THR C 128 -21.54 -22.92 16.57
C THR C 128 -22.40 -22.86 15.30
N LYS C 129 -23.55 -22.16 15.35
CA LYS C 129 -24.44 -22.01 14.20
C LYS C 129 -23.74 -21.29 13.04
N ILE C 130 -22.85 -20.32 13.37
CA ILE C 130 -22.09 -19.56 12.38
C ILE C 130 -21.04 -20.44 11.66
N THR C 131 -20.56 -21.53 12.30
CA THR C 131 -19.57 -22.45 11.73
C THR C 131 -20.22 -23.28 10.63
N LEU C 132 -21.55 -23.50 10.73
CA LEU C 132 -22.32 -24.20 9.69
C LEU C 132 -22.13 -23.47 8.37
N GLU C 133 -22.13 -22.12 8.43
CA GLU C 133 -21.92 -21.22 7.29
C GLU C 133 -20.50 -21.29 6.70
N LEU C 134 -19.47 -21.63 7.50
CA LEU C 134 -18.11 -21.81 6.98
C LEU C 134 -18.03 -23.08 6.11
N LEU C 135 -18.77 -24.10 6.52
CA LEU C 135 -18.81 -25.43 5.90
C LEU C 135 -19.94 -25.61 4.88
N ARG C 136 -20.89 -24.69 4.81
CA ARG C 136 -22.04 -24.79 3.90
C ARG C 136 -21.60 -25.04 2.45
N ASP C 137 -22.17 -26.08 1.80
CA ASP C 137 -21.95 -26.52 0.41
C ASP C 137 -20.57 -27.18 0.15
N ILE C 138 -19.84 -27.60 1.21
CA ILE C 138 -18.55 -28.28 1.08
C ILE C 138 -18.63 -29.61 0.26
N ASN C 139 -19.81 -30.30 0.27
CA ASN C 139 -20.00 -31.56 -0.45
C ASN C 139 -20.79 -31.36 -1.77
N LYS C 140 -20.63 -30.18 -2.38
CA LYS C 140 -21.28 -29.80 -3.62
C LYS C 140 -20.23 -29.28 -4.60
N ASP C 141 -19.01 -29.89 -4.55
CA ASP C 141 -17.86 -29.58 -5.39
C ASP C 141 -17.59 -28.06 -5.48
N THR C 142 -17.70 -27.35 -4.34
CA THR C 142 -17.49 -25.91 -4.27
C THR C 142 -16.02 -25.56 -4.07
N ILE C 143 -15.29 -26.42 -3.33
CA ILE C 143 -13.85 -26.24 -3.04
C ILE C 143 -13.06 -27.49 -3.45
N ASP C 144 -11.73 -27.36 -3.58
CA ASP C 144 -10.86 -28.48 -3.92
C ASP C 144 -10.41 -29.28 -2.71
N PHE C 145 -10.58 -30.61 -2.78
CA PHE C 145 -10.10 -31.51 -1.75
C PHE C 145 -8.72 -31.99 -2.12
N ILE C 146 -7.87 -32.18 -1.11
CA ILE C 146 -6.50 -32.68 -1.26
C ILE C 146 -6.32 -33.90 -0.37
N ASP C 147 -5.32 -34.74 -0.66
CA ASP C 147 -5.02 -35.90 0.17
C ASP C 147 -4.48 -35.42 1.52
N ASN C 148 -4.79 -36.17 2.60
CA ASN C 148 -4.25 -35.91 3.94
C ASN C 148 -2.78 -36.40 3.97
N TYR C 149 -2.05 -36.08 5.08
CA TYR C 149 -0.64 -36.37 5.29
C TYR C 149 -0.19 -37.80 4.93
N ASP C 150 -1.09 -38.81 5.03
CA ASP C 150 -0.73 -40.20 4.74
C ASP C 150 -1.45 -40.81 3.53
N GLY C 151 -2.33 -40.05 2.90
CA GLY C 151 -3.07 -40.50 1.72
C GLY C 151 -4.27 -41.37 2.02
N ASN C 152 -4.60 -41.56 3.31
CA ASN C 152 -5.74 -42.36 3.75
C ASN C 152 -7.02 -41.54 3.90
N GLU C 153 -6.89 -40.22 3.96
CA GLU C 153 -8.04 -39.32 4.07
C GLU C 153 -7.94 -38.20 3.04
N ARG C 154 -9.06 -37.47 2.88
CA ARG C 154 -9.19 -36.32 1.99
C ARG C 154 -9.57 -35.14 2.87
N GLU C 155 -8.91 -34.01 2.66
CA GLU C 155 -9.18 -32.83 3.46
C GLU C 155 -9.36 -31.60 2.56
N PRO C 156 -10.18 -30.62 2.98
CA PRO C 156 -10.36 -29.43 2.15
C PRO C 156 -9.11 -28.54 2.11
N SER C 157 -8.86 -27.93 0.93
CA SER C 157 -7.74 -27.00 0.77
C SER C 157 -8.13 -25.63 1.35
N VAL C 158 -9.44 -25.33 1.33
CA VAL C 158 -10.10 -24.10 1.80
C VAL C 158 -11.57 -24.47 2.11
N LEU C 159 -12.24 -23.69 2.96
CA LEU C 159 -13.65 -23.93 3.25
C LEU C 159 -14.49 -22.98 2.39
N PRO C 160 -15.77 -23.36 2.06
CA PRO C 160 -16.62 -22.45 1.26
C PRO C 160 -16.74 -21.04 1.87
N ALA C 161 -16.79 -20.95 3.22
CA ALA C 161 -16.79 -19.70 4.01
C ALA C 161 -17.81 -18.68 3.55
N ARG C 162 -19.08 -18.97 3.77
CA ARG C 162 -20.19 -18.13 3.31
C ARG C 162 -20.33 -16.80 4.09
N PHE C 163 -19.35 -16.47 4.95
CA PHE C 163 -19.22 -15.19 5.64
C PHE C 163 -17.74 -14.81 5.66
N PRO C 164 -17.38 -13.51 5.55
CA PRO C 164 -15.95 -13.12 5.48
C PRO C 164 -15.19 -13.27 6.81
N ASN C 165 -14.88 -14.52 7.17
CA ASN C 165 -14.22 -14.91 8.41
C ASN C 165 -12.86 -14.25 8.68
N LEU C 166 -11.98 -14.11 7.67
CA LEU C 166 -10.65 -13.50 7.85
C LEU C 166 -10.73 -12.17 8.57
N LEU C 167 -11.57 -11.28 8.04
CA LEU C 167 -11.76 -9.97 8.63
C LEU C 167 -12.66 -10.03 9.85
N ALA C 168 -13.72 -10.87 9.83
CA ALA C 168 -14.66 -11.03 10.95
C ALA C 168 -13.99 -11.43 12.27
N ASN C 169 -13.19 -12.52 12.25
CA ASN C 169 -12.55 -13.01 13.46
C ASN C 169 -11.10 -12.58 13.62
N GLY C 170 -10.55 -11.99 12.56
CA GLY C 170 -9.17 -11.51 12.57
C GLY C 170 -8.18 -12.64 12.53
N ALA C 171 -6.90 -12.31 12.64
CA ALA C 171 -5.82 -13.29 12.63
C ALA C 171 -4.54 -12.71 13.21
N SER C 172 -3.64 -13.59 13.63
CA SER C 172 -2.30 -13.26 14.12
C SER C 172 -1.46 -14.49 13.94
N GLY C 173 -0.24 -14.32 13.48
CA GLY C 173 0.66 -15.45 13.26
C GLY C 173 2.07 -14.99 13.03
N ILE C 174 3.04 -15.67 13.65
CA ILE C 174 4.46 -15.38 13.47
C ILE C 174 4.97 -16.42 12.50
N ALA C 175 5.49 -16.00 11.35
CA ALA C 175 6.02 -16.95 10.37
C ALA C 175 7.54 -16.75 10.22
N VAL C 176 8.06 -16.87 9.00
CA VAL C 176 9.48 -16.67 8.70
C VAL C 176 9.52 -15.54 7.63
N GLY C 177 10.28 -14.50 7.91
CA GLY C 177 10.37 -13.34 7.03
C GLY C 177 9.18 -12.40 7.10
N MET C 178 8.13 -12.80 7.83
CA MET C 178 6.90 -12.03 7.95
C MET C 178 6.03 -12.49 9.13
N ALA C 179 5.04 -11.67 9.47
CA ALA C 179 4.07 -11.96 10.51
C ALA C 179 2.73 -11.36 10.08
N THR C 180 1.63 -11.79 10.69
CA THR C 180 0.32 -11.22 10.40
C THR C 180 -0.34 -10.73 11.69
N ASN C 181 -1.21 -9.73 11.57
CA ASN C 181 -1.97 -9.17 12.68
C ASN C 181 -3.16 -8.40 12.12
N ILE C 182 -4.25 -9.13 11.87
CA ILE C 182 -5.50 -8.61 11.34
C ILE C 182 -6.48 -8.54 12.54
N PRO C 183 -7.06 -7.37 12.84
CA PRO C 183 -8.02 -7.31 13.96
C PRO C 183 -9.40 -7.84 13.55
N PRO C 184 -10.30 -8.18 14.51
CA PRO C 184 -11.64 -8.63 14.11
C PRO C 184 -12.55 -7.44 13.75
N HIS C 185 -13.62 -7.70 12.98
CA HIS C 185 -14.58 -6.67 12.53
C HIS C 185 -16.03 -7.05 12.75
N ASN C 186 -16.93 -6.09 12.64
CA ASN C 186 -18.36 -6.34 12.79
C ASN C 186 -18.90 -6.96 11.49
N LEU C 187 -19.58 -8.11 11.60
CA LEU C 187 -20.15 -8.90 10.50
C LEU C 187 -21.13 -8.14 9.63
N THR C 188 -21.98 -7.31 10.26
CA THR C 188 -22.97 -6.50 9.56
C THR C 188 -22.26 -5.52 8.62
N GLU C 189 -21.28 -4.79 9.17
CA GLU C 189 -20.45 -3.80 8.47
C GLU C 189 -19.70 -4.44 7.30
N LEU C 190 -19.12 -5.63 7.54
CA LEU C 190 -18.35 -6.37 6.54
C LEU C 190 -19.20 -6.81 5.36
N ILE C 191 -20.36 -7.48 5.62
CA ILE C 191 -21.26 -7.93 4.56
C ILE C 191 -21.77 -6.73 3.77
N ASN C 192 -22.07 -5.60 4.46
CA ASN C 192 -22.50 -4.35 3.82
C ASN C 192 -21.42 -3.81 2.88
N GLY C 193 -20.16 -3.95 3.31
CA GLY C 193 -18.98 -3.57 2.53
C GLY C 193 -18.84 -4.41 1.29
N VAL C 194 -19.00 -5.75 1.43
CA VAL C 194 -18.96 -6.72 0.32
C VAL C 194 -20.07 -6.40 -0.68
N LEU C 195 -21.30 -6.11 -0.18
CA LEU C 195 -22.47 -5.75 -1.00
C LEU C 195 -22.25 -4.44 -1.75
N SER C 196 -21.54 -3.47 -1.14
CA SER C 196 -21.25 -2.19 -1.77
C SER C 196 -20.20 -2.39 -2.88
N LEU C 197 -19.20 -3.25 -2.63
CA LEU C 197 -18.15 -3.63 -3.58
C LEU C 197 -18.74 -4.41 -4.77
N SER C 198 -19.73 -5.29 -4.49
CA SER C 198 -20.39 -6.10 -5.50
C SER C 198 -21.16 -5.25 -6.52
N LYS C 199 -21.62 -4.07 -6.09
CA LYS C 199 -22.38 -3.13 -6.93
C LYS C 199 -21.47 -2.11 -7.66
N ASN C 200 -20.24 -1.89 -7.15
CA ASN C 200 -19.27 -0.97 -7.74
C ASN C 200 -17.83 -1.51 -7.60
N PRO C 201 -17.30 -2.19 -8.64
CA PRO C 201 -15.92 -2.73 -8.58
C PRO C 201 -14.84 -1.66 -8.39
N ASP C 202 -15.14 -0.41 -8.79
CA ASP C 202 -14.20 0.72 -8.68
C ASP C 202 -14.34 1.51 -7.36
N ILE C 203 -15.00 0.91 -6.34
CA ILE C 203 -15.20 1.51 -5.02
C ILE C 203 -13.87 1.87 -4.33
N SER C 204 -13.84 3.03 -3.68
CA SER C 204 -12.66 3.47 -2.95
C SER C 204 -12.69 2.95 -1.51
N ILE C 205 -11.53 2.95 -0.82
CA ILE C 205 -11.40 2.51 0.57
C ILE C 205 -12.23 3.45 1.46
N ALA C 206 -12.20 4.76 1.15
CA ALA C 206 -12.94 5.80 1.86
C ALA C 206 -14.44 5.53 1.81
N GLU C 207 -14.95 5.05 0.64
CA GLU C 207 -16.35 4.69 0.41
C GLU C 207 -16.67 3.43 1.20
N LEU C 208 -15.75 2.44 1.20
CA LEU C 208 -15.91 1.18 1.93
C LEU C 208 -16.02 1.44 3.44
N MET C 209 -15.27 2.45 3.94
CA MET C 209 -15.22 2.87 5.34
C MET C 209 -16.55 3.47 5.83
N GLU C 210 -17.49 3.71 4.90
CA GLU C 210 -18.84 4.20 5.22
C GLU C 210 -19.64 3.00 5.73
N ASP C 211 -19.22 1.77 5.35
CA ASP C 211 -19.82 0.52 5.78
C ASP C 211 -19.01 -0.04 6.95
N ILE C 212 -17.71 -0.36 6.71
CA ILE C 212 -16.75 -0.89 7.69
C ILE C 212 -16.05 0.31 8.38
N GLU C 213 -16.63 0.80 9.49
CA GLU C 213 -16.13 1.93 10.29
C GLU C 213 -14.70 1.71 10.80
N GLY C 214 -14.41 0.48 11.21
CA GLY C 214 -13.12 0.07 11.75
C GLY C 214 -13.21 -1.29 12.42
N PRO C 215 -12.13 -1.73 13.11
CA PRO C 215 -12.21 -3.03 13.83
C PRO C 215 -13.29 -3.02 14.91
N ASP C 216 -13.75 -4.21 15.28
CA ASP C 216 -14.75 -4.38 16.31
C ASP C 216 -14.30 -5.56 17.16
N PHE C 217 -13.78 -5.24 18.35
CA PHE C 217 -13.25 -6.24 19.28
C PHE C 217 -14.32 -6.92 20.12
N PRO C 218 -14.20 -8.26 20.33
CA PRO C 218 -15.18 -8.96 21.19
C PRO C 218 -15.25 -8.40 22.62
N THR C 219 -14.10 -7.85 23.08
CA THR C 219 -13.85 -7.24 24.40
C THR C 219 -14.31 -5.76 24.47
N ALA C 220 -14.98 -5.28 23.40
CA ALA C 220 -15.51 -3.91 23.23
C ALA C 220 -14.42 -2.83 23.33
N GLY C 221 -14.48 -1.96 24.35
CA GLY C 221 -13.52 -0.88 24.54
C GLY C 221 -13.68 0.24 23.52
N LEU C 222 -12.67 1.10 23.42
CA LEU C 222 -12.66 2.24 22.50
C LEU C 222 -11.48 2.22 21.52
N ILE C 223 -11.59 3.04 20.45
CA ILE C 223 -10.56 3.27 19.46
C ILE C 223 -10.40 4.79 19.35
N LEU C 224 -9.16 5.27 19.52
CA LEU C 224 -8.85 6.70 19.45
C LEU C 224 -8.60 7.18 18.02
N GLY C 225 -9.65 7.76 17.43
CA GLY C 225 -9.61 8.31 16.09
C GLY C 225 -9.74 7.31 14.96
N LYS C 226 -9.78 7.85 13.72
CA LYS C 226 -9.89 7.06 12.49
C LYS C 226 -8.64 7.11 11.62
N SER C 227 -7.59 7.85 12.06
CA SER C 227 -6.32 8.02 11.35
C SER C 227 -5.58 6.69 11.19
N GLY C 228 -5.46 5.95 12.30
CA GLY C 228 -4.80 4.65 12.33
C GLY C 228 -5.55 3.62 11.52
N ILE C 229 -6.91 3.62 11.67
CA ILE C 229 -7.85 2.76 10.95
C ILE C 229 -7.66 2.95 9.43
N ARG C 230 -7.77 4.22 8.95
CA ARG C 230 -7.63 4.62 7.55
C ARG C 230 -6.29 4.15 6.97
N ARG C 231 -5.16 4.44 7.65
CA ARG C 231 -3.80 4.05 7.26
C ARG C 231 -3.72 2.52 7.05
N ALA C 232 -4.30 1.74 7.99
CA ALA C 232 -4.33 0.27 7.96
C ALA C 232 -5.18 -0.26 6.80
N TYR C 233 -6.32 0.38 6.52
CA TYR C 233 -7.20 -0.03 5.43
C TYR C 233 -6.66 0.38 4.08
N GLU C 234 -5.91 1.49 4.01
CA GLU C 234 -5.31 1.99 2.76
C GLU C 234 -4.08 1.18 2.35
N THR C 235 -3.21 0.87 3.31
CA THR C 235 -1.91 0.22 3.07
C THR C 235 -1.77 -1.23 3.54
N GLY C 236 -2.59 -1.63 4.52
CA GLY C 236 -2.51 -2.95 5.13
C GLY C 236 -1.74 -2.90 6.43
N ARG C 237 -1.15 -1.72 6.75
CA ARG C 237 -0.32 -1.47 7.93
C ARG C 237 -0.75 -0.17 8.62
N GLY C 238 -0.77 -0.18 9.94
CA GLY C 238 -1.13 0.98 10.73
C GLY C 238 -1.38 0.67 12.20
N SER C 239 -0.98 1.58 13.07
CA SER C 239 -1.19 1.42 14.51
C SER C 239 -2.58 1.94 14.90
N ILE C 240 -3.37 1.10 15.61
CA ILE C 240 -4.70 1.47 16.08
C ILE C 240 -4.67 1.53 17.61
N GLN C 241 -4.93 2.71 18.18
CA GLN C 241 -4.91 2.87 19.63
C GLN C 241 -6.20 2.39 20.28
N MET C 242 -6.08 1.36 21.13
CA MET C 242 -7.21 0.79 21.86
C MET C 242 -7.19 1.34 23.27
N ARG C 243 -8.31 1.91 23.73
CA ARG C 243 -8.44 2.47 25.07
C ARG C 243 -9.55 1.75 25.85
N SER C 244 -9.29 1.52 27.16
CA SER C 244 -10.24 0.90 28.10
C SER C 244 -11.40 1.87 28.33
N ARG C 245 -12.58 1.34 28.69
CA ARG C 245 -13.72 2.19 29.00
C ARG C 245 -13.69 2.49 30.49
N ALA C 246 -13.28 3.72 30.85
CA ALA C 246 -13.16 4.17 32.23
C ALA C 246 -13.89 5.48 32.50
N VAL C 247 -14.67 5.50 33.58
CA VAL C 247 -15.43 6.69 34.01
C VAL C 247 -15.05 7.09 35.44
N ARG C 257 -13.43 8.05 42.63
CA ARG C 257 -12.92 6.75 42.23
C ARG C 257 -13.27 6.39 40.77
N ILE C 258 -12.25 6.02 39.94
CA ILE C 258 -12.38 5.64 38.52
C ILE C 258 -12.77 4.15 38.39
N VAL C 259 -13.72 3.85 37.48
CA VAL C 259 -14.26 2.50 37.24
C VAL C 259 -14.05 2.07 35.77
N VAL C 260 -13.29 0.96 35.59
CA VAL C 260 -12.93 0.36 34.30
C VAL C 260 -13.94 -0.76 34.00
N THR C 261 -14.70 -0.66 32.90
CA THR C 261 -15.71 -1.66 32.55
C THR C 261 -15.41 -2.46 31.27
N GLU C 262 -14.46 -1.99 30.48
CA GLU C 262 -14.03 -2.62 29.21
C GLU C 262 -12.53 -2.43 29.10
N ILE C 263 -11.79 -3.48 28.75
CA ILE C 263 -10.34 -3.44 28.60
C ILE C 263 -9.96 -3.72 27.13
N PRO C 264 -8.74 -3.33 26.64
CA PRO C 264 -8.41 -3.61 25.21
C PRO C 264 -8.33 -5.11 24.90
N PHE C 265 -8.43 -5.44 23.61
CA PHE C 265 -8.36 -6.80 23.07
C PHE C 265 -7.01 -7.47 23.34
N GLN C 266 -7.04 -8.75 23.77
CA GLN C 266 -5.89 -9.61 24.09
C GLN C 266 -5.06 -9.12 25.30
N VAL C 267 -5.64 -8.24 26.11
CA VAL C 267 -4.98 -7.71 27.31
C VAL C 267 -5.41 -8.59 28.47
N ASN C 268 -4.44 -9.09 29.24
CA ASN C 268 -4.69 -9.90 30.42
C ASN C 268 -5.05 -8.95 31.56
N LYS C 269 -6.32 -9.01 32.01
CA LYS C 269 -6.88 -8.17 33.09
C LYS C 269 -6.07 -8.27 34.39
N ALA C 270 -5.72 -9.52 34.80
CA ALA C 270 -4.94 -9.78 36.02
C ALA C 270 -3.54 -9.16 35.94
N ARG C 271 -2.86 -9.30 34.79
CA ARG C 271 -1.54 -8.73 34.53
C ARG C 271 -1.61 -7.19 34.46
N MET C 272 -2.70 -6.64 33.90
CA MET C 272 -2.92 -5.19 33.81
C MET C 272 -3.05 -4.59 35.23
N ILE C 273 -3.85 -5.27 36.10
CA ILE C 273 -4.07 -4.89 37.50
C ILE C 273 -2.77 -4.98 38.28
N GLU C 274 -1.97 -6.05 38.04
CA GLU C 274 -0.67 -6.25 38.68
C GLU C 274 0.32 -5.15 38.27
N LYS C 275 0.23 -4.64 37.01
CA LYS C 275 1.05 -3.55 36.45
C LYS C 275 0.72 -2.22 37.13
N ILE C 276 -0.58 -1.95 37.39
CA ILE C 276 -1.06 -0.75 38.10
C ILE C 276 -0.58 -0.83 39.56
N ALA C 277 -0.74 -2.02 40.20
CA ALA C 277 -0.31 -2.28 41.58
C ALA C 277 1.20 -2.06 41.74
N GLU C 278 2.00 -2.43 40.71
CA GLU C 278 3.46 -2.27 40.63
C GLU C 278 3.84 -0.78 40.64
N LEU C 279 3.10 0.03 39.82
CA LEU C 279 3.29 1.48 39.66
C LEU C 279 3.04 2.24 40.98
N VAL C 280 2.03 1.80 41.77
CA VAL C 280 1.67 2.42 43.06
C VAL C 280 2.73 2.08 44.14
N ARG C 281 3.21 0.81 44.18
N ARG C 281 3.21 0.81 44.19
CA ARG C 281 4.22 0.34 45.14
CA ARG C 281 4.22 0.36 45.15
C ARG C 281 5.57 1.04 44.95
C ARG C 281 5.57 1.07 44.96
N ASP C 282 6.04 1.16 43.70
CA ASP C 282 7.30 1.80 43.32
C ASP C 282 7.22 3.34 43.20
N LYS C 283 6.11 3.95 43.69
CA LYS C 283 5.82 5.39 43.70
C LYS C 283 5.87 6.06 42.30
N LYS C 284 5.68 5.25 41.23
CA LYS C 284 5.69 5.71 39.84
C LYS C 284 4.46 6.59 39.57
N ILE C 285 3.31 6.17 40.10
CA ILE C 285 2.04 6.90 40.02
C ILE C 285 1.60 7.24 41.47
N ASP C 286 0.79 8.29 41.64
CA ASP C 286 0.31 8.72 42.95
C ASP C 286 -1.10 9.31 42.92
N GLY C 287 -1.73 9.34 44.09
CA GLY C 287 -3.10 9.82 44.28
C GLY C 287 -4.13 8.70 44.22
N ILE C 288 -3.70 7.46 44.53
CA ILE C 288 -4.56 6.26 44.52
C ILE C 288 -4.37 5.48 45.84
N THR C 289 -5.45 5.35 46.64
CA THR C 289 -5.52 4.65 47.94
C THR C 289 -5.33 3.14 47.78
N ASP C 290 -6.21 2.50 46.97
CA ASP C 290 -6.25 1.06 46.71
C ASP C 290 -6.92 0.75 45.35
N LEU C 291 -6.71 -0.47 44.82
CA LEU C 291 -7.31 -0.97 43.57
C LEU C 291 -7.92 -2.37 43.76
N ARG C 292 -9.13 -2.60 43.23
CA ARG C 292 -9.85 -3.87 43.39
C ARG C 292 -10.51 -4.38 42.10
N ASP C 293 -10.34 -5.69 41.80
CA ASP C 293 -11.00 -6.33 40.67
C ASP C 293 -12.37 -6.78 41.14
N GLU C 294 -13.39 -5.97 40.86
CA GLU C 294 -14.79 -6.24 41.22
C GLU C 294 -15.54 -6.95 40.07
N THR C 295 -14.79 -7.61 39.16
CA THR C 295 -15.36 -8.38 38.05
C THR C 295 -16.14 -9.56 38.61
N SER C 296 -17.28 -9.86 38.01
CA SER C 296 -18.09 -11.03 38.35
C SER C 296 -18.86 -11.44 37.09
N LEU C 297 -19.42 -12.65 37.04
CA LEU C 297 -20.19 -13.11 35.89
C LEU C 297 -21.47 -12.30 35.75
N ARG C 298 -21.98 -11.83 36.91
CA ARG C 298 -23.19 -11.03 37.07
C ARG C 298 -22.98 -9.56 36.63
N THR C 299 -21.92 -8.89 37.15
CA THR C 299 -21.59 -7.47 36.89
C THR C 299 -20.72 -7.25 35.64
N GLY C 300 -19.98 -8.26 35.23
CA GLY C 300 -19.08 -8.16 34.09
C GLY C 300 -17.75 -7.57 34.54
N VAL C 301 -16.92 -7.09 33.58
CA VAL C 301 -15.62 -6.49 33.91
C VAL C 301 -15.83 -5.20 34.72
N ARG C 302 -15.19 -5.12 35.90
CA ARG C 302 -15.26 -3.96 36.78
C ARG C 302 -13.97 -3.85 37.59
N VAL C 303 -13.12 -2.89 37.25
CA VAL C 303 -11.89 -2.65 37.98
C VAL C 303 -12.02 -1.26 38.60
N VAL C 304 -12.09 -1.18 39.94
CA VAL C 304 -12.28 0.10 40.62
C VAL C 304 -11.00 0.52 41.34
N ILE C 305 -10.65 1.82 41.22
CA ILE C 305 -9.47 2.42 41.85
C ILE C 305 -9.87 3.57 42.76
N ASP C 306 -9.64 3.42 44.09
CA ASP C 306 -9.96 4.43 45.10
C ASP C 306 -8.98 5.63 44.98
N VAL C 307 -9.45 6.79 44.49
CA VAL C 307 -8.62 7.98 44.29
C VAL C 307 -8.47 8.77 45.62
N ARG C 308 -7.23 9.22 45.93
CA ARG C 308 -6.90 10.02 47.11
C ARG C 308 -7.61 11.37 47.09
N LYS C 309 -8.09 11.84 48.27
CA LYS C 309 -8.82 13.09 48.44
C LYS C 309 -8.06 14.31 47.91
N ASP C 310 -8.76 15.16 47.11
CA ASP C 310 -8.29 16.40 46.47
C ASP C 310 -7.36 16.20 45.25
N ALA C 311 -7.01 14.94 44.91
CA ALA C 311 -6.15 14.63 43.75
C ALA C 311 -6.97 14.53 42.46
N ASN C 312 -6.42 15.03 41.33
CA ASN C 312 -7.12 15.03 40.03
C ASN C 312 -7.17 13.64 39.40
N ALA C 313 -8.38 13.06 39.34
CA ALA C 313 -8.60 11.74 38.75
C ALA C 313 -8.38 11.72 37.23
N SER C 314 -8.65 12.86 36.54
CA SER C 314 -8.47 13.02 35.09
C SER C 314 -6.99 12.86 34.71
N VAL C 315 -6.10 13.47 35.51
CA VAL C 315 -4.63 13.43 35.36
C VAL C 315 -4.12 12.00 35.63
N ILE C 316 -4.61 11.36 36.72
CA ILE C 316 -4.26 9.99 37.12
C ILE C 316 -4.66 9.01 36.01
N LEU C 317 -5.89 9.16 35.47
CA LEU C 317 -6.42 8.31 34.41
C LEU C 317 -5.62 8.43 33.12
N ASN C 318 -5.23 9.68 32.74
CA ASN C 318 -4.43 9.93 31.54
C ASN C 318 -3.05 9.31 31.67
N ASN C 319 -2.47 9.32 32.89
CA ASN C 319 -1.17 8.70 33.18
C ASN C 319 -1.27 7.18 33.08
N LEU C 320 -2.40 6.60 33.55
CA LEU C 320 -2.64 5.15 33.49
C LEU C 320 -2.70 4.65 32.05
N TYR C 321 -3.28 5.46 31.13
CA TYR C 321 -3.35 5.15 29.71
C TYR C 321 -1.95 5.08 29.11
N LYS C 322 -1.09 6.03 29.52
CA LYS C 322 0.28 6.15 29.04
C LYS C 322 1.22 5.08 29.61
N GLN C 323 1.12 4.82 30.92
CA GLN C 323 2.04 3.95 31.65
C GLN C 323 1.64 2.47 31.80
N THR C 324 0.37 2.12 31.55
CA THR C 324 -0.11 0.75 31.74
C THR C 324 -0.81 0.20 30.46
N PRO C 325 -1.14 -1.11 30.38
CA PRO C 325 -1.88 -1.61 29.21
C PRO C 325 -3.35 -1.18 29.16
N LEU C 326 -3.75 -0.18 29.99
CA LEU C 326 -5.11 0.40 30.03
C LEU C 326 -5.42 1.00 28.66
N GLN C 327 -4.37 1.41 27.93
CA GLN C 327 -4.36 1.85 26.54
C GLN C 327 -3.25 1.07 25.83
N THR C 328 -3.64 0.24 24.86
CA THR C 328 -2.74 -0.63 24.12
C THR C 328 -2.90 -0.42 22.62
N SER C 329 -1.81 -0.56 21.88
CA SER C 329 -1.83 -0.42 20.44
C SER C 329 -2.07 -1.76 19.77
N PHE C 330 -2.81 -1.73 18.67
CA PHE C 330 -3.01 -2.89 17.80
C PHE C 330 -2.24 -2.56 16.52
N GLY C 331 -1.11 -3.23 16.33
CA GLY C 331 -0.27 -3.02 15.16
C GLY C 331 -0.81 -3.82 14.00
N VAL C 332 -1.56 -3.17 13.11
CA VAL C 332 -2.16 -3.85 11.97
C VAL C 332 -1.10 -4.16 10.92
N ASN C 333 -1.09 -5.40 10.45
CA ASN C 333 -0.17 -5.92 9.45
C ASN C 333 -0.95 -7.02 8.76
N MET C 334 -1.77 -6.62 7.78
CA MET C 334 -2.70 -7.52 7.09
C MET C 334 -2.03 -8.42 6.04
N ILE C 335 -1.46 -9.56 6.51
CA ILE C 335 -0.82 -10.57 5.64
C ILE C 335 -1.68 -11.84 5.62
N ALA C 336 -1.95 -12.34 4.43
CA ALA C 336 -2.75 -13.54 4.20
C ALA C 336 -2.28 -14.23 2.95
N LEU C 337 -2.64 -15.49 2.83
CA LEU C 337 -2.28 -16.28 1.66
C LEU C 337 -3.25 -16.02 0.52
N VAL C 338 -2.70 -15.54 -0.58
CA VAL C 338 -3.42 -15.29 -1.83
C VAL C 338 -2.74 -16.20 -2.84
N ASN C 339 -3.53 -17.04 -3.54
CA ASN C 339 -3.01 -18.00 -4.53
C ASN C 339 -1.80 -18.75 -3.95
N GLY C 340 -1.95 -19.20 -2.69
CA GLY C 340 -0.94 -19.93 -1.93
C GLY C 340 0.35 -19.19 -1.63
N ARG C 341 0.34 -17.86 -1.73
CA ARG C 341 1.50 -16.99 -1.51
C ARG C 341 1.18 -15.93 -0.46
N PRO C 342 2.14 -15.57 0.44
CA PRO C 342 1.87 -14.51 1.41
C PRO C 342 1.83 -13.14 0.73
N LYS C 343 0.88 -12.30 1.13
CA LYS C 343 0.71 -10.99 0.53
C LYS C 343 0.19 -9.99 1.54
N LEU C 344 0.74 -8.76 1.49
CA LEU C 344 0.29 -7.66 2.33
C LEU C 344 -0.91 -7.09 1.57
N ILE C 345 -2.09 -7.15 2.18
CA ILE C 345 -3.32 -6.74 1.54
C ILE C 345 -4.01 -5.58 2.26
N ASN C 346 -4.60 -4.64 1.50
CA ASN C 346 -5.35 -3.53 2.08
C ASN C 346 -6.82 -3.99 2.26
N LEU C 347 -7.71 -3.13 2.78
CA LEU C 347 -9.12 -3.49 3.01
C LEU C 347 -9.85 -3.92 1.72
N LYS C 348 -9.66 -3.18 0.60
CA LYS C 348 -10.31 -3.51 -0.66
C LYS C 348 -9.89 -4.87 -1.20
N GLU C 349 -8.55 -5.15 -1.22
CA GLU C 349 -7.98 -6.43 -1.66
C GLU C 349 -8.57 -7.61 -0.88
N ALA C 350 -8.69 -7.48 0.46
CA ALA C 350 -9.26 -8.51 1.33
C ALA C 350 -10.70 -8.85 0.92
N LEU C 351 -11.50 -7.83 0.64
CA LEU C 351 -12.90 -8.01 0.27
C LEU C 351 -13.07 -8.53 -1.15
N VAL C 352 -12.17 -8.11 -2.07
CA VAL C 352 -12.17 -8.53 -3.48
C VAL C 352 -11.91 -10.04 -3.55
N HIS C 353 -10.83 -10.51 -2.89
CA HIS C 353 -10.49 -11.94 -2.85
C HIS C 353 -11.61 -12.77 -2.21
N TYR C 354 -12.25 -12.22 -1.15
CA TYR C 354 -13.35 -12.90 -0.51
C TYR C 354 -14.58 -13.01 -1.44
N LEU C 355 -14.95 -11.88 -2.10
CA LEU C 355 -16.10 -11.84 -3.01
C LEU C 355 -15.89 -12.76 -4.20
N GLU C 356 -14.66 -12.78 -4.74
CA GLU C 356 -14.25 -13.65 -5.84
C GLU C 356 -14.41 -15.11 -5.43
N HIS C 357 -14.02 -15.42 -4.17
CA HIS C 357 -14.16 -16.78 -3.61
C HIS C 357 -15.63 -17.21 -3.55
N GLN C 358 -16.50 -16.32 -3.07
CA GLN C 358 -17.95 -16.55 -2.98
C GLN C 358 -18.59 -16.81 -4.32
N LYS C 359 -18.20 -16.02 -5.34
CA LYS C 359 -18.69 -16.16 -6.70
C LYS C 359 -18.35 -17.55 -7.24
N THR C 360 -17.10 -18.04 -6.98
CA THR C 360 -16.59 -19.35 -7.39
C THR C 360 -17.38 -20.48 -6.70
N VAL C 361 -17.58 -20.34 -5.38
CA VAL C 361 -18.30 -21.30 -4.55
C VAL C 361 -19.73 -21.50 -5.11
N VAL C 362 -20.45 -20.38 -5.37
CA VAL C 362 -21.82 -20.39 -5.89
C VAL C 362 -21.85 -20.95 -7.30
N ARG C 363 -20.90 -20.54 -8.17
CA ARG C 363 -20.81 -21.01 -9.56
C ARG C 363 -20.60 -22.52 -9.59
N ARG C 364 -19.64 -23.01 -8.78
CA ARG C 364 -19.30 -24.44 -8.69
C ARG C 364 -20.45 -25.27 -8.10
N ARG C 365 -21.19 -24.71 -7.12
CA ARG C 365 -22.34 -25.37 -6.49
C ARG C 365 -23.44 -25.58 -7.54
N THR C 366 -23.72 -24.53 -8.34
CA THR C 366 -24.71 -24.50 -9.41
C THR C 366 -24.35 -25.50 -10.51
N GLN C 367 -23.06 -25.52 -10.90
CA GLN C 367 -22.52 -26.44 -11.91
C GLN C 367 -22.64 -27.90 -11.43
N TYR C 368 -22.38 -28.15 -10.13
CA TYR C 368 -22.49 -29.47 -9.51
C TYR C 368 -23.94 -29.93 -9.54
N ASN C 369 -24.85 -29.07 -9.02
CA ASN C 369 -26.27 -29.31 -8.97
C ASN C 369 -26.84 -29.63 -10.36
N LEU C 370 -26.34 -28.94 -11.40
CA LEU C 370 -26.76 -29.15 -12.79
C LEU C 370 -26.31 -30.52 -13.31
N ARG C 371 -25.05 -30.93 -13.05
CA ARG C 371 -24.52 -32.25 -13.45
C ARG C 371 -25.38 -33.33 -12.79
N LYS C 372 -25.57 -33.20 -11.46
CA LYS C 372 -26.35 -34.09 -10.61
C LYS C 372 -27.78 -34.22 -11.12
N ALA C 373 -28.42 -33.09 -11.47
CA ALA C 373 -29.79 -33.06 -11.99
C ALA C 373 -29.91 -33.69 -13.39
N LYS C 374 -29.00 -33.30 -14.32
CA LYS C 374 -28.98 -33.83 -15.69
C LYS C 374 -28.79 -35.35 -15.69
N ASP C 375 -27.91 -35.86 -14.79
CA ASP C 375 -27.65 -37.30 -14.62
C ASP C 375 -28.91 -38.04 -14.15
N ARG C 376 -29.61 -37.48 -13.14
CA ARG C 376 -30.82 -38.05 -12.58
C ARG C 376 -31.96 -38.06 -13.58
N ALA C 377 -32.12 -36.98 -14.38
CA ALA C 377 -33.14 -36.85 -15.41
C ALA C 377 -32.99 -37.96 -16.46
N HIS C 378 -31.73 -38.28 -16.81
CA HIS C 378 -31.37 -39.34 -17.76
C HIS C 378 -31.80 -40.71 -17.21
N ILE C 379 -31.54 -40.96 -15.92
CA ILE C 379 -31.90 -42.20 -15.22
C ILE C 379 -33.43 -42.35 -15.21
N LEU C 380 -34.16 -41.28 -14.85
CA LEU C 380 -35.62 -41.30 -14.78
C LEU C 380 -36.27 -41.53 -16.14
N GLU C 381 -35.60 -41.10 -17.23
CA GLU C 381 -36.05 -41.33 -18.60
C GLU C 381 -36.09 -42.85 -18.89
N GLY C 382 -34.99 -43.54 -18.53
CA GLY C 382 -34.85 -44.98 -18.69
C GLY C 382 -35.82 -45.77 -17.82
N LEU C 383 -36.03 -45.31 -16.57
CA LEU C 383 -36.98 -45.93 -15.63
C LEU C 383 -38.42 -45.77 -16.13
N ARG C 384 -38.74 -44.62 -16.79
CA ARG C 384 -40.05 -44.32 -17.36
C ARG C 384 -40.35 -45.30 -18.51
N ILE C 385 -39.34 -45.58 -19.37
CA ILE C 385 -39.42 -46.52 -20.49
C ILE C 385 -39.62 -47.92 -19.91
N ALA C 386 -38.81 -48.28 -18.88
CA ALA C 386 -38.88 -49.57 -18.19
C ALA C 386 -40.25 -49.83 -17.59
N LEU C 387 -40.82 -48.84 -16.88
CA LEU C 387 -42.12 -48.97 -16.23
C LEU C 387 -43.29 -49.02 -17.22
N ASP C 388 -43.13 -48.38 -18.40
CA ASP C 388 -44.13 -48.39 -19.46
C ASP C 388 -44.18 -49.74 -20.16
N HIS C 389 -43.04 -50.45 -20.18
CA HIS C 389 -42.92 -51.75 -20.84
C HIS C 389 -42.32 -52.80 -19.90
N ILE C 390 -42.74 -52.80 -18.61
CA ILE C 390 -42.19 -53.67 -17.57
C ILE C 390 -42.33 -55.18 -17.87
N ASP C 391 -43.46 -55.63 -18.46
CA ASP C 391 -43.65 -57.05 -18.82
C ASP C 391 -42.59 -57.53 -19.82
N GLU C 392 -42.21 -56.67 -20.78
CA GLU C 392 -41.18 -56.92 -21.78
C GLU C 392 -39.78 -56.86 -21.15
N ILE C 393 -39.56 -55.91 -20.21
CA ILE C 393 -38.31 -55.71 -19.49
C ILE C 393 -37.96 -57.01 -18.72
N ILE C 394 -38.91 -57.53 -17.92
CA ILE C 394 -38.75 -58.75 -17.10
C ILE C 394 -38.42 -59.97 -17.96
N SER C 395 -39.17 -60.18 -19.05
CA SER C 395 -38.94 -61.27 -20.00
C SER C 395 -37.49 -61.26 -20.51
N THR C 396 -36.99 -60.06 -20.92
CA THR C 396 -35.64 -59.83 -21.44
C THR C 396 -34.58 -60.27 -20.41
N ILE C 397 -34.77 -59.90 -19.12
CA ILE C 397 -33.86 -60.21 -18.01
C ILE C 397 -33.86 -61.71 -17.70
N ARG C 398 -35.08 -62.30 -17.60
CA ARG C 398 -35.29 -63.73 -17.32
C ARG C 398 -34.64 -64.63 -18.37
N GLU C 399 -34.72 -64.23 -19.66
CA GLU C 399 -34.16 -64.94 -20.82
C GLU C 399 -32.64 -64.93 -20.83
N SER C 400 -32.04 -63.89 -20.21
CA SER C 400 -30.60 -63.66 -20.19
C SER C 400 -29.84 -64.51 -19.17
N ASP C 401 -28.73 -65.11 -19.62
CA ASP C 401 -27.85 -65.96 -18.80
C ASP C 401 -27.00 -65.12 -17.86
N THR C 402 -26.42 -64.00 -18.34
CA THR C 402 -25.59 -63.10 -17.54
C THR C 402 -26.21 -61.68 -17.50
N ASP C 403 -25.67 -60.80 -16.64
CA ASP C 403 -26.14 -59.41 -16.55
C ASP C 403 -25.69 -58.62 -17.79
N LYS C 404 -24.50 -58.95 -18.35
CA LYS C 404 -23.93 -58.36 -19.55
C LYS C 404 -24.87 -58.56 -20.75
N VAL C 405 -25.41 -59.79 -20.91
CA VAL C 405 -26.38 -60.17 -21.95
C VAL C 405 -27.67 -59.36 -21.73
N ALA C 406 -28.19 -59.36 -20.48
CA ALA C 406 -29.39 -58.62 -20.07
C ALA C 406 -29.28 -57.14 -20.39
N MET C 407 -28.11 -56.53 -20.14
CA MET C 407 -27.87 -55.12 -20.41
C MET C 407 -27.82 -54.82 -21.90
N GLU C 408 -27.05 -55.59 -22.68
CA GLU C 408 -26.93 -55.44 -24.14
C GLU C 408 -28.29 -55.57 -24.83
N SER C 409 -29.09 -56.56 -24.40
CA SER C 409 -30.44 -56.81 -24.93
C SER C 409 -31.42 -55.67 -24.58
N LEU C 410 -31.28 -55.06 -23.38
CA LEU C 410 -32.13 -53.92 -22.97
C LEU C 410 -31.79 -52.65 -23.74
N GLN C 411 -30.49 -52.40 -23.98
CA GLN C 411 -30.00 -51.24 -24.74
C GLN C 411 -30.45 -51.33 -26.20
N GLN C 412 -30.41 -52.54 -26.78
CA GLN C 412 -30.77 -52.78 -28.18
C GLN C 412 -32.27 -52.66 -28.46
N ARG C 413 -33.14 -53.18 -27.57
CA ARG C 413 -34.59 -53.13 -27.80
C ARG C 413 -35.19 -51.77 -27.47
N PHE C 414 -34.80 -51.17 -26.35
CA PHE C 414 -35.41 -49.92 -25.91
C PHE C 414 -34.57 -48.68 -26.17
N LYS C 415 -33.43 -48.80 -26.89
CA LYS C 415 -32.53 -47.68 -27.25
C LYS C 415 -31.96 -46.98 -26.00
N LEU C 416 -31.86 -47.73 -24.90
CA LEU C 416 -31.37 -47.23 -23.62
C LEU C 416 -29.85 -47.12 -23.63
N SER C 417 -29.31 -46.22 -22.79
CA SER C 417 -27.86 -46.07 -22.62
C SER C 417 -27.37 -47.17 -21.66
N GLU C 418 -26.05 -47.34 -21.54
CA GLU C 418 -25.46 -48.32 -20.62
C GLU C 418 -25.90 -47.97 -19.17
N LYS C 419 -25.83 -46.66 -18.81
CA LYS C 419 -26.25 -46.15 -17.50
C LYS C 419 -27.73 -46.37 -17.20
N GLN C 420 -28.62 -46.15 -18.21
CA GLN C 420 -30.07 -46.36 -18.06
C GLN C 420 -30.41 -47.83 -17.83
N ALA C 421 -29.79 -48.73 -18.63
CA ALA C 421 -29.96 -50.19 -18.56
C ALA C 421 -29.48 -50.74 -17.22
N GLN C 422 -28.36 -50.18 -16.71
CA GLN C 422 -27.79 -50.55 -15.42
C GLN C 422 -28.75 -50.19 -14.27
N ALA C 423 -29.39 -49.00 -14.32
CA ALA C 423 -30.34 -48.51 -13.33
C ALA C 423 -31.59 -49.38 -13.28
N ILE C 424 -32.00 -49.95 -14.45
CA ILE C 424 -33.15 -50.86 -14.55
C ILE C 424 -32.79 -52.22 -13.92
N LEU C 425 -31.61 -52.76 -14.22
CA LEU C 425 -31.16 -54.03 -13.62
C LEU C 425 -30.99 -53.88 -12.11
N ASP C 426 -30.63 -52.68 -11.61
CA ASP C 426 -30.46 -52.40 -10.19
C ASP C 426 -31.77 -51.99 -9.49
N MET C 427 -32.88 -51.91 -10.26
CA MET C 427 -34.19 -51.52 -9.77
C MET C 427 -34.77 -52.62 -8.89
N ARG C 428 -35.23 -52.25 -7.69
CA ARG C 428 -35.86 -53.18 -6.75
C ARG C 428 -37.32 -53.41 -7.15
N LEU C 429 -37.85 -54.61 -6.85
CA LEU C 429 -39.24 -54.98 -7.14
C LEU C 429 -40.27 -54.04 -6.49
N ARG C 430 -39.94 -53.41 -5.34
CA ARG C 430 -40.82 -52.45 -4.63
C ARG C 430 -41.15 -51.18 -5.46
N ARG C 431 -40.26 -50.85 -6.43
CA ARG C 431 -40.41 -49.72 -7.34
C ARG C 431 -41.48 -50.01 -8.41
N LEU C 432 -42.16 -51.19 -8.35
CA LEU C 432 -43.17 -51.59 -9.32
C LEU C 432 -44.61 -51.27 -8.90
N THR C 433 -44.79 -50.80 -7.66
CA THR C 433 -46.10 -50.40 -7.10
C THR C 433 -46.66 -49.16 -7.83
N GLY C 434 -47.98 -48.96 -7.73
CA GLY C 434 -48.71 -47.85 -8.36
C GLY C 434 -48.20 -46.46 -8.03
N LEU C 435 -48.08 -46.16 -6.72
CA LEU C 435 -47.58 -44.87 -6.22
C LEU C 435 -46.14 -44.58 -6.62
N GLU C 436 -45.31 -45.63 -6.74
CA GLU C 436 -43.90 -45.51 -7.13
C GLU C 436 -43.70 -45.05 -8.58
N ARG C 437 -44.62 -45.41 -9.53
CA ARG C 437 -44.51 -44.95 -10.93
C ARG C 437 -44.88 -43.47 -11.02
N ASP C 438 -45.92 -43.04 -10.26
CA ASP C 438 -46.37 -41.65 -10.23
C ASP C 438 -45.30 -40.74 -9.63
N LYS C 439 -44.57 -41.24 -8.61
CA LYS C 439 -43.47 -40.56 -7.91
C LYS C 439 -42.33 -40.26 -8.89
N ILE C 440 -42.03 -41.20 -9.82
CA ILE C 440 -40.96 -41.06 -10.82
C ILE C 440 -41.31 -39.96 -11.83
N GLU C 441 -42.56 -39.93 -12.34
CA GLU C 441 -43.03 -38.89 -13.27
C GLU C 441 -42.98 -37.50 -12.62
N ALA C 442 -43.50 -37.38 -11.37
CA ALA C 442 -43.51 -36.14 -10.58
C ALA C 442 -42.08 -35.63 -10.34
N GLU C 443 -41.13 -36.53 -10.04
CA GLU C 443 -39.72 -36.17 -9.82
C GLU C 443 -39.11 -35.66 -11.12
N TYR C 444 -39.41 -36.33 -12.26
CA TYR C 444 -38.90 -35.98 -13.58
C TYR C 444 -39.33 -34.58 -14.02
N ASN C 445 -40.63 -34.27 -13.89
CA ASN C 445 -41.18 -32.98 -14.27
C ASN C 445 -40.63 -31.83 -13.42
N GLU C 446 -40.46 -32.08 -12.11
CA GLU C 446 -39.90 -31.11 -11.16
C GLU C 446 -38.42 -30.85 -11.48
N LEU C 447 -37.71 -31.92 -11.86
CA LEU C 447 -36.30 -31.90 -12.22
C LEU C 447 -36.04 -31.11 -13.50
N LEU C 448 -36.92 -31.25 -14.51
CA LEU C 448 -36.85 -30.53 -15.78
C LEU C 448 -36.85 -29.02 -15.52
N ASN C 449 -37.71 -28.55 -14.57
CA ASN C 449 -37.82 -27.15 -14.17
C ASN C 449 -36.61 -26.71 -13.39
N TYR C 450 -36.10 -27.57 -12.48
CA TYR C 450 -34.90 -27.30 -11.66
C TYR C 450 -33.69 -27.04 -12.56
N ILE C 451 -33.49 -27.91 -13.59
CA ILE C 451 -32.43 -27.80 -14.60
C ILE C 451 -32.52 -26.44 -15.29
N SER C 452 -33.73 -26.03 -15.74
CA SER C 452 -33.99 -24.75 -16.39
C SER C 452 -33.54 -23.58 -15.50
N GLU C 453 -33.91 -23.61 -14.20
CA GLU C 453 -33.57 -22.61 -13.17
C GLU C 453 -32.05 -22.50 -12.99
N LEU C 454 -31.34 -23.66 -12.96
CA LEU C 454 -29.90 -23.75 -12.80
C LEU C 454 -29.17 -23.16 -14.00
N GLU C 455 -29.66 -23.47 -15.22
CA GLU C 455 -29.11 -22.99 -16.50
C GLU C 455 -29.25 -21.48 -16.65
N THR C 456 -30.34 -20.89 -16.09
CA THR C 456 -30.60 -19.44 -16.07
C THR C 456 -29.54 -18.75 -15.21
N ILE C 457 -29.16 -19.36 -14.07
CA ILE C 457 -28.12 -18.83 -13.16
C ILE C 457 -26.76 -18.80 -13.85
N LEU C 458 -26.40 -19.88 -14.58
CA LEU C 458 -25.11 -19.99 -15.26
C LEU C 458 -25.01 -19.18 -16.57
N ALA C 459 -26.15 -18.85 -17.19
CA ALA C 459 -26.19 -18.09 -18.45
C ALA C 459 -25.95 -16.59 -18.25
N ASP C 460 -26.35 -16.06 -17.07
CA ASP C 460 -26.23 -14.65 -16.71
C ASP C 460 -25.36 -14.49 -15.47
N GLU C 461 -24.22 -13.79 -15.61
CA GLU C 461 -23.28 -13.52 -14.52
C GLU C 461 -23.90 -12.61 -13.46
N GLU C 462 -24.87 -11.76 -13.85
CA GLU C 462 -25.58 -10.84 -12.97
C GLU C 462 -26.55 -11.60 -12.04
N VAL C 463 -27.22 -12.64 -12.57
CA VAL C 463 -28.15 -13.48 -11.81
C VAL C 463 -27.36 -14.25 -10.72
N LEU C 464 -26.18 -14.76 -11.09
CA LEU C 464 -25.24 -15.46 -10.19
C LEU C 464 -24.75 -14.50 -9.10
N LEU C 465 -24.34 -13.28 -9.49
CA LEU C 465 -23.84 -12.25 -8.58
C LEU C 465 -24.91 -11.84 -7.59
N GLN C 466 -26.19 -11.74 -8.04
CA GLN C 466 -27.32 -11.41 -7.19
C GLN C 466 -27.59 -12.53 -6.16
N LEU C 467 -27.38 -13.79 -6.58
CA LEU C 467 -27.56 -14.97 -5.72
C LEU C 467 -26.56 -14.93 -4.55
N VAL C 468 -25.32 -14.49 -4.83
CA VAL C 468 -24.26 -14.29 -3.84
C VAL C 468 -24.72 -13.20 -2.86
N ARG C 469 -25.23 -12.06 -3.39
CA ARG C 469 -25.73 -10.94 -2.60
C ARG C 469 -26.86 -11.38 -1.68
N ASP C 470 -27.87 -12.11 -2.22
CA ASP C 470 -29.02 -12.62 -1.48
C ASP C 470 -28.63 -13.58 -0.37
N GLU C 471 -27.67 -14.48 -0.67
CA GLU C 471 -27.18 -15.45 0.31
C GLU C 471 -26.39 -14.77 1.44
N LEU C 472 -25.61 -13.71 1.11
CA LEU C 472 -24.85 -12.92 2.07
C LEU C 472 -25.77 -12.07 2.96
N THR C 473 -26.85 -11.50 2.37
CA THR C 473 -27.83 -10.67 3.08
C THR C 473 -28.51 -11.51 4.16
N GLU C 474 -28.85 -12.76 3.80
CA GLU C 474 -29.47 -13.73 4.72
C GLU C 474 -28.57 -14.00 5.92
N ILE C 475 -27.25 -14.18 5.71
CA ILE C 475 -26.23 -14.40 6.76
C ILE C 475 -26.20 -13.17 7.68
N ARG C 476 -26.14 -11.96 7.08
CA ARG C 476 -26.09 -10.67 7.77
C ARG C 476 -27.29 -10.50 8.70
N ASP C 477 -28.50 -10.78 8.19
CA ASP C 477 -29.74 -10.67 8.97
C ASP C 477 -29.84 -11.72 10.09
N ARG C 478 -29.17 -12.87 9.93
N ARG C 478 -29.18 -12.88 9.93
CA ARG C 478 -29.20 -13.99 10.86
CA ARG C 478 -29.22 -13.95 10.91
C ARG C 478 -28.11 -13.94 11.94
C ARG C 478 -28.11 -13.91 11.97
N PHE C 479 -26.88 -13.53 11.58
CA PHE C 479 -25.74 -13.50 12.51
C PHE C 479 -25.18 -12.12 12.82
N GLY C 480 -25.54 -11.13 12.01
CA GLY C 480 -25.10 -9.76 12.20
C GLY C 480 -25.56 -9.24 13.54
N ASP C 481 -24.63 -8.60 14.26
CA ASP C 481 -24.90 -8.06 15.59
C ASP C 481 -24.43 -6.61 15.70
N ASP C 482 -24.63 -6.02 16.88
CA ASP C 482 -24.24 -4.65 17.17
C ASP C 482 -22.74 -4.49 17.32
N ARG C 483 -22.27 -3.29 16.98
CA ARG C 483 -20.88 -2.87 17.16
C ARG C 483 -20.65 -2.78 18.68
N ARG C 484 -19.46 -3.21 19.14
CA ARG C 484 -19.13 -3.20 20.57
C ARG C 484 -18.11 -2.11 20.89
N THR C 485 -17.11 -1.96 20.00
CA THR C 485 -16.02 -1.00 20.12
C THR C 485 -16.46 0.36 19.63
N GLU C 486 -16.33 1.41 20.48
CA GLU C 486 -16.68 2.78 20.08
C GLU C 486 -15.46 3.44 19.43
N ILE C 487 -15.66 4.02 18.25
CA ILE C 487 -14.60 4.72 17.54
C ILE C 487 -14.80 6.22 17.87
N GLN C 488 -14.04 6.67 18.88
CA GLN C 488 -14.01 8.02 19.46
C GLN C 488 -13.41 9.04 18.46
N LEU C 489 -14.11 10.19 18.26
CA LEU C 489 -13.70 11.26 17.33
C LEU C 489 -12.45 12.02 17.79
N GLY C 490 -11.49 12.14 16.88
CA GLY C 490 -10.21 12.82 17.09
C GLY C 490 -9.05 11.96 16.58
N LYS D 9 24.77 -37.16 28.32
CA LYS D 9 23.82 -37.62 27.31
C LYS D 9 24.50 -38.34 26.12
N LEU D 10 25.78 -38.03 25.87
CA LEU D 10 26.58 -38.64 24.79
C LEU D 10 26.85 -40.13 25.04
N ALA D 11 26.54 -40.96 24.01
CA ALA D 11 26.81 -42.39 23.99
C ALA D 11 28.05 -42.59 23.11
N ASP D 12 29.24 -42.49 23.73
CA ASP D 12 30.54 -42.58 23.08
C ASP D 12 30.87 -43.97 22.49
N CYS D 13 31.82 -44.01 21.54
CA CYS D 13 32.31 -45.24 20.90
C CYS D 13 33.53 -45.79 21.67
N SER D 14 33.85 -47.08 21.50
CA SER D 14 34.97 -47.70 22.22
C SER D 14 36.34 -47.21 21.73
N SER D 15 36.50 -47.02 20.39
CA SER D 15 37.76 -46.54 19.78
C SER D 15 38.08 -45.11 20.19
N LYS D 16 39.39 -44.84 20.33
CA LYS D 16 39.91 -43.53 20.71
C LYS D 16 40.78 -42.94 19.59
N SER D 17 40.71 -43.54 18.37
CA SER D 17 41.44 -43.09 17.17
C SER D 17 40.47 -42.19 16.38
N PRO D 18 40.62 -40.84 16.45
CA PRO D 18 39.64 -39.94 15.80
C PRO D 18 39.43 -40.11 14.29
N GLU D 19 40.48 -40.50 13.56
CA GLU D 19 40.51 -40.76 12.12
C GLU D 19 39.38 -41.72 11.68
N GLU D 20 39.15 -42.79 12.48
CA GLU D 20 38.15 -43.82 12.24
C GLU D 20 36.82 -43.60 12.99
N CYS D 21 36.81 -42.65 13.93
CA CYS D 21 35.65 -42.35 14.77
C CYS D 21 34.71 -41.32 14.17
N GLU D 22 33.40 -41.59 14.31
CA GLU D 22 32.30 -40.79 13.80
C GLU D 22 31.26 -40.49 14.88
N ILE D 23 30.70 -39.29 14.86
CA ILE D 23 29.67 -38.90 15.82
C ILE D 23 28.40 -38.50 15.07
N PHE D 24 27.26 -39.03 15.51
CA PHE D 24 25.99 -38.71 14.89
C PHE D 24 25.18 -37.82 15.81
N LEU D 25 24.88 -36.57 15.35
CA LEU D 25 24.07 -35.60 16.10
C LEU D 25 22.63 -35.85 15.68
N VAL D 26 21.83 -36.42 16.58
CA VAL D 26 20.44 -36.78 16.32
C VAL D 26 19.46 -35.89 17.07
N GLU D 27 18.29 -35.66 16.47
CA GLU D 27 17.25 -34.86 17.09
C GLU D 27 16.45 -35.72 18.06
N GLY D 28 16.60 -35.37 19.33
CA GLY D 28 15.90 -35.99 20.45
C GLY D 28 16.38 -37.37 20.85
N ASP D 29 15.81 -37.85 21.97
CA ASP D 29 16.04 -39.18 22.51
C ASP D 29 15.23 -40.18 21.64
N SER D 30 14.36 -39.63 20.73
CA SER D 30 13.44 -40.22 19.72
C SER D 30 14.17 -40.91 18.54
N ALA D 31 15.41 -40.51 18.31
CA ALA D 31 16.33 -40.98 17.31
C ALA D 31 17.60 -41.50 18.02
N GLY D 32 17.83 -41.05 19.25
CA GLY D 32 18.96 -41.44 20.10
C GLY D 32 18.97 -42.93 20.39
N GLY D 33 17.87 -43.42 20.92
CA GLY D 33 17.70 -44.83 21.27
C GLY D 33 17.90 -45.81 20.14
N SER D 34 17.30 -45.52 18.96
CA SER D 34 17.40 -46.39 17.81
C SER D 34 18.79 -46.37 17.17
N THR D 35 19.44 -45.19 17.11
CA THR D 35 20.81 -45.07 16.59
C THR D 35 21.80 -45.68 17.56
N LYS D 36 21.56 -45.56 18.88
CA LYS D 36 22.41 -46.19 19.88
C LYS D 36 22.35 -47.73 19.71
N SER D 37 21.16 -48.26 19.35
CA SER D 37 20.94 -49.69 19.11
C SER D 37 21.53 -50.16 17.77
N GLY D 38 21.39 -49.33 16.74
CA GLY D 38 21.81 -49.65 15.37
C GLY D 38 23.26 -49.42 14.98
N ARG D 39 23.96 -48.56 15.71
CA ARG D 39 25.36 -48.19 15.44
C ARG D 39 26.37 -49.32 15.60
N ASP D 40 27.59 -49.05 15.12
CA ASP D 40 28.75 -49.89 15.34
C ASP D 40 29.40 -49.15 16.50
N SER D 41 29.11 -49.57 17.75
CA SER D 41 29.58 -48.95 18.99
C SER D 41 31.10 -48.85 19.12
N ARG D 42 31.83 -49.47 18.21
CA ARG D 42 33.28 -49.44 18.22
C ARG D 42 33.82 -48.11 17.69
N THR D 43 33.22 -47.59 16.59
CA THR D 43 33.67 -46.34 15.93
C THR D 43 32.58 -45.27 15.75
N GLN D 44 31.36 -45.54 16.23
CA GLN D 44 30.25 -44.59 16.09
C GLN D 44 29.68 -44.15 17.44
N ALA D 45 29.68 -42.84 17.68
CA ALA D 45 29.17 -42.20 18.89
C ALA D 45 27.85 -41.51 18.56
N ILE D 46 26.97 -41.34 19.56
CA ILE D 46 25.68 -40.68 19.36
C ILE D 46 25.50 -39.54 20.36
N LEU D 47 25.17 -38.35 19.85
CA LEU D 47 24.86 -37.19 20.69
C LEU D 47 23.41 -36.76 20.45
N PRO D 48 22.46 -37.22 21.32
CA PRO D 48 21.06 -36.80 21.16
C PRO D 48 20.88 -35.36 21.64
N LEU D 49 20.26 -34.52 20.81
CA LEU D 49 20.05 -33.11 21.12
C LEU D 49 18.59 -32.82 21.47
N ARG D 50 18.35 -31.93 22.47
CA ARG D 50 17.00 -31.57 22.93
C ARG D 50 16.32 -30.51 22.03
N GLY D 51 15.99 -30.91 20.80
CA GLY D 51 15.31 -30.09 19.79
C GLY D 51 16.14 -28.99 19.15
N LYS D 52 15.48 -27.85 18.81
CA LYS D 52 16.10 -26.69 18.19
C LYS D 52 17.11 -26.03 19.13
N ILE D 53 18.33 -25.78 18.64
CA ILE D 53 19.35 -25.09 19.40
C ILE D 53 19.18 -23.58 19.18
N LEU D 54 19.96 -22.80 19.92
CA LEU D 54 20.01 -21.34 19.85
C LEU D 54 20.49 -20.91 18.46
N ASN D 55 19.93 -19.81 17.90
CA ASN D 55 20.43 -19.25 16.64
C ASN D 55 21.60 -18.35 17.06
N VAL D 56 22.83 -18.85 16.83
CA VAL D 56 24.08 -18.20 17.23
C VAL D 56 24.38 -16.91 16.42
N GLU D 57 23.69 -16.70 15.27
CA GLU D 57 23.88 -15.47 14.48
C GLU D 57 23.15 -14.30 15.18
N LYS D 58 22.05 -14.61 15.92
CA LYS D 58 21.23 -13.65 16.66
C LYS D 58 21.67 -13.51 18.13
N ALA D 59 21.89 -14.65 18.83
CA ALA D 59 22.28 -14.70 20.24
C ALA D 59 23.67 -14.16 20.53
N ARG D 60 23.85 -13.62 21.75
CA ARG D 60 25.13 -13.09 22.24
C ARG D 60 25.90 -14.23 22.94
N LEU D 61 27.24 -14.13 22.99
CA LEU D 61 28.16 -15.15 23.53
C LEU D 61 27.79 -15.69 24.92
N ASP D 62 27.41 -14.81 25.88
CA ASP D 62 27.05 -15.24 27.24
C ASP D 62 25.87 -16.24 27.25
N ARG D 63 24.85 -15.99 26.43
CA ARG D 63 23.66 -16.84 26.26
C ARG D 63 24.03 -18.18 25.59
N ILE D 64 24.93 -18.13 24.58
CA ILE D 64 25.45 -19.28 23.82
C ILE D 64 26.26 -20.24 24.73
N LEU D 65 27.21 -19.69 25.52
CA LEU D 65 28.07 -20.45 26.42
C LEU D 65 27.32 -21.10 27.59
N ASN D 66 26.18 -20.51 28.00
CA ASN D 66 25.36 -21.05 29.09
C ASN D 66 24.35 -22.11 28.60
N ASN D 67 24.24 -22.30 27.27
CA ASN D 67 23.34 -23.30 26.69
C ASN D 67 23.95 -24.70 26.82
N ASN D 68 23.21 -25.63 27.47
CA ASN D 68 23.61 -27.01 27.73
C ASN D 68 23.89 -27.81 26.46
N GLU D 69 23.03 -27.67 25.42
CA GLU D 69 23.17 -28.37 24.13
C GLU D 69 24.39 -27.92 23.34
N ILE D 70 24.73 -26.61 23.45
CA ILE D 70 25.92 -26.01 22.83
C ILE D 70 27.15 -26.56 23.58
N ARG D 71 27.10 -26.53 24.94
CA ARG D 71 28.14 -27.01 25.84
C ARG D 71 28.47 -28.49 25.58
N GLN D 72 27.42 -29.35 25.47
CA GLN D 72 27.53 -30.79 25.21
C GLN D 72 28.31 -31.09 23.93
N MET D 73 28.03 -30.30 22.85
CA MET D 73 28.71 -30.44 21.56
C MET D 73 30.18 -30.07 21.66
N ILE D 74 30.49 -28.89 22.28
CA ILE D 74 31.86 -28.40 22.50
C ILE D 74 32.69 -29.45 23.25
N THR D 75 32.12 -29.99 24.36
CA THR D 75 32.72 -31.03 25.20
C THR D 75 32.98 -32.32 24.38
N ALA D 76 31.96 -32.79 23.63
CA ALA D 76 32.05 -34.00 22.80
C ALA D 76 33.10 -33.92 21.70
N PHE D 77 33.17 -32.78 21.00
CA PHE D 77 34.13 -32.57 19.90
C PHE D 77 35.56 -32.41 20.40
N GLY D 78 35.71 -31.82 21.60
CA GLY D 78 36.98 -31.57 22.26
C GLY D 78 37.60 -30.25 21.89
N THR D 79 37.75 -30.01 20.57
CA THR D 79 38.33 -28.86 19.86
C THR D 79 38.47 -27.52 20.61
N GLY D 80 37.39 -27.05 21.24
CA GLY D 80 37.33 -25.75 21.87
C GLY D 80 36.57 -24.80 20.96
N ILE D 81 36.58 -23.49 21.27
CA ILE D 81 35.81 -22.49 20.50
C ILE D 81 36.63 -21.28 20.04
N GLY D 82 36.33 -20.82 18.81
CA GLY D 82 36.92 -19.64 18.19
C GLY D 82 38.43 -19.58 18.19
N GLY D 83 38.98 -18.79 19.10
CA GLY D 83 40.41 -18.59 19.25
C GLY D 83 41.13 -19.75 19.90
N ASP D 84 40.42 -20.50 20.77
CA ASP D 84 40.98 -21.64 21.49
C ASP D 84 40.75 -22.96 20.74
N PHE D 85 40.20 -22.88 19.50
CA PHE D 85 39.90 -24.02 18.63
C PHE D 85 41.17 -24.76 18.20
N ASP D 86 41.17 -26.09 18.35
CA ASP D 86 42.28 -26.96 17.98
C ASP D 86 41.74 -28.18 17.24
N LEU D 87 41.95 -28.19 15.90
CA LEU D 87 41.53 -29.25 14.98
C LEU D 87 42.23 -30.58 15.29
N ALA D 88 43.46 -30.53 15.83
CA ALA D 88 44.26 -31.70 16.20
C ALA D 88 43.69 -32.43 17.43
N LYS D 89 42.82 -31.74 18.21
CA LYS D 89 42.17 -32.24 19.42
C LYS D 89 40.78 -32.83 19.13
N ALA D 90 40.31 -32.78 17.85
CA ALA D 90 39.01 -33.31 17.42
C ALA D 90 38.91 -34.80 17.69
N ARG D 91 37.92 -35.23 18.49
CA ARG D 91 37.73 -36.64 18.86
C ARG D 91 37.12 -37.50 17.74
N TYR D 92 36.52 -36.84 16.72
CA TYR D 92 35.87 -37.50 15.58
C TYR D 92 36.21 -36.77 14.30
N HIS D 93 36.45 -37.52 13.22
CA HIS D 93 36.76 -36.95 11.90
C HIS D 93 35.51 -36.93 11.00
N LYS D 94 34.36 -37.35 11.56
CA LYS D 94 33.05 -37.29 10.92
C LYS D 94 32.00 -36.88 11.96
N ILE D 95 31.42 -35.68 11.78
CA ILE D 95 30.34 -35.15 12.62
C ILE D 95 29.13 -35.12 11.68
N VAL D 96 28.21 -36.06 11.85
CA VAL D 96 27.06 -36.16 10.97
C VAL D 96 25.82 -35.50 11.56
N ILE D 97 25.28 -34.51 10.85
CA ILE D 97 24.05 -33.84 11.25
C ILE D 97 22.90 -34.73 10.73
N MET D 98 22.24 -35.44 11.63
CA MET D 98 21.17 -36.35 11.29
C MET D 98 19.82 -35.71 11.62
N THR D 99 19.06 -35.35 10.58
CA THR D 99 17.75 -34.69 10.73
C THR D 99 16.69 -35.42 9.90
N ASP D 100 15.43 -35.06 10.09
CA ASP D 100 14.31 -35.63 9.33
C ASP D 100 14.11 -34.79 8.07
N ALA D 101 13.45 -35.37 7.07
CA ALA D 101 13.09 -34.70 5.82
C ALA D 101 11.73 -34.00 6.02
N ASP D 102 11.72 -32.97 6.89
CA ASP D 102 10.53 -32.18 7.22
C ASP D 102 10.89 -30.73 7.62
N VAL D 103 9.85 -29.91 7.91
CA VAL D 103 9.95 -28.50 8.32
C VAL D 103 10.94 -28.28 9.48
N ASP D 104 10.78 -29.05 10.56
CA ASP D 104 11.59 -28.96 11.78
C ASP D 104 13.02 -29.50 11.58
N GLY D 105 13.16 -30.55 10.79
CA GLY D 105 14.45 -31.15 10.44
C GLY D 105 15.31 -30.17 9.67
N ALA D 106 14.68 -29.49 8.69
CA ALA D 106 15.31 -28.46 7.85
C ALA D 106 15.84 -27.30 8.71
N HIS D 107 15.02 -26.81 9.67
CA HIS D 107 15.42 -25.73 10.56
C HIS D 107 16.59 -26.13 11.45
N ILE D 108 16.55 -27.37 12.00
CA ILE D 108 17.60 -27.91 12.85
C ILE D 108 18.93 -27.95 12.09
N ARG D 109 18.87 -28.34 10.79
CA ARG D 109 20.01 -28.40 9.88
C ARG D 109 20.64 -27.00 9.76
N THR D 110 19.80 -25.95 9.54
CA THR D 110 20.27 -24.56 9.39
C THR D 110 20.87 -24.00 10.69
N LEU D 111 20.25 -24.30 11.85
CA LEU D 111 20.74 -23.84 13.16
C LEU D 111 22.09 -24.49 13.49
N LEU D 112 22.23 -25.80 13.22
CA LEU D 112 23.47 -26.53 13.49
C LEU D 112 24.61 -26.07 12.60
N LEU D 113 24.35 -25.88 11.29
CA LEU D 113 25.35 -25.38 10.34
C LEU D 113 25.82 -23.98 10.70
N THR D 114 24.93 -23.16 11.27
CA THR D 114 25.17 -21.80 11.74
C THR D 114 26.14 -21.82 12.93
N PHE D 115 25.96 -22.77 13.86
CA PHE D 115 26.82 -22.95 15.03
C PHE D 115 28.21 -23.34 14.57
N PHE D 116 28.29 -24.33 13.66
CA PHE D 116 29.51 -24.84 13.08
C PHE D 116 30.25 -23.79 12.28
N TYR D 117 29.52 -22.92 11.56
CA TYR D 117 30.15 -21.87 10.75
C TYR D 117 30.74 -20.74 11.58
N ARG D 118 30.03 -20.32 12.64
CA ARG D 118 30.46 -19.21 13.47
C ARG D 118 31.45 -19.59 14.59
N PHE D 119 31.36 -20.82 15.14
CA PHE D 119 32.22 -21.24 16.26
C PHE D 119 33.26 -22.32 15.94
N MET D 120 32.98 -23.20 14.96
CA MET D 120 33.89 -24.28 14.61
C MET D 120 34.17 -24.37 13.10
N ARG D 121 34.38 -23.21 12.45
CA ARG D 121 34.65 -23.07 11.01
C ARG D 121 35.73 -24.05 10.47
N PRO D 122 36.94 -24.24 11.08
CA PRO D 122 37.92 -25.19 10.50
C PRO D 122 37.46 -26.64 10.41
N LEU D 123 36.43 -27.02 11.19
CA LEU D 123 35.82 -28.35 11.18
C LEU D 123 35.14 -28.62 9.83
N ILE D 124 34.50 -27.59 9.25
CA ILE D 124 33.86 -27.65 7.93
C ILE D 124 34.97 -27.66 6.87
N GLU D 125 35.97 -26.78 7.05
CA GLU D 125 37.14 -26.64 6.18
C GLU D 125 37.93 -27.93 6.05
N ALA D 126 37.98 -28.75 7.14
CA ALA D 126 38.67 -30.04 7.17
C ALA D 126 37.82 -31.19 6.56
N GLY D 127 36.59 -30.87 6.20
CA GLY D 127 35.65 -31.83 5.60
C GLY D 127 35.13 -32.85 6.60
N TYR D 128 35.07 -32.46 7.90
CA TYR D 128 34.60 -33.33 8.98
C TYR D 128 33.09 -33.28 9.14
N VAL D 129 32.41 -32.21 8.67
CA VAL D 129 30.96 -32.08 8.86
C VAL D 129 30.18 -32.69 7.67
N TYR D 130 29.24 -33.58 7.99
CA TYR D 130 28.42 -34.32 7.04
C TYR D 130 26.93 -34.13 7.34
N ILE D 131 26.09 -34.40 6.35
CA ILE D 131 24.63 -34.30 6.45
C ILE D 131 24.00 -35.64 6.05
N ALA D 132 23.08 -36.14 6.89
CA ALA D 132 22.33 -37.37 6.65
C ALA D 132 20.87 -37.15 7.00
N GLN D 133 20.00 -37.79 6.24
CA GLN D 133 18.55 -37.74 6.43
C GLN D 133 17.91 -39.10 6.08
N PRO D 134 16.63 -39.38 6.44
CA PRO D 134 16.06 -40.68 6.08
C PRO D 134 16.07 -40.95 4.57
N PRO D 135 16.20 -42.23 4.14
CA PRO D 135 16.08 -42.51 2.70
C PRO D 135 14.62 -42.35 2.22
N THR D 136 14.43 -42.27 0.90
CA THR D 136 13.12 -42.12 0.30
C THR D 136 12.24 -43.29 0.70
N GLY D 137 11.03 -42.95 1.13
CA GLY D 137 10.04 -43.89 1.65
C GLY D 137 9.82 -43.63 3.12
N TYR D 138 10.74 -42.85 3.71
CA TYR D 138 10.75 -42.41 5.10
C TYR D 138 10.88 -40.89 5.11
N LYS D 139 10.15 -40.20 6.03
CA LYS D 139 10.20 -38.75 6.24
C LYS D 139 10.98 -38.43 7.53
N GLY D 140 10.79 -39.27 8.55
CA GLY D 140 11.46 -39.12 9.83
C GLY D 140 12.29 -40.31 10.26
N LEU D 141 13.38 -40.03 10.99
CA LEU D 141 14.28 -41.06 11.53
C LEU D 141 13.60 -41.97 12.56
N GLY D 142 12.58 -41.44 13.23
CA GLY D 142 11.77 -42.18 14.21
C GLY D 142 10.87 -43.23 13.58
N GLU D 143 10.63 -43.16 12.25
CA GLU D 143 9.82 -44.11 11.47
C GLU D 143 10.59 -45.41 11.21
N MET D 144 11.94 -45.33 11.27
CA MET D 144 12.85 -46.43 10.95
C MET D 144 13.17 -47.38 12.08
N ASN D 145 13.35 -48.67 11.74
CA ASN D 145 13.78 -49.68 12.67
C ASN D 145 15.29 -49.56 12.71
N ALA D 146 15.93 -49.87 13.85
CA ALA D 146 17.38 -49.77 14.04
C ALA D 146 18.22 -50.47 12.96
N ASP D 147 17.75 -51.64 12.48
CA ASP D 147 18.41 -52.40 11.43
C ASP D 147 18.43 -51.62 10.10
N GLN D 148 17.33 -50.94 9.76
CA GLN D 148 17.24 -50.12 8.55
C GLN D 148 18.03 -48.84 8.71
N LEU D 149 18.01 -48.29 9.94
CA LEU D 149 18.80 -47.10 10.31
C LEU D 149 20.28 -47.41 10.12
N TRP D 150 20.70 -48.63 10.50
CA TRP D 150 22.06 -49.09 10.29
C TRP D 150 22.36 -49.27 8.80
N GLU D 151 21.64 -50.22 8.14
CA GLU D 151 21.82 -50.62 6.75
C GLU D 151 21.74 -49.50 5.70
N THR D 152 21.00 -48.42 5.95
CA THR D 152 20.83 -47.34 4.99
C THR D 152 21.51 -46.01 5.36
N THR D 153 21.72 -45.76 6.67
CA THR D 153 22.19 -44.46 7.11
C THR D 153 23.52 -44.49 7.86
N MET D 154 23.81 -45.61 8.54
CA MET D 154 24.97 -45.72 9.41
C MET D 154 26.07 -46.67 8.96
N ASN D 155 25.75 -47.61 8.06
CA ASN D 155 26.70 -48.59 7.59
C ASN D 155 27.61 -47.99 6.52
N PRO D 156 28.93 -47.88 6.80
CA PRO D 156 29.85 -47.27 5.79
C PRO D 156 29.88 -47.99 4.45
N GLU D 157 29.54 -49.31 4.44
CA GLU D 157 29.49 -50.19 3.25
C GLU D 157 28.46 -49.73 2.17
N HIS D 158 27.37 -49.05 2.59
CA HIS D 158 26.30 -48.54 1.74
C HIS D 158 25.37 -47.57 2.50
N ARG D 159 25.80 -46.29 2.63
CA ARG D 159 25.07 -45.18 3.26
C ARG D 159 25.09 -43.97 2.33
N ALA D 160 24.35 -42.91 2.69
CA ALA D 160 24.25 -41.71 1.87
C ALA D 160 24.60 -40.42 2.64
N LEU D 161 25.89 -40.19 2.92
CA LEU D 161 26.31 -38.98 3.63
C LEU D 161 26.74 -37.90 2.67
N LEU D 162 26.35 -36.64 2.94
CA LEU D 162 26.75 -35.50 2.13
C LEU D 162 27.79 -34.69 2.90
N GLN D 163 28.99 -34.56 2.35
CA GLN D 163 30.07 -33.80 2.97
C GLN D 163 29.82 -32.32 2.76
N VAL D 164 29.81 -31.54 3.86
CA VAL D 164 29.60 -30.10 3.79
C VAL D 164 30.91 -29.44 3.35
N LYS D 165 30.84 -28.68 2.25
CA LYS D 165 31.99 -28.00 1.66
C LYS D 165 31.83 -26.49 1.68
N LEU D 166 32.92 -25.78 2.05
CA LEU D 166 33.00 -24.33 2.09
C LEU D 166 33.80 -23.91 0.84
N GLU D 167 33.09 -23.41 -0.18
CA GLU D 167 33.71 -23.01 -1.45
C GLU D 167 34.11 -21.54 -1.45
N ASP D 168 33.15 -20.64 -1.13
CA ASP D 168 33.38 -19.21 -1.12
C ASP D 168 33.02 -18.65 0.26
N ALA D 169 34.05 -18.17 0.99
CA ALA D 169 33.94 -17.60 2.34
C ALA D 169 33.08 -16.33 2.40
N ILE D 170 33.23 -15.43 1.41
CA ILE D 170 32.46 -14.18 1.33
C ILE D 170 30.97 -14.47 1.09
N GLU D 171 30.65 -15.37 0.14
CA GLU D 171 29.28 -15.78 -0.22
C GLU D 171 28.60 -16.47 0.97
N ALA D 172 29.34 -17.32 1.74
CA ALA D 172 28.83 -18.02 2.91
C ALA D 172 28.50 -17.03 4.03
N ASP D 173 29.44 -16.11 4.34
CA ASP D 173 29.27 -15.05 5.36
C ASP D 173 27.98 -14.25 5.08
N GLN D 174 27.73 -13.94 3.79
CA GLN D 174 26.57 -13.21 3.30
C GLN D 174 25.29 -14.03 3.46
N THR D 175 25.35 -15.35 3.12
CA THR D 175 24.24 -16.31 3.22
C THR D 175 23.79 -16.49 4.67
N PHE D 176 24.73 -16.69 5.60
CA PHE D 176 24.44 -16.87 7.02
C PHE D 176 23.87 -15.58 7.65
N GLU D 177 24.34 -14.40 7.22
CA GLU D 177 23.84 -13.11 7.71
C GLU D 177 22.43 -12.82 7.17
N MET D 178 22.17 -13.14 5.90
CA MET D 178 20.88 -12.93 5.25
C MET D 178 19.80 -13.84 5.83
N LEU D 179 20.10 -15.15 5.94
CA LEU D 179 19.16 -16.17 6.41
C LEU D 179 18.98 -16.23 7.93
N MET D 180 20.07 -16.11 8.69
CA MET D 180 20.03 -16.27 10.15
C MET D 180 20.18 -14.99 11.00
N GLY D 181 20.50 -13.86 10.36
CA GLY D 181 20.70 -12.58 11.02
C GLY D 181 19.45 -11.84 11.49
N ASP D 182 19.65 -10.69 12.12
CA ASP D 182 18.61 -9.80 12.67
C ASP D 182 17.71 -9.07 11.64
N VAL D 183 18.22 -8.83 10.40
CA VAL D 183 17.48 -8.08 9.37
C VAL D 183 16.48 -8.99 8.61
N VAL D 184 15.19 -8.91 9.02
CA VAL D 184 14.06 -9.67 8.49
C VAL D 184 13.88 -9.45 6.97
N GLU D 185 13.99 -8.19 6.51
CA GLU D 185 13.79 -7.81 5.11
C GLU D 185 14.64 -8.60 4.08
N ASN D 186 15.92 -8.86 4.38
CA ASN D 186 16.82 -9.59 3.48
C ASN D 186 16.35 -11.02 3.31
N ARG D 187 15.88 -11.61 4.42
CA ARG D 187 15.31 -12.94 4.54
C ARG D 187 13.96 -12.98 3.78
N ARG D 188 13.10 -11.96 3.98
CA ARG D 188 11.80 -11.84 3.32
C ARG D 188 11.96 -11.77 1.81
N GLN D 189 12.95 -10.98 1.34
CA GLN D 189 13.26 -10.83 -0.07
C GLN D 189 13.79 -12.14 -0.66
N PHE D 190 14.66 -12.84 0.06
CA PHE D 190 15.15 -14.15 -0.37
C PHE D 190 13.99 -15.17 -0.55
N ILE D 191 13.05 -15.20 0.42
CA ILE D 191 11.87 -16.06 0.40
C ILE D 191 11.00 -15.72 -0.80
N GLU D 192 10.72 -14.41 -0.99
CA GLU D 192 9.92 -13.86 -2.10
C GLU D 192 10.52 -14.21 -3.46
N ASP D 193 11.85 -14.06 -3.60
CA ASP D 193 12.60 -14.33 -4.82
C ASP D 193 12.74 -15.83 -5.15
N ASN D 194 12.81 -16.71 -4.14
CA ASN D 194 13.04 -18.14 -4.37
C ASN D 194 11.86 -19.06 -4.02
N ALA D 195 10.66 -18.48 -3.77
CA ALA D 195 9.42 -19.20 -3.42
C ALA D 195 8.96 -20.25 -4.44
N VAL D 196 9.28 -20.05 -5.73
CA VAL D 196 8.91 -20.95 -6.85
C VAL D 196 9.54 -22.33 -6.63
N TYR D 197 10.79 -22.38 -6.11
CA TYR D 197 11.54 -23.59 -5.81
C TYR D 197 11.43 -23.94 -4.32
N ASN G 9 -18.39 38.66 13.10
CA ASN G 9 -17.77 39.63 14.00
C ASN G 9 -16.48 39.13 14.65
N GLU G 10 -16.45 37.85 15.07
CA GLU G 10 -15.29 37.22 15.73
C GLU G 10 -14.91 35.88 15.09
N ARG G 11 -13.64 35.47 15.25
CA ARG G 11 -13.10 34.20 14.73
C ARG G 11 -12.07 33.64 15.71
N ASN G 12 -12.18 32.33 16.01
CA ASN G 12 -11.24 31.61 16.87
C ASN G 12 -9.91 31.46 16.11
N ILE G 13 -8.79 31.84 16.74
CA ILE G 13 -7.44 31.80 16.16
C ILE G 13 -7.09 30.38 15.62
N THR G 14 -7.48 29.33 16.37
CA THR G 14 -7.29 27.92 16.03
C THR G 14 -8.08 27.55 14.75
N SER G 15 -9.37 27.92 14.69
CA SER G 15 -10.26 27.67 13.55
C SER G 15 -9.70 28.35 12.31
N GLU G 16 -9.28 29.63 12.44
CA GLU G 16 -8.72 30.40 11.34
C GLU G 16 -7.41 29.79 10.82
N MET G 17 -6.49 29.46 11.74
CA MET G 17 -5.19 28.87 11.40
C MET G 17 -5.36 27.59 10.60
N ARG G 18 -6.21 26.67 11.10
CA ARG G 18 -6.50 25.37 10.47
C ARG G 18 -7.12 25.56 9.09
N GLU G 19 -8.13 26.46 8.98
CA GLU G 19 -8.82 26.75 7.72
C GLU G 19 -7.88 27.36 6.68
N SER G 20 -7.09 28.38 7.06
CA SER G 20 -6.18 29.07 6.13
C SER G 20 -4.98 28.22 5.71
N PHE G 21 -4.44 27.42 6.65
CA PHE G 21 -3.32 26.56 6.34
C PHE G 21 -3.72 25.44 5.41
N LEU G 22 -4.93 24.92 5.59
CA LEU G 22 -5.50 23.86 4.76
C LEU G 22 -5.74 24.36 3.34
N ASP G 23 -6.33 25.57 3.18
CA ASP G 23 -6.61 26.20 1.88
C ASP G 23 -5.34 26.37 1.04
N TYR G 24 -4.27 26.87 1.70
CA TYR G 24 -2.95 27.06 1.12
C TYR G 24 -2.30 25.71 0.75
N ALA G 25 -2.21 24.79 1.72
CA ALA G 25 -1.58 23.49 1.56
C ALA G 25 -2.20 22.67 0.43
N MET G 26 -3.55 22.59 0.37
N MET G 26 -3.56 22.57 0.39
CA MET G 26 -4.28 21.84 -0.66
CA MET G 26 -4.33 21.85 -0.63
C MET G 26 -3.98 22.35 -2.03
C MET G 26 -4.01 22.36 -2.02
N SER G 27 -4.00 23.70 -2.19
CA SER G 27 -3.75 24.40 -3.44
C SER G 27 -2.36 24.14 -4.00
N VAL G 28 -1.33 24.15 -3.14
CA VAL G 28 0.06 23.83 -3.53
C VAL G 28 0.16 22.35 -3.97
N ILE G 29 -0.51 21.46 -3.21
CA ILE G 29 -0.53 20.02 -3.44
C ILE G 29 -1.21 19.65 -4.76
N VAL G 30 -2.51 20.02 -4.94
CA VAL G 30 -3.32 19.63 -6.09
C VAL G 30 -3.14 20.52 -7.31
N ALA G 31 -2.77 21.82 -7.12
CA ALA G 31 -2.72 22.77 -8.24
C ALA G 31 -1.40 23.52 -8.41
N ARG G 32 -0.24 22.91 -8.06
CA ARG G 32 1.05 23.58 -8.21
C ARG G 32 2.29 22.67 -8.26
N ALA G 33 2.62 22.05 -7.12
CA ALA G 33 3.86 21.31 -6.86
C ALA G 33 3.93 19.85 -7.25
N LEU G 34 2.79 19.15 -7.27
CA LEU G 34 2.86 17.71 -7.53
C LEU G 34 2.32 17.27 -8.90
N PRO G 35 2.87 16.17 -9.47
CA PRO G 35 2.33 15.67 -10.74
C PRO G 35 1.16 14.69 -10.56
N ASP G 36 0.34 14.55 -11.62
CA ASP G 36 -0.76 13.60 -11.65
C ASP G 36 -0.15 12.25 -12.04
N VAL G 37 -0.58 11.14 -11.40
CA VAL G 37 -0.06 9.79 -11.67
C VAL G 37 -0.27 9.34 -13.16
N ARG G 38 -1.41 9.73 -13.76
CA ARG G 38 -1.84 9.35 -15.10
C ARG G 38 -0.96 9.89 -16.22
N ASP G 39 -0.67 11.22 -16.24
CA ASP G 39 0.17 11.84 -17.29
C ASP G 39 1.56 12.30 -16.81
N GLY G 40 1.77 12.34 -15.50
CA GLY G 40 3.04 12.71 -14.90
C GLY G 40 3.36 14.18 -14.94
N LEU G 41 2.32 15.02 -15.15
CA LEU G 41 2.47 16.46 -15.30
C LEU G 41 1.90 17.30 -14.17
N LYS G 42 2.57 18.43 -13.92
CA LYS G 42 2.19 19.45 -12.94
C LYS G 42 1.35 20.46 -13.74
N PRO G 43 0.47 21.30 -13.13
CA PRO G 43 -0.34 22.23 -13.95
C PRO G 43 0.40 23.05 -15.01
N VAL G 44 1.56 23.69 -14.66
CA VAL G 44 2.31 24.54 -15.58
C VAL G 44 2.80 23.74 -16.82
N HIS G 45 3.28 22.50 -16.62
CA HIS G 45 3.78 21.63 -17.69
C HIS G 45 2.67 21.19 -18.62
N ARG G 46 1.50 20.84 -18.06
CA ARG G 46 0.35 20.41 -18.82
C ARG G 46 -0.12 21.53 -19.72
N ARG G 47 -0.09 22.77 -19.20
CA ARG G 47 -0.48 23.99 -19.91
C ARG G 47 0.44 24.30 -21.07
N ILE G 48 1.76 24.15 -20.89
CA ILE G 48 2.74 24.36 -21.95
C ILE G 48 2.44 23.40 -23.13
N LEU G 49 2.28 22.10 -22.85
CA LEU G 49 2.03 21.10 -23.88
C LEU G 49 0.65 21.26 -24.54
N TYR G 50 -0.37 21.62 -23.74
CA TYR G 50 -1.69 21.88 -24.30
C TYR G 50 -1.63 23.10 -25.23
N GLY G 51 -0.89 24.15 -24.78
CA GLY G 51 -0.66 25.35 -25.55
C GLY G 51 0.00 25.04 -26.89
N LEU G 52 1.00 24.16 -26.90
CA LEU G 52 1.70 23.73 -28.11
C LEU G 52 0.76 22.99 -29.05
N ASN G 53 -0.19 22.25 -28.47
CA ASN G 53 -1.16 21.48 -29.23
C ASN G 53 -2.16 22.40 -29.93
N GLU G 54 -2.75 23.34 -29.17
CA GLU G 54 -3.72 24.32 -29.68
C GLU G 54 -3.15 25.26 -30.71
N GLN G 55 -1.87 25.60 -30.57
CA GLN G 55 -1.18 26.47 -31.51
C GLN G 55 -0.56 25.70 -32.72
N GLY G 56 -0.86 24.40 -32.81
CA GLY G 56 -0.42 23.50 -33.86
C GLY G 56 1.08 23.42 -34.04
N MET G 57 1.83 23.49 -32.93
CA MET G 57 3.29 23.47 -32.92
C MET G 57 3.81 22.04 -32.87
N THR G 58 3.39 21.27 -33.88
CA THR G 58 3.65 19.85 -34.04
C THR G 58 5.03 19.59 -34.66
N PRO G 59 5.59 18.37 -34.53
CA PRO G 59 6.93 18.12 -35.10
C PRO G 59 7.09 18.34 -36.59
N ASP G 60 6.01 18.14 -37.40
CA ASP G 60 5.99 18.26 -38.86
C ASP G 60 5.98 19.70 -39.40
N LYS G 61 5.66 20.69 -38.53
CA LYS G 61 5.62 22.11 -38.90
C LYS G 61 6.91 22.78 -38.39
N SER G 62 7.24 23.97 -38.91
CA SER G 62 8.47 24.67 -38.50
C SER G 62 8.41 25.15 -37.07
N TYR G 63 9.58 25.41 -36.47
CA TYR G 63 9.72 25.97 -35.13
C TYR G 63 9.01 27.31 -35.02
N LYS G 64 8.47 27.61 -33.83
CA LYS G 64 7.84 28.90 -33.54
C LYS G 64 8.58 29.55 -32.35
N LYS G 65 8.64 30.89 -32.31
CA LYS G 65 9.37 31.61 -31.26
C LYS G 65 8.82 31.28 -29.90
N SER G 66 9.68 31.17 -28.88
CA SER G 66 9.26 30.83 -27.52
C SER G 66 8.28 31.85 -26.92
N ALA G 67 8.45 33.13 -27.28
CA ALA G 67 7.59 34.21 -26.85
C ALA G 67 6.16 33.95 -27.29
N ARG G 68 5.98 33.43 -28.53
CA ARG G 68 4.68 33.07 -29.10
C ARG G 68 3.97 32.00 -28.27
N ILE G 69 4.72 31.00 -27.81
CA ILE G 69 4.22 29.91 -26.95
C ILE G 69 3.90 30.45 -25.53
N VAL G 70 4.91 31.00 -24.82
CA VAL G 70 4.85 31.51 -23.45
C VAL G 70 3.68 32.47 -23.25
N GLY G 71 3.60 33.51 -24.09
CA GLY G 71 2.54 34.50 -24.07
C GLY G 71 1.15 33.88 -24.16
N ASP G 72 0.99 32.84 -25.00
CA ASP G 72 -0.27 32.14 -25.18
C ASP G 72 -0.64 31.36 -23.91
N VAL G 73 0.32 30.64 -23.31
CA VAL G 73 0.00 29.84 -22.11
C VAL G 73 -0.22 30.79 -20.92
N MET G 74 0.53 31.88 -20.84
CA MET G 74 0.39 32.88 -19.79
C MET G 74 -0.97 33.56 -19.77
N GLY G 75 -1.40 34.03 -20.94
CA GLY G 75 -2.66 34.72 -21.09
C GLY G 75 -3.88 33.82 -21.04
N LYS G 76 -3.78 32.63 -21.65
CA LYS G 76 -4.92 31.72 -21.70
C LYS G 76 -5.05 30.76 -20.50
N TYR G 77 -3.93 30.31 -19.90
CA TYR G 77 -4.01 29.27 -18.86
C TYR G 77 -3.27 29.54 -17.54
N HIS G 78 -2.11 30.18 -17.58
CA HIS G 78 -1.22 30.34 -16.42
C HIS G 78 -0.92 31.83 -16.09
N PRO G 79 -1.83 32.53 -15.37
CA PRO G 79 -1.60 33.96 -15.10
C PRO G 79 -0.59 34.24 -13.98
N HIS G 80 0.68 33.88 -14.24
CA HIS G 80 1.80 34.05 -13.32
C HIS G 80 2.98 34.59 -14.14
N GLY G 81 4.15 34.77 -13.54
CA GLY G 81 5.30 35.30 -14.29
C GLY G 81 5.65 34.47 -15.50
N ASP G 82 5.82 35.11 -16.67
CA ASP G 82 6.19 34.51 -17.95
C ASP G 82 7.51 33.71 -17.90
N SER G 83 8.38 34.03 -16.91
CA SER G 83 9.65 33.33 -16.70
C SER G 83 9.41 31.93 -16.14
N SER G 84 8.40 31.76 -15.25
CA SER G 84 8.04 30.45 -14.71
C SER G 84 7.69 29.49 -15.86
N ILE G 85 6.92 29.99 -16.87
CA ILE G 85 6.50 29.20 -18.03
C ILE G 85 7.70 28.88 -18.95
N TYR G 86 8.48 29.91 -19.27
CA TYR G 86 9.63 29.77 -20.13
C TYR G 86 10.68 28.82 -19.53
N GLU G 87 11.02 29.00 -18.25
CA GLU G 87 11.98 28.14 -17.55
C GLU G 87 11.57 26.65 -17.55
N ALA G 88 10.27 26.38 -17.31
CA ALA G 88 9.71 25.03 -17.29
C ALA G 88 9.75 24.39 -18.70
N MET G 89 9.56 25.20 -19.76
CA MET G 89 9.58 24.78 -21.14
C MET G 89 10.99 24.44 -21.62
N VAL G 90 11.97 25.23 -21.15
CA VAL G 90 13.39 25.08 -21.45
C VAL G 90 13.90 23.75 -20.90
N ARG G 91 13.53 23.40 -19.66
CA ARG G 91 13.92 22.13 -19.06
C ARG G 91 13.40 20.97 -19.88
N MET G 92 12.15 21.06 -20.38
CA MET G 92 11.49 20.04 -21.21
C MET G 92 12.23 19.77 -22.51
N ALA G 93 13.06 20.73 -22.96
CA ALA G 93 13.85 20.69 -24.18
C ALA G 93 15.31 20.25 -23.93
N GLN G 94 15.71 20.10 -22.66
CA GLN G 94 17.07 19.71 -22.28
C GLN G 94 17.24 18.18 -22.23
N ASP G 95 18.17 17.65 -23.05
CA ASP G 95 18.43 16.21 -23.12
C ASP G 95 19.18 15.69 -21.90
N PHE G 96 19.71 16.59 -21.05
CA PHE G 96 20.39 16.24 -19.80
C PHE G 96 19.42 16.31 -18.62
N SER G 97 18.21 16.84 -18.84
CA SER G 97 17.16 16.98 -17.80
C SER G 97 16.02 15.97 -18.03
N TYR G 98 15.58 15.83 -19.30
CA TYR G 98 14.49 14.94 -19.67
C TYR G 98 15.00 13.73 -20.39
N ARG G 99 14.69 12.53 -19.83
CA ARG G 99 15.05 11.22 -20.38
C ARG G 99 14.39 11.02 -21.77
N TYR G 100 13.19 11.59 -21.95
CA TYR G 100 12.45 11.64 -23.20
C TYR G 100 11.99 13.09 -23.35
N PRO G 101 12.85 13.98 -23.93
CA PRO G 101 12.49 15.41 -24.03
C PRO G 101 11.15 15.66 -24.70
N LEU G 102 10.37 16.58 -24.09
CA LEU G 102 9.02 16.90 -24.51
C LEU G 102 8.96 18.10 -25.44
N VAL G 103 10.01 18.93 -25.42
CA VAL G 103 10.09 20.13 -26.26
C VAL G 103 11.29 20.00 -27.20
N ASP G 104 11.09 20.33 -28.48
CA ASP G 104 12.12 20.32 -29.51
C ASP G 104 12.52 21.77 -29.68
N GLY G 105 13.63 22.13 -29.05
CA GLY G 105 14.13 23.50 -29.06
C GLY G 105 15.23 23.76 -30.08
N GLN G 106 15.22 24.96 -30.67
CA GLN G 106 16.24 25.44 -31.59
C GLN G 106 16.82 26.71 -30.98
N GLY G 107 18.11 26.69 -30.76
CA GLY G 107 18.79 27.82 -30.17
C GLY G 107 19.38 27.46 -28.82
N ASN G 108 19.74 28.46 -28.03
CA ASN G 108 20.35 28.22 -26.74
C ASN G 108 19.29 27.91 -25.71
N PHE G 109 19.22 26.62 -25.28
CA PHE G 109 18.27 26.14 -24.28
C PHE G 109 18.94 25.81 -22.95
N GLY G 110 20.05 26.49 -22.65
CA GLY G 110 20.79 26.28 -21.41
C GLY G 110 21.79 25.13 -21.46
N SER G 111 22.60 25.04 -20.39
CA SER G 111 23.65 24.01 -20.29
C SER G 111 23.67 23.24 -18.97
N MET G 112 24.48 22.16 -18.92
CA MET G 112 24.72 21.30 -17.76
C MET G 112 25.38 22.08 -16.60
N ASP G 113 25.98 23.25 -16.90
CA ASP G 113 26.66 24.11 -15.92
C ASP G 113 25.74 25.19 -15.32
N GLY G 114 24.43 25.02 -15.53
CA GLY G 114 23.40 25.92 -15.04
C GLY G 114 23.28 27.26 -15.74
N ASP G 115 23.82 27.37 -16.97
CA ASP G 115 23.73 28.59 -17.76
C ASP G 115 22.34 28.67 -18.32
N GLY G 116 21.77 29.87 -18.32
CA GLY G 116 20.41 30.08 -18.79
C GLY G 116 20.21 29.98 -20.29
N ALA G 117 18.93 29.82 -20.69
CA ALA G 117 18.54 29.79 -22.09
C ALA G 117 18.52 31.24 -22.62
N ALA G 118 18.63 31.42 -23.95
CA ALA G 118 18.58 32.75 -24.56
C ALA G 118 17.15 33.33 -24.44
N ALA G 119 16.99 34.62 -24.77
CA ALA G 119 15.70 35.28 -24.69
C ALA G 119 14.62 34.62 -25.53
N MET G 120 13.38 34.65 -25.02
CA MET G 120 12.14 34.13 -25.59
C MET G 120 11.92 34.52 -27.06
N ARG G 121 12.42 35.71 -27.46
CA ARG G 121 12.30 36.26 -28.83
C ARG G 121 13.25 35.59 -29.81
N TYR G 122 14.37 35.01 -29.32
CA TYR G 122 15.33 34.36 -30.19
C TYR G 122 15.20 32.84 -30.24
N THR G 123 14.95 32.18 -29.07
CA THR G 123 14.79 30.72 -29.03
C THR G 123 13.48 30.30 -29.67
N GLU G 124 13.54 29.20 -30.40
CA GLU G 124 12.38 28.62 -31.06
C GLU G 124 12.09 27.25 -30.50
N ALA G 125 10.81 26.85 -30.54
CA ALA G 125 10.36 25.54 -30.07
C ALA G 125 9.20 24.94 -30.89
N ARG G 126 8.95 23.64 -30.69
CA ARG G 126 7.85 22.82 -31.22
C ARG G 126 7.81 21.56 -30.36
N MET G 127 6.76 20.74 -30.53
CA MET G 127 6.68 19.49 -29.78
C MET G 127 7.75 18.55 -30.35
N THR G 128 8.09 17.54 -29.54
CA THR G 128 8.90 16.42 -29.98
C THR G 128 7.87 15.38 -30.49
N LYS G 129 8.33 14.38 -31.25
CA LYS G 129 7.46 13.32 -31.76
C LYS G 129 6.79 12.55 -30.62
N ILE G 130 7.51 12.35 -29.50
CA ILE G 130 6.99 11.65 -28.32
C ILE G 130 5.86 12.46 -27.61
N THR G 131 5.84 13.80 -27.76
CA THR G 131 4.84 14.67 -27.14
C THR G 131 3.52 14.50 -27.86
N LEU G 132 3.56 14.15 -29.17
CA LEU G 132 2.35 13.85 -29.94
C LEU G 132 1.58 12.76 -29.22
N GLU G 133 2.32 11.74 -28.67
CA GLU G 133 1.77 10.61 -27.93
C GLU G 133 1.14 11.01 -26.58
N LEU G 134 1.60 12.12 -25.93
CA LEU G 134 0.98 12.59 -24.69
C LEU G 134 -0.39 13.18 -24.97
N LEU G 135 -0.50 13.85 -26.13
CA LEU G 135 -1.70 14.55 -26.58
C LEU G 135 -2.62 13.74 -27.48
N ARG G 136 -2.16 12.56 -27.98
CA ARG G 136 -2.94 11.72 -28.89
C ARG G 136 -4.32 11.43 -28.35
N ASP G 137 -5.36 11.70 -29.18
CA ASP G 137 -6.80 11.47 -28.92
C ASP G 137 -7.44 12.48 -27.92
N ILE G 138 -6.77 13.61 -27.63
CA ILE G 138 -7.28 14.62 -26.69
C ILE G 138 -8.65 15.23 -27.14
N ASN G 139 -8.94 15.27 -28.46
CA ASN G 139 -10.19 15.82 -28.98
C ASN G 139 -11.15 14.71 -29.43
N LYS G 140 -11.11 13.58 -28.71
CA LYS G 140 -11.94 12.40 -28.96
C LYS G 140 -12.60 12.00 -27.63
N ASP G 141 -12.91 13.02 -26.80
CA ASP G 141 -13.56 12.89 -25.50
C ASP G 141 -12.91 11.79 -24.64
N THR G 142 -11.58 11.79 -24.57
CA THR G 142 -10.82 10.80 -23.81
C THR G 142 -10.52 11.30 -22.40
N ILE G 143 -10.39 12.62 -22.26
CA ILE G 143 -10.11 13.27 -20.99
C ILE G 143 -11.13 14.38 -20.68
N ASP G 144 -11.27 14.71 -19.38
CA ASP G 144 -12.19 15.75 -18.94
C ASP G 144 -11.57 17.14 -19.05
N PHE G 145 -12.29 18.07 -19.70
CA PHE G 145 -11.89 19.45 -19.82
C PHE G 145 -12.51 20.24 -18.69
N ILE G 146 -11.79 21.25 -18.20
CA ILE G 146 -12.24 22.15 -17.13
C ILE G 146 -12.09 23.59 -17.61
N ASP G 147 -12.83 24.54 -17.00
CA ASP G 147 -12.71 25.96 -17.36
C ASP G 147 -11.34 26.48 -16.92
N ASN G 148 -10.81 27.49 -17.63
CA ASN G 148 -9.53 28.09 -17.28
C ASN G 148 -9.74 29.07 -16.09
N TYR G 149 -8.69 29.79 -15.67
CA TYR G 149 -8.74 30.74 -14.55
C TYR G 149 -9.79 31.85 -14.67
N ASP G 150 -10.17 32.28 -15.90
CA ASP G 150 -11.13 33.34 -16.10
C ASP G 150 -12.45 32.91 -16.76
N GLY G 151 -12.58 31.63 -17.12
CA GLY G 151 -13.78 31.09 -17.74
C GLY G 151 -13.89 31.34 -19.23
N ASN G 152 -12.86 31.94 -19.85
CA ASN G 152 -12.84 32.26 -21.28
C ASN G 152 -12.25 31.14 -22.12
N GLU G 153 -11.53 30.22 -21.49
CA GLU G 153 -10.92 29.08 -22.18
C GLU G 153 -11.26 27.77 -21.46
N ARG G 154 -10.98 26.64 -22.14
CA ARG G 154 -11.16 25.29 -21.62
C ARG G 154 -9.79 24.63 -21.64
N GLU G 155 -9.43 23.96 -20.56
CA GLU G 155 -8.12 23.32 -20.47
C GLU G 155 -8.27 21.88 -19.97
N PRO G 156 -7.37 20.96 -20.40
CA PRO G 156 -7.45 19.59 -19.94
C PRO G 156 -7.13 19.45 -18.45
N SER G 157 -7.84 18.53 -17.76
CA SER G 157 -7.58 18.21 -16.36
C SER G 157 -6.37 17.26 -16.27
N VAL G 158 -6.16 16.46 -17.34
CA VAL G 158 -5.10 15.45 -17.52
C VAL G 158 -4.95 15.23 -19.04
N LEU G 159 -3.79 14.73 -19.49
CA LEU G 159 -3.57 14.43 -20.90
C LEU G 159 -3.79 12.94 -21.13
N PRO G 160 -4.20 12.50 -22.35
CA PRO G 160 -4.37 11.06 -22.62
C PRO G 160 -3.14 10.21 -22.25
N ALA G 161 -1.92 10.74 -22.49
CA ALA G 161 -0.62 10.16 -22.14
C ALA G 161 -0.44 8.72 -22.54
N ARG G 162 -0.30 8.49 -23.85
CA ARG G 162 -0.21 7.16 -24.42
C ARG G 162 1.14 6.45 -24.15
N PHE G 163 1.98 7.03 -23.27
CA PHE G 163 3.22 6.44 -22.75
C PHE G 163 3.31 6.83 -21.26
N PRO G 164 3.87 5.93 -20.39
CA PRO G 164 3.91 6.24 -18.94
C PRO G 164 4.94 7.32 -18.56
N ASN G 165 4.61 8.58 -18.85
CA ASN G 165 5.44 9.75 -18.65
C ASN G 165 5.94 9.99 -17.21
N LEU G 166 5.08 9.77 -16.19
CA LEU G 166 5.47 9.98 -14.78
C LEU G 166 6.78 9.26 -14.45
N LEU G 167 6.83 7.97 -14.75
CA LEU G 167 8.00 7.17 -14.50
C LEU G 167 9.06 7.41 -15.55
N ALA G 168 8.66 7.58 -16.83
CA ALA G 168 9.62 7.81 -17.93
C ALA G 168 10.50 9.03 -17.72
N ASN G 169 9.89 10.20 -17.45
CA ASN G 169 10.66 11.44 -17.31
C ASN G 169 10.94 11.84 -15.86
N GLY G 170 10.31 11.12 -14.93
CA GLY G 170 10.45 11.39 -13.52
C GLY G 170 9.78 12.69 -13.12
N ALA G 171 9.92 13.05 -11.85
CA ALA G 171 9.33 14.26 -11.29
C ALA G 171 10.01 14.62 -9.98
N SER G 172 9.89 15.88 -9.60
CA SER G 172 10.38 16.45 -8.34
C SER G 172 9.51 17.67 -8.07
N GLY G 173 9.15 17.87 -6.81
CA GLY G 173 8.33 19.00 -6.41
C GLY G 173 8.26 19.13 -4.92
N ILE G 174 8.35 20.36 -4.39
CA ILE G 174 8.26 20.63 -2.97
C ILE G 174 6.88 21.16 -2.76
N ALA G 175 6.05 20.46 -1.97
CA ALA G 175 4.70 20.90 -1.65
C ALA G 175 4.64 21.29 -0.17
N VAL G 176 3.48 21.10 0.48
CA VAL G 176 3.27 21.40 1.89
C VAL G 176 2.94 20.05 2.55
N GLY G 177 3.68 19.71 3.62
CA GLY G 177 3.52 18.45 4.32
C GLY G 177 4.13 17.26 3.60
N MET G 178 4.61 17.48 2.36
CA MET G 178 5.18 16.44 1.51
C MET G 178 5.98 17.00 0.34
N ALA G 179 6.75 16.13 -0.28
CA ALA G 179 7.54 16.46 -1.47
C ALA G 179 7.56 15.23 -2.37
N THR G 180 7.95 15.39 -3.65
CA THR G 180 8.07 14.24 -4.55
C THR G 180 9.47 14.19 -5.17
N ASN G 181 9.93 12.99 -5.54
CA ASN G 181 11.23 12.76 -6.18
C ASN G 181 11.21 11.39 -6.86
N ILE G 182 10.68 11.38 -8.06
CA ILE G 182 10.57 10.18 -8.90
C ILE G 182 11.70 10.22 -9.93
N PRO G 183 12.55 9.18 -10.02
CA PRO G 183 13.61 9.23 -11.02
C PRO G 183 13.08 8.87 -12.41
N PRO G 184 13.82 9.24 -13.49
CA PRO G 184 13.41 8.82 -14.83
C PRO G 184 13.76 7.34 -15.07
N HIS G 185 13.09 6.67 -16.01
CA HIS G 185 13.28 5.24 -16.32
C HIS G 185 13.32 5.02 -17.84
N ASN G 186 13.71 3.79 -18.26
CA ASN G 186 13.76 3.40 -19.66
C ASN G 186 12.35 3.08 -20.15
N LEU G 187 11.93 3.67 -21.29
CA LEU G 187 10.60 3.51 -21.89
C LEU G 187 10.29 2.09 -22.31
N THR G 188 11.29 1.36 -22.86
CA THR G 188 11.14 -0.03 -23.30
C THR G 188 10.79 -0.89 -22.10
N GLU G 189 11.59 -0.77 -21.01
CA GLU G 189 11.44 -1.48 -19.75
C GLU G 189 10.07 -1.20 -19.11
N LEU G 190 9.64 0.07 -19.13
CA LEU G 190 8.37 0.51 -18.57
C LEU G 190 7.18 -0.10 -19.29
N ILE G 191 7.13 0.03 -20.65
CA ILE G 191 6.03 -0.51 -21.44
C ILE G 191 5.98 -2.04 -21.28
N ASN G 192 7.15 -2.70 -21.20
CA ASN G 192 7.25 -4.13 -20.96
C ASN G 192 6.66 -4.50 -19.60
N GLY G 193 6.88 -3.64 -18.61
CA GLY G 193 6.35 -3.79 -17.26
C GLY G 193 4.84 -3.66 -17.24
N VAL G 194 4.30 -2.66 -17.97
CA VAL G 194 2.85 -2.43 -18.13
C VAL G 194 2.20 -3.64 -18.81
N LEU G 195 2.86 -4.16 -19.87
CA LEU G 195 2.39 -5.33 -20.63
C LEU G 195 2.39 -6.59 -19.76
N SER G 196 3.37 -6.72 -18.85
CA SER G 196 3.45 -7.88 -17.95
C SER G 196 2.34 -7.79 -16.90
N LEU G 197 2.08 -6.57 -16.40
CA LEU G 197 1.02 -6.29 -15.44
C LEU G 197 -0.38 -6.52 -16.07
N SER G 198 -0.54 -6.16 -17.37
CA SER G 198 -1.79 -6.31 -18.10
C SER G 198 -2.20 -7.77 -18.25
N LYS G 199 -1.21 -8.67 -18.25
CA LYS G 199 -1.40 -10.11 -18.41
C LYS G 199 -1.56 -10.84 -17.05
N ASN G 200 -1.07 -10.24 -15.95
CA ASN G 200 -1.15 -10.78 -14.59
C ASN G 200 -1.38 -9.67 -13.55
N PRO G 201 -2.65 -9.41 -13.16
CA PRO G 201 -2.92 -8.37 -12.14
C PRO G 201 -2.26 -8.60 -10.78
N ASP G 202 -1.95 -9.87 -10.47
CA ASP G 202 -1.34 -10.26 -9.20
C ASP G 202 0.21 -10.31 -9.26
N ILE G 203 0.81 -9.64 -10.28
CA ILE G 203 2.26 -9.57 -10.47
C ILE G 203 2.97 -8.92 -9.25
N SER G 204 4.12 -9.49 -8.87
CA SER G 204 4.89 -8.98 -7.75
C SER G 204 5.87 -7.91 -8.26
N ILE G 205 6.39 -7.06 -7.35
CA ILE G 205 7.38 -6.02 -7.66
C ILE G 205 8.66 -6.70 -8.18
N ALA G 206 9.05 -7.82 -7.55
CA ALA G 206 10.22 -8.61 -7.93
C ALA G 206 10.13 -9.10 -9.38
N GLU G 207 8.90 -9.51 -9.80
CA GLU G 207 8.60 -9.96 -11.17
C GLU G 207 8.66 -8.77 -12.12
N LEU G 208 8.11 -7.60 -11.70
CA LEU G 208 8.11 -6.37 -12.49
C LEU G 208 9.53 -5.89 -12.74
N MET G 209 10.44 -6.10 -11.76
CA MET G 209 11.85 -5.74 -11.80
C MET G 209 12.65 -6.53 -12.84
N GLU G 210 12.02 -7.58 -13.42
CA GLU G 210 12.60 -8.39 -14.49
C GLU G 210 12.48 -7.59 -15.79
N ASP G 211 11.50 -6.66 -15.84
CA ASP G 211 11.28 -5.74 -16.95
C ASP G 211 11.96 -4.42 -16.64
N ILE G 212 11.55 -3.77 -15.54
CA ILE G 212 12.07 -2.48 -15.04
C ILE G 212 13.24 -2.75 -14.07
N GLU G 213 14.46 -2.83 -14.60
CA GLU G 213 15.70 -3.08 -13.86
C GLU G 213 15.96 -2.03 -12.76
N GLY G 214 15.68 -0.78 -13.08
CA GLY G 214 15.86 0.36 -12.19
C GLY G 214 15.76 1.67 -12.94
N PRO G 215 16.04 2.83 -12.27
CA PRO G 215 15.99 4.12 -12.99
C PRO G 215 16.96 4.19 -14.17
N ASP G 216 16.67 5.08 -15.12
CA ASP G 216 17.51 5.26 -16.29
C ASP G 216 17.66 6.76 -16.51
N PHE G 217 18.83 7.30 -16.15
CA PHE G 217 19.09 8.72 -16.24
C PHE G 217 19.52 9.18 -17.62
N PRO G 218 19.03 10.36 -18.09
CA PRO G 218 19.47 10.86 -19.41
C PRO G 218 20.99 11.09 -19.47
N THR G 219 21.59 11.41 -18.28
CA THR G 219 23.01 11.70 -18.04
C THR G 219 23.85 10.43 -17.88
N ALA G 220 23.22 9.23 -18.10
CA ALA G 220 23.82 7.90 -18.01
C ALA G 220 24.39 7.62 -16.61
N GLY G 221 25.72 7.45 -16.51
CA GLY G 221 26.40 7.14 -15.25
C GLY G 221 26.08 5.74 -14.75
N LEU G 222 26.38 5.48 -13.48
CA LEU G 222 26.17 4.17 -12.84
C LEU G 222 25.24 4.22 -11.62
N ILE G 223 24.76 3.03 -11.19
CA ILE G 223 23.94 2.82 -10.00
C ILE G 223 24.59 1.70 -9.22
N LEU G 224 24.87 1.96 -7.93
CA LEU G 224 25.53 0.99 -7.05
C LEU G 224 24.54 0.04 -6.37
N GLY G 225 24.44 -1.18 -6.93
CA GLY G 225 23.58 -2.24 -6.43
C GLY G 225 22.11 -2.09 -6.76
N LYS G 226 21.30 -3.13 -6.39
CA LYS G 226 19.85 -3.17 -6.61
C LYS G 226 19.05 -3.09 -5.30
N SER G 227 19.74 -2.99 -4.14
CA SER G 227 19.14 -2.89 -2.81
C SER G 227 18.29 -1.62 -2.65
N GLY G 228 18.87 -0.47 -3.06
CA GLY G 228 18.22 0.84 -3.02
C GLY G 228 17.03 0.90 -3.94
N ILE G 229 17.22 0.36 -5.18
CA ILE G 229 16.22 0.25 -6.24
C ILE G 229 15.01 -0.52 -5.70
N ARG G 230 15.25 -1.77 -5.20
CA ARG G 230 14.23 -2.67 -4.66
C ARG G 230 13.41 -2.00 -3.56
N ARG G 231 14.09 -1.40 -2.55
CA ARG G 231 13.48 -0.68 -1.43
C ARG G 231 12.52 0.42 -1.94
N ALA G 232 12.96 1.21 -2.95
CA ALA G 232 12.19 2.30 -3.55
C ALA G 232 10.97 1.77 -4.33
N TYR G 233 11.13 0.65 -5.04
CA TYR G 233 10.04 0.06 -5.81
C TYR G 233 9.03 -0.65 -4.91
N GLU G 234 9.50 -1.21 -3.77
CA GLU G 234 8.64 -1.91 -2.82
C GLU G 234 7.80 -0.95 -1.97
N THR G 235 8.44 0.13 -1.47
CA THR G 235 7.83 1.07 -0.53
C THR G 235 7.48 2.46 -1.08
N GLY G 236 8.15 2.87 -2.17
CA GLY G 236 8.00 4.18 -2.76
C GLY G 236 9.08 5.12 -2.27
N ARG G 237 9.91 4.65 -1.32
CA ARG G 237 11.01 5.40 -0.69
C ARG G 237 12.29 4.55 -0.64
N GLY G 238 13.42 5.18 -0.90
CA GLY G 238 14.70 4.52 -0.92
C GLY G 238 15.81 5.33 -1.53
N SER G 239 17.00 5.25 -0.95
CA SER G 239 18.16 5.97 -1.47
C SER G 239 18.85 5.14 -2.56
N ILE G 240 19.08 5.76 -3.73
CA ILE G 240 19.76 5.13 -4.87
C ILE G 240 21.09 5.85 -5.09
N GLN G 241 22.21 5.12 -4.95
CA GLN G 241 23.52 5.72 -5.13
C GLN G 241 23.90 5.81 -6.60
N MET G 242 24.13 7.03 -7.08
CA MET G 242 24.52 7.35 -8.44
C MET G 242 26.00 7.66 -8.46
N ARG G 243 26.75 6.95 -9.30
CA ARG G 243 28.19 7.13 -9.43
C ARG G 243 28.56 7.58 -10.83
N SER G 244 29.53 8.52 -10.94
CA SER G 244 30.07 9.02 -12.20
C SER G 244 30.85 7.92 -12.90
N ARG G 245 30.96 8.01 -14.24
CA ARG G 245 31.77 7.05 -14.99
C ARG G 245 33.20 7.62 -15.09
N ALA G 246 34.11 7.04 -14.33
CA ALA G 246 35.51 7.48 -14.30
C ALA G 246 36.49 6.32 -14.49
N VAL G 247 37.50 6.55 -15.34
CA VAL G 247 38.55 5.57 -15.66
C VAL G 247 39.93 6.18 -15.40
N ILE G 248 40.88 5.35 -14.96
CA ILE G 248 42.25 5.76 -14.69
C ILE G 248 43.11 5.43 -15.91
N GLU G 249 43.61 6.46 -16.60
CA GLU G 249 44.45 6.24 -17.78
C GLU G 249 45.87 6.83 -17.62
N GLU G 250 46.82 6.30 -18.40
CA GLU G 250 48.23 6.74 -18.38
C GLU G 250 48.39 8.04 -19.18
N ARG G 251 49.04 9.07 -18.58
CA ARG G 251 49.25 10.35 -19.26
C ARG G 251 50.73 10.58 -19.66
N GLY G 252 51.56 9.54 -19.50
CA GLY G 252 52.96 9.56 -19.89
C GLY G 252 53.94 9.90 -18.78
N GLY G 253 55.13 9.33 -18.85
CA GLY G 253 56.20 9.52 -17.87
C GLY G 253 55.89 8.90 -16.51
N GLY G 254 55.18 7.77 -16.53
CA GLY G 254 54.78 7.02 -15.34
C GLY G 254 53.56 7.59 -14.62
N ARG G 255 53.11 8.80 -15.05
CA ARG G 255 51.99 9.52 -14.47
C ARG G 255 50.62 8.97 -14.92
N GLN G 256 49.60 9.17 -14.08
CA GLN G 256 48.22 8.74 -14.33
C GLN G 256 47.23 9.91 -14.24
N ARG G 257 46.06 9.74 -14.85
CA ARG G 257 44.99 10.73 -14.81
C ARG G 257 43.63 10.05 -14.71
N ILE G 258 42.69 10.70 -14.03
CA ILE G 258 41.33 10.22 -13.91
C ILE G 258 40.53 10.96 -14.96
N VAL G 259 39.76 10.22 -15.79
CA VAL G 259 38.92 10.84 -16.82
C VAL G 259 37.45 10.51 -16.53
N VAL G 260 36.66 11.56 -16.21
CA VAL G 260 35.21 11.50 -15.91
C VAL G 260 34.44 11.75 -17.21
N THR G 261 33.62 10.78 -17.67
CA THR G 261 32.87 10.90 -18.93
C THR G 261 31.35 10.97 -18.75
N GLU G 262 30.86 10.62 -17.58
CA GLU G 262 29.43 10.63 -17.21
C GLU G 262 29.34 11.06 -15.77
N ILE G 263 28.45 12.00 -15.46
CA ILE G 263 28.25 12.52 -14.10
C ILE G 263 26.83 12.16 -13.61
N PRO G 264 26.54 12.16 -12.27
CA PRO G 264 25.18 11.80 -11.83
C PRO G 264 24.13 12.81 -12.30
N PHE G 265 22.86 12.37 -12.33
CA PHE G 265 21.69 13.16 -12.71
C PHE G 265 21.49 14.36 -11.79
N GLN G 266 21.19 15.54 -12.38
CA GLN G 266 20.91 16.82 -11.71
C GLN G 266 22.12 17.40 -10.97
N VAL G 267 23.32 16.91 -11.31
CA VAL G 267 24.56 17.42 -10.74
C VAL G 267 25.10 18.51 -11.69
N ASN G 268 25.38 19.71 -11.15
CA ASN G 268 25.96 20.81 -11.92
C ASN G 268 27.46 20.51 -12.03
N LYS G 269 27.92 20.24 -13.26
CA LYS G 269 29.31 19.90 -13.61
C LYS G 269 30.30 20.97 -13.14
N ALA G 270 29.98 22.27 -13.38
CA ALA G 270 30.81 23.41 -12.97
C ALA G 270 30.95 23.49 -11.44
N ARG G 271 29.85 23.29 -10.71
CA ARG G 271 29.82 23.29 -9.24
C ARG G 271 30.58 22.07 -8.69
N MET G 272 30.49 20.91 -9.38
CA MET G 272 31.19 19.68 -9.00
C MET G 272 32.70 19.90 -9.11
N ILE G 273 33.14 20.53 -10.23
CA ILE G 273 34.55 20.86 -10.53
C ILE G 273 35.06 21.87 -9.50
N GLU G 274 34.23 22.86 -9.13
CA GLU G 274 34.57 23.88 -8.13
C GLU G 274 34.73 23.24 -6.74
N LYS G 275 33.95 22.18 -6.45
CA LYS G 275 34.03 21.45 -5.18
C LYS G 275 35.35 20.66 -5.11
N ILE G 276 35.75 20.00 -6.22
CA ILE G 276 37.02 19.26 -6.32
C ILE G 276 38.17 20.26 -6.13
N ALA G 277 38.09 21.43 -6.82
CA ALA G 277 39.08 22.50 -6.75
C ALA G 277 39.26 23.05 -5.33
N GLU G 278 38.13 23.24 -4.61
CA GLU G 278 38.08 23.73 -3.23
C GLU G 278 38.79 22.76 -2.29
N LEU G 279 38.56 21.44 -2.50
CA LEU G 279 39.14 20.33 -1.72
C LEU G 279 40.65 20.26 -1.82
N VAL G 280 41.18 20.41 -3.05
CA VAL G 280 42.62 20.38 -3.34
C VAL G 280 43.31 21.63 -2.76
N ARG G 281 42.61 22.79 -2.83
CA ARG G 281 43.07 24.08 -2.32
C ARG G 281 43.17 24.06 -0.79
N ASP G 282 42.10 23.58 -0.10
CA ASP G 282 42.01 23.48 1.35
C ASP G 282 42.79 22.28 1.92
N LYS G 283 43.47 21.50 1.04
CA LYS G 283 44.29 20.33 1.36
C LYS G 283 43.47 19.16 1.98
N LYS G 284 42.14 19.15 1.75
CA LYS G 284 41.22 18.12 2.24
C LYS G 284 41.33 16.80 1.45
N ILE G 285 41.95 16.85 0.26
CA ILE G 285 42.24 15.72 -0.63
C ILE G 285 43.67 15.88 -1.22
N ASP G 286 44.42 14.79 -1.28
CA ASP G 286 45.80 14.82 -1.77
C ASP G 286 46.06 13.97 -3.01
N GLY G 287 47.11 14.33 -3.75
CA GLY G 287 47.54 13.61 -4.96
C GLY G 287 47.03 14.13 -6.28
N ILE G 288 46.38 15.31 -6.29
CA ILE G 288 45.85 15.93 -7.52
C ILE G 288 46.71 17.14 -7.91
N THR G 289 47.32 17.07 -9.11
CA THR G 289 48.19 18.13 -9.63
C THR G 289 47.41 19.18 -10.45
N ASP G 290 46.45 18.71 -11.26
CA ASP G 290 45.62 19.58 -12.09
C ASP G 290 44.19 19.04 -12.25
N LEU G 291 43.26 19.92 -12.64
CA LEU G 291 41.84 19.62 -12.83
C LEU G 291 41.31 20.51 -13.95
N ARG G 292 40.83 19.89 -15.04
CA ARG G 292 40.33 20.60 -16.21
C ARG G 292 39.02 20.06 -16.72
N ASP G 293 38.17 20.96 -17.26
CA ASP G 293 36.94 20.57 -17.91
C ASP G 293 37.19 20.57 -19.41
N GLU G 294 37.44 19.39 -19.96
CA GLU G 294 37.71 19.18 -21.38
C GLU G 294 36.43 18.80 -22.15
N THR G 295 35.26 19.15 -21.59
CA THR G 295 33.95 18.91 -22.20
C THR G 295 33.88 19.68 -23.50
N SER G 296 33.42 19.01 -24.56
CA SER G 296 33.27 19.56 -25.91
C SER G 296 32.05 18.94 -26.59
N LEU G 297 31.55 19.58 -27.65
CA LEU G 297 30.40 19.11 -28.42
C LEU G 297 30.63 17.71 -28.98
N ARG G 298 31.88 17.48 -29.42
CA ARG G 298 32.39 16.28 -30.06
C ARG G 298 32.68 15.14 -29.09
N THR G 299 33.39 15.42 -27.99
CA THR G 299 33.74 14.38 -27.02
C THR G 299 32.61 14.10 -26.04
N GLY G 300 31.82 15.11 -25.74
CA GLY G 300 30.81 15.04 -24.71
C GLY G 300 31.48 15.44 -23.40
N VAL G 301 30.92 15.01 -22.27
CA VAL G 301 31.47 15.29 -20.93
C VAL G 301 32.85 14.65 -20.77
N ARG G 302 33.83 15.46 -20.38
CA ARG G 302 35.21 15.01 -20.14
C ARG G 302 35.86 15.89 -19.09
N VAL G 303 36.00 15.36 -17.88
CA VAL G 303 36.65 16.07 -16.78
C VAL G 303 37.92 15.29 -16.47
N VAL G 304 39.07 15.95 -16.64
CA VAL G 304 40.39 15.35 -16.40
C VAL G 304 40.97 15.83 -15.07
N ILE G 305 41.32 14.85 -14.23
CA ILE G 305 41.93 15.05 -12.92
C ILE G 305 43.34 14.45 -12.99
N ASP G 306 44.35 15.31 -13.07
CA ASP G 306 45.76 14.91 -13.11
C ASP G 306 46.21 14.43 -11.74
N VAL G 307 46.77 13.21 -11.68
CA VAL G 307 47.23 12.57 -10.45
C VAL G 307 48.76 12.64 -10.33
N ARG G 308 49.26 13.08 -9.14
CA ARG G 308 50.68 13.20 -8.79
C ARG G 308 51.38 11.84 -8.94
N LYS G 309 52.62 11.84 -9.45
CA LYS G 309 53.43 10.64 -9.63
C LYS G 309 53.61 9.88 -8.32
N ASP G 310 53.49 8.53 -8.38
CA ASP G 310 53.62 7.55 -7.28
C ASP G 310 52.38 7.48 -6.35
N ALA G 311 51.39 8.37 -6.54
CA ALA G 311 50.15 8.34 -5.76
C ALA G 311 49.15 7.42 -6.48
N ASN G 312 48.47 6.51 -5.75
CA ASN G 312 47.55 5.62 -6.45
C ASN G 312 46.20 6.27 -6.67
N ALA G 313 45.84 6.36 -7.95
CA ALA G 313 44.64 6.97 -8.47
C ALA G 313 43.33 6.31 -8.02
N SER G 314 43.37 4.99 -7.70
CA SER G 314 42.21 4.23 -7.22
C SER G 314 41.72 4.76 -5.87
N VAL G 315 42.69 5.08 -4.96
CA VAL G 315 42.44 5.65 -3.63
C VAL G 315 41.90 7.08 -3.76
N ILE G 316 42.50 7.90 -4.65
CA ILE G 316 42.09 9.28 -4.94
C ILE G 316 40.66 9.30 -5.47
N LEU G 317 40.34 8.40 -6.43
CA LEU G 317 39.03 8.28 -7.04
C LEU G 317 37.96 7.87 -6.02
N ASN G 318 38.28 6.91 -5.12
CA ASN G 318 37.37 6.45 -4.08
C ASN G 318 37.06 7.57 -3.08
N ASN G 319 38.07 8.42 -2.79
CA ASN G 319 37.91 9.57 -1.91
C ASN G 319 37.03 10.64 -2.57
N LEU G 320 37.18 10.84 -3.90
CA LEU G 320 36.37 11.80 -4.67
C LEU G 320 34.90 11.41 -4.65
N TYR G 321 34.59 10.08 -4.70
CA TYR G 321 33.22 9.59 -4.62
C TYR G 321 32.60 9.93 -3.27
N LYS G 322 33.39 9.80 -2.20
CA LYS G 322 32.97 10.06 -0.84
C LYS G 322 32.83 11.54 -0.52
N GLN G 323 33.81 12.36 -0.93
CA GLN G 323 33.92 13.78 -0.59
C GLN G 323 33.31 14.79 -1.58
N THR G 324 32.98 14.38 -2.81
CA THR G 324 32.43 15.32 -3.80
C THR G 324 31.11 14.80 -4.40
N PRO G 325 30.35 15.62 -5.19
CA PRO G 325 29.14 15.10 -5.85
C PRO G 325 29.44 14.13 -7.01
N LEU G 326 30.70 13.62 -7.11
CA LEU G 326 31.09 12.63 -8.12
C LEU G 326 30.27 11.34 -7.92
N GLN G 327 29.81 11.11 -6.68
CA GLN G 327 28.88 10.07 -6.26
C GLN G 327 27.80 10.80 -5.43
N THR G 328 26.56 10.78 -5.94
CA THR G 328 25.42 11.47 -5.36
C THR G 328 24.27 10.51 -5.16
N SER G 329 23.48 10.75 -4.12
CA SER G 329 22.31 9.94 -3.83
C SER G 329 21.07 10.51 -4.51
N PHE G 330 20.19 9.63 -4.97
CA PHE G 330 18.89 10.00 -5.47
C PHE G 330 17.91 9.46 -4.42
N GLY G 331 17.34 10.37 -3.64
CA GLY G 331 16.41 10.02 -2.58
C GLY G 331 15.04 9.83 -3.19
N VAL G 332 14.64 8.57 -3.43
CA VAL G 332 13.35 8.28 -4.05
C VAL G 332 12.24 8.51 -3.04
N ASN G 333 11.18 9.21 -3.49
CA ASN G 333 10.01 9.54 -2.70
C ASN G 333 8.88 9.70 -3.71
N MET G 334 8.26 8.58 -4.11
CA MET G 334 7.25 8.56 -5.15
C MET G 334 5.87 9.02 -4.69
N ILE G 335 5.66 10.34 -4.78
CA ILE G 335 4.39 10.96 -4.44
C ILE G 335 3.78 11.54 -5.71
N ALA G 336 2.50 11.24 -5.93
CA ALA G 336 1.77 11.70 -7.10
C ALA G 336 0.30 11.86 -6.73
N LEU G 337 -0.43 12.61 -7.53
CA LEU G 337 -1.85 12.81 -7.28
C LEU G 337 -2.61 11.67 -7.90
N VAL G 338 -3.33 10.95 -7.04
CA VAL G 338 -4.19 9.81 -7.38
C VAL G 338 -5.59 10.29 -7.00
N ASN G 339 -6.52 10.28 -7.96
CA ASN G 339 -7.89 10.75 -7.75
C ASN G 339 -7.90 12.13 -7.03
N GLY G 340 -7.01 13.01 -7.49
CA GLY G 340 -6.83 14.36 -6.95
C GLY G 340 -6.33 14.46 -5.52
N ARG G 341 -5.80 13.35 -4.96
CA ARG G 341 -5.24 13.28 -3.61
C ARG G 341 -3.76 12.88 -3.66
N PRO G 342 -2.88 13.45 -2.81
CA PRO G 342 -1.48 13.02 -2.83
C PRO G 342 -1.34 11.62 -2.21
N LYS G 343 -0.49 10.79 -2.83
CA LYS G 343 -0.31 9.44 -2.35
C LYS G 343 1.12 8.95 -2.56
N LEU G 344 1.66 8.26 -1.53
CA LEU G 344 2.98 7.65 -1.63
C LEU G 344 2.71 6.32 -2.32
N ILE G 345 3.27 6.14 -3.51
CA ILE G 345 2.99 4.95 -4.33
C ILE G 345 4.25 4.15 -4.61
N ASN G 346 4.13 2.81 -4.63
CA ASN G 346 5.24 1.94 -4.97
C ASN G 346 5.24 1.74 -6.50
N LEU G 347 6.20 0.96 -7.05
CA LEU G 347 6.30 0.73 -8.50
C LEU G 347 5.01 0.12 -9.11
N LYS G 348 4.41 -0.89 -8.45
CA LYS G 348 3.18 -1.55 -8.95
C LYS G 348 2.01 -0.59 -9.01
N GLU G 349 1.76 0.18 -7.92
N GLU G 349 1.74 0.19 -7.93
CA GLU G 349 0.68 1.17 -7.82
CA GLU G 349 0.64 1.14 -7.91
C GLU G 349 0.75 2.16 -8.99
C GLU G 349 0.74 2.16 -9.04
N ALA G 350 1.96 2.71 -9.27
CA ALA G 350 2.25 3.69 -10.31
C ALA G 350 1.87 3.17 -11.71
N LEU G 351 2.14 1.88 -11.98
CA LEU G 351 1.83 1.22 -13.24
C LEU G 351 0.35 0.83 -13.36
N VAL G 352 -0.27 0.48 -12.23
CA VAL G 352 -1.69 0.12 -12.16
C VAL G 352 -2.55 1.35 -12.52
N HIS G 353 -2.31 2.49 -11.87
CA HIS G 353 -3.00 3.74 -12.15
C HIS G 353 -2.80 4.18 -13.59
N TYR G 354 -1.58 4.00 -14.13
CA TYR G 354 -1.31 4.34 -15.51
C TYR G 354 -2.08 3.43 -16.49
N LEU G 355 -2.09 2.10 -16.24
CA LEU G 355 -2.78 1.14 -17.10
C LEU G 355 -4.30 1.37 -17.07
N GLU G 356 -4.82 1.69 -15.89
CA GLU G 356 -6.23 2.01 -15.69
C GLU G 356 -6.61 3.23 -16.51
N HIS G 357 -5.73 4.27 -16.51
CA HIS G 357 -5.90 5.51 -17.28
C HIS G 357 -5.98 5.19 -18.78
N GLN G 358 -5.05 4.35 -19.29
CA GLN G 358 -4.99 3.94 -20.69
C GLN G 358 -6.26 3.22 -21.15
N LYS G 359 -6.77 2.32 -20.30
CA LYS G 359 -8.00 1.58 -20.55
C LYS G 359 -9.17 2.55 -20.73
N THR G 360 -9.25 3.60 -19.87
CA THR G 360 -10.29 4.63 -19.88
C THR G 360 -10.22 5.46 -21.18
N VAL G 361 -9.01 5.89 -21.53
CA VAL G 361 -8.72 6.68 -22.72
C VAL G 361 -9.20 5.94 -23.97
N VAL G 362 -8.79 4.67 -24.14
CA VAL G 362 -9.16 3.83 -25.28
C VAL G 362 -10.69 3.53 -25.29
N ARG G 363 -11.32 3.28 -24.11
N ARG G 363 -11.31 3.30 -24.12
CA ARG G 363 -12.76 3.03 -24.04
CA ARG G 363 -12.75 3.03 -24.02
C ARG G 363 -13.54 4.28 -24.45
C ARG G 363 -13.54 4.27 -24.44
N ARG G 364 -13.18 5.45 -23.89
CA ARG G 364 -13.80 6.74 -24.19
C ARG G 364 -13.63 7.18 -25.65
N ARG G 365 -12.46 6.88 -26.25
CA ARG G 365 -12.17 7.19 -27.65
C ARG G 365 -13.10 6.39 -28.57
N THR G 366 -13.26 5.08 -28.26
CA THR G 366 -14.10 4.12 -29.00
C THR G 366 -15.57 4.54 -28.90
N GLN G 367 -16.02 4.92 -27.67
CA GLN G 367 -17.37 5.38 -27.39
C GLN G 367 -17.68 6.68 -28.17
N TYR G 368 -16.69 7.60 -28.23
CA TYR G 368 -16.79 8.87 -28.96
C TYR G 368 -16.95 8.59 -30.44
N ASN G 369 -16.02 7.78 -30.99
CA ASN G 369 -15.99 7.38 -32.40
C ASN G 369 -17.30 6.74 -32.83
N LEU G 370 -17.92 5.93 -31.94
CA LEU G 370 -19.20 5.27 -32.19
C LEU G 370 -20.37 6.27 -32.24
N ARG G 371 -20.42 7.24 -31.31
CA ARG G 371 -21.45 8.30 -31.30
C ARG G 371 -21.34 9.09 -32.61
N LYS G 372 -20.10 9.52 -32.93
CA LYS G 372 -19.74 10.29 -34.12
C LYS G 372 -20.16 9.55 -35.39
N ALA G 373 -19.86 8.25 -35.48
CA ALA G 373 -20.20 7.40 -36.63
C ALA G 373 -21.72 7.19 -36.78
N LYS G 374 -22.40 6.82 -35.67
CA LYS G 374 -23.85 6.61 -35.66
C LYS G 374 -24.59 7.88 -36.10
N ASP G 375 -24.12 9.07 -35.63
CA ASP G 375 -24.70 10.37 -35.99
C ASP G 375 -24.55 10.65 -37.48
N ARG G 376 -23.35 10.39 -38.05
CA ARG G 376 -23.06 10.60 -39.47
C ARG G 376 -23.89 9.65 -40.35
N ALA G 377 -24.03 8.38 -39.93
CA ALA G 377 -24.82 7.37 -40.66
C ALA G 377 -26.29 7.81 -40.80
N HIS G 378 -26.83 8.44 -39.74
CA HIS G 378 -28.18 8.99 -39.69
C HIS G 378 -28.34 10.14 -40.71
N ILE G 379 -27.33 11.04 -40.77
CA ILE G 379 -27.31 12.17 -41.71
C ILE G 379 -27.26 11.66 -43.15
N LEU G 380 -26.36 10.69 -43.43
CA LEU G 380 -26.20 10.06 -44.75
C LEU G 380 -27.50 9.42 -45.23
N GLU G 381 -28.29 8.83 -44.29
CA GLU G 381 -29.57 8.21 -44.58
C GLU G 381 -30.56 9.24 -45.14
N GLY G 382 -30.61 10.41 -44.49
CA GLY G 382 -31.43 11.55 -44.90
C GLY G 382 -31.04 12.14 -46.24
N LEU G 383 -29.72 12.24 -46.48
CA LEU G 383 -29.17 12.75 -47.74
C LEU G 383 -29.46 11.80 -48.89
N ARG G 384 -29.47 10.46 -48.60
CA ARG G 384 -29.77 9.40 -49.57
C ARG G 384 -31.23 9.52 -50.02
N ILE G 385 -32.15 9.78 -49.07
CA ILE G 385 -33.59 9.97 -49.32
C ILE G 385 -33.76 11.24 -50.16
N ALA G 386 -33.08 12.33 -49.74
CA ALA G 386 -33.11 13.62 -50.43
C ALA G 386 -32.66 13.52 -51.88
N LEU G 387 -31.53 12.84 -52.13
CA LEU G 387 -30.98 12.68 -53.47
C LEU G 387 -31.81 11.77 -54.37
N ASP G 388 -32.53 10.80 -53.77
CA ASP G 388 -33.40 9.87 -54.50
C ASP G 388 -34.68 10.59 -54.95
N HIS G 389 -35.10 11.62 -54.19
CA HIS G 389 -36.33 12.37 -54.47
C HIS G 389 -36.06 13.88 -54.50
N ILE G 390 -34.93 14.29 -55.12
CA ILE G 390 -34.47 15.68 -55.14
C ILE G 390 -35.48 16.67 -55.79
N ASP G 391 -36.16 16.29 -56.88
CA ASP G 391 -37.15 17.16 -57.54
C ASP G 391 -38.31 17.50 -56.59
N GLU G 392 -38.69 16.51 -55.75
CA GLU G 392 -39.72 16.63 -54.73
C GLU G 392 -39.24 17.53 -53.60
N ILE G 393 -37.98 17.31 -53.14
CA ILE G 393 -37.31 18.05 -52.07
C ILE G 393 -37.29 19.56 -52.38
N ILE G 394 -36.84 19.93 -53.59
CA ILE G 394 -36.74 21.32 -54.08
C ILE G 394 -38.10 22.01 -54.09
N SER G 395 -39.12 21.34 -54.63
CA SER G 395 -40.50 21.83 -54.66
C SER G 395 -40.99 22.20 -53.25
N THR G 396 -40.75 21.31 -52.27
CA THR G 396 -41.12 21.48 -50.85
C THR G 396 -40.48 22.75 -50.24
N ILE G 397 -39.18 22.97 -50.52
CA ILE G 397 -38.41 24.12 -50.03
C ILE G 397 -38.90 25.42 -50.69
N ARG G 398 -39.10 25.41 -52.02
CA ARG G 398 -39.56 26.54 -52.82
C ARG G 398 -40.94 27.04 -52.39
N GLU G 399 -41.85 26.10 -52.05
CA GLU G 399 -43.22 26.35 -51.58
C GLU G 399 -43.24 26.99 -50.18
N SER G 400 -42.21 26.73 -49.36
CA SER G 400 -42.12 27.21 -47.98
C SER G 400 -41.63 28.65 -47.86
N ASP G 401 -42.36 29.46 -47.06
N ASP G 401 -42.36 29.45 -47.06
CA ASP G 401 -42.05 30.87 -46.83
CA ASP G 401 -42.09 30.87 -46.79
C ASP G 401 -40.86 31.06 -45.88
C ASP G 401 -40.88 31.06 -45.88
N THR G 402 -40.77 30.23 -44.81
CA THR G 402 -39.67 30.27 -43.82
C THR G 402 -38.94 28.92 -43.80
N ASP G 403 -37.78 28.86 -43.10
CA ASP G 403 -36.98 27.64 -42.95
C ASP G 403 -37.72 26.64 -42.05
N LYS G 404 -38.45 27.14 -41.02
CA LYS G 404 -39.24 26.37 -40.06
C LYS G 404 -40.32 25.58 -40.79
N VAL G 405 -41.02 26.24 -41.76
CA VAL G 405 -42.06 25.62 -42.59
C VAL G 405 -41.42 24.54 -43.47
N ALA G 406 -40.30 24.89 -44.15
CA ALA G 406 -39.53 24.00 -45.01
C ALA G 406 -39.10 22.74 -44.28
N MET G 407 -38.63 22.89 -43.04
CA MET G 407 -38.19 21.77 -42.21
C MET G 407 -39.34 20.86 -41.80
N GLU G 408 -40.42 21.44 -41.24
CA GLU G 408 -41.61 20.70 -40.82
C GLU G 408 -42.23 19.90 -41.98
N SER G 409 -42.31 20.53 -43.16
CA SER G 409 -42.84 19.92 -44.38
C SER G 409 -41.95 18.77 -44.89
N LEU G 410 -40.60 18.91 -44.74
CA LEU G 410 -39.67 17.86 -45.16
C LEU G 410 -39.73 16.63 -44.24
N GLN G 411 -39.84 16.87 -42.93
CA GLN G 411 -39.96 15.81 -41.92
C GLN G 411 -41.26 15.03 -42.13
N GLN G 412 -42.37 15.74 -42.41
CA GLN G 412 -43.69 15.15 -42.59
C GLN G 412 -43.84 14.32 -43.87
N ARG G 413 -43.34 14.84 -45.01
CA ARG G 413 -43.49 14.20 -46.32
C ARG G 413 -42.47 13.12 -46.66
N PHE G 414 -41.28 13.17 -46.03
CA PHE G 414 -40.20 12.22 -46.33
C PHE G 414 -39.71 11.44 -45.10
N LYS G 415 -40.56 11.32 -44.05
CA LYS G 415 -40.31 10.64 -42.76
C LYS G 415 -38.85 10.88 -42.24
N LEU G 416 -38.41 12.15 -42.28
CA LEU G 416 -37.08 12.55 -41.83
C LEU G 416 -37.10 13.11 -40.42
N SER G 417 -35.95 13.04 -39.73
CA SER G 417 -35.81 13.60 -38.39
C SER G 417 -35.53 15.11 -38.54
N GLU G 418 -35.56 15.87 -37.42
CA GLU G 418 -35.24 17.29 -37.43
C GLU G 418 -33.79 17.49 -37.92
N LYS G 419 -32.85 16.65 -37.42
CA LYS G 419 -31.43 16.65 -37.80
C LYS G 419 -31.22 16.34 -39.29
N GLN G 420 -31.95 15.35 -39.85
CA GLN G 420 -31.85 14.95 -41.25
C GLN G 420 -32.33 16.07 -42.17
N ALA G 421 -33.50 16.68 -41.84
CA ALA G 421 -34.13 17.79 -42.56
C ALA G 421 -33.24 19.03 -42.57
N GLN G 422 -32.56 19.31 -41.43
CA GLN G 422 -31.62 20.42 -41.26
C GLN G 422 -30.42 20.26 -42.20
N ALA G 423 -29.89 19.02 -42.32
CA ALA G 423 -28.74 18.67 -43.16
C ALA G 423 -29.06 18.86 -44.63
N ILE G 424 -30.34 18.62 -45.03
CA ILE G 424 -30.82 18.79 -46.40
C ILE G 424 -30.96 20.27 -46.73
N LEU G 425 -31.51 21.08 -45.80
CA LEU G 425 -31.61 22.54 -45.99
C LEU G 425 -30.23 23.19 -46.05
N ASP G 426 -29.23 22.62 -45.35
CA ASP G 426 -27.84 23.08 -45.35
C ASP G 426 -27.01 22.54 -46.52
N MET G 427 -27.60 21.65 -47.33
CA MET G 427 -26.95 21.02 -48.47
C MET G 427 -26.73 22.03 -49.59
N ARG G 428 -25.49 22.10 -50.10
CA ARG G 428 -25.11 23.01 -51.20
C ARG G 428 -25.55 22.38 -52.54
N LEU G 429 -25.82 23.24 -53.54
CA LEU G 429 -26.22 22.81 -54.89
C LEU G 429 -25.18 21.89 -55.57
N ARG G 430 -23.89 22.03 -55.23
CA ARG G 430 -22.80 21.21 -55.79
C ARG G 430 -22.90 19.71 -55.43
N ARG G 431 -23.66 19.37 -54.37
CA ARG G 431 -23.87 17.98 -53.94
C ARG G 431 -24.77 17.19 -54.88
N LEU G 432 -25.47 17.89 -55.80
CA LEU G 432 -26.41 17.30 -56.76
C LEU G 432 -25.74 16.66 -58.00
N THR G 433 -24.39 16.75 -58.10
CA THR G 433 -23.63 16.14 -59.21
C THR G 433 -23.58 14.60 -59.10
N GLY G 434 -23.30 13.93 -60.21
CA GLY G 434 -23.21 12.47 -60.32
C GLY G 434 -22.26 11.79 -59.36
N LEU G 435 -20.99 12.24 -59.33
CA LEU G 435 -19.93 11.73 -58.46
C LEU G 435 -20.22 11.94 -56.98
N GLU G 436 -20.91 13.05 -56.63
CA GLU G 436 -21.28 13.39 -55.25
C GLU G 436 -22.30 12.42 -54.64
N ARG G 437 -23.21 11.86 -55.48
CA ARG G 437 -24.24 10.88 -55.08
C ARG G 437 -23.62 9.51 -54.77
N ASP G 438 -22.57 9.13 -55.54
CA ASP G 438 -21.83 7.88 -55.37
C ASP G 438 -20.94 7.94 -54.12
N LYS G 439 -20.36 9.14 -53.85
CA LYS G 439 -19.50 9.42 -52.70
C LYS G 439 -20.24 9.20 -51.37
N ILE G 440 -21.54 9.60 -51.34
CA ILE G 440 -22.41 9.49 -50.16
C ILE G 440 -22.71 8.01 -49.85
N GLU G 441 -23.05 7.21 -50.88
CA GLU G 441 -23.33 5.78 -50.74
C GLU G 441 -22.07 5.03 -50.24
N ALA G 442 -20.90 5.30 -50.86
CA ALA G 442 -19.61 4.72 -50.50
C ALA G 442 -19.24 5.03 -49.05
N GLU G 443 -19.48 6.28 -48.60
CA GLU G 443 -19.21 6.70 -47.23
C GLU G 443 -20.12 5.94 -46.25
N TYR G 444 -21.41 5.80 -46.60
CA TYR G 444 -22.42 5.12 -45.80
C TYR G 444 -22.09 3.65 -45.55
N ASN G 445 -21.74 2.93 -46.62
CA ASN G 445 -21.40 1.51 -46.56
C ASN G 445 -20.14 1.25 -45.73
N GLU G 446 -19.12 2.13 -45.88
CA GLU G 446 -17.86 2.05 -45.15
C GLU G 446 -18.10 2.31 -43.66
N LEU G 447 -19.00 3.27 -43.36
CA LEU G 447 -19.40 3.67 -42.02
C LEU G 447 -20.11 2.56 -41.27
N LEU G 448 -21.02 1.82 -41.97
CA LEU G 448 -21.78 0.70 -41.43
C LEU G 448 -20.82 -0.36 -40.86
N ASN G 449 -19.72 -0.64 -41.61
CA ASN G 449 -18.67 -1.59 -41.24
C ASN G 449 -17.84 -1.06 -40.06
N TYR G 450 -17.50 0.26 -40.08
CA TYR G 450 -16.73 0.93 -39.02
C TYR G 450 -17.46 0.82 -37.68
N ILE G 451 -18.80 1.08 -37.68
CA ILE G 451 -19.69 0.98 -36.52
C ILE G 451 -19.61 -0.44 -35.93
N SER G 452 -19.71 -1.47 -36.80
CA SER G 452 -19.62 -2.88 -36.41
C SER G 452 -18.29 -3.18 -35.68
N GLU G 453 -17.17 -2.69 -36.23
CA GLU G 453 -15.81 -2.83 -35.68
C GLU G 453 -15.68 -2.19 -34.29
N LEU G 454 -16.27 -1.00 -34.12
CA LEU G 454 -16.28 -0.24 -32.86
C LEU G 454 -17.07 -0.96 -31.78
N GLU G 455 -18.26 -1.50 -32.16
CA GLU G 455 -19.17 -2.24 -31.28
C GLU G 455 -18.53 -3.54 -30.76
N THR G 456 -17.68 -4.19 -31.60
CA THR G 456 -16.94 -5.39 -31.26
C THR G 456 -15.94 -5.09 -30.13
N ILE G 457 -15.26 -3.92 -30.20
CA ILE G 457 -14.30 -3.48 -29.18
C ILE G 457 -14.98 -3.24 -27.82
N LEU G 458 -16.16 -2.59 -27.84
CA LEU G 458 -16.92 -2.26 -26.63
C LEU G 458 -17.67 -3.45 -26.01
N ALA G 459 -17.96 -4.49 -26.81
CA ALA G 459 -18.68 -5.69 -26.34
C ALA G 459 -17.79 -6.62 -25.51
N ASP G 460 -16.47 -6.67 -25.82
CA ASP G 460 -15.50 -7.53 -25.15
C ASP G 460 -14.40 -6.69 -24.50
N GLU G 461 -14.26 -6.81 -23.16
CA GLU G 461 -13.26 -6.10 -22.37
C GLU G 461 -11.83 -6.59 -22.69
N GLU G 462 -11.71 -7.83 -23.14
CA GLU G 462 -10.43 -8.45 -23.52
C GLU G 462 -9.92 -7.87 -24.85
N VAL G 463 -10.83 -7.60 -25.82
CA VAL G 463 -10.51 -7.00 -27.12
C VAL G 463 -9.98 -5.58 -26.90
N LEU G 464 -10.65 -4.83 -25.99
CA LEU G 464 -10.28 -3.48 -25.57
C LEU G 464 -8.88 -3.49 -24.90
N LEU G 465 -8.66 -4.43 -23.96
CA LEU G 465 -7.40 -4.58 -23.23
C LEU G 465 -6.26 -4.90 -24.18
N GLN G 466 -6.51 -5.75 -25.20
CA GLN G 466 -5.52 -6.11 -26.22
C GLN G 466 -5.17 -4.90 -27.10
N LEU G 467 -6.16 -4.03 -27.36
CA LEU G 467 -5.98 -2.81 -28.16
C LEU G 467 -5.03 -1.86 -27.45
N VAL G 468 -5.13 -1.78 -26.11
CA VAL G 468 -4.25 -0.99 -25.24
C VAL G 468 -2.83 -1.56 -25.36
N ARG G 469 -2.70 -2.89 -25.25
CA ARG G 469 -1.42 -3.61 -25.36
C ARG G 469 -0.76 -3.33 -26.72
N ASP G 470 -1.53 -3.48 -27.83
CA ASP G 470 -1.08 -3.25 -29.21
C ASP G 470 -0.66 -1.80 -29.44
N GLU G 471 -1.42 -0.83 -28.90
CA GLU G 471 -1.09 0.58 -29.03
C GLU G 471 0.16 0.95 -28.24
N LEU G 472 0.36 0.34 -27.05
CA LEU G 472 1.56 0.52 -26.22
C LEU G 472 2.81 -0.10 -26.86
N THR G 473 2.65 -1.30 -27.49
CA THR G 473 3.72 -2.02 -28.16
C THR G 473 4.26 -1.18 -29.32
N GLU G 474 3.34 -0.53 -30.08
CA GLU G 474 3.67 0.35 -31.19
C GLU G 474 4.53 1.52 -30.71
N ILE G 475 4.19 2.15 -29.55
CA ILE G 475 4.94 3.26 -28.93
C ILE G 475 6.35 2.76 -28.56
N ARG G 476 6.42 1.59 -27.90
CA ARG G 476 7.66 0.96 -27.45
C ARG G 476 8.62 0.74 -28.62
N ASP G 477 8.12 0.17 -29.73
CA ASP G 477 8.91 -0.11 -30.93
C ASP G 477 9.36 1.17 -31.65
N ARG G 478 8.60 2.27 -31.52
N ARG G 478 8.61 2.27 -31.52
CA ARG G 478 8.85 3.56 -32.15
CA ARG G 478 8.90 3.54 -32.17
C ARG G 478 9.75 4.50 -31.34
C ARG G 478 9.78 4.50 -31.33
N PHE G 479 9.57 4.56 -30.01
CA PHE G 479 10.34 5.48 -29.14
C PHE G 479 11.27 4.83 -28.12
N GLY G 480 11.08 3.54 -27.90
CA GLY G 480 11.90 2.80 -26.97
C GLY G 480 13.36 2.83 -27.39
N ASP G 481 14.24 3.08 -26.43
CA ASP G 481 15.67 3.17 -26.67
C ASP G 481 16.46 2.32 -25.69
N ASP G 482 17.79 2.30 -25.83
CA ASP G 482 18.67 1.57 -24.95
C ASP G 482 18.85 2.26 -23.61
N ARG G 483 19.07 1.45 -22.59
CA ARG G 483 19.43 1.85 -21.24
C ARG G 483 20.78 2.58 -21.31
N ARG G 484 20.91 3.66 -20.54
CA ARG G 484 22.13 4.48 -20.51
C ARG G 484 22.89 4.28 -19.21
N THR G 485 22.15 4.14 -18.10
CA THR G 485 22.69 3.95 -16.77
C THR G 485 22.98 2.48 -16.50
N GLU G 486 24.23 2.20 -16.11
CA GLU G 486 24.63 0.84 -15.80
C GLU G 486 24.33 0.57 -14.34
N ILE G 487 23.65 -0.57 -14.07
CA ILE G 487 23.33 -0.98 -12.72
C ILE G 487 24.39 -2.01 -12.34
N GLN G 488 25.42 -1.55 -11.60
CA GLN G 488 26.51 -2.39 -11.09
C GLN G 488 26.00 -3.24 -9.92
N LEU G 489 26.42 -4.51 -9.84
CA LEU G 489 25.99 -5.39 -8.74
C LEU G 489 27.05 -5.47 -7.65
N GLY G 490 26.69 -5.05 -6.44
CA GLY G 490 27.58 -5.05 -5.28
C GLY G 490 27.38 -3.83 -4.37
N LYS H 9 8.41 52.96 4.88
CA LYS H 9 7.35 52.33 4.09
C LYS H 9 5.95 52.56 4.67
N LEU H 10 5.83 52.69 6.00
CA LEU H 10 4.57 52.93 6.70
C LEU H 10 3.96 54.32 6.35
N ALA H 11 2.68 54.32 5.95
CA ALA H 11 1.90 55.51 5.65
C ALA H 11 0.99 55.72 6.87
N ASP H 12 1.52 56.42 7.88
CA ASP H 12 0.85 56.71 9.16
C ASP H 12 -0.38 57.62 9.04
N CYS H 13 -1.26 57.55 10.06
CA CYS H 13 -2.47 58.38 10.17
C CYS H 13 -2.17 59.67 10.92
N SER H 14 -3.00 60.71 10.76
CA SER H 14 -2.79 62.00 11.42
C SER H 14 -2.99 61.93 12.95
N SER H 15 -4.01 61.19 13.43
CA SER H 15 -4.31 61.05 14.86
C SER H 15 -3.21 60.29 15.61
N LYS H 16 -2.99 60.66 16.88
CA LYS H 16 -2.00 59.99 17.73
C LYS H 16 -2.65 59.35 18.97
N SER H 17 -4.00 59.20 18.94
CA SER H 17 -4.82 58.56 19.97
C SER H 17 -5.00 57.09 19.55
N PRO H 18 -4.25 56.14 20.18
CA PRO H 18 -4.31 54.73 19.74
C PRO H 18 -5.67 54.06 19.74
N GLU H 19 -6.56 54.46 20.69
CA GLU H 19 -7.92 53.93 20.86
C GLU H 19 -8.77 54.03 19.59
N GLU H 20 -8.57 55.12 18.82
CA GLU H 20 -9.28 55.40 17.56
C GLU H 20 -8.47 55.06 16.31
N CYS H 21 -7.16 54.78 16.48
CA CYS H 21 -6.25 54.48 15.38
C CYS H 21 -6.18 53.02 15.00
N GLU H 22 -6.13 52.77 13.68
CA GLU H 22 -6.12 51.45 13.07
C GLU H 22 -5.00 51.32 12.04
N ILE H 23 -4.37 50.15 11.97
CA ILE H 23 -3.30 49.90 11.01
C ILE H 23 -3.67 48.71 10.10
N PHE H 24 -3.54 48.89 8.80
CA PHE H 24 -3.84 47.82 7.85
C PHE H 24 -2.55 47.27 7.25
N LEU H 25 -2.28 45.98 7.50
CA LEU H 25 -1.11 45.27 6.97
C LEU H 25 -1.53 44.68 5.63
N VAL H 26 -1.00 45.24 4.54
CA VAL H 26 -1.34 44.84 3.17
C VAL H 26 -0.18 44.15 2.48
N GLU H 27 -0.50 43.24 1.56
CA GLU H 27 0.51 42.51 0.80
C GLU H 27 0.98 43.36 -0.39
N GLY H 28 2.24 43.76 -0.33
CA GLY H 28 2.93 44.54 -1.36
C GLY H 28 2.57 46.01 -1.45
N ASP H 29 3.35 46.73 -2.28
CA ASP H 29 3.19 48.15 -2.58
C ASP H 29 2.01 48.36 -3.53
N SER H 30 1.60 47.31 -4.24
CA SER H 30 0.44 47.40 -5.11
C SER H 30 -0.75 47.75 -4.19
N ALA H 31 -1.13 46.82 -3.26
CA ALA H 31 -2.26 47.00 -2.34
C ALA H 31 -2.08 48.21 -1.45
N GLY H 32 -0.83 48.60 -1.25
CA GLY H 32 -0.44 49.78 -0.47
C GLY H 32 -1.03 51.05 -1.07
N GLY H 33 -0.78 51.28 -2.35
CA GLY H 33 -1.27 52.43 -3.10
C GLY H 33 -2.77 52.65 -3.08
N SER H 34 -3.55 51.58 -3.31
CA SER H 34 -5.02 51.67 -3.34
C SER H 34 -5.62 51.88 -1.95
N THR H 35 -5.02 51.23 -0.94
CA THR H 35 -5.38 51.31 0.47
C THR H 35 -5.02 52.70 1.00
N LYS H 36 -3.88 53.25 0.59
CA LYS H 36 -3.45 54.60 0.96
C LYS H 36 -4.42 55.63 0.37
N SER H 37 -4.94 55.38 -0.85
CA SER H 37 -5.92 56.22 -1.54
C SER H 37 -7.33 56.13 -0.93
N GLY H 38 -7.75 54.92 -0.55
CA GLY H 38 -9.09 54.62 -0.04
C GLY H 38 -9.36 54.87 1.42
N ARG H 39 -8.31 54.86 2.26
CA ARG H 39 -8.40 55.03 3.72
C ARG H 39 -8.90 56.40 4.20
N ASP H 40 -9.23 56.47 5.48
CA ASP H 40 -9.53 57.71 6.17
C ASP H 40 -8.17 57.98 6.85
N SER H 41 -7.32 58.80 6.21
CA SER H 41 -5.95 59.11 6.65
C SER H 41 -5.85 59.73 8.05
N ARG H 42 -7.00 60.06 8.67
CA ARG H 42 -7.02 60.64 10.01
C ARG H 42 -6.78 59.59 11.07
N THR H 43 -7.40 58.39 10.91
CA THR H 43 -7.32 57.31 11.89
C THR H 43 -6.88 55.95 11.33
N GLN H 44 -6.52 55.90 10.05
CA GLN H 44 -6.09 54.65 9.41
C GLN H 44 -4.70 54.78 8.81
N ALA H 45 -3.80 53.87 9.23
CA ALA H 45 -2.40 53.76 8.80
C ALA H 45 -2.25 52.54 7.91
N ILE H 46 -1.28 52.54 7.00
CA ILE H 46 -1.05 51.41 6.09
C ILE H 46 0.40 50.98 6.18
N LEU H 47 0.62 49.67 6.40
CA LEU H 47 1.93 49.07 6.40
C LEU H 47 2.04 48.04 5.27
N PRO H 48 2.58 48.45 4.10
CA PRO H 48 2.76 47.49 2.99
C PRO H 48 3.92 46.53 3.29
N LEU H 49 3.65 45.22 3.16
CA LEU H 49 4.65 44.18 3.43
C LEU H 49 5.20 43.54 2.15
N ARG H 50 6.51 43.23 2.11
CA ARG H 50 7.18 42.65 0.94
C ARG H 50 6.98 41.11 0.83
N GLY H 51 5.73 40.70 0.60
CA GLY H 51 5.34 39.29 0.44
C GLY H 51 5.29 38.47 1.72
N LYS H 52 5.62 37.16 1.61
CA LYS H 52 5.65 36.20 2.71
C LYS H 52 6.74 36.58 3.72
N ILE H 53 6.37 36.66 5.01
CA ILE H 53 7.34 36.93 6.07
C ILE H 53 7.95 35.59 6.50
N LEU H 54 8.95 35.67 7.38
CA LEU H 54 9.63 34.54 8.00
C LEU H 54 8.63 33.73 8.85
N ASN H 55 8.75 32.39 8.83
CA ASN H 55 7.93 31.54 9.70
C ASN H 55 8.69 31.51 11.02
N VAL H 56 8.18 32.26 12.00
CA VAL H 56 8.79 32.44 13.32
C VAL H 56 8.73 31.17 14.19
N GLU H 57 7.90 30.16 13.81
CA GLU H 57 7.88 28.87 14.52
C GLU H 57 9.13 28.08 14.19
N LYS H 58 9.63 28.23 12.95
CA LYS H 58 10.79 27.52 12.42
C LYS H 58 12.09 28.29 12.66
N ALA H 59 12.09 29.60 12.34
CA ALA H 59 13.25 30.48 12.44
C ALA H 59 13.70 30.73 13.87
N ARG H 60 15.03 30.94 14.04
CA ARG H 60 15.64 31.30 15.32
C ARG H 60 15.65 32.83 15.44
N LEU H 61 15.67 33.33 16.69
CA LEU H 61 15.59 34.75 17.05
C LEU H 61 16.53 35.69 16.26
N ASP H 62 17.80 35.31 16.07
CA ASP H 62 18.77 36.13 15.33
C ASP H 62 18.31 36.46 13.90
N ARG H 63 17.76 35.45 13.19
CA ARG H 63 17.23 35.55 11.83
C ARG H 63 15.96 36.44 11.81
N ILE H 64 15.08 36.27 12.82
CA ILE H 64 13.83 37.01 13.02
C ILE H 64 14.08 38.51 13.25
N LEU H 65 15.01 38.84 14.17
CA LEU H 65 15.35 40.22 14.53
C LEU H 65 16.06 41.00 13.41
N ASN H 66 16.75 40.28 12.50
CA ASN H 66 17.42 40.90 11.36
C ASN H 66 16.50 41.09 10.15
N ASN H 67 15.28 40.53 10.21
CA ASN H 67 14.31 40.66 9.13
C ASN H 67 13.69 42.07 9.15
N ASN H 68 13.85 42.81 8.03
N ASN H 68 13.84 42.82 8.03
CA ASN H 68 13.37 44.18 7.82
CA ASN H 68 13.37 44.20 7.86
C ASN H 68 11.85 44.33 7.98
C ASN H 68 11.85 44.32 8.02
N GLU H 69 11.08 43.34 7.49
CA GLU H 69 9.60 43.34 7.57
C GLU H 69 9.11 43.14 9.00
N ILE H 70 9.77 42.21 9.75
CA ILE H 70 9.49 41.93 11.17
C ILE H 70 9.79 43.22 11.95
N ARG H 71 10.97 43.84 11.68
N ARG H 71 10.96 43.85 11.69
CA ARG H 71 11.44 45.10 12.28
CA ARG H 71 11.40 45.11 12.32
C ARG H 71 10.46 46.27 12.06
C ARG H 71 10.45 46.28 12.07
N GLN H 72 9.93 46.41 10.83
CA GLN H 72 8.98 47.47 10.45
C GLN H 72 7.68 47.37 11.25
N MET H 73 7.19 46.13 11.48
CA MET H 73 5.98 45.85 12.27
C MET H 73 6.19 46.20 13.73
N ILE H 74 7.30 45.72 14.34
CA ILE H 74 7.65 45.99 15.75
C ILE H 74 7.73 47.51 15.99
N THR H 75 8.43 48.24 15.10
CA THR H 75 8.59 49.70 15.13
C THR H 75 7.21 50.40 15.03
N ALA H 76 6.37 50.01 14.05
CA ALA H 76 5.04 50.57 13.80
C ALA H 76 4.09 50.37 14.99
N PHE H 77 4.07 49.16 15.60
CA PHE H 77 3.18 48.85 16.72
C PHE H 77 3.60 49.54 18.02
N GLY H 78 4.92 49.75 18.18
CA GLY H 78 5.54 50.44 19.32
C GLY H 78 5.40 49.76 20.67
N THR H 79 5.14 48.43 20.67
CA THR H 79 4.93 47.65 21.89
C THR H 79 6.18 46.98 22.44
N GLY H 80 7.04 46.52 21.54
CA GLY H 80 8.24 45.74 21.86
C GLY H 80 7.91 44.28 21.66
N ILE H 81 8.80 43.35 22.08
CA ILE H 81 8.50 41.92 21.91
C ILE H 81 8.84 41.09 23.15
N GLY H 82 8.09 40.00 23.31
CA GLY H 82 8.20 39.01 24.38
C GLY H 82 8.10 39.57 25.79
N GLY H 83 9.26 39.62 26.46
CA GLY H 83 9.38 40.12 27.82
C GLY H 83 9.32 41.63 27.93
N ASP H 84 9.75 42.34 26.87
CA ASP H 84 9.76 43.81 26.81
C ASP H 84 8.46 44.38 26.23
N PHE H 85 7.48 43.50 25.93
CA PHE H 85 6.17 43.86 25.38
C PHE H 85 5.36 44.71 26.36
N ASP H 86 4.82 45.82 25.87
CA ASP H 86 3.98 46.73 26.65
C ASP H 86 2.74 47.11 25.83
N LEU H 87 1.58 46.55 26.22
CA LEU H 87 0.27 46.78 25.60
C LEU H 87 -0.18 48.24 25.69
N ALA H 88 0.26 48.94 26.76
CA ALA H 88 -0.05 50.36 27.00
C ALA H 88 0.68 51.30 26.02
N LYS H 89 1.74 50.79 25.36
CA LYS H 89 2.56 51.50 24.39
C LYS H 89 2.11 51.24 22.93
N ALA H 90 1.03 50.43 22.72
CA ALA H 90 0.46 50.11 21.41
C ALA H 90 -0.03 51.34 20.73
N ARG H 91 0.47 51.59 19.51
CA ARG H 91 0.17 52.78 18.73
C ARG H 91 -1.19 52.72 17.98
N TYR H 92 -1.78 51.51 17.90
CA TYR H 92 -3.07 51.21 17.24
C TYR H 92 -3.82 50.16 18.04
N HIS H 93 -5.14 50.32 18.17
CA HIS H 93 -6.00 49.36 18.87
C HIS H 93 -6.69 48.39 17.89
N LYS H 94 -6.36 48.52 16.60
CA LYS H 94 -6.81 47.65 15.52
C LYS H 94 -5.67 47.40 14.54
N ILE H 95 -5.18 46.15 14.47
CA ILE H 95 -4.14 45.71 13.54
C ILE H 95 -4.87 44.77 12.62
N VAL H 96 -5.17 45.24 11.41
CA VAL H 96 -5.92 44.45 10.45
C VAL H 96 -4.99 43.74 9.48
N ILE H 97 -5.13 42.40 9.38
CA ILE H 97 -4.36 41.59 8.43
C ILE H 97 -5.23 41.56 7.14
N MET H 98 -4.77 42.27 6.11
CA MET H 98 -5.49 42.35 4.84
C MET H 98 -4.81 41.49 3.77
N THR H 99 -5.47 40.39 3.41
CA THR H 99 -4.94 39.45 2.42
C THR H 99 -6.00 39.15 1.36
N ASP H 100 -5.61 38.43 0.31
CA ASP H 100 -6.52 38.01 -0.76
C ASP H 100 -7.12 36.66 -0.38
N ALA H 101 -8.26 36.31 -0.98
CA ALA H 101 -8.91 35.02 -0.80
C ALA H 101 -8.33 34.06 -1.83
N ASP H 102 -7.03 33.71 -1.67
CA ASP H 102 -6.31 32.78 -2.54
C ASP H 102 -5.22 32.02 -1.78
N VAL H 103 -4.50 31.13 -2.48
CA VAL H 103 -3.42 30.30 -1.95
C VAL H 103 -2.36 31.10 -1.17
N ASP H 104 -1.84 32.18 -1.78
CA ASP H 104 -0.80 33.02 -1.22
C ASP H 104 -1.31 33.90 -0.08
N GLY H 105 -2.55 34.38 -0.19
CA GLY H 105 -3.21 35.19 0.83
C GLY H 105 -3.40 34.40 2.11
N ALA H 106 -3.85 33.14 1.97
CA ALA H 106 -4.05 32.18 3.06
C ALA H 106 -2.74 31.92 3.81
N HIS H 107 -1.63 31.67 3.08
CA HIS H 107 -0.32 31.46 3.69
C HIS H 107 0.17 32.69 4.45
N ILE H 108 -0.02 33.90 3.88
CA ILE H 108 0.37 35.17 4.49
C ILE H 108 -0.36 35.36 5.81
N ARG H 109 -1.63 35.00 5.83
CA ARG H 109 -2.52 35.06 7.00
C ARG H 109 -1.94 34.17 8.12
N THR H 110 -1.55 32.91 7.78
CA THR H 110 -0.99 31.96 8.74
C THR H 110 0.38 32.41 9.29
N LEU H 111 1.25 32.96 8.41
CA LEU H 111 2.58 33.44 8.82
C LEU H 111 2.46 34.66 9.76
N LEU H 112 1.54 35.59 9.45
CA LEU H 112 1.33 36.78 10.25
C LEU H 112 0.76 36.44 11.62
N LEU H 113 -0.24 35.54 11.68
CA LEU H 113 -0.86 35.10 12.94
C LEU H 113 0.14 34.39 13.83
N THR H 114 1.10 33.68 13.20
CA THR H 114 2.20 32.96 13.86
C THR H 114 3.15 33.94 14.56
N PHE H 115 3.46 35.06 13.88
CA PHE H 115 4.32 36.11 14.41
C PHE H 115 3.65 36.73 15.62
N PHE H 116 2.36 37.07 15.48
CA PHE H 116 1.56 37.66 16.53
C PHE H 116 1.41 36.74 17.72
N TYR H 117 1.24 35.43 17.47
CA TYR H 117 1.07 34.48 18.55
C TYR H 117 2.31 34.25 19.38
N ARG H 118 3.47 34.17 18.71
CA ARG H 118 4.73 33.91 19.40
C ARG H 118 5.43 35.15 19.98
N PHE H 119 5.29 36.34 19.34
CA PHE H 119 5.97 37.55 19.78
C PHE H 119 5.08 38.63 20.39
N MET H 120 3.81 38.71 19.97
CA MET H 120 2.90 39.74 20.47
C MET H 120 1.56 39.17 20.94
N ARG H 121 1.58 38.03 21.67
CA ARG H 121 0.39 37.34 22.17
C ARG H 121 -0.61 38.25 22.91
N PRO H 122 -0.25 39.16 23.86
CA PRO H 122 -1.28 40.00 24.51
C PRO H 122 -2.09 40.90 23.56
N LEU H 123 -1.56 41.18 22.36
CA LEU H 123 -2.21 41.96 21.30
C LEU H 123 -3.46 41.22 20.81
N ILE H 124 -3.40 39.88 20.69
CA ILE H 124 -4.52 39.02 20.29
C ILE H 124 -5.50 38.94 21.47
N GLU H 125 -4.95 38.76 22.69
CA GLU H 125 -5.68 38.68 23.95
C GLU H 125 -6.50 39.93 24.22
N ALA H 126 -6.01 41.12 23.80
CA ALA H 126 -6.68 42.42 23.95
C ALA H 126 -7.72 42.67 22.85
N GLY H 127 -7.80 41.76 21.88
CA GLY H 127 -8.74 41.84 20.77
C GLY H 127 -8.37 42.91 19.76
N TYR H 128 -7.05 43.22 19.64
CA TYR H 128 -6.56 44.25 18.72
C TYR H 128 -6.30 43.68 17.31
N VAL H 129 -6.12 42.34 17.17
CA VAL H 129 -5.83 41.75 15.86
C VAL H 129 -7.11 41.33 15.13
N TYR H 130 -7.26 41.82 13.89
CA TYR H 130 -8.41 41.60 13.02
C TYR H 130 -7.97 41.00 11.67
N ILE H 131 -8.91 40.38 10.96
CA ILE H 131 -8.70 39.78 9.65
C ILE H 131 -9.70 40.36 8.65
N ALA H 132 -9.21 40.79 7.49
CA ALA H 132 -10.01 41.30 6.39
C ALA H 132 -9.53 40.72 5.07
N GLN H 133 -10.49 40.44 4.18
CA GLN H 133 -10.25 39.89 2.87
C GLN H 133 -11.28 40.43 1.88
N PRO H 134 -11.09 40.26 0.54
CA PRO H 134 -12.10 40.78 -0.40
C PRO H 134 -13.51 40.25 -0.15
N PRO H 135 -14.55 41.06 -0.45
CA PRO H 135 -15.92 40.57 -0.28
C PRO H 135 -16.28 39.56 -1.38
N THR H 136 -17.43 38.88 -1.22
CA THR H 136 -17.93 37.91 -2.20
C THR H 136 -18.06 38.56 -3.58
N GLY H 137 -17.45 37.91 -4.57
CA GLY H 137 -17.39 38.40 -5.94
C GLY H 137 -15.99 38.76 -6.38
N TYR H 138 -15.07 38.94 -5.40
CA TYR H 138 -13.66 39.26 -5.63
C TYR H 138 -12.77 38.26 -4.92
N LYS H 139 -11.66 37.88 -5.57
CA LYS H 139 -10.67 36.98 -4.99
C LYS H 139 -9.47 37.76 -4.43
N GLY H 140 -9.03 38.78 -5.17
CA GLY H 140 -7.92 39.63 -4.79
C GLY H 140 -8.30 41.08 -4.55
N LEU H 141 -7.58 41.73 -3.61
CA LEU H 141 -7.78 43.15 -3.28
C LEU H 141 -7.43 44.07 -4.46
N GLY H 142 -6.54 43.60 -5.34
CA GLY H 142 -6.12 44.30 -6.54
C GLY H 142 -7.18 44.35 -7.63
N GLU H 143 -8.25 43.50 -7.52
CA GLU H 143 -9.38 43.44 -8.45
C GLU H 143 -10.34 44.64 -8.20
N MET H 144 -10.22 45.24 -7.00
CA MET H 144 -11.06 46.34 -6.52
C MET H 144 -10.44 47.72 -6.72
N ASN H 145 -11.33 48.71 -6.92
CA ASN H 145 -11.05 50.13 -7.03
C ASN H 145 -11.02 50.67 -5.59
N ALA H 146 -10.25 51.75 -5.34
CA ALA H 146 -10.09 52.34 -3.99
C ALA H 146 -11.42 52.65 -3.27
N ASP H 147 -12.45 53.09 -4.02
CA ASP H 147 -13.79 53.37 -3.48
C ASP H 147 -14.48 52.12 -2.95
N GLN H 148 -14.33 50.98 -3.67
CA GLN H 148 -14.90 49.68 -3.28
C GLN H 148 -14.09 49.10 -2.13
N LEU H 149 -12.77 49.37 -2.13
CA LEU H 149 -11.84 48.98 -1.07
C LEU H 149 -12.23 49.71 0.21
N TRP H 150 -12.62 50.99 0.10
CA TRP H 150 -13.09 51.77 1.24
C TRP H 150 -14.43 51.24 1.73
N GLU H 151 -15.48 51.32 0.87
CA GLU H 151 -16.86 50.96 1.18
C GLU H 151 -17.10 49.55 1.72
N THR H 152 -16.27 48.58 1.34
CA THR H 152 -16.44 47.19 1.74
C THR H 152 -15.40 46.66 2.72
N THR H 153 -14.21 47.26 2.77
CA THR H 153 -13.14 46.72 3.59
C THR H 153 -12.57 47.69 4.65
N MET H 154 -12.68 49.02 4.48
CA MET H 154 -12.09 49.96 5.45
C MET H 154 -13.07 50.86 6.23
N ASN H 155 -14.29 51.08 5.68
CA ASN H 155 -15.30 51.94 6.27
C ASN H 155 -15.87 51.31 7.50
N PRO H 156 -15.66 51.92 8.70
CA PRO H 156 -16.17 51.30 9.94
C PRO H 156 -17.69 51.05 9.97
N GLU H 157 -18.43 51.69 9.08
CA GLU H 157 -19.88 51.49 9.02
C GLU H 157 -20.32 50.25 8.23
N HIS H 158 -19.57 49.87 7.18
CA HIS H 158 -20.01 48.76 6.33
C HIS H 158 -19.03 47.62 6.16
N ARG H 159 -17.87 47.72 6.79
CA ARG H 159 -16.83 46.71 6.62
C ARG H 159 -17.14 45.40 7.32
N ALA H 160 -16.36 44.37 6.96
CA ALA H 160 -16.49 43.04 7.52
C ALA H 160 -15.12 42.58 8.07
N LEU H 161 -14.80 43.04 9.28
CA LEU H 161 -13.58 42.66 9.98
C LEU H 161 -13.88 41.51 10.93
N LEU H 162 -12.99 40.52 10.97
CA LEU H 162 -13.11 39.40 11.88
C LEU H 162 -12.08 39.58 12.99
N GLN H 163 -12.56 39.70 14.24
CA GLN H 163 -11.68 39.86 15.40
C GLN H 163 -11.10 38.49 15.75
N VAL H 164 -9.76 38.42 15.84
CA VAL H 164 -9.08 37.18 16.17
C VAL H 164 -9.19 36.97 17.68
N LYS H 165 -9.75 35.81 18.08
CA LYS H 165 -9.96 35.46 19.48
C LYS H 165 -9.17 34.22 19.89
N LEU H 166 -8.57 34.29 21.08
CA LEU H 166 -7.79 33.21 21.69
C LEU H 166 -8.68 32.58 22.76
N GLU H 167 -9.26 31.40 22.45
CA GLU H 167 -10.17 30.69 23.35
C GLU H 167 -9.45 29.72 24.27
N ASP H 168 -8.67 28.80 23.70
CA ASP H 168 -7.92 27.79 24.43
C ASP H 168 -6.44 27.91 24.09
N ALA H 169 -5.64 28.31 25.10
CA ALA H 169 -4.18 28.51 24.98
C ALA H 169 -3.42 27.23 24.64
N ILE H 170 -3.80 26.09 25.26
CA ILE H 170 -3.17 24.78 25.02
C ILE H 170 -3.43 24.32 23.58
N GLU H 171 -4.70 24.39 23.11
CA GLU H 171 -5.12 24.02 21.76
C GLU H 171 -4.43 24.87 20.68
N ALA H 172 -4.27 26.19 20.95
CA ALA H 172 -3.60 27.12 20.02
C ALA H 172 -2.11 26.79 19.92
N ASP H 173 -1.42 26.60 21.08
CA ASP H 173 0.00 26.21 21.16
C ASP H 173 0.26 24.97 20.31
N GLN H 174 -0.66 23.99 20.39
CA GLN H 174 -0.61 22.72 19.67
C GLN H 174 -0.84 22.94 18.16
N THR H 175 -1.81 23.79 17.79
CA THR H 175 -2.15 24.15 16.42
C THR H 175 -0.97 24.84 15.70
N PHE H 176 -0.35 25.84 16.35
CA PHE H 176 0.80 26.56 15.79
C PHE H 176 2.04 25.67 15.65
N GLU H 177 2.26 24.74 16.59
CA GLU H 177 3.38 23.81 16.54
C GLU H 177 3.19 22.76 15.43
N MET H 178 1.95 22.25 15.29
CA MET H 178 1.60 21.26 14.30
C MET H 178 1.69 21.81 12.87
N LEU H 179 1.05 22.96 12.64
CA LEU H 179 0.98 23.57 11.32
C LEU H 179 2.23 24.31 10.87
N MET H 180 2.89 25.07 11.79
CA MET H 180 4.02 25.91 11.45
C MET H 180 5.40 25.42 11.92
N GLY H 181 5.44 24.38 12.76
CA GLY H 181 6.67 23.82 13.31
C GLY H 181 7.54 23.01 12.37
N ASP H 182 8.69 22.55 12.88
CA ASP H 182 9.71 21.79 12.16
C ASP H 182 9.33 20.33 11.78
N VAL H 183 8.41 19.70 12.53
CA VAL H 183 8.00 18.30 12.29
C VAL H 183 6.94 18.19 11.17
N VAL H 184 7.40 17.84 9.95
CA VAL H 184 6.60 17.69 8.74
C VAL H 184 5.44 16.67 8.92
N GLU H 185 5.72 15.52 9.57
CA GLU H 185 4.75 14.44 9.79
C GLU H 185 3.41 14.88 10.46
N ASN H 186 3.46 15.77 11.47
CA ASN H 186 2.27 16.26 12.17
C ASN H 186 1.38 17.03 11.23
N ARG H 187 2.02 17.84 10.37
CA ARG H 187 1.42 18.66 9.33
C ARG H 187 0.84 17.75 8.21
N ARG H 188 1.62 16.73 7.78
CA ARG H 188 1.19 15.75 6.77
C ARG H 188 -0.06 15.00 7.26
N GLN H 189 -0.07 14.60 8.54
CA GLN H 189 -1.18 13.90 9.16
C GLN H 189 -2.41 14.79 9.23
N PHE H 190 -2.21 16.07 9.59
CA PHE H 190 -3.33 17.04 9.62
C PHE H 190 -3.98 17.17 8.23
N ILE H 191 -3.15 17.28 7.17
CA ILE H 191 -3.58 17.39 5.78
C ILE H 191 -4.36 16.11 5.38
N GLU H 192 -3.79 14.93 5.71
CA GLU H 192 -4.39 13.60 5.45
C GLU H 192 -5.75 13.45 6.15
N ASP H 193 -5.82 13.87 7.43
CA ASP H 193 -7.04 13.81 8.24
C ASP H 193 -8.14 14.80 7.84
N ASN H 194 -7.76 15.99 7.32
CA ASN H 194 -8.73 17.05 7.00
C ASN H 194 -8.87 17.37 5.49
N ALA H 195 -8.33 16.51 4.61
CA ALA H 195 -8.43 16.63 3.16
C ALA H 195 -9.91 16.50 2.69
N VAL H 196 -10.55 17.64 2.32
N VAL H 196 -10.56 17.65 2.36
CA VAL H 196 -11.97 17.71 1.93
CA VAL H 196 -11.96 17.78 1.88
C VAL H 196 -12.21 17.58 0.41
C VAL H 196 -12.34 19.28 1.68
N TYR H 197 -11.56 18.44 -0.43
N TYR H 197 -12.02 20.15 2.66
CA TYR H 197 -11.68 18.48 -1.90
CA TYR H 197 -12.34 21.58 2.62
C TYR H 197 -13.13 18.62 -2.40
C TYR H 197 -11.39 22.37 1.73
N ASN I 9 37.82 38.81 -43.54
CA ASN I 9 38.09 40.14 -44.09
C ASN I 9 38.55 41.15 -42.99
N GLU I 10 38.41 42.48 -43.26
CA GLU I 10 38.81 43.58 -42.36
C GLU I 10 38.05 44.89 -42.68
N ARG I 11 37.77 45.73 -41.66
CA ARG I 11 37.17 47.04 -41.93
C ARG I 11 37.62 48.13 -40.95
N ASN I 12 37.46 49.36 -41.41
CA ASN I 12 37.83 50.61 -40.78
C ASN I 12 36.95 50.90 -39.54
N ILE I 13 37.60 51.24 -38.40
CA ILE I 13 36.94 51.54 -37.13
C ILE I 13 35.87 52.65 -37.28
N THR I 14 36.18 53.70 -38.09
CA THR I 14 35.31 54.84 -38.41
C THR I 14 34.06 54.37 -39.18
N SER I 15 34.25 53.55 -40.24
CA SER I 15 33.18 52.99 -41.06
C SER I 15 32.24 52.14 -40.19
N GLU I 16 32.84 51.27 -39.34
CA GLU I 16 32.07 50.40 -38.45
C GLU I 16 31.27 51.21 -37.42
N MET I 17 31.91 52.19 -36.77
CA MET I 17 31.27 53.04 -35.77
C MET I 17 30.05 53.77 -36.34
N ARG I 18 30.22 54.41 -37.51
CA ARG I 18 29.17 55.14 -38.23
C ARG I 18 28.01 54.20 -38.63
N GLU I 19 28.33 53.02 -39.20
CA GLU I 19 27.34 52.02 -39.60
C GLU I 19 26.55 51.45 -38.41
N SER I 20 27.24 51.06 -37.33
CA SER I 20 26.58 50.48 -36.16
C SER I 20 25.79 51.52 -35.35
N PHE I 21 26.31 52.75 -35.24
CA PHE I 21 25.61 53.82 -34.53
C PHE I 21 24.34 54.24 -35.25
N LEU I 22 24.38 54.24 -36.58
CA LEU I 22 23.24 54.58 -37.41
C LEU I 22 22.14 53.52 -37.31
N ASP I 23 22.52 52.23 -37.36
CA ASP I 23 21.59 51.09 -37.25
C ASP I 23 20.83 51.12 -35.92
N TYR I 24 21.55 51.38 -34.82
CA TYR I 24 21.01 51.51 -33.47
C TYR I 24 20.08 52.73 -33.36
N ALA I 25 20.60 53.92 -33.73
CA ALA I 25 19.88 55.19 -33.65
C ALA I 25 18.57 55.19 -34.42
N MET I 26 18.56 54.73 -35.68
CA MET I 26 17.37 54.73 -36.51
C MET I 26 16.31 53.76 -36.01
N SER I 27 16.73 52.63 -35.42
CA SER I 27 15.85 51.62 -34.81
C SER I 27 15.12 52.15 -33.55
N VAL I 28 15.83 52.90 -32.71
CA VAL I 28 15.26 53.52 -31.50
C VAL I 28 14.26 54.61 -31.94
N ILE I 29 14.64 55.38 -32.97
CA ILE I 29 13.84 56.47 -33.54
C ILE I 29 12.54 55.98 -34.16
N VAL I 30 12.62 55.08 -35.17
CA VAL I 30 11.45 54.61 -35.94
C VAL I 30 10.68 53.44 -35.29
N ALA I 31 11.37 52.62 -34.47
CA ALA I 31 10.73 51.43 -33.93
C ALA I 31 10.77 51.28 -32.39
N ARG I 32 10.76 52.39 -31.63
CA ARG I 32 10.80 52.29 -30.17
C ARG I 32 10.30 53.53 -29.40
N ALA I 33 11.10 54.62 -29.45
CA ALA I 33 10.96 55.83 -28.65
C ALA I 33 10.02 56.91 -29.12
N LEU I 34 9.79 57.03 -30.43
CA LEU I 34 9.00 58.17 -30.91
C LEU I 34 7.62 57.81 -31.46
N PRO I 35 6.64 58.74 -31.32
CA PRO I 35 5.30 58.45 -31.86
C PRO I 35 5.15 58.87 -33.32
N ASP I 36 4.18 58.25 -34.01
CA ASP I 36 3.86 58.59 -35.39
C ASP I 36 2.92 59.82 -35.32
N VAL I 37 3.10 60.81 -36.20
CA VAL I 37 2.28 62.03 -36.23
C VAL I 37 0.77 61.75 -36.42
N ARG I 38 0.43 60.75 -37.26
CA ARG I 38 -0.93 60.40 -37.66
C ARG I 38 -1.80 59.88 -36.50
N ASP I 39 -1.31 58.85 -35.73
CA ASP I 39 -2.06 58.26 -34.60
C ASP I 39 -1.52 58.61 -33.19
N GLY I 40 -0.33 59.17 -33.13
CA GLY I 40 0.30 59.59 -31.89
C GLY I 40 0.82 58.49 -31.02
N LEU I 41 1.02 57.29 -31.62
CA LEU I 41 1.45 56.09 -30.92
C LEU I 41 2.86 55.60 -31.22
N LYS I 42 3.51 54.99 -30.20
CA LYS I 42 4.81 54.33 -30.23
C LYS I 42 4.50 52.87 -30.57
N PRO I 43 5.43 52.05 -31.13
CA PRO I 43 5.09 50.65 -31.43
C PRO I 43 4.39 49.84 -30.32
N VAL I 44 4.89 49.88 -29.06
CA VAL I 44 4.31 49.11 -27.94
C VAL I 44 2.84 49.52 -27.67
N HIS I 45 2.52 50.83 -27.74
CA HIS I 45 1.17 51.33 -27.49
C HIS I 45 0.20 50.93 -28.57
N ARG I 46 0.65 50.97 -29.83
CA ARG I 46 -0.16 50.58 -30.97
C ARG I 46 -0.52 49.12 -30.89
N ARG I 47 0.44 48.29 -30.45
CA ARG I 47 0.29 46.84 -30.26
C ARG I 47 -0.71 46.49 -29.18
N ILE I 48 -0.68 47.21 -28.03
CA ILE I 48 -1.62 47.00 -26.95
C ILE I 48 -3.06 47.21 -27.47
N LEU I 49 -3.28 48.35 -28.15
CA LEU I 49 -4.57 48.78 -28.69
C LEU I 49 -5.09 47.86 -29.77
N TYR I 50 -4.17 47.40 -30.65
CA TYR I 50 -4.50 46.44 -31.70
C TYR I 50 -4.89 45.11 -31.09
N GLY I 51 -4.13 44.71 -30.06
CA GLY I 51 -4.37 43.48 -29.31
C GLY I 51 -5.75 43.45 -28.71
N LEU I 52 -6.16 44.58 -28.12
CA LEU I 52 -7.51 44.74 -27.52
C LEU I 52 -8.59 44.63 -28.59
N ASN I 53 -8.30 45.10 -29.79
CA ASN I 53 -9.23 45.09 -30.91
C ASN I 53 -9.46 43.67 -31.41
N GLU I 54 -8.37 42.94 -31.67
CA GLU I 54 -8.41 41.55 -32.17
C GLU I 54 -9.02 40.59 -31.18
N GLN I 55 -8.82 40.84 -29.88
CA GLN I 55 -9.39 40.02 -28.81
C GLN I 55 -10.82 40.44 -28.42
N GLY I 56 -11.39 41.39 -29.18
CA GLY I 56 -12.73 41.93 -29.01
C GLY I 56 -13.03 42.50 -27.64
N MET I 57 -12.02 43.15 -27.02
CA MET I 57 -12.13 43.74 -25.70
C MET I 57 -12.67 45.18 -25.77
N THR I 58 -13.86 45.28 -26.38
CA THR I 58 -14.57 46.52 -26.68
C THR I 58 -15.34 47.05 -25.44
N PRO I 59 -15.70 48.36 -25.38
CA PRO I 59 -16.40 48.87 -24.18
C PRO I 59 -17.73 48.20 -23.84
N ASP I 60 -18.47 47.67 -24.84
CA ASP I 60 -19.80 47.05 -24.68
C ASP I 60 -19.76 45.62 -24.08
N LYS I 61 -18.55 45.07 -23.91
CA LYS I 61 -18.35 43.74 -23.37
C LYS I 61 -17.59 43.81 -22.05
N SER I 62 -17.72 42.75 -21.24
CA SER I 62 -17.12 42.65 -19.91
C SER I 62 -15.62 42.79 -19.91
N TYR I 63 -15.05 43.22 -18.76
CA TYR I 63 -13.60 43.36 -18.58
C TYR I 63 -12.92 42.01 -18.73
N LYS I 64 -11.67 42.02 -19.20
CA LYS I 64 -10.87 40.82 -19.32
C LYS I 64 -9.60 41.02 -18.54
N LYS I 65 -9.05 39.93 -17.98
CA LYS I 65 -7.85 39.99 -17.16
C LYS I 65 -6.68 40.58 -17.95
N SER I 66 -5.86 41.39 -17.29
CA SER I 66 -4.70 42.02 -17.91
C SER I 66 -3.71 41.02 -18.50
N ALA I 67 -3.55 39.86 -17.84
CA ALA I 67 -2.67 38.77 -18.24
C ALA I 67 -3.09 38.24 -19.62
N ARG I 68 -4.40 38.10 -19.85
CA ARG I 68 -4.96 37.68 -21.13
C ARG I 68 -4.57 38.65 -22.26
N ILE I 69 -4.56 39.97 -21.98
CA ILE I 69 -4.14 40.99 -22.95
C ILE I 69 -2.65 40.94 -23.16
N VAL I 70 -1.87 41.18 -22.09
CA VAL I 70 -0.40 41.27 -22.09
C VAL I 70 0.23 40.08 -22.80
N GLY I 71 -0.14 38.86 -22.39
CA GLY I 71 0.34 37.62 -23.00
C GLY I 71 0.10 37.54 -24.49
N ASP I 72 -1.09 38.02 -24.95
CA ASP I 72 -1.44 38.05 -26.37
C ASP I 72 -0.54 39.02 -27.13
N VAL I 73 -0.35 40.22 -26.59
CA VAL I 73 0.48 41.27 -27.20
C VAL I 73 1.93 40.83 -27.26
N MET I 74 2.41 40.23 -26.18
CA MET I 74 3.77 39.76 -26.02
C MET I 74 4.14 38.67 -27.01
N GLY I 75 3.29 37.66 -27.11
CA GLY I 75 3.52 36.53 -27.99
C GLY I 75 3.30 36.85 -29.46
N LYS I 76 2.26 37.63 -29.77
CA LYS I 76 1.93 37.95 -31.16
C LYS I 76 2.66 39.16 -31.76
N TYR I 77 2.96 40.20 -30.96
CA TYR I 77 3.51 41.44 -31.53
C TYR I 77 4.79 42.00 -30.87
N HIS I 78 4.93 41.89 -29.54
CA HIS I 78 6.00 42.54 -28.80
C HIS I 78 6.84 41.55 -27.98
N PRO I 79 7.84 40.88 -28.59
CA PRO I 79 8.63 39.89 -27.85
C PRO I 79 9.68 40.51 -26.91
N HIS I 80 9.21 41.20 -25.87
CA HIS I 80 10.06 41.90 -24.90
C HIS I 80 9.64 41.72 -23.45
N GLY I 81 8.92 40.65 -23.13
CA GLY I 81 8.55 40.40 -21.74
C GLY I 81 7.45 41.25 -21.13
N ASP I 82 6.48 40.56 -20.54
CA ASP I 82 5.26 40.96 -19.85
C ASP I 82 5.20 42.39 -19.22
N SER I 83 6.22 42.79 -18.44
CA SER I 83 6.24 44.05 -17.65
C SER I 83 6.24 45.38 -18.46
N SER I 84 7.00 45.48 -19.56
CA SER I 84 7.01 46.69 -20.41
C SER I 84 5.62 46.94 -21.00
N ILE I 85 4.93 45.84 -21.42
CA ILE I 85 3.61 45.91 -22.01
C ILE I 85 2.58 46.33 -20.95
N TYR I 86 2.58 45.66 -19.80
CA TYR I 86 1.66 45.92 -18.69
C TYR I 86 1.78 47.34 -18.17
N GLU I 87 3.03 47.81 -17.94
CA GLU I 87 3.28 49.18 -17.47
C GLU I 87 2.74 50.25 -18.44
N ALA I 88 2.94 50.05 -19.75
CA ALA I 88 2.45 50.96 -20.78
C ALA I 88 0.91 50.97 -20.84
N MET I 89 0.26 49.81 -20.58
CA MET I 89 -1.19 49.63 -20.58
C MET I 89 -1.85 50.31 -19.38
N VAL I 90 -1.20 50.20 -18.22
CA VAL I 90 -1.57 50.80 -16.94
C VAL I 90 -1.65 52.30 -17.09
N ARG I 91 -0.59 52.94 -17.65
CA ARG I 91 -0.54 54.39 -17.87
C ARG I 91 -1.71 54.87 -18.71
N MET I 92 -2.05 54.11 -19.78
CA MET I 92 -3.17 54.37 -20.68
C MET I 92 -4.53 54.41 -19.97
N ALA I 93 -4.63 53.75 -18.79
CA ALA I 93 -5.81 53.64 -17.95
C ALA I 93 -5.84 54.66 -16.82
N GLN I 94 -4.74 55.45 -16.65
CA GLN I 94 -4.64 56.46 -15.58
C GLN I 94 -5.17 57.82 -16.01
N ASP I 95 -6.19 58.32 -15.29
CA ASP I 95 -6.83 59.60 -15.58
C ASP I 95 -5.96 60.81 -15.20
N PHE I 96 -4.86 60.58 -14.48
CA PHE I 96 -3.90 61.62 -14.12
C PHE I 96 -2.72 61.62 -15.12
N SER I 97 -2.65 60.61 -16.01
CA SER I 97 -1.57 60.49 -17.02
C SER I 97 -2.12 60.79 -18.41
N TYR I 98 -3.32 60.25 -18.74
CA TYR I 98 -3.94 60.42 -20.05
C TYR I 98 -5.10 61.39 -19.99
N ARG I 99 -5.04 62.48 -20.81
CA ARG I 99 -6.06 63.52 -20.94
C ARG I 99 -7.36 62.92 -21.47
N TYR I 100 -7.24 61.87 -22.31
CA TYR I 100 -8.33 61.06 -22.84
C TYR I 100 -7.89 59.59 -22.68
N PRO I 101 -8.14 58.97 -21.48
CA PRO I 101 -7.63 57.60 -21.25
C PRO I 101 -8.05 56.61 -22.33
N LEU I 102 -7.10 55.76 -22.74
CA LEU I 102 -7.28 54.80 -23.80
C LEU I 102 -7.67 53.41 -23.29
N VAL I 103 -7.38 53.14 -22.00
CA VAL I 103 -7.71 51.86 -21.39
C VAL I 103 -8.70 52.08 -20.24
N ASP I 104 -9.74 51.23 -20.20
CA ASP I 104 -10.75 51.23 -19.14
C ASP I 104 -10.36 50.09 -18.19
N GLY I 105 -9.72 50.46 -17.09
CA GLY I 105 -9.25 49.51 -16.10
C GLY I 105 -10.14 49.34 -14.88
N GLN I 106 -10.21 48.10 -14.38
CA GLN I 106 -10.94 47.75 -13.17
C GLN I 106 -9.93 47.14 -12.21
N GLY I 107 -9.82 47.74 -11.04
CA GLY I 107 -8.87 47.32 -10.03
C GLY I 107 -7.82 48.37 -9.76
N ASN I 108 -6.75 47.97 -9.11
CA ASN I 108 -5.68 48.91 -8.78
C ASN I 108 -4.77 49.15 -9.99
N PHE I 109 -4.88 50.34 -10.58
CA PHE I 109 -4.08 50.75 -11.75
C PHE I 109 -3.00 51.80 -11.40
N GLY I 110 -2.56 51.81 -10.16
CA GLY I 110 -1.55 52.76 -9.69
C GLY I 110 -2.08 54.10 -9.24
N SER I 111 -1.19 54.91 -8.64
CA SER I 111 -1.53 56.22 -8.09
C SER I 111 -0.58 57.35 -8.54
N MET I 112 -0.98 58.60 -8.28
CA MET I 112 -0.18 59.79 -8.59
C MET I 112 1.06 59.94 -7.69
N ASP I 113 1.20 59.06 -6.68
CA ASP I 113 2.35 59.00 -5.78
C ASP I 113 3.37 57.94 -6.25
N GLY I 114 3.21 57.46 -7.48
CA GLY I 114 4.09 56.48 -8.10
C GLY I 114 3.94 55.06 -7.59
N ASP I 115 2.81 54.72 -6.97
CA ASP I 115 2.56 53.36 -6.48
C ASP I 115 2.15 52.54 -7.68
N GLY I 116 2.64 51.30 -7.73
CA GLY I 116 2.37 50.40 -8.84
C GLY I 116 0.97 49.85 -8.90
N ALA I 117 0.62 49.31 -10.07
CA ALA I 117 -0.66 48.65 -10.30
C ALA I 117 -0.59 47.23 -9.71
N ALA I 118 -1.74 46.61 -9.41
CA ALA I 118 -1.77 45.25 -8.88
C ALA I 118 -1.33 44.25 -9.96
N ALA I 119 -1.15 42.97 -9.59
CA ALA I 119 -0.74 41.92 -10.51
C ALA I 119 -1.72 41.80 -11.68
N MET I 120 -1.19 41.55 -12.90
CA MET I 120 -2.00 41.42 -14.12
C MET I 120 -2.97 40.18 -14.08
N ARG I 121 -2.83 39.36 -13.03
N ARG I 121 -2.85 39.33 -13.04
CA ARG I 121 -3.60 38.17 -12.68
CA ARG I 121 -3.76 38.20 -12.83
C ARG I 121 -4.96 38.62 -12.10
C ARG I 121 -5.05 38.66 -12.17
N TYR I 122 -5.00 39.80 -11.46
CA TYR I 122 -6.17 40.37 -10.78
C TYR I 122 -6.79 41.58 -11.47
N THR I 123 -5.98 42.52 -11.99
CA THR I 123 -6.50 43.70 -12.69
C THR I 123 -7.15 43.32 -14.02
N GLU I 124 -8.24 44.00 -14.33
CA GLU I 124 -8.99 43.77 -15.54
C GLU I 124 -9.02 45.02 -16.38
N ALA I 125 -9.11 44.85 -17.70
CA ALA I 125 -9.14 45.94 -18.68
C ALA I 125 -10.03 45.67 -19.91
N ARG I 126 -10.23 46.74 -20.72
CA ARG I 126 -10.96 46.83 -21.99
C ARG I 126 -10.74 48.21 -22.60
N MET I 127 -11.20 48.40 -23.82
CA MET I 127 -11.07 49.67 -24.48
C MET I 127 -11.96 50.70 -23.79
N THR I 128 -11.59 51.98 -23.94
CA THR I 128 -12.46 53.08 -23.54
C THR I 128 -13.27 53.34 -24.82
N LYS I 129 -14.38 54.07 -24.72
CA LYS I 129 -15.21 54.41 -25.89
C LYS I 129 -14.41 55.23 -26.91
N ILE I 130 -13.51 56.10 -26.44
CA ILE I 130 -12.65 56.93 -27.29
C ILE I 130 -11.61 56.07 -28.09
N THR I 131 -11.21 54.90 -27.56
CA THR I 131 -10.26 53.99 -28.21
C THR I 131 -10.90 53.33 -29.42
N LEU I 132 -12.23 53.16 -29.38
CA LEU I 132 -12.98 52.63 -30.52
C LEU I 132 -12.72 53.51 -31.72
N GLU I 133 -12.66 54.86 -31.50
CA GLU I 133 -12.39 55.87 -32.52
C GLU I 133 -10.96 55.80 -33.08
N LEU I 134 -9.96 55.31 -32.29
CA LEU I 134 -8.60 55.16 -32.81
C LEU I 134 -8.54 54.01 -33.80
N LEU I 135 -9.32 52.96 -33.54
CA LEU I 135 -9.38 51.72 -34.31
C LEU I 135 -10.47 51.70 -35.37
N ARG I 136 -11.41 52.67 -35.35
CA ARG I 136 -12.54 52.70 -36.28
C ARG I 136 -12.06 52.62 -37.71
N ASP I 137 -12.64 51.66 -38.49
CA ASP I 137 -12.39 51.41 -39.92
C ASP I 137 -11.03 50.73 -40.22
N ILE I 138 -10.36 50.14 -39.21
CA ILE I 138 -9.06 49.46 -39.39
C ILE I 138 -9.15 48.26 -40.35
N ASN I 139 -10.33 47.60 -40.46
CA ASN I 139 -10.51 46.43 -41.34
C ASN I 139 -11.26 46.80 -42.62
N LYS I 140 -11.08 48.03 -43.07
CA LYS I 140 -11.70 48.59 -44.26
C LYS I 140 -10.61 49.20 -45.15
N ASP I 141 -9.42 48.54 -45.16
CA ASP I 141 -8.25 48.90 -45.95
C ASP I 141 -7.94 50.40 -45.85
N THR I 142 -7.98 50.94 -44.63
CA THR I 142 -7.74 52.35 -44.36
C THR I 142 -6.27 52.58 -44.09
N ILE I 143 -5.63 51.59 -43.46
CA ILE I 143 -4.22 51.64 -43.07
C ILE I 143 -3.44 50.43 -43.61
N ASP I 144 -2.13 50.58 -43.76
CA ASP I 144 -1.25 49.51 -44.23
C ASP I 144 -0.85 48.55 -43.13
N PHE I 145 -1.07 47.26 -43.36
CA PHE I 145 -0.66 46.20 -42.43
C PHE I 145 0.72 45.73 -42.83
N ILE I 146 1.54 45.36 -41.82
CA ILE I 146 2.89 44.82 -42.00
C ILE I 146 2.98 43.50 -41.26
N ASP I 147 3.95 42.65 -41.63
CA ASP I 147 4.18 41.37 -40.95
C ASP I 147 4.72 41.64 -39.52
N ASN I 148 4.36 40.77 -38.55
CA ASN I 148 4.86 40.93 -37.18
C ASN I 148 6.36 40.46 -37.13
N TYR I 149 6.97 40.42 -35.93
CA TYR I 149 8.38 40.05 -35.73
C TYR I 149 8.77 38.65 -36.29
N ASP I 150 7.83 37.68 -36.34
CA ASP I 150 8.14 36.33 -36.80
C ASP I 150 7.43 35.91 -38.12
N GLY I 151 6.63 36.79 -38.68
CA GLY I 151 5.93 36.53 -39.93
C GLY I 151 4.67 35.70 -39.78
N ASN I 152 4.27 35.39 -38.53
CA ASN I 152 3.08 34.59 -38.24
C ASN I 152 1.83 35.43 -38.07
N GLU I 153 2.02 36.71 -37.80
CA GLU I 153 0.90 37.65 -37.62
C GLU I 153 1.07 38.89 -38.50
N ARG I 154 -0.01 39.67 -38.61
CA ARG I 154 -0.09 40.93 -39.35
C ARG I 154 -0.45 41.98 -38.33
N GLU I 155 0.27 43.09 -38.36
CA GLU I 155 0.02 44.18 -37.44
C GLU I 155 -0.08 45.53 -38.17
N PRO I 156 -0.86 46.48 -37.63
CA PRO I 156 -0.97 47.78 -38.31
C PRO I 156 0.31 48.60 -38.22
N SER I 157 0.62 49.35 -39.29
CA SER I 157 1.78 50.25 -39.31
C SER I 157 1.42 51.57 -38.59
N VAL I 158 0.12 51.91 -38.60
CA VAL I 158 -0.52 53.09 -38.00
C VAL I 158 -2.01 52.76 -37.79
N LEU I 159 -2.69 53.47 -36.87
CA LEU I 159 -4.12 53.27 -36.65
C LEU I 159 -4.90 54.34 -37.42
N PRO I 160 -6.17 54.09 -37.82
CA PRO I 160 -6.96 55.13 -38.51
C PRO I 160 -7.06 56.45 -37.74
N ALA I 161 -7.12 56.40 -36.40
CA ALA I 161 -7.11 57.53 -35.46
C ALA I 161 -8.08 58.65 -35.81
N ARG I 162 -9.36 58.41 -35.65
CA ARG I 162 -10.42 59.33 -36.02
C ARG I 162 -10.53 60.56 -35.08
N PHE I 163 -9.55 60.73 -34.20
CA PHE I 163 -9.39 61.91 -33.33
C PHE I 163 -7.90 62.21 -33.24
N PRO I 164 -7.49 63.50 -33.17
CA PRO I 164 -6.04 63.82 -33.18
C PRO I 164 -5.33 63.46 -31.86
N ASN I 165 -5.07 62.15 -31.66
CA ASN I 165 -4.47 61.58 -30.47
C ASN I 165 -3.11 62.14 -30.08
N LEU I 166 -2.20 62.37 -31.06
CA LEU I 166 -0.86 62.89 -30.78
C LEU I 166 -0.92 64.13 -29.90
N LEU I 167 -1.68 65.11 -30.33
CA LEU I 167 -1.86 66.34 -29.59
C LEU I 167 -2.80 66.16 -28.40
N ALA I 168 -3.89 65.39 -28.56
CA ALA I 168 -4.86 65.15 -27.48
C ALA I 168 -4.25 64.52 -26.21
N ASN I 169 -3.51 63.41 -26.35
CA ASN I 169 -2.92 62.75 -25.17
C ASN I 169 -1.45 63.09 -24.93
N GLY I 170 -0.85 63.80 -25.88
CA GLY I 170 0.54 64.20 -25.81
C GLY I 170 1.48 63.03 -25.98
N ALA I 171 2.78 63.29 -25.84
CA ALA I 171 3.81 62.27 -25.98
C ALA I 171 5.09 62.70 -25.31
N SER I 172 5.95 61.73 -25.01
CA SER I 172 7.29 61.92 -24.47
C SER I 172 8.07 60.66 -24.80
N GLY I 173 9.33 60.83 -25.18
CA GLY I 173 10.20 59.71 -25.53
C GLY I 173 11.62 60.15 -25.69
N ILE I 174 12.57 59.35 -25.18
CA ILE I 174 14.01 59.63 -25.28
C ILE I 174 14.50 58.73 -26.38
N ALA I 175 15.00 59.30 -27.47
CA ALA I 175 15.54 58.52 -28.58
C ALA I 175 17.07 58.77 -28.64
N VAL I 176 17.66 58.72 -29.85
CA VAL I 176 19.06 58.95 -30.09
C VAL I 176 19.14 60.18 -30.99
N GLY I 177 19.94 61.16 -30.59
CA GLY I 177 20.09 62.43 -31.31
C GLY I 177 18.91 63.37 -31.10
N MET I 178 17.83 62.88 -30.45
CA MET I 178 16.60 63.63 -30.26
C MET I 178 15.71 63.03 -29.19
N ALA I 179 14.76 63.82 -28.74
CA ALA I 179 13.76 63.40 -27.76
C ALA I 179 12.45 64.10 -28.13
N THR I 180 11.33 63.63 -27.60
CA THR I 180 10.05 64.30 -27.84
C THR I 180 9.37 64.65 -26.52
N ASN I 181 8.55 65.70 -26.54
CA ASN I 181 7.79 66.17 -25.39
C ASN I 181 6.63 67.03 -25.86
N ILE I 182 5.55 66.36 -26.27
CA ILE I 182 4.31 66.99 -26.73
C ILE I 182 3.30 67.03 -25.55
N PRO I 183 2.77 68.21 -25.16
CA PRO I 183 1.81 68.22 -24.04
C PRO I 183 0.41 67.79 -24.49
N PRO I 184 -0.45 67.32 -23.55
CA PRO I 184 -1.84 66.98 -23.94
C PRO I 184 -2.67 68.24 -24.17
N HIS I 185 -3.79 68.11 -24.92
CA HIS I 185 -4.65 69.23 -25.29
C HIS I 185 -6.11 68.93 -25.14
N ASN I 186 -6.96 69.99 -25.23
CA ASN I 186 -8.41 69.83 -25.15
C ASN I 186 -8.97 69.41 -26.53
N LEU I 187 -9.66 68.27 -26.57
CA LEU I 187 -10.21 67.65 -27.79
C LEU I 187 -11.14 68.56 -28.58
N THR I 188 -11.96 69.36 -27.88
CA THR I 188 -12.90 70.27 -28.50
C THR I 188 -12.13 71.32 -29.30
N GLU I 189 -11.12 71.94 -28.64
CA GLU I 189 -10.24 72.96 -29.20
C GLU I 189 -9.49 72.43 -30.42
N LEU I 190 -8.96 71.19 -30.32
CA LEU I 190 -8.20 70.53 -31.37
C LEU I 190 -9.04 70.28 -32.61
N ILE I 191 -10.23 69.65 -32.46
CA ILE I 191 -11.11 69.36 -33.59
C ILE I 191 -11.55 70.68 -34.24
N ASN I 192 -11.81 71.72 -33.43
CA ASN I 192 -12.16 73.06 -33.93
C ASN I 192 -11.01 73.65 -34.77
N GLY I 193 -9.78 73.40 -34.34
CA GLY I 193 -8.57 73.81 -35.03
C GLY I 193 -8.43 73.11 -36.37
N VAL I 194 -8.67 71.78 -36.40
CA VAL I 194 -8.65 70.95 -37.61
C VAL I 194 -9.71 71.44 -38.59
N LEU I 195 -10.94 71.73 -38.08
CA LEU I 195 -12.05 72.23 -38.88
C LEU I 195 -11.77 73.62 -39.47
N SER I 196 -11.04 74.47 -38.72
CA SER I 196 -10.68 75.81 -39.20
C SER I 196 -9.63 75.69 -40.30
N LEU I 197 -8.67 74.75 -40.13
CA LEU I 197 -7.61 74.46 -41.10
C LEU I 197 -8.21 73.85 -42.38
N SER I 198 -9.23 72.99 -42.25
CA SER I 198 -9.90 72.33 -43.38
C SER I 198 -10.59 73.32 -44.30
N LYS I 199 -11.02 74.47 -43.74
CA LYS I 199 -11.71 75.55 -44.45
C LYS I 199 -10.75 76.59 -45.05
N ASN I 200 -9.53 76.70 -44.49
CA ASN I 200 -8.50 77.64 -44.93
C ASN I 200 -7.08 77.02 -44.81
N PRO I 201 -6.54 76.44 -45.92
CA PRO I 201 -5.21 75.85 -45.87
C PRO I 201 -4.09 76.83 -45.53
N ASP I 202 -4.31 78.14 -45.78
CA ASP I 202 -3.34 79.20 -45.51
C ASP I 202 -3.49 79.83 -44.11
N ILE I 203 -4.18 79.13 -43.18
CA ILE I 203 -4.40 79.59 -41.80
C ILE I 203 -3.08 79.82 -41.05
N SER I 204 -3.02 80.87 -40.25
CA SER I 204 -1.82 81.17 -39.47
C SER I 204 -1.92 80.47 -38.11
N ILE I 205 -0.77 80.34 -37.40
CA ILE I 205 -0.68 79.73 -36.07
C ILE I 205 -1.50 80.58 -35.09
N ALA I 206 -1.39 81.93 -35.21
CA ALA I 206 -2.10 82.91 -34.40
C ALA I 206 -3.61 82.73 -34.52
N GLU I 207 -4.11 82.43 -35.75
CA GLU I 207 -5.53 82.16 -36.04
C GLU I 207 -5.93 80.83 -35.42
N LEU I 208 -5.06 79.80 -35.53
CA LEU I 208 -5.29 78.47 -34.96
C LEU I 208 -5.42 78.53 -33.46
N MET I 209 -4.63 79.44 -32.81
CA MET I 209 -4.60 79.67 -31.36
C MET I 209 -5.91 80.27 -30.82
N GLU I 210 -6.82 80.67 -31.72
CA GLU I 210 -8.14 81.18 -31.36
C GLU I 210 -9.02 79.97 -31.04
N ASP I 211 -8.65 78.79 -31.57
CA ASP I 211 -9.31 77.51 -31.31
C ASP I 211 -8.54 76.79 -30.20
N ILE I 212 -7.25 76.50 -30.45
CA ILE I 212 -6.33 75.83 -29.53
C ILE I 212 -5.61 76.89 -28.67
N GLU I 213 -6.22 77.22 -27.51
CA GLU I 213 -5.70 78.20 -26.54
C GLU I 213 -4.29 77.84 -26.03
N GLY I 214 -4.07 76.56 -25.78
CA GLY I 214 -2.81 76.03 -25.27
C GLY I 214 -2.98 74.60 -24.79
N PRO I 215 -1.95 74.00 -24.14
CA PRO I 215 -2.10 72.64 -23.61
C PRO I 215 -3.22 72.53 -22.57
N ASP I 216 -3.73 71.31 -22.36
CA ASP I 216 -4.75 71.04 -21.37
C ASP I 216 -4.36 69.75 -20.66
N PHE I 217 -3.93 69.88 -19.43
CA PHE I 217 -3.46 68.75 -18.64
C PHE I 217 -4.57 68.02 -17.90
N PRO I 218 -4.52 66.67 -17.84
CA PRO I 218 -5.54 65.92 -17.09
C PRO I 218 -5.59 66.31 -15.62
N THR I 219 -4.42 66.73 -15.08
CA THR I 219 -4.17 67.16 -13.70
C THR I 219 -4.58 68.61 -13.44
N ALA I 220 -5.21 69.27 -14.44
CA ALA I 220 -5.67 70.67 -14.42
C ALA I 220 -4.53 71.66 -14.16
N GLY I 221 -4.55 72.37 -13.02
CA GLY I 221 -3.56 73.37 -12.66
C GLY I 221 -3.62 74.62 -13.53
N LEU I 222 -2.56 75.43 -13.50
CA LEU I 222 -2.48 76.68 -14.28
C LEU I 222 -1.28 76.73 -15.24
N ILE I 223 -1.33 77.69 -16.18
CA ILE I 223 -0.27 78.00 -17.14
C ILE I 223 -0.03 79.49 -17.05
N LEU I 224 1.24 79.88 -16.82
CA LEU I 224 1.60 81.29 -16.67
C LEU I 224 1.89 81.95 -18.01
N GLY I 225 0.90 82.65 -18.54
CA GLY I 225 1.01 83.39 -19.79
C GLY I 225 0.88 82.58 -21.06
N LYS I 226 0.88 83.28 -22.22
CA LYS I 226 0.75 82.68 -23.55
C LYS I 226 2.02 82.78 -24.40
N SER I 227 3.09 83.41 -23.85
CA SER I 227 4.38 83.61 -24.55
C SER I 227 5.06 82.28 -24.88
N GLY I 228 5.12 81.39 -23.88
CA GLY I 228 5.71 80.07 -23.99
C GLY I 228 4.91 79.19 -24.94
N ILE I 229 3.57 79.25 -24.81
CA ILE I 229 2.59 78.53 -25.64
C ILE I 229 2.83 78.91 -27.12
N ARG I 230 2.79 80.24 -27.42
CA ARG I 230 2.98 80.81 -28.76
C ARG I 230 4.30 80.34 -29.37
N ARG I 231 5.42 80.47 -28.62
N ARG I 231 5.43 80.49 -28.63
CA ARG I 231 6.76 80.05 -29.05
CA ARG I 231 6.75 80.06 -29.08
C ARG I 231 6.77 78.58 -29.47
C ARG I 231 6.75 78.57 -29.48
N ALA I 232 6.15 77.71 -28.64
CA ALA I 232 6.05 76.26 -28.87
C ALA I 232 5.20 75.92 -30.09
N TYR I 233 4.12 76.65 -30.31
CA TYR I 233 3.23 76.41 -31.45
C TYR I 233 3.83 76.96 -32.75
N GLU I 234 4.63 78.03 -32.65
CA GLU I 234 5.28 78.65 -33.81
C GLU I 234 6.48 77.84 -34.30
N THR I 235 7.32 77.36 -33.37
CA THR I 235 8.59 76.69 -33.67
C THR I 235 8.62 75.18 -33.40
N GLY I 236 7.76 74.71 -32.51
CA GLY I 236 7.77 73.31 -32.06
C GLY I 236 8.52 73.15 -30.75
N ARG I 237 9.21 74.23 -30.30
N ARG I 237 9.18 74.23 -30.29
CA ARG I 237 10.02 74.31 -29.07
CA ARG I 237 9.95 74.29 -29.05
C ARG I 237 9.60 75.53 -28.23
C ARG I 237 9.60 75.52 -28.23
N GLY I 238 9.54 75.35 -26.92
CA GLY I 238 9.19 76.43 -25.99
C GLY I 238 8.91 75.95 -24.58
N SER I 239 9.34 76.72 -23.60
CA SER I 239 9.10 76.39 -22.20
C SER I 239 7.75 76.93 -21.74
N ILE I 240 6.91 76.06 -21.17
CA ILE I 240 5.58 76.43 -20.66
C ILE I 240 5.59 76.26 -19.14
N GLN I 241 5.36 77.35 -18.40
CA GLN I 241 5.37 77.30 -16.94
C GLN I 241 4.03 76.80 -16.40
N MET I 242 4.06 75.66 -15.69
CA MET I 242 2.90 75.03 -15.07
C MET I 242 2.93 75.36 -13.58
N ARG I 243 1.85 75.91 -13.06
CA ARG I 243 1.72 76.29 -11.66
C ARG I 243 0.56 75.54 -11.00
N SER I 244 0.78 75.10 -9.75
CA SER I 244 -0.20 74.42 -8.91
C SER I 244 -1.30 75.38 -8.54
N ARG I 245 -2.51 74.85 -8.26
CA ARG I 245 -3.62 75.71 -7.81
C ARG I 245 -3.56 75.76 -6.28
N ALA I 246 -3.10 76.91 -5.76
CA ALA I 246 -2.97 77.11 -4.32
C ALA I 246 -3.65 78.41 -3.86
N VAL I 247 -4.41 78.31 -2.77
CA VAL I 247 -5.11 79.45 -2.15
C VAL I 247 -4.67 79.61 -0.70
N ILE I 248 -4.64 80.85 -0.22
CA ILE I 248 -4.27 81.16 1.16
C ILE I 248 -5.56 81.34 1.96
N GLU I 249 -5.84 80.42 2.89
CA GLU I 249 -7.03 80.53 3.72
C GLU I 249 -6.71 80.69 5.21
N GLU I 250 -7.55 81.45 5.92
CA GLU I 250 -7.38 81.68 7.36
C GLU I 250 -7.77 80.40 8.11
N ARG I 251 -6.93 79.95 9.06
CA ARG I 251 -7.16 78.71 9.82
C ARG I 251 -7.48 78.94 11.31
N GLY I 252 -7.92 80.16 11.66
CA GLY I 252 -8.32 80.51 13.02
C GLY I 252 -7.18 80.95 13.91
N GLY I 253 -7.49 81.90 14.80
CA GLY I 253 -6.55 82.48 15.74
C GLY I 253 -5.49 83.34 15.06
N GLY I 254 -5.89 84.02 13.98
CA GLY I 254 -5.02 84.90 13.19
C GLY I 254 -4.10 84.17 12.22
N ARG I 255 -4.03 82.83 12.35
CA ARG I 255 -3.17 81.95 11.55
C ARG I 255 -3.71 81.68 10.14
N GLN I 256 -2.79 81.43 9.18
CA GLN I 256 -3.11 81.15 7.78
C GLN I 256 -2.54 79.82 7.32
N ARG I 257 -3.09 79.27 6.23
CA ARG I 257 -2.64 78.02 5.62
C ARG I 257 -2.75 78.09 4.12
N ILE I 258 -1.84 77.40 3.44
CA ILE I 258 -1.84 77.30 1.99
C ILE I 258 -2.49 75.96 1.66
N VAL I 259 -3.52 75.98 0.79
CA VAL I 259 -4.19 74.75 0.37
C VAL I 259 -3.98 74.52 -1.13
N VAL I 260 -3.26 73.43 -1.48
CA VAL I 260 -2.92 73.02 -2.85
C VAL I 260 -3.97 72.01 -3.32
N THR I 261 -4.73 72.33 -4.39
CA THR I 261 -5.81 71.45 -4.89
C THR I 261 -5.55 70.84 -6.27
N GLU I 262 -4.57 71.38 -6.99
CA GLU I 262 -4.16 70.94 -8.32
C GLU I 262 -2.65 71.09 -8.40
N ILE I 263 -1.96 70.06 -8.89
CA ILE I 263 -0.49 70.06 -9.03
C ILE I 263 -0.12 69.98 -10.52
N PRO I 264 1.13 70.37 -10.93
CA PRO I 264 1.47 70.28 -12.37
C PRO I 264 1.49 68.86 -12.90
N PHE I 265 1.38 68.71 -14.23
CA PHE I 265 1.39 67.45 -14.95
C PHE I 265 2.70 66.69 -14.79
N GLN I 266 2.61 65.37 -14.54
CA GLN I 266 3.71 64.40 -14.36
C GLN I 266 4.53 64.65 -13.10
N VAL I 267 3.97 65.43 -12.15
CA VAL I 267 4.64 65.70 -10.89
C VAL I 267 4.13 64.67 -9.87
N ASN I 268 5.07 63.98 -9.19
CA ASN I 268 4.76 63.01 -8.15
C ASN I 268 4.47 63.81 -6.89
N LYS I 269 3.20 63.76 -6.45
CA LYS I 269 2.69 64.47 -5.27
C LYS I 269 3.49 64.14 -3.99
N ALA I 270 3.77 62.84 -3.75
CA ALA I 270 4.52 62.36 -2.60
C ALA I 270 5.97 62.91 -2.59
N ARG I 271 6.63 62.90 -3.77
CA ARG I 271 7.98 63.42 -3.93
C ARG I 271 7.99 64.95 -3.79
N MET I 272 6.93 65.64 -4.25
CA MET I 272 6.78 67.10 -4.13
C MET I 272 6.70 67.48 -2.64
N ILE I 273 5.87 66.72 -1.87
CA ILE I 273 5.67 66.90 -0.43
C ILE I 273 6.98 66.64 0.32
N GLU I 274 7.71 65.59 -0.08
CA GLU I 274 9.01 65.23 0.51
C GLU I 274 10.05 66.32 0.24
N LYS I 275 9.96 67.00 -0.92
CA LYS I 275 10.86 68.12 -1.26
C LYS I 275 10.56 69.34 -0.38
N ILE I 276 9.26 69.65 -0.13
CA ILE I 276 8.85 70.75 0.75
C ILE I 276 9.34 70.45 2.17
N ALA I 277 9.14 69.19 2.63
CA ALA I 277 9.55 68.71 3.95
C ALA I 277 11.07 68.83 4.15
N GLU I 278 11.85 68.48 3.10
CA GLU I 278 13.32 68.57 3.09
C GLU I 278 13.79 70.01 3.28
N LEU I 279 13.13 70.98 2.60
CA LEU I 279 13.49 72.39 2.70
C LEU I 279 13.25 72.96 4.08
N VAL I 280 12.09 72.64 4.69
CA VAL I 280 11.75 73.12 6.05
C VAL I 280 12.75 72.55 7.08
N ARG I 281 13.15 71.28 6.87
CA ARG I 281 14.09 70.55 7.72
C ARG I 281 15.49 71.18 7.62
N ASP I 282 15.98 71.40 6.39
CA ASP I 282 17.30 71.98 6.11
C ASP I 282 17.34 73.52 6.30
N LYS I 283 16.20 74.12 6.74
CA LYS I 283 15.98 75.56 6.99
C LYS I 283 16.14 76.44 5.72
N LYS I 284 15.99 75.83 4.53
CA LYS I 284 16.09 76.51 3.23
C LYS I 284 14.84 77.38 2.91
N ILE I 285 13.73 77.12 3.63
CA ILE I 285 12.46 77.84 3.56
C ILE I 285 11.91 78.03 4.99
N ASP I 286 11.40 79.22 5.31
CA ASP I 286 10.90 79.50 6.66
C ASP I 286 9.43 79.90 6.68
N GLY I 287 8.81 79.74 7.84
CA GLY I 287 7.42 80.12 8.08
C GLY I 287 6.41 79.00 7.94
N ILE I 288 6.88 77.73 7.82
CA ILE I 288 6.01 76.56 7.69
C ILE I 288 6.02 75.76 8.99
N THR I 289 4.84 75.64 9.65
CA THR I 289 4.70 74.92 10.92
C THR I 289 4.34 73.45 10.72
N ASP I 290 3.47 73.15 9.73
CA ASP I 290 3.06 71.78 9.41
C ASP I 290 2.82 71.62 7.90
N LEU I 291 2.84 70.36 7.44
CA LEU I 291 2.67 69.98 6.05
C LEU I 291 2.00 68.60 6.03
N ARG I 292 0.82 68.50 5.42
CA ARG I 292 0.09 67.23 5.37
C ARG I 292 -0.68 67.01 4.09
N ASP I 293 -0.66 65.77 3.63
CA ASP I 293 -1.38 65.37 2.43
C ASP I 293 -2.76 64.90 2.83
N GLU I 294 -3.75 65.80 2.68
CA GLU I 294 -5.14 65.55 3.02
C GLU I 294 -5.93 65.06 1.78
N THR I 295 -5.22 64.51 0.76
CA THR I 295 -5.80 63.97 -0.45
C THR I 295 -6.72 62.82 -0.09
N SER I 296 -7.90 62.77 -0.72
CA SER I 296 -8.92 61.75 -0.49
C SER I 296 -9.75 61.47 -1.74
N LEU I 297 -10.55 60.41 -1.72
CA LEU I 297 -11.37 60.04 -2.86
C LEU I 297 -12.42 61.10 -3.14
N ARG I 298 -13.01 61.65 -2.07
CA ARG I 298 -14.08 62.63 -2.12
C ARG I 298 -13.63 64.10 -2.23
N THR I 299 -12.31 64.43 -2.02
CA THR I 299 -11.87 65.84 -2.06
C THR I 299 -11.47 66.36 -3.50
N GLY I 300 -10.44 65.88 -4.24
CA GLY I 300 -9.47 64.82 -4.02
C GLY I 300 -8.09 65.32 -3.67
N VAL I 301 -7.34 65.98 -4.61
CA VAL I 301 -5.99 66.48 -4.25
C VAL I 301 -6.11 67.63 -3.25
N ARG I 302 -5.46 67.49 -2.08
CA ARG I 302 -5.47 68.51 -1.04
C ARG I 302 -4.20 68.41 -0.24
N VAL I 303 -3.29 69.37 -0.44
CA VAL I 303 -2.04 69.43 0.32
C VAL I 303 -2.11 70.71 1.14
N VAL I 304 -2.07 70.55 2.47
CA VAL I 304 -2.15 71.68 3.41
C VAL I 304 -0.78 72.01 3.98
N ILE I 305 -0.39 73.27 3.84
CA ILE I 305 0.87 73.82 4.33
C ILE I 305 0.51 74.87 5.39
N ASP I 306 0.68 74.52 6.67
CA ASP I 306 0.42 75.43 7.78
C ASP I 306 1.51 76.50 7.86
N VAL I 307 1.08 77.76 7.90
CA VAL I 307 1.96 78.93 7.95
C VAL I 307 2.03 79.54 9.37
N ARG I 308 3.26 79.79 9.86
CA ARG I 308 3.55 80.39 11.18
C ARG I 308 2.88 81.74 11.31
N LYS I 309 2.33 82.05 12.51
CA LYS I 309 1.66 83.31 12.81
C LYS I 309 2.59 84.50 12.55
N ASP I 310 2.04 85.55 11.89
CA ASP I 310 2.68 86.83 11.53
C ASP I 310 3.58 86.75 10.28
N ALA I 311 3.79 85.54 9.73
CA ALA I 311 4.57 85.33 8.52
C ALA I 311 3.65 85.44 7.30
N ASN I 312 4.15 86.11 6.23
CA ASN I 312 3.40 86.33 5.00
C ASN I 312 3.30 85.06 4.16
N ALA I 313 2.07 84.53 4.02
CA ALA I 313 1.82 83.32 3.24
C ALA I 313 2.05 83.52 1.74
N SER I 314 1.84 84.76 1.22
CA SER I 314 2.05 85.13 -0.19
C SER I 314 3.53 84.97 -0.58
N VAL I 315 4.43 85.41 0.32
CA VAL I 315 5.89 85.32 0.19
C VAL I 315 6.34 83.85 0.25
N ILE I 316 5.80 83.08 1.23
CA ILE I 316 6.09 81.65 1.41
C ILE I 316 5.65 80.87 0.16
N LEU I 317 4.44 81.16 -0.37
CA LEU I 317 3.89 80.51 -1.55
C LEU I 317 4.73 80.80 -2.80
N ASN I 318 5.18 82.06 -2.98
CA ASN I 318 6.02 82.45 -4.11
C ASN I 318 7.37 81.75 -4.05
N ASN I 319 7.92 81.54 -2.84
CA ASN I 319 9.17 80.83 -2.64
C ASN I 319 9.01 79.35 -2.97
N LEU I 320 7.84 78.75 -2.61
CA LEU I 320 7.53 77.34 -2.91
C LEU I 320 7.47 77.08 -4.40
N TYR I 321 6.95 78.07 -5.18
CA TYR I 321 6.88 77.97 -6.64
C TYR I 321 8.28 77.93 -7.22
N LYS I 322 9.19 78.75 -6.67
CA LYS I 322 10.57 78.86 -7.11
C LYS I 322 11.44 77.67 -6.71
N GLN I 323 11.32 77.21 -5.46
CA GLN I 323 12.17 76.20 -4.86
C GLN I 323 11.69 74.74 -4.94
N THR I 324 10.40 74.50 -5.24
CA THR I 324 9.88 73.14 -5.28
C THR I 324 9.16 72.83 -6.62
N PRO I 325 8.79 71.55 -6.91
CA PRO I 325 8.03 71.28 -8.14
C PRO I 325 6.58 71.80 -8.12
N LEU I 326 6.23 72.68 -7.15
CA LEU I 326 4.90 73.29 -7.06
C LEU I 326 4.63 74.14 -8.31
N GLN I 327 5.72 74.61 -8.97
CA GLN I 327 5.75 75.27 -10.25
C GLN I 327 6.84 74.53 -11.07
N THR I 328 6.42 73.89 -12.16
CA THR I 328 7.27 73.07 -13.01
C THR I 328 7.15 73.51 -14.46
N SER I 329 8.24 73.41 -15.20
CA SER I 329 8.26 73.77 -16.60
C SER I 329 7.97 72.55 -17.45
N PHE I 330 7.23 72.78 -18.54
CA PHE I 330 6.97 71.77 -19.55
C PHE I 330 7.77 72.24 -20.75
N GLY I 331 8.87 71.53 -21.01
CA GLY I 331 9.74 71.85 -22.13
C GLY I 331 9.18 71.23 -23.39
N VAL I 332 8.48 72.04 -24.19
CA VAL I 332 7.86 71.53 -25.41
C VAL I 332 8.90 71.30 -26.47
N ASN I 333 8.85 70.11 -27.09
CA ASN I 333 9.79 69.68 -28.12
C ASN I 333 9.00 68.71 -28.98
N MET I 334 8.27 69.26 -29.94
CA MET I 334 7.34 68.47 -30.75
C MET I 334 7.99 67.69 -31.88
N ILE I 335 8.48 66.49 -31.55
CA ILE I 335 9.09 65.58 -32.51
C ILE I 335 8.19 64.38 -32.70
N ALA I 336 7.93 64.05 -33.96
CA ALA I 336 7.08 62.91 -34.32
C ALA I 336 7.57 62.34 -35.64
N LEU I 337 7.22 61.10 -35.88
CA LEU I 337 7.57 60.43 -37.13
C LEU I 337 6.58 60.87 -38.19
N VAL I 338 7.12 61.44 -39.27
CA VAL I 338 6.41 61.92 -40.47
C VAL I 338 7.01 61.07 -41.57
N ASN I 339 6.16 60.28 -42.26
CA ASN I 339 6.60 59.37 -43.32
C ASN I 339 7.85 58.56 -42.94
N GLY I 340 7.78 57.92 -41.78
CA GLY I 340 8.87 57.13 -41.21
C GLY I 340 10.16 57.88 -40.94
N ARG I 341 10.08 59.22 -40.74
CA ARG I 341 11.26 60.03 -40.45
C ARG I 341 10.98 60.97 -39.27
N PRO I 342 11.95 61.18 -38.34
CA PRO I 342 11.68 62.10 -37.23
C PRO I 342 11.68 63.55 -37.73
N LYS I 343 10.76 64.36 -37.21
CA LYS I 343 10.66 65.74 -37.63
C LYS I 343 10.20 66.64 -36.50
N LEU I 344 10.81 67.83 -36.40
CA LEU I 344 10.40 68.82 -35.43
C LEU I 344 9.25 69.54 -36.10
N ILE I 345 8.06 69.48 -35.52
CA ILE I 345 6.86 70.03 -36.12
C ILE I 345 6.22 71.11 -35.27
N ASN I 346 5.72 72.17 -35.91
CA ASN I 346 5.01 73.25 -35.20
C ASN I 346 3.52 72.85 -35.11
N LEU I 347 2.66 73.69 -34.49
CA LEU I 347 1.24 73.38 -34.34
C LEU I 347 0.52 73.14 -35.68
N LYS I 348 0.77 74.01 -36.70
CA LYS I 348 0.13 73.87 -38.03
C LYS I 348 0.51 72.58 -38.71
N GLU I 349 1.82 72.22 -38.74
CA GLU I 349 2.35 70.99 -39.35
C GLU I 349 1.69 69.75 -38.72
N ALA I 350 1.57 69.74 -37.37
CA ALA I 350 0.94 68.68 -36.60
C ALA I 350 -0.48 68.41 -37.09
N LEU I 351 -1.27 69.47 -37.24
CA LEU I 351 -2.66 69.40 -37.67
C LEU I 351 -2.83 69.07 -39.15
N VAL I 352 -1.90 69.55 -39.99
CA VAL I 352 -1.90 69.30 -41.44
C VAL I 352 -1.69 67.80 -41.69
N HIS I 353 -0.67 67.20 -41.09
CA HIS I 353 -0.39 65.76 -41.21
C HIS I 353 -1.56 64.92 -40.68
N TYR I 354 -2.18 65.37 -39.60
CA TYR I 354 -3.33 64.67 -39.06
C TYR I 354 -4.55 64.74 -40.02
N LEU I 355 -4.86 65.96 -40.55
CA LEU I 355 -5.98 66.15 -41.47
C LEU I 355 -5.76 65.37 -42.78
N GLU I 356 -4.52 65.38 -43.28
CA GLU I 356 -4.13 64.63 -44.46
C GLU I 356 -4.37 63.13 -44.22
N HIS I 357 -4.03 62.63 -43.01
CA HIS I 357 -4.22 61.24 -42.62
C HIS I 357 -5.70 60.87 -42.65
N GLN I 358 -6.56 61.74 -42.08
CA GLN I 358 -8.01 61.57 -42.04
C GLN I 358 -8.63 61.50 -43.42
N LYS I 359 -8.18 62.38 -44.34
CA LYS I 359 -8.64 62.42 -45.71
C LYS I 359 -8.35 61.09 -46.40
N THR I 360 -7.14 60.53 -46.18
CA THR I 360 -6.66 59.25 -46.73
C THR I 360 -7.49 58.09 -46.19
N VAL I 361 -7.73 58.08 -44.87
CA VAL I 361 -8.51 57.07 -44.16
C VAL I 361 -9.90 57.00 -44.73
N VAL I 362 -10.60 58.15 -44.85
CA VAL I 362 -11.94 58.23 -45.42
C VAL I 362 -11.96 57.81 -46.92
N ARG I 363 -11.01 58.33 -47.72
CA ARG I 363 -10.91 58.02 -49.15
C ARG I 363 -10.73 56.51 -49.34
N ARG I 364 -9.79 55.91 -48.59
CA ARG I 364 -9.50 54.46 -48.64
C ARG I 364 -10.67 53.61 -48.14
N ARG I 365 -11.40 54.08 -47.11
CA ARG I 365 -12.57 53.40 -46.57
C ARG I 365 -13.66 53.34 -47.63
N THR I 366 -13.91 54.48 -48.30
CA THR I 366 -14.91 54.66 -49.36
C THR I 366 -14.57 53.78 -50.56
N GLN I 367 -13.28 53.76 -50.96
CA GLN I 367 -12.78 52.93 -52.07
C GLN I 367 -12.94 51.44 -51.77
N TYR I 368 -12.68 51.04 -50.50
CA TYR I 368 -12.83 49.66 -50.03
C TYR I 368 -14.30 49.25 -50.08
N ASN I 369 -15.16 50.08 -49.46
CA ASN I 369 -16.60 49.87 -49.39
C ASN I 369 -17.20 49.74 -50.78
N LEU I 370 -16.69 50.51 -51.76
CA LEU I 370 -17.12 50.46 -53.16
C LEU I 370 -16.75 49.13 -53.82
N ARG I 371 -15.50 48.66 -53.62
CA ARG I 371 -15.03 47.37 -54.16
C ARG I 371 -15.90 46.24 -53.59
N LYS I 372 -16.11 46.23 -52.25
CA LYS I 372 -16.91 45.22 -51.56
C LYS I 372 -18.34 45.22 -52.02
N ALA I 373 -18.91 46.42 -52.17
CA ALA I 373 -20.28 46.57 -52.62
C ALA I 373 -20.43 46.09 -54.07
N LYS I 374 -19.55 46.55 -54.98
CA LYS I 374 -19.57 46.16 -56.39
C LYS I 374 -19.42 44.64 -56.54
N ASP I 375 -18.52 44.02 -55.74
CA ASP I 375 -18.29 42.56 -55.73
C ASP I 375 -19.54 41.80 -55.29
N ARG I 376 -20.18 42.26 -54.19
CA ARG I 376 -21.39 41.65 -53.65
C ARG I 376 -22.57 41.79 -54.61
N ALA I 377 -22.71 42.96 -55.26
CA ALA I 377 -23.78 43.24 -56.23
C ALA I 377 -23.68 42.27 -57.41
N HIS I 378 -22.45 41.95 -57.84
CA HIS I 378 -22.14 41.01 -58.92
C HIS I 378 -22.61 39.60 -58.52
N ILE I 379 -22.34 39.19 -57.27
CA ILE I 379 -22.74 37.88 -56.72
C ILE I 379 -24.28 37.79 -56.67
N LEU I 380 -24.94 38.81 -56.11
CA LEU I 380 -26.40 38.85 -56.05
C LEU I 380 -27.04 38.82 -57.43
N GLU I 381 -26.40 39.43 -58.45
CA GLU I 381 -26.90 39.40 -59.84
C GLU I 381 -26.98 37.96 -60.33
N GLY I 382 -25.93 37.19 -60.07
CA GLY I 382 -25.86 35.77 -60.41
C GLY I 382 -26.90 34.94 -59.67
N LEU I 383 -27.11 35.24 -58.37
CA LEU I 383 -28.10 34.55 -57.54
C LEU I 383 -29.52 34.86 -57.99
N ARG I 384 -29.74 36.10 -58.49
CA ARG I 384 -31.03 36.56 -59.02
C ARG I 384 -31.38 35.84 -60.32
N ILE I 385 -30.37 35.61 -61.19
CA ILE I 385 -30.51 34.86 -62.45
C ILE I 385 -30.82 33.41 -62.07
N ALA I 386 -30.06 32.86 -61.11
CA ALA I 386 -30.23 31.49 -60.60
C ALA I 386 -31.64 31.25 -60.06
N LEU I 387 -32.15 32.17 -59.24
CA LEU I 387 -33.48 32.04 -58.64
C LEU I 387 -34.63 32.24 -59.63
N ASP I 388 -34.39 33.02 -60.70
CA ASP I 388 -35.37 33.26 -61.76
C ASP I 388 -35.49 32.03 -62.65
N HIS I 389 -34.40 31.24 -62.78
CA HIS I 389 -34.34 30.06 -63.64
C HIS I 389 -33.85 28.84 -62.86
N ILE I 390 -34.31 28.68 -61.60
CA ILE I 390 -33.83 27.62 -60.68
C ILE I 390 -34.05 26.19 -61.21
N ASP I 391 -35.19 25.91 -61.88
CA ASP I 391 -35.47 24.59 -62.46
C ASP I 391 -34.41 24.20 -63.50
N GLU I 392 -33.95 25.22 -64.27
CA GLU I 392 -32.91 25.09 -65.30
C GLU I 392 -31.56 24.88 -64.63
N ILE I 393 -31.25 25.68 -63.59
CA ILE I 393 -30.02 25.65 -62.81
C ILE I 393 -29.76 24.24 -62.25
N ILE I 394 -30.78 23.67 -61.57
CA ILE I 394 -30.74 22.34 -60.95
C ILE I 394 -30.46 21.25 -61.98
N SER I 395 -31.18 21.28 -63.12
CA SER I 395 -31.00 20.34 -64.22
C SER I 395 -29.55 20.31 -64.69
N THR I 396 -28.94 21.51 -64.89
CA THR I 396 -27.55 21.71 -65.33
C THR I 396 -26.56 21.05 -64.36
N ILE I 397 -26.77 21.24 -63.03
CA ILE I 397 -25.92 20.68 -61.97
C ILE I 397 -26.07 19.15 -61.90
N ARG I 398 -27.33 18.64 -61.93
CA ARG I 398 -27.67 17.21 -61.89
C ARG I 398 -27.04 16.43 -63.04
N GLU I 399 -27.02 17.03 -64.26
CA GLU I 399 -26.47 16.47 -65.50
C GLU I 399 -24.95 16.39 -65.46
N SER I 400 -24.31 17.22 -64.64
CA SER I 400 -22.86 17.33 -64.52
C SER I 400 -22.22 16.28 -63.64
N ASP I 401 -21.15 15.64 -64.14
CA ASP I 401 -20.40 14.61 -63.41
C ASP I 401 -19.51 15.24 -62.30
N THR I 402 -18.81 16.34 -62.62
CA THR I 402 -17.93 17.04 -61.67
C THR I 402 -18.41 18.47 -61.45
N ASP I 403 -17.83 19.18 -60.45
CA ASP I 403 -18.16 20.57 -60.14
C ASP I 403 -17.63 21.50 -61.26
N LYS I 404 -16.45 21.15 -61.83
CA LYS I 404 -15.78 21.87 -62.93
C LYS I 404 -16.70 21.91 -64.16
N VAL I 405 -17.34 20.76 -64.49
CA VAL I 405 -18.29 20.63 -65.61
C VAL I 405 -19.53 21.49 -65.30
N ALA I 406 -20.08 21.36 -64.07
CA ALA I 406 -21.23 22.13 -63.58
C ALA I 406 -21.01 23.63 -63.69
N MET I 407 -19.80 24.10 -63.34
CA MET I 407 -19.44 25.50 -63.42
C MET I 407 -19.34 26.00 -64.85
N GLU I 408 -18.60 25.29 -65.71
CA GLU I 408 -18.43 25.61 -67.13
C GLU I 408 -19.78 25.68 -67.86
N SER I 409 -20.67 24.70 -67.58
CA SER I 409 -22.01 24.63 -68.16
C SER I 409 -22.92 25.78 -67.66
N LEU I 410 -22.76 26.22 -66.38
CA LEU I 410 -23.54 27.33 -65.84
C LEU I 410 -23.10 28.67 -66.43
N GLN I 411 -21.79 28.85 -66.61
CA GLN I 411 -21.23 30.06 -67.21
C GLN I 411 -21.64 30.20 -68.68
N GLN I 412 -21.64 29.08 -69.43
CA GLN I 412 -21.98 29.04 -70.85
C GLN I 412 -23.47 29.28 -71.11
N ARG I 413 -24.34 28.56 -70.38
CA ARG I 413 -25.78 28.64 -70.56
C ARG I 413 -26.41 29.92 -70.02
N PHE I 414 -25.91 30.46 -68.91
CA PHE I 414 -26.56 31.64 -68.33
C PHE I 414 -25.69 32.92 -68.33
N LYS I 415 -24.63 32.93 -69.15
CA LYS I 415 -23.69 34.05 -69.31
C LYS I 415 -23.20 34.58 -67.95
N LEU I 416 -22.94 33.66 -67.01
CA LEU I 416 -22.45 33.98 -65.66
C LEU I 416 -20.93 33.99 -65.65
N SER I 417 -20.36 34.71 -64.68
CA SER I 417 -18.91 34.76 -64.50
C SER I 417 -18.50 33.53 -63.69
N GLU I 418 -17.18 33.27 -63.56
CA GLU I 418 -16.67 32.15 -62.77
C GLU I 418 -17.11 32.34 -61.30
N LYS I 419 -16.98 33.58 -60.78
CA LYS I 419 -17.38 33.96 -59.43
C LYS I 419 -18.88 33.78 -59.17
N GLN I 420 -19.73 34.18 -60.13
CA GLN I 420 -21.19 34.04 -60.02
C GLN I 420 -21.62 32.57 -59.98
N ALA I 421 -21.06 31.74 -60.90
CA ALA I 421 -21.30 30.31 -61.01
C ALA I 421 -20.88 29.56 -59.75
N GLN I 422 -19.74 29.97 -59.15
CA GLN I 422 -19.19 29.41 -57.90
C GLN I 422 -20.16 29.64 -56.74
N ALA I 423 -20.73 30.88 -56.66
CA ALA I 423 -21.67 31.30 -55.62
C ALA I 423 -22.97 30.50 -55.69
N ILE I 424 -23.40 30.12 -56.91
CA ILE I 424 -24.60 29.31 -57.15
C ILE I 424 -24.35 27.87 -56.71
N LEU I 425 -23.18 27.29 -57.05
CA LEU I 425 -22.83 25.94 -56.61
C LEU I 425 -22.69 25.85 -55.09
N ASP I 426 -22.28 26.96 -54.44
CA ASP I 426 -22.12 27.07 -52.98
C ASP I 426 -23.42 27.45 -52.27
N MET I 427 -24.49 27.69 -53.05
CA MET I 427 -25.80 28.10 -52.51
C MET I 427 -26.46 26.93 -51.80
N ARG I 428 -26.93 27.16 -50.57
CA ARG I 428 -27.61 26.13 -49.78
C ARG I 428 -29.07 26.01 -50.25
N LEU I 429 -29.66 24.80 -50.13
CA LEU I 429 -31.06 24.55 -50.52
C LEU I 429 -32.05 25.42 -49.72
N ARG I 430 -31.70 25.80 -48.47
CA ARG I 430 -32.51 26.67 -47.63
C ARG I 430 -32.74 28.09 -48.21
N ARG I 431 -31.87 28.54 -49.14
N ARG I 431 -31.87 28.54 -49.15
CA ARG I 431 -31.98 29.85 -49.79
CA ARG I 431 -31.98 29.85 -49.81
C ARG I 431 -33.13 29.90 -50.82
C ARG I 431 -33.13 29.90 -50.82
N LEU I 432 -33.76 28.74 -51.12
CA LEU I 432 -34.89 28.62 -52.06
C LEU I 432 -36.26 28.94 -51.40
N THR I 433 -36.28 29.26 -50.08
CA THR I 433 -37.50 29.63 -49.34
C THR I 433 -37.97 31.04 -49.71
N GLY I 434 -39.24 31.33 -49.42
CA GLY I 434 -39.88 32.61 -49.70
C GLY I 434 -39.17 33.84 -49.15
N LEU I 435 -38.88 33.88 -47.83
CA LEU I 435 -38.19 34.99 -47.17
C LEU I 435 -36.77 35.18 -47.69
N GLU I 436 -36.06 34.08 -48.02
CA GLU I 436 -34.69 34.12 -48.52
C GLU I 436 -34.53 34.74 -49.92
N ARG I 437 -35.53 34.58 -50.79
CA ARG I 437 -35.51 35.13 -52.15
C ARG I 437 -35.80 36.63 -52.12
N ASP I 438 -36.63 37.10 -51.15
CA ASP I 438 -36.96 38.51 -50.95
C ASP I 438 -35.76 39.23 -50.33
N LYS I 439 -35.02 38.55 -49.43
CA LYS I 439 -33.81 39.04 -48.75
C LYS I 439 -32.73 39.39 -49.77
N ILE I 440 -32.58 38.56 -50.84
CA ILE I 440 -31.56 38.76 -51.88
C ILE I 440 -31.87 40.01 -52.71
N GLU I 441 -33.15 40.17 -53.14
CA GLU I 441 -33.60 41.34 -53.91
C GLU I 441 -33.45 42.63 -53.10
N ALA I 442 -33.89 42.61 -51.82
CA ALA I 442 -33.81 43.73 -50.89
C ALA I 442 -32.36 44.16 -50.66
N GLU I 443 -31.43 43.19 -50.54
CA GLU I 443 -30.01 43.46 -50.35
C GLU I 443 -29.44 44.12 -51.60
N TYR I 444 -29.82 43.61 -52.79
CA TYR I 444 -29.37 44.12 -54.09
C TYR I 444 -29.77 45.57 -54.33
N ASN I 445 -31.06 45.90 -54.09
CA ASN I 445 -31.58 47.25 -54.29
C ASN I 445 -30.95 48.25 -53.34
N GLU I 446 -30.70 47.85 -52.07
CA GLU I 446 -30.08 48.68 -51.05
C GLU I 446 -28.64 48.96 -51.45
N LEU I 447 -27.96 47.92 -51.98
CA LEU I 447 -26.58 47.95 -52.44
C LEU I 447 -26.38 48.88 -53.63
N LEU I 448 -27.32 48.85 -54.60
CA LEU I 448 -27.32 49.71 -55.79
C LEU I 448 -27.26 51.19 -55.40
N ASN I 449 -28.08 51.58 -54.38
CA ASN I 449 -28.14 52.94 -53.84
C ASN I 449 -26.87 53.28 -53.07
N TYR I 450 -26.35 52.32 -52.28
CA TYR I 450 -25.13 52.49 -51.50
C TYR I 450 -23.95 52.78 -52.42
N ILE I 451 -23.81 52.02 -53.54
CA ILE I 451 -22.78 52.18 -54.57
C ILE I 451 -22.84 53.60 -55.13
N SER I 452 -24.06 54.08 -55.49
CA SER I 452 -24.30 55.43 -56.01
C SER I 452 -23.78 56.49 -55.04
N GLU I 453 -24.11 56.34 -53.73
CA GLU I 453 -23.71 57.24 -52.64
C GLU I 453 -22.18 57.28 -52.50
N LEU I 454 -21.52 56.11 -52.60
CA LEU I 454 -20.06 55.96 -52.50
C LEU I 454 -19.36 56.63 -53.66
N GLU I 455 -19.90 56.46 -54.89
CA GLU I 455 -19.37 57.03 -56.13
C GLU I 455 -19.45 58.57 -56.13
N THR I 456 -20.50 59.13 -55.48
CA THR I 456 -20.71 60.57 -55.32
C THR I 456 -19.60 61.15 -54.43
N ILE I 457 -19.21 60.42 -53.37
CA ILE I 457 -18.13 60.83 -52.44
C ILE I 457 -16.78 60.87 -53.16
N LEU I 458 -16.49 59.85 -53.99
CA LEU I 458 -15.22 59.76 -54.71
C LEU I 458 -15.11 60.68 -55.93
N ALA I 459 -16.25 61.12 -56.51
CA ALA I 459 -16.28 62.00 -57.66
C ALA I 459 -15.98 63.47 -57.32
N ASP I 460 -16.30 63.90 -56.08
CA ASP I 460 -16.09 65.27 -55.60
C ASP I 460 -15.20 65.27 -54.36
N GLU I 461 -14.05 65.95 -54.44
CA GLU I 461 -13.08 66.05 -53.32
C GLU I 461 -13.65 66.89 -52.17
N GLU I 462 -14.58 67.81 -52.47
CA GLU I 462 -15.25 68.67 -51.49
C GLU I 462 -16.24 67.88 -50.66
N VAL I 463 -16.97 66.92 -51.28
CA VAL I 463 -17.93 66.04 -50.61
C VAL I 463 -17.18 65.14 -49.60
N LEU I 464 -16.02 64.61 -50.02
CA LEU I 464 -15.12 63.80 -49.21
C LEU I 464 -14.60 64.61 -48.01
N LEU I 465 -14.13 65.84 -48.27
CA LEU I 465 -13.59 66.75 -47.26
C LEU I 465 -14.65 67.10 -46.23
N GLN I 466 -15.91 67.31 -46.68
CA GLN I 466 -17.04 67.60 -45.80
C GLN I 466 -17.37 66.39 -44.91
N LEU I 467 -17.21 65.16 -45.46
CA LEU I 467 -17.46 63.91 -44.73
C LEU I 467 -16.49 63.78 -43.56
N VAL I 468 -15.22 64.21 -43.78
CA VAL I 468 -14.18 64.23 -42.76
C VAL I 468 -14.60 65.22 -41.67
N ARG I 469 -15.04 66.43 -42.07
CA ARG I 469 -15.51 67.48 -41.17
C ARG I 469 -16.69 66.98 -40.31
N ASP I 470 -17.71 66.38 -40.95
CA ASP I 470 -18.91 65.82 -40.30
C ASP I 470 -18.58 64.71 -39.33
N GLU I 471 -17.67 63.80 -39.70
CA GLU I 471 -17.23 62.71 -38.85
C GLU I 471 -16.44 63.22 -37.65
N LEU I 472 -15.61 64.26 -37.83
CA LEU I 472 -14.83 64.90 -36.75
C LEU I 472 -15.75 65.68 -35.79
N THR I 473 -16.78 66.36 -36.32
CA THR I 473 -17.75 67.15 -35.53
C THR I 473 -18.49 66.21 -34.59
N GLU I 474 -18.87 65.01 -35.10
CA GLU I 474 -19.54 63.97 -34.33
C GLU I 474 -18.69 63.52 -33.14
N ILE I 475 -17.37 63.32 -33.35
CA ILE I 475 -16.39 62.93 -32.31
C ILE I 475 -16.31 64.04 -31.26
N ARG I 476 -16.19 65.30 -31.70
CA ARG I 476 -16.11 66.48 -30.85
C ARG I 476 -17.32 66.60 -29.93
N ASP I 477 -18.54 66.43 -30.49
CA ASP I 477 -19.79 66.51 -29.73
C ASP I 477 -19.96 65.35 -28.76
N ARG I 478 -19.26 64.23 -29.04
CA ARG I 478 -19.35 62.99 -28.29
C ARG I 478 -18.34 62.89 -27.17
N PHE I 479 -17.08 63.25 -27.44
CA PHE I 479 -16.00 63.11 -26.50
C PHE I 479 -15.38 64.40 -26.01
N GLY I 480 -15.71 65.50 -26.68
CA GLY I 480 -15.22 66.83 -26.32
C GLY I 480 -15.68 67.20 -24.94
N ASP I 481 -14.74 67.67 -24.13
CA ASP I 481 -15.00 68.06 -22.75
C ASP I 481 -14.47 69.46 -22.44
N ASP I 482 -14.68 69.92 -21.21
CA ASP I 482 -14.24 71.22 -20.79
C ASP I 482 -12.75 71.27 -20.54
N ARG I 483 -12.17 72.45 -20.73
CA ARG I 483 -10.79 72.77 -20.42
C ARG I 483 -10.62 72.67 -18.88
N ARG I 484 -9.48 72.12 -18.44
CA ARG I 484 -9.20 71.93 -17.03
C ARG I 484 -8.13 72.90 -16.54
N THR I 485 -7.12 73.12 -17.37
CA THR I 485 -5.99 74.00 -17.10
C THR I 485 -6.34 75.44 -17.43
N GLU I 486 -6.16 76.32 -16.45
CA GLU I 486 -6.41 77.74 -16.64
C GLU I 486 -5.15 78.39 -17.20
N ILE I 487 -5.30 79.14 -18.30
CA ILE I 487 -4.20 79.87 -18.90
C ILE I 487 -4.35 81.28 -18.38
N GLN I 488 -3.64 81.58 -17.28
CA GLN I 488 -3.73 82.89 -16.68
C GLN I 488 -2.72 83.85 -17.31
N LEU I 489 -3.22 85.02 -17.68
CA LEU I 489 -2.47 86.08 -18.33
C LEU I 489 -1.92 87.04 -17.27
N GLY I 490 -0.59 87.19 -17.18
CA GLY I 490 0.39 86.54 -18.05
C GLY I 490 0.58 87.29 -19.38
N LYS J 9 33.82 35.36 -13.58
CA LYS J 9 32.90 35.20 -14.71
C LYS J 9 33.59 34.71 -16.00
N LEU J 10 34.88 35.06 -16.19
CA LEU J 10 35.67 34.65 -17.35
C LEU J 10 35.93 33.13 -17.38
N ALA J 11 35.61 32.50 -18.53
CA ALA J 11 35.84 31.07 -18.79
C ALA J 11 37.11 31.00 -19.66
N ASP J 12 38.26 30.98 -19.01
CA ASP J 12 39.58 30.97 -19.64
C ASP J 12 39.89 29.69 -20.44
N CYS J 13 40.85 29.79 -21.37
CA CYS J 13 41.34 28.68 -22.20
C CYS J 13 42.52 27.98 -21.50
N SER J 14 42.83 26.74 -21.90
CA SER J 14 43.92 25.99 -21.28
C SER J 14 45.31 26.56 -21.61
N SER J 15 45.53 26.98 -22.88
CA SER J 15 46.80 27.55 -23.34
C SER J 15 47.12 28.88 -22.68
N LYS J 16 48.40 29.15 -22.44
CA LYS J 16 48.85 30.40 -21.83
C LYS J 16 49.78 31.18 -22.78
N SER J 17 49.79 30.77 -24.09
CA SER J 17 50.55 31.40 -25.17
C SER J 17 49.62 32.43 -25.85
N PRO J 18 49.80 33.74 -25.59
CA PRO J 18 48.86 34.75 -26.13
C PRO J 18 48.68 34.79 -27.64
N GLU J 19 49.76 34.49 -28.39
CA GLU J 19 49.80 34.49 -29.86
C GLU J 19 48.72 33.60 -30.49
N GLU J 20 48.42 32.45 -29.83
CA GLU J 20 47.44 31.47 -30.27
C GLU J 20 46.08 31.57 -29.52
N CYS J 21 46.05 32.38 -28.45
CA CYS J 21 44.87 32.56 -27.62
C CYS J 21 43.96 33.69 -28.07
N GLU J 22 42.65 33.42 -27.98
CA GLU J 22 41.57 34.31 -28.39
C GLU J 22 40.52 34.44 -27.29
N ILE J 23 39.96 35.64 -27.14
CA ILE J 23 38.90 35.88 -26.16
C ILE J 23 37.64 36.41 -26.85
N PHE J 24 36.50 35.81 -26.55
CA PHE J 24 35.23 36.25 -27.13
C PHE J 24 34.41 36.98 -26.08
N LEU J 25 34.12 38.27 -26.34
CA LEU J 25 33.29 39.11 -25.46
C LEU J 25 31.84 38.94 -25.92
N VAL J 26 31.04 38.25 -25.12
CA VAL J 26 29.65 37.93 -25.44
C VAL J 26 28.66 38.70 -24.57
N GLU J 27 27.48 39.00 -25.11
CA GLU J 27 26.45 39.71 -24.39
C GLU J 27 25.66 38.74 -23.54
N GLY J 28 25.78 38.88 -22.23
CA GLY J 28 25.10 38.09 -21.21
C GLY J 28 25.60 36.68 -20.99
N ASP J 29 25.09 36.05 -19.92
CA ASP J 29 25.36 34.67 -19.50
C ASP J 29 24.65 33.70 -20.42
N SER J 30 23.61 34.16 -21.13
CA SER J 30 22.90 33.31 -22.07
C SER J 30 23.94 32.92 -23.14
N ALA J 31 24.49 33.92 -23.91
CA ALA J 31 25.48 33.68 -24.98
C ALA J 31 26.75 33.06 -24.46
N GLY J 32 27.00 33.29 -23.17
CA GLY J 32 28.13 32.71 -22.45
C GLY J 32 28.10 31.20 -22.47
N GLY J 33 26.98 30.61 -22.04
CA GLY J 33 26.78 29.17 -22.00
C GLY J 33 26.96 28.44 -23.31
N SER J 34 26.37 28.96 -24.41
CA SER J 34 26.46 28.33 -25.73
C SER J 34 27.86 28.43 -26.35
N THR J 35 28.54 29.59 -26.15
CA THR J 35 29.90 29.79 -26.64
C THR J 35 30.88 29.00 -25.81
N LYS J 36 30.65 28.87 -24.49
CA LYS J 36 31.47 28.04 -23.61
C LYS J 36 31.37 26.58 -24.08
N SER J 37 30.18 26.15 -24.54
CA SER J 37 29.92 24.79 -25.06
C SER J 37 30.51 24.56 -26.45
N GLY J 38 30.41 25.56 -27.33
CA GLY J 38 30.85 25.49 -28.73
C GLY J 38 32.33 25.74 -29.02
N ARG J 39 33.04 26.42 -28.11
CA ARG J 39 34.45 26.78 -28.29
C ARG J 39 35.44 25.62 -28.29
N ASP J 40 36.67 25.93 -28.69
CA ASP J 40 37.82 25.05 -28.58
C ASP J 40 38.47 25.62 -27.29
N SER J 41 38.15 25.01 -26.14
CA SER J 41 38.60 25.42 -24.80
C SER J 41 40.13 25.47 -24.63
N ARG J 42 40.90 24.99 -25.62
CA ARG J 42 42.35 25.00 -25.56
C ARG J 42 42.88 26.40 -25.81
N THR J 43 42.31 27.13 -26.81
CA THR J 43 42.79 28.45 -27.22
C THR J 43 41.73 29.54 -27.24
N GLN J 44 40.50 29.22 -26.80
CA GLN J 44 39.38 30.16 -26.82
C GLN J 44 38.81 30.40 -25.43
N ALA J 45 38.82 31.67 -25.00
CA ALA J 45 38.30 32.12 -23.70
C ALA J 45 37.01 32.86 -23.93
N ILE J 46 36.10 32.88 -22.94
CA ILE J 46 34.82 33.57 -23.06
C ILE J 46 34.64 34.52 -21.89
N LEU J 47 34.34 35.79 -22.19
CA LEU J 47 34.04 36.80 -21.18
C LEU J 47 32.61 37.28 -21.36
N PRO J 48 31.65 36.72 -20.58
CA PRO J 48 30.25 37.18 -20.67
C PRO J 48 30.08 38.53 -19.99
N LEU J 49 29.47 39.50 -20.70
CA LEU J 49 29.27 40.85 -20.19
C LEU J 49 27.80 41.11 -19.81
N ARG J 50 27.54 41.84 -18.72
N ARG J 50 27.56 41.87 -18.74
CA ARG J 50 26.18 42.10 -18.25
CA ARG J 50 26.23 42.17 -18.22
C ARG J 50 25.51 43.31 -18.95
C ARG J 50 25.53 43.34 -18.96
N GLY J 51 25.28 43.16 -20.25
CA GLY J 51 24.62 44.16 -21.10
C GLY J 51 25.49 45.33 -21.52
N LYS J 52 24.86 46.52 -21.74
CA LYS J 52 25.50 47.78 -22.15
C LYS J 52 26.48 48.26 -21.10
N ILE J 53 27.72 48.54 -21.52
CA ILE J 53 28.74 49.08 -20.63
C ILE J 53 28.59 50.60 -20.62
N LEU J 54 29.36 51.24 -19.75
CA LEU J 54 29.48 52.69 -19.62
C LEU J 54 29.99 53.32 -20.93
N ASN J 55 29.47 54.50 -21.32
CA ASN J 55 29.98 55.22 -22.48
C ASN J 55 31.16 56.01 -21.93
N VAL J 56 32.39 55.53 -22.22
CA VAL J 56 33.64 56.08 -21.73
C VAL J 56 33.98 57.45 -22.36
N GLU J 57 33.30 57.85 -23.45
CA GLU J 57 33.50 59.17 -24.04
C GLU J 57 32.85 60.23 -23.14
N LYS J 58 31.71 59.86 -22.50
CA LYS J 58 30.91 60.73 -21.63
C LYS J 58 31.37 60.64 -20.16
N ALA J 59 31.60 59.40 -19.65
CA ALA J 59 31.96 59.11 -18.25
C ALA J 59 33.38 59.56 -17.88
N ARG J 60 33.55 59.91 -16.59
CA ARG J 60 34.85 60.30 -16.01
C ARG J 60 35.55 59.05 -15.45
N LEU J 61 36.89 59.09 -15.37
CA LEU J 61 37.75 57.97 -14.94
C LEU J 61 37.33 57.26 -13.65
N ASP J 62 36.96 58.02 -12.58
CA ASP J 62 36.54 57.41 -11.31
C ASP J 62 35.33 56.46 -11.46
N ARG J 63 34.34 56.86 -12.27
CA ARG J 63 33.13 56.08 -12.58
C ARG J 63 33.48 54.83 -13.42
N ILE J 64 34.40 54.99 -14.40
CA ILE J 64 34.91 53.95 -15.30
C ILE J 64 35.66 52.85 -14.52
N LEU J 65 36.59 53.25 -13.64
CA LEU J 65 37.41 52.33 -12.83
C LEU J 65 36.62 51.55 -11.77
N ASN J 66 35.48 52.09 -11.31
CA ASN J 66 34.61 51.42 -10.36
C ASN J 66 33.60 50.48 -11.03
N ASN J 67 33.51 50.51 -12.38
CA ASN J 67 32.61 49.62 -13.12
C ASN J 67 33.20 48.20 -13.20
N ASN J 68 32.42 47.19 -12.73
CA ASN J 68 32.79 45.77 -12.67
C ASN J 68 33.08 45.17 -14.04
N GLU J 69 32.25 45.51 -15.04
CA GLU J 69 32.34 45.08 -16.44
C GLU J 69 33.65 45.55 -17.05
N ILE J 70 34.01 46.83 -16.84
CA ILE J 70 35.23 47.48 -17.32
C ILE J 70 36.43 46.81 -16.64
N ARG J 71 36.35 46.62 -15.30
CA ARG J 71 37.36 45.99 -14.45
C ARG J 71 37.73 44.58 -14.94
N GLN J 72 36.70 43.73 -15.17
CA GLN J 72 36.79 42.36 -15.64
C GLN J 72 37.52 42.24 -16.98
N MET J 73 37.29 43.21 -17.91
CA MET J 73 37.96 43.29 -19.21
C MET J 73 39.44 43.62 -19.03
N ILE J 74 39.76 44.68 -18.24
CA ILE J 74 41.14 45.12 -17.96
C ILE J 74 41.96 43.97 -17.36
N THR J 75 41.38 43.28 -16.35
CA THR J 75 41.96 42.11 -15.67
C THR J 75 42.22 40.96 -16.68
N ALA J 76 41.20 40.61 -17.51
CA ALA J 76 41.27 39.54 -18.50
C ALA J 76 42.34 39.80 -19.58
N PHE J 77 42.43 41.03 -20.10
CA PHE J 77 43.39 41.40 -21.13
C PHE J 77 44.82 41.47 -20.62
N GLY J 78 44.97 41.87 -19.35
CA GLY J 78 46.26 41.95 -18.66
C GLY J 78 47.25 42.96 -19.20
N THR J 79 46.75 44.00 -19.89
CA THR J 79 47.58 45.04 -20.51
C THR J 79 47.75 46.30 -19.66
N GLY J 80 46.70 46.66 -18.94
CA GLY J 80 46.63 47.90 -18.16
C GLY J 80 45.88 48.92 -18.98
N ILE J 81 45.83 50.20 -18.55
CA ILE J 81 45.09 51.21 -19.31
C ILE J 81 45.83 52.56 -19.41
N GLY J 82 45.70 53.18 -20.57
CA GLY J 82 46.28 54.49 -20.91
C GLY J 82 47.79 54.53 -20.89
N GLY J 83 48.34 55.16 -19.86
CA GLY J 83 49.77 55.34 -19.66
C GLY J 83 50.48 54.10 -19.20
N ASP J 84 49.76 53.24 -18.45
CA ASP J 84 50.30 51.98 -17.92
C ASP J 84 50.07 50.79 -18.86
N PHE J 85 49.53 51.05 -20.06
CA PHE J 85 49.25 50.05 -21.10
C PHE J 85 50.53 49.40 -21.61
N ASP J 86 50.55 48.05 -21.65
CA ASP J 86 51.67 47.27 -22.16
C ASP J 86 51.14 46.17 -23.08
N LEU J 87 51.36 46.36 -24.41
CA LEU J 87 50.93 45.44 -25.48
C LEU J 87 51.59 44.08 -25.35
N ALA J 88 52.83 44.04 -24.81
CA ALA J 88 53.61 42.81 -24.60
C ALA J 88 53.02 41.91 -23.48
N LYS J 89 52.16 42.50 -22.63
CA LYS J 89 51.50 41.84 -21.50
C LYS J 89 50.09 41.34 -21.87
N ALA J 90 49.64 41.56 -23.14
CA ALA J 90 48.32 41.11 -23.66
C ALA J 90 48.21 39.61 -23.58
N ARG J 91 47.16 39.13 -22.89
CA ARG J 91 46.92 37.70 -22.65
C ARG J 91 46.29 36.97 -23.86
N TYR J 92 45.76 37.73 -24.84
CA TYR J 92 45.12 37.25 -26.07
C TYR J 92 45.49 38.15 -27.23
N HIS J 93 45.76 37.57 -28.41
CA HIS J 93 46.08 38.32 -29.61
C HIS J 93 44.84 38.50 -30.52
N LYS J 94 43.68 38.02 -30.04
CA LYS J 94 42.39 38.18 -30.68
C LYS J 94 41.33 38.46 -29.61
N ILE J 95 40.74 39.65 -29.64
CA ILE J 95 39.64 40.06 -28.74
C ILE J 95 38.47 40.22 -29.69
N VAL J 96 37.56 39.26 -29.67
CA VAL J 96 36.40 39.27 -30.57
C VAL J 96 35.18 39.87 -29.90
N ILE J 97 34.60 40.91 -30.49
CA ILE J 97 33.36 41.54 -30.00
C ILE J 97 32.21 40.75 -30.66
N MET J 98 31.53 39.91 -29.88
CA MET J 98 30.41 39.09 -30.37
C MET J 98 29.08 39.68 -29.96
N THR J 99 28.34 40.22 -30.93
CA THR J 99 27.03 40.85 -30.69
C THR J 99 25.97 40.27 -31.65
N ASP J 100 24.69 40.63 -31.42
CA ASP J 100 23.59 40.22 -32.29
C ASP J 100 23.43 41.27 -33.39
N ALA J 101 22.76 40.89 -34.48
CA ALA J 101 22.43 41.76 -35.59
C ALA J 101 21.07 42.45 -35.29
N ASP J 102 21.08 43.30 -34.26
CA ASP J 102 19.90 44.03 -33.81
C ASP J 102 20.27 45.38 -33.17
N VAL J 103 19.25 46.16 -32.77
CA VAL J 103 19.36 47.48 -32.16
C VAL J 103 20.33 47.50 -30.95
N ASP J 104 20.17 46.56 -30.03
CA ASP J 104 20.96 46.46 -28.80
C ASP J 104 22.39 45.95 -29.06
N GLY J 105 22.52 45.02 -29.99
CA GLY J 105 23.81 44.47 -30.42
C GLY J 105 24.68 45.55 -31.03
N ALA J 106 24.07 46.39 -31.90
CA ALA J 106 24.72 47.53 -32.57
C ALA J 106 25.25 48.54 -31.56
N HIS J 107 24.44 48.91 -30.55
CA HIS J 107 24.86 49.81 -29.49
C HIS J 107 26.01 49.26 -28.67
N ILE J 108 25.95 47.97 -28.32
CA ILE J 108 26.99 47.29 -27.54
C ILE J 108 28.32 47.33 -28.30
N ARG J 109 28.27 47.14 -29.62
CA ARG J 109 29.42 47.19 -30.53
C ARG J 109 30.07 48.57 -30.44
N THR J 110 29.25 49.67 -30.52
CA THR J 110 29.75 51.05 -30.46
C THR J 110 30.35 51.40 -29.11
N LEU J 111 29.72 50.95 -28.00
CA LEU J 111 30.21 51.22 -26.63
C LEU J 111 31.54 50.50 -26.38
N LEU J 112 31.67 49.24 -26.85
CA LEU J 112 32.88 48.47 -26.69
C LEU J 112 34.03 49.03 -27.49
N LEU J 113 33.79 49.42 -28.75
CA LEU J 113 34.81 50.04 -29.61
C LEU J 113 35.30 51.35 -29.04
N THR J 114 34.41 52.10 -28.36
CA THR J 114 34.68 53.36 -27.69
C THR J 114 35.65 53.14 -26.52
N PHE J 115 35.42 52.06 -25.73
CA PHE J 115 36.27 51.69 -24.60
C PHE J 115 37.66 51.37 -25.10
N PHE J 116 37.74 50.54 -26.16
CA PHE J 116 38.99 50.14 -26.78
C PHE J 116 39.71 51.30 -27.41
N TYR J 117 38.99 52.26 -27.99
CA TYR J 117 39.64 53.41 -28.61
C TYR J 117 40.24 54.39 -27.61
N ARG J 118 39.54 54.66 -26.50
N ARG J 118 39.55 54.64 -26.49
CA ARG J 118 40.02 55.59 -25.47
CA ARG J 118 40.02 55.61 -25.50
C ARG J 118 41.06 54.96 -24.54
C ARG J 118 40.96 55.03 -24.43
N PHE J 119 40.82 53.74 -24.08
CA PHE J 119 41.66 53.11 -23.07
C PHE J 119 42.69 52.10 -23.56
N MET J 120 42.41 51.41 -24.65
CA MET J 120 43.33 50.40 -25.15
C MET J 120 43.61 50.55 -26.65
N ARG J 121 43.83 51.81 -27.11
CA ARG J 121 44.09 52.12 -28.53
C ARG J 121 45.20 51.24 -29.20
N PRO J 122 46.40 50.97 -28.62
CA PRO J 122 47.38 50.11 -29.33
C PRO J 122 46.90 48.69 -29.64
N LEU J 123 45.87 48.21 -28.93
CA LEU J 123 45.23 46.90 -29.14
C LEU J 123 44.57 46.85 -30.52
N ILE J 124 43.92 47.97 -30.94
CA ILE J 124 43.30 48.12 -32.25
C ILE J 124 44.42 48.25 -33.30
N GLU J 125 45.42 49.08 -32.99
CA GLU J 125 46.59 49.34 -33.83
C GLU J 125 47.36 48.07 -34.15
N ALA J 126 47.41 47.10 -33.20
CA ALA J 126 48.10 45.81 -33.36
C ALA J 126 47.24 44.78 -34.11
N GLY J 127 46.00 45.16 -34.44
CA GLY J 127 45.06 44.31 -35.15
C GLY J 127 44.52 43.16 -34.32
N TYR J 128 44.46 43.35 -32.99
CA TYR J 128 43.98 42.33 -32.05
C TYR J 128 42.46 42.39 -31.88
N VAL J 129 41.80 43.52 -32.21
CA VAL J 129 40.35 43.63 -32.02
C VAL J 129 39.60 43.20 -33.29
N TYR J 130 38.64 42.27 -33.12
CA TYR J 130 37.82 41.70 -34.18
C TYR J 130 36.33 41.84 -33.86
N ILE J 131 35.49 41.74 -34.89
CA ILE J 131 34.03 41.82 -34.79
C ILE J 131 33.39 40.59 -35.41
N ALA J 132 32.45 39.97 -34.67
CA ALA J 132 31.66 38.82 -35.10
C ALA J 132 30.20 39.01 -34.73
N GLN J 133 29.33 38.53 -35.60
CA GLN J 133 27.88 38.60 -35.44
C GLN J 133 27.25 37.35 -36.08
N PRO J 134 25.94 37.06 -35.84
CA PRO J 134 25.35 35.86 -36.47
C PRO J 134 25.46 35.85 -38.01
N PRO J 135 25.58 34.68 -38.64
CA PRO J 135 25.60 34.63 -40.10
C PRO J 135 24.24 34.92 -40.70
N THR J 136 24.18 35.12 -42.03
CA THR J 136 22.94 35.40 -42.75
C THR J 136 21.94 34.28 -42.53
N GLY J 137 20.75 34.68 -42.09
CA GLY J 137 19.64 33.80 -41.77
C GLY J 137 19.34 33.85 -40.28
N TYR J 138 20.22 34.50 -39.54
CA TYR J 138 20.13 34.66 -38.09
C TYR J 138 20.33 36.10 -37.72
N LYS J 139 19.61 36.58 -36.70
CA LYS J 139 19.74 37.92 -36.15
C LYS J 139 20.41 37.88 -34.77
N GLY J 140 20.03 36.93 -33.94
CA GLY J 140 20.62 36.77 -32.62
C GLY J 140 21.43 35.51 -32.45
N LEU J 141 22.50 35.59 -31.66
CA LEU J 141 23.37 34.45 -31.33
C LEU J 141 22.60 33.36 -30.56
N GLY J 142 21.54 33.74 -29.83
CA GLY J 142 20.69 32.83 -29.10
C GLY J 142 19.78 31.97 -29.97
N GLU J 143 19.68 32.29 -31.28
CA GLU J 143 18.88 31.54 -32.28
C GLU J 143 19.64 30.26 -32.70
N MET J 144 20.97 30.29 -32.54
CA MET J 144 21.91 29.26 -32.96
C MET J 144 22.19 28.17 -31.92
N ASN J 145 22.39 26.94 -32.41
CA ASN J 145 22.81 25.81 -31.59
C ASN J 145 24.35 25.94 -31.48
N ALA J 146 24.94 25.44 -30.37
CA ALA J 146 26.39 25.52 -30.13
C ALA J 146 27.27 24.99 -31.30
N ASP J 147 26.81 23.94 -32.03
CA ASP J 147 27.50 23.39 -33.19
C ASP J 147 27.57 24.39 -34.34
N GLN J 148 26.46 25.13 -34.59
CA GLN J 148 26.43 26.14 -35.65
C GLN J 148 27.20 27.38 -35.19
N LEU J 149 27.15 27.68 -33.88
CA LEU J 149 27.91 28.78 -33.26
C LEU J 149 29.40 28.50 -33.45
N TRP J 150 29.81 27.23 -33.34
CA TRP J 150 31.19 26.83 -33.59
C TRP J 150 31.52 26.95 -35.09
N GLU J 151 30.81 26.17 -35.95
CA GLU J 151 31.03 26.06 -37.39
C GLU J 151 30.99 27.38 -38.18
N THR J 152 30.21 28.37 -37.72
CA THR J 152 30.07 29.65 -38.43
C THR J 152 30.72 30.85 -37.75
N THR J 153 30.94 30.78 -36.43
CA THR J 153 31.41 31.97 -35.71
C THR J 153 32.75 31.76 -34.93
N MET J 154 33.09 30.54 -34.48
CA MET J 154 34.32 30.36 -33.70
C MET J 154 35.42 29.56 -34.39
N ASN J 155 35.05 28.62 -35.31
CA ASN J 155 35.98 27.76 -36.04
C ASN J 155 36.96 28.59 -36.87
N PRO J 156 38.29 28.56 -36.54
CA PRO J 156 39.26 29.33 -37.35
C PRO J 156 39.27 28.98 -38.84
N GLU J 157 38.73 27.81 -39.20
CA GLU J 157 38.66 27.38 -40.59
C GLU J 157 37.50 28.00 -41.38
N HIS J 158 36.35 28.26 -40.74
CA HIS J 158 35.19 28.77 -41.46
C HIS J 158 34.54 30.03 -40.92
N ARG J 159 35.00 30.58 -39.77
CA ARG J 159 34.39 31.78 -39.18
C ARG J 159 34.59 33.01 -40.04
N ALA J 160 33.73 34.02 -39.82
CA ALA J 160 33.76 35.29 -40.51
C ALA J 160 34.05 36.40 -39.51
N LEU J 161 35.33 36.60 -39.18
CA LEU J 161 35.73 37.65 -38.26
C LEU J 161 36.17 38.87 -39.06
N LEU J 162 35.77 40.07 -38.60
CA LEU J 162 36.20 41.31 -39.22
C LEU J 162 37.24 41.97 -38.32
N GLN J 163 38.46 42.16 -38.84
CA GLN J 163 39.53 42.81 -38.09
C GLN J 163 39.31 44.31 -38.09
N VAL J 164 39.27 44.90 -36.90
CA VAL J 164 39.07 46.35 -36.77
C VAL J 164 40.41 47.06 -37.09
N LYS J 165 40.38 47.97 -38.06
CA LYS J 165 41.56 48.72 -38.50
C LYS J 165 41.41 50.21 -38.28
N LEU J 166 42.49 50.84 -37.79
CA LEU J 166 42.58 52.27 -37.55
C LEU J 166 43.40 52.87 -38.70
N GLU J 167 42.70 53.52 -39.66
CA GLU J 167 43.33 54.11 -40.84
C GLU J 167 43.74 55.55 -40.62
N ASP J 168 42.80 56.39 -40.18
CA ASP J 168 43.01 57.81 -39.95
C ASP J 168 42.66 58.14 -38.50
N ALA J 169 43.68 58.51 -37.71
CA ALA J 169 43.56 58.87 -36.29
C ALA J 169 42.70 60.12 -36.05
N ILE J 170 42.86 61.16 -36.90
CA ILE J 170 42.10 62.41 -36.81
C ILE J 170 40.60 62.15 -37.08
N GLU J 171 40.29 61.41 -38.17
CA GLU J 171 38.92 61.05 -38.58
C GLU J 171 38.22 60.19 -37.50
N ALA J 172 38.95 59.25 -36.87
CA ALA J 172 38.43 58.39 -35.81
C ALA J 172 38.12 59.20 -34.57
N ASP J 173 39.05 60.08 -34.12
CA ASP J 173 38.89 60.97 -32.96
C ASP J 173 37.61 61.81 -33.11
N GLN J 174 37.36 62.31 -34.35
CA GLN J 174 36.21 63.11 -34.74
C GLN J 174 34.91 62.29 -34.72
N THR J 175 34.98 61.04 -35.23
CA THR J 175 33.86 60.07 -35.29
C THR J 175 33.39 59.69 -33.87
N PHE J 176 34.33 59.35 -32.97
CA PHE J 176 34.03 58.97 -31.59
C PHE J 176 33.47 60.15 -30.78
N GLU J 177 33.96 61.38 -31.03
CA GLU J 177 33.47 62.59 -30.36
C GLU J 177 32.06 62.96 -30.84
N MET J 178 31.81 62.84 -32.17
CA MET J 178 30.51 63.15 -32.79
C MET J 178 29.43 62.18 -32.35
N LEU J 179 29.70 60.87 -32.43
CA LEU J 179 28.75 59.81 -32.11
C LEU J 179 28.54 59.56 -30.63
N MET J 180 29.63 59.54 -29.84
CA MET J 180 29.58 59.15 -28.42
C MET J 180 29.74 60.28 -27.41
N GLY J 181 30.09 61.49 -27.87
CA GLY J 181 30.30 62.66 -27.02
C GLY J 181 29.07 63.34 -26.47
N ASP J 182 29.28 64.38 -25.65
CA ASP J 182 28.25 65.17 -24.98
C ASP J 182 27.39 66.11 -25.89
N VAL J 183 27.90 66.51 -27.07
CA VAL J 183 27.16 67.41 -27.97
C VAL J 183 26.15 66.65 -28.87
N VAL J 184 24.88 66.68 -28.47
CA VAL J 184 23.74 66.02 -29.13
C VAL J 184 23.58 66.47 -30.61
N GLU J 185 23.71 67.77 -30.88
CA GLU J 185 23.53 68.37 -32.21
C GLU J 185 24.40 67.71 -33.33
N ASN J 186 25.68 67.38 -33.05
CA ASN J 186 26.58 66.75 -34.02
C ASN J 186 26.07 65.38 -34.41
N ARG J 187 25.54 64.66 -33.42
CA ARG J 187 24.93 63.32 -33.52
C ARG J 187 23.59 63.43 -34.29
N ARG J 188 22.76 64.46 -33.97
CA ARG J 188 21.48 64.71 -34.64
C ARG J 188 21.71 65.00 -36.12
N GLN J 189 22.73 65.81 -36.44
CA GLN J 189 23.10 66.16 -37.80
C GLN J 189 23.60 64.95 -38.56
N PHE J 190 24.40 64.09 -37.92
CA PHE J 190 24.87 62.84 -38.53
C PHE J 190 23.70 61.93 -38.91
N ILE J 191 22.72 61.79 -38.00
CA ILE J 191 21.50 60.99 -38.19
C ILE J 191 20.69 61.58 -39.36
N GLU J 192 20.47 62.91 -39.36
CA GLU J 192 19.76 63.66 -40.41
C GLU J 192 20.42 63.49 -41.77
N ASP J 193 21.77 63.58 -41.83
CA ASP J 193 22.56 63.44 -43.05
C ASP J 193 22.64 62.02 -43.61
N ASN J 194 22.63 60.99 -42.73
CA ASN J 194 22.80 59.61 -43.15
C ASN J 194 21.57 58.70 -42.94
N ALA J 195 20.38 59.29 -42.70
CA ALA J 195 19.10 58.61 -42.50
C ALA J 195 18.67 57.69 -43.63
N VAL J 196 19.09 57.99 -44.88
CA VAL J 196 18.77 57.20 -46.09
C VAL J 196 19.28 55.74 -45.93
N TYR J 197 20.48 55.58 -45.34
CA TYR J 197 21.11 54.29 -45.05
C TYR J 197 20.73 53.84 -43.62
N ALA J 198 20.24 52.60 -43.48
CA ALA J 198 19.82 51.91 -42.26
C ALA J 198 19.14 50.65 -42.75
N ASN J 199 19.45 49.52 -42.13
CA ASN J 199 18.88 48.24 -42.53
C ASN J 199 17.49 48.05 -41.92
N LEU J 200 17.32 48.46 -40.64
CA LEU J 200 16.09 48.41 -39.84
C LEU J 200 15.49 47.00 -39.75
C1 GOL M . -13.27 -51.85 31.78
O1 GOL M . -13.69 -52.45 33.01
C2 GOL M . -13.17 -52.87 30.68
O2 GOL M . -14.48 -53.27 30.26
C3 GOL M . -12.42 -52.29 29.49
O3 GOL M . -12.13 -53.27 28.51
S SO4 N . -28.64 -55.94 -2.62
O1 SO4 N . -30.02 -55.89 -3.10
O2 SO4 N . -28.40 -57.24 -1.98
O3 SO4 N . -27.70 -55.77 -3.73
O4 SO4 N . -28.43 -54.88 -1.63
C1 GOL O . -3.19 -27.78 3.57
O1 GOL O . -2.09 -28.25 4.34
C2 GOL O . -4.07 -26.89 4.41
O2 GOL O . -4.65 -25.88 3.60
C3 GOL O . -5.17 -27.74 5.02
O3 GOL O . -5.97 -26.99 5.93
C1 GOL P . 6.64 -41.38 38.18
O1 GOL P . 6.14 -41.86 39.43
C2 GOL P . 7.60 -42.38 37.57
O2 GOL P . 8.72 -42.57 38.44
C3 GOL P . 6.94 -43.73 37.29
O3 GOL P . 5.80 -43.56 36.45
C1 GOL Q . 7.03 -19.88 24.38
O1 GOL Q . 6.80 -21.28 24.52
C2 GOL Q . 5.92 -19.22 23.59
O2 GOL Q . 6.36 -17.92 23.18
C3 GOL Q . 4.67 -19.10 24.41
O3 GOL Q . 3.75 -18.17 23.83
C1 GOL R . -4.57 21.82 -15.14
O1 GOL R . -3.32 21.55 -15.77
C2 GOL R . -4.43 21.68 -13.64
O2 GOL R . -4.35 20.30 -13.31
C3 GOL R . -5.56 22.34 -12.88
O3 GOL R . -5.28 22.39 -11.48
C1 GOL S . 22.83 13.79 -21.98
O1 GOL S . 23.76 14.86 -22.15
C2 GOL S . 23.19 12.58 -22.82
O2 GOL S . 24.57 12.26 -22.67
C3 GOL S . 22.83 12.74 -24.28
O3 GOL S . 21.43 12.62 -24.49
C1 GOL T . -6.03 21.93 -33.17
O1 GOL T . -5.23 20.89 -32.65
C2 GOL T . -7.49 21.73 -32.83
O2 GOL T . -7.95 20.49 -33.38
C3 GOL T . -7.79 21.80 -31.36
O3 GOL T . -7.04 20.84 -30.63
NA NA U . 30.04 12.05 -2.83
C1 GOL V . 6.48 48.81 -36.11
O1 GOL V . 7.71 49.52 -36.25
C2 GOL V . 5.39 49.68 -35.54
O2 GOL V . 5.01 50.67 -36.50
C3 GOL V . 4.19 48.84 -35.17
O3 GOL V . 3.30 49.52 -34.27
C1 GOL W . -11.27 74.79 -11.95
O1 GOL W . -10.53 74.03 -11.01
C2 GOL W . -10.70 74.60 -13.34
O2 GOL W . -10.80 73.22 -13.72
C3 GOL W . -11.44 75.47 -14.33
O3 GOL W . -10.68 75.67 -15.52
S SO4 X . -23.29 30.45 -46.25
O1 SO4 X . -24.18 29.67 -45.42
O2 SO4 X . -22.47 29.56 -47.09
O3 SO4 X . -22.41 31.25 -45.39
O4 SO4 X . -24.07 31.35 -47.12
NA NA Y . 9.71 75.28 -9.16
C1 GOL Z . 21.40 45.42 -38.13
O1 GOL Z . 21.00 44.35 -38.98
C2 GOL Z . 20.35 45.74 -37.08
O2 GOL Z . 20.85 46.75 -36.20
C3 GOL Z . 19.03 46.19 -37.69
O3 GOL Z . 18.12 46.65 -36.68
C1 GOL AA . 16.29 54.62 -13.64
O1 GOL AA . 16.85 54.14 -12.42
C2 GOL AA . 15.87 53.49 -14.54
O2 GOL AA . 17.04 52.80 -15.03
C3 GOL AA . 15.10 54.04 -15.72
O3 GOL AA . 14.72 52.98 -16.59
#